data_7UKP
#
_entry.id   7UKP
#
_cell.length_a   259.322
_cell.length_b   144.495
_cell.length_c   104.848
_cell.angle_alpha   90.000
_cell.angle_beta   90.000
_cell.angle_gamma   90.000
#
_symmetry.space_group_name_H-M   'P 21 21 2'
#
loop_
_entity.id
_entity.type
_entity.pdbx_description
1 polymer 'Integrin alpha-IIb heavy chain'
2 polymer 'Isoform Beta-3C of Integrin beta-3'
3 polymer '10E5 Fab heavy chain'
4 polymer '10E5 Fab light chain'
5 branched alpha-D-mannopyranose-(1-3)-[alpha-D-mannopyranose-(1-6)]beta-D-mannopyranose-(1-4)-2-acetamido-2-deoxy-beta-D-glucopyranose-(1-4)-2-acetamido-2-deoxy-beta-D-glucopyranose
6 branched 2-acetamido-2-deoxy-beta-D-glucopyranose-(1-4)-2-acetamido-2-deoxy-beta-D-glucopyranose
7 branched alpha-D-mannopyranose-(1-3)-beta-D-mannopyranose-(1-4)-2-acetamido-2-deoxy-beta-D-glucopyranose-(1-4)-2-acetamido-2-deoxy-beta-D-glucopyranose
8 non-polymer 'SULFATE ION'
9 non-polymer 'CALCIUM ION'
10 non-polymer 'MANGANESE (II) ION'
11 non-polymer 2-acetamido-2-deoxy-beta-D-glucopyranose
12 non-polymer '3-(4-{[(5S)-3-(4-carbamimidoylphenyl)-2-oxo-1,3-oxazolidin-5-yl]methyl}piperazin-1-yl)propanoic acid'
13 non-polymer 'CHLORIDE ION'
14 water water
#
loop_
_entity_poly.entity_id
_entity_poly.type
_entity_poly.pdbx_seq_one_letter_code
_entity_poly.pdbx_strand_id
1 'polypeptide(L)'
;LNLDPVQLTFYAGPNGSQFGFSLDFHKDSHGRVAIVVGAPRTLGPSQEETGGVFLCPWRAEGGQCPSLLFDLRDETRNVG
SQTLQTFKARQGLGASVVSWSDVIVACAPWQHWNVLEKTEEAEKTPVGSCFLAQPESGRRAEYSPCRGNTLSRIYVENDF
SWDKRYCEAGFSSVVTQAGELVLGAPGGYYFLGLLAQAPVADIFSSYRPGILLWHVSSQSLSFDSSNPEYFDGYWGYSVA
VGEFDGDLNTTEYVVGAPTWSWTLGAVEILDSYYQRLHRLRGEQMASYFGHSVAVTDVNGDGRHDLLVGAPLYMESRADR
KLAEVGRVYLFLQPRGPHALGAPSLLLTGTQLYGRFGSAIAPLGDLDRDGYNDIAVAAPYGGPSGRGQVLVFLGQSEGLR
SRPSQVLDSPFPTGSAFGFSLRGAVDIDDNGYPDLIVGAYGANQVAVYRAQPVVKAS
;
A,C
2 'polypeptide(L)'
;GPNICTTRGVSSCQQCLAVSPMCAWCSDEALPLGSPRCDLKENLLKDNCAPESIEFPVSEARVLEDRPLSDKGSGDSSQV
TQVSPQRIALRLRPDDSKNFSIQVRQVEDYPVDIYYLMDLSYSMKDDLWSIQNLGTKLATQMRKLTSNLRIGFGAFVDKP
VSPYMYISPPEALENPCYDMKTTCLPMFGYKHVLTLTDQVTRFNEEVKKQSVSRNRDAPEGGFDAIMQATVCDEKIGWRN
DASHLLVFTTDAKTHIALDGRLAGIVQPNDGQCHVGSDNHYSASTTMDYPSLGLMTEKLSQKNINLIFAVTENVVNLYQN
YSELIPGTTVGVLSMDSSNVLQLIVDAYGKIRSKVELEVRDLPEELSLSFNATCLNNEVIPGLKSCMGLKIGDTVSFSIE
AKVRGCPQEKEKSFTIKPVGFKDSLIVQVTFDCDCACQAQAEPNSHRCNNGNGTFECGVCRCGPGWLGSQCE
;
B,D
3 'polypeptide(L)'
;EVQLQQSGAELVKPGASVKLSCTASGFNIKDTYVHWVKQRPEQGLEWIGRIDPANGYTKYDPKFQGKATITADTSSNTAY
LQLSSLTSEDTAVYYCVRPLYDYYAMDYWGQGTSVTVSSAKTTAPSVYPLAPVCGDTTGSSVTLGCLVKGYFPEPVTLTW
NSGSLSSGVHTFPAVLQSDLYTLSSSVTVTSSTWPSQSITCNVAHPASSTKVDKKIEPRGP
;
E,H
4 'polypeptide(L)'
;DILMTQSPSSMSVSLGDTVSITCHASQGISSNIGWLQQKPGKSFMGLIYYGTNLVDGVPSRFSGSGSGADYSLTISSLDS
EDFADYYCVQYAQLPYTFGGGTKLEIKRADAAPTVSIFPPSSEQLTSGGASVVCFLNNFYPKDINVKWKIDGSERQNGVL
NSWTDQDSKDSTYSMSSTLTLTKDEYERHNSYTCEATHKTSTSPIVKSFNRNEC
;
F,L
#
loop_
_chem_comp.id
_chem_comp.type
_chem_comp.name
_chem_comp.formula
BMA D-saccharide, beta linking beta-D-mannopyranose 'C6 H12 O6'
CA non-polymer 'CALCIUM ION' 'Ca 2'
CL non-polymer 'CHLORIDE ION' 'Cl -1'
MAN D-saccharide, alpha linking alpha-D-mannopyranose 'C6 H12 O6'
MN non-polymer 'MANGANESE (II) ION' 'Mn 2'
NAG D-saccharide, beta linking 2-acetamido-2-deoxy-beta-D-glucopyranose 'C8 H15 N O6'
NJ9 non-polymer '3-(4-{[(5S)-3-(4-carbamimidoylphenyl)-2-oxo-1,3-oxazolidin-5-yl]methyl}piperazin-1-yl)propanoic acid' 'C18 H25 N5 O4'
SO4 non-polymer 'SULFATE ION' 'O4 S -2'
#
# COMPACT_ATOMS: atom_id res chain seq x y z
N LEU A 1 37.39 8.94 29.33
CA LEU A 1 38.42 9.93 29.64
C LEU A 1 39.36 9.45 30.75
N ASN A 2 38.77 8.98 31.85
CA ASN A 2 39.49 8.69 33.08
C ASN A 2 39.44 7.21 33.44
N LEU A 3 39.35 6.34 32.45
CA LEU A 3 39.60 4.93 32.67
C LEU A 3 41.10 4.66 32.61
N ASP A 4 41.55 3.72 33.43
CA ASP A 4 42.98 3.44 33.55
C ASP A 4 43.38 2.35 32.57
N PRO A 5 44.07 2.67 31.48
CA PRO A 5 44.45 1.65 30.50
C PRO A 5 45.81 1.00 30.77
N VAL A 6 46.42 1.27 31.92
CA VAL A 6 47.75 0.76 32.23
C VAL A 6 47.64 -0.49 33.11
N GLN A 7 47.04 -0.35 34.28
CA GLN A 7 46.89 -1.45 35.24
C GLN A 7 45.50 -2.05 35.09
N LEU A 8 45.39 -3.08 34.25
CA LEU A 8 44.13 -3.78 34.07
C LEU A 8 44.05 -4.99 34.99
N THR A 9 42.85 -5.55 35.08
CA THR A 9 42.61 -6.79 35.81
C THR A 9 42.05 -7.80 34.82
N PHE A 10 42.64 -8.99 34.78
CA PHE A 10 42.28 -10.00 33.81
C PHE A 10 41.72 -11.23 34.52
N TYR A 11 40.46 -11.56 34.23
CA TYR A 11 39.88 -12.84 34.57
C TYR A 11 39.91 -13.73 33.33
N ALA A 12 39.99 -15.05 33.55
CA ALA A 12 40.12 -15.99 32.45
C ALA A 12 39.41 -17.29 32.74
N GLY A 13 38.89 -17.91 31.68
CA GLY A 13 38.21 -19.18 31.78
C GLY A 13 38.90 -20.26 30.95
N PRO A 14 38.25 -21.42 30.84
CA PRO A 14 38.86 -22.53 30.10
C PRO A 14 39.07 -22.21 28.63
N ASN A 15 40.00 -22.92 28.03
CA ASN A 15 40.34 -22.70 26.63
C ASN A 15 39.20 -23.20 25.75
N GLY A 16 38.67 -22.32 24.90
CA GLY A 16 37.60 -22.69 24.00
C GLY A 16 36.22 -22.66 24.60
N SER A 17 36.05 -22.09 25.79
CA SER A 17 34.74 -21.99 26.42
C SER A 17 33.98 -20.73 26.03
N GLN A 18 34.62 -19.79 25.32
CA GLN A 18 34.02 -18.50 24.99
C GLN A 18 33.64 -17.74 26.27
N PHE A 19 34.49 -17.87 27.28
CA PHE A 19 34.39 -17.10 28.51
C PHE A 19 34.45 -15.62 28.20
N GLY A 20 33.41 -14.88 28.56
CA GLY A 20 33.31 -13.47 28.23
C GLY A 20 32.31 -13.14 27.15
N PHE A 21 31.58 -14.13 26.62
CA PHE A 21 30.55 -13.85 25.62
C PHE A 21 29.49 -12.92 26.18
N SER A 22 29.18 -13.05 27.47
CA SER A 22 28.24 -12.19 28.16
C SER A 22 28.76 -11.95 29.57
N LEU A 23 28.37 -10.81 30.16
CA LEU A 23 28.81 -10.48 31.50
C LEU A 23 27.88 -9.44 32.08
N ASP A 24 27.98 -9.26 33.40
CA ASP A 24 27.24 -8.25 34.13
C ASP A 24 27.82 -8.17 35.54
N PHE A 25 27.51 -7.09 36.23
CA PHE A 25 27.87 -6.93 37.64
C PHE A 25 26.79 -7.54 38.52
N HIS A 26 27.22 -8.23 39.57
CA HIS A 26 26.31 -8.88 40.51
C HIS A 26 26.63 -8.45 41.92
N LYS A 27 25.67 -7.83 42.60
CA LYS A 27 25.79 -7.45 44.00
C LYS A 27 25.06 -8.46 44.86
N ASP A 28 25.74 -8.96 45.90
CA ASP A 28 25.11 -9.91 46.81
C ASP A 28 24.20 -9.16 47.78
N SER A 29 23.66 -9.88 48.77
CA SER A 29 22.77 -9.26 49.75
C SER A 29 23.47 -8.24 50.63
N HIS A 30 24.81 -8.20 50.62
CA HIS A 30 25.57 -7.25 51.41
C HIS A 30 26.18 -6.14 50.57
N GLY A 31 25.80 -6.03 49.30
CA GLY A 31 26.31 -4.98 48.43
C GLY A 31 27.70 -5.20 47.89
N ARG A 32 28.30 -6.37 48.12
CA ARG A 32 29.63 -6.66 47.60
C ARG A 32 29.55 -7.04 46.13
N VAL A 33 30.26 -6.30 45.28
CA VAL A 33 30.16 -6.48 43.83
C VAL A 33 31.05 -7.63 43.38
N ALA A 34 30.52 -8.47 42.49
CA ALA A 34 31.25 -9.51 41.80
C ALA A 34 30.98 -9.38 40.30
N ILE A 35 31.52 -10.29 39.51
CA ILE A 35 31.30 -10.32 38.08
C ILE A 35 30.75 -11.69 37.70
N VAL A 36 29.62 -11.71 37.02
CA VAL A 36 29.06 -12.93 36.45
C VAL A 36 29.48 -12.98 34.99
N VAL A 37 30.00 -14.12 34.56
CA VAL A 37 30.54 -14.26 33.21
C VAL A 37 29.94 -15.51 32.57
N GLY A 38 29.44 -15.37 31.35
CA GLY A 38 28.89 -16.49 30.61
C GLY A 38 29.94 -17.09 29.68
N ALA A 39 29.90 -18.40 29.52
CA ALA A 39 30.81 -19.12 28.64
C ALA A 39 30.02 -20.19 27.91
N PRO A 40 29.48 -19.87 26.74
CA PRO A 40 28.49 -20.74 26.11
C PRO A 40 29.05 -22.03 25.51
N ARG A 41 30.37 -22.21 25.47
CA ARG A 41 30.93 -23.45 24.95
C ARG A 41 31.77 -24.21 25.99
N THR A 42 31.50 -23.97 27.27
CA THR A 42 32.12 -24.76 28.32
C THR A 42 31.66 -26.22 28.23
N LEU A 43 32.57 -27.13 28.54
CA LEU A 43 32.25 -28.56 28.51
C LEU A 43 31.40 -28.95 29.70
N GLY A 44 30.54 -29.95 29.50
CA GLY A 44 29.71 -30.48 30.55
C GLY A 44 30.19 -31.81 31.07
N PRO A 45 29.25 -32.67 31.49
CA PRO A 45 29.65 -33.97 32.04
C PRO A 45 30.07 -34.95 30.96
N SER A 46 29.33 -34.98 29.85
CA SER A 46 29.57 -35.92 28.76
C SER A 46 30.69 -35.46 27.81
N GLN A 47 31.54 -34.54 28.26
CA GLN A 47 32.60 -33.95 27.43
C GLN A 47 32.05 -33.27 26.19
N GLU A 48 30.82 -32.76 26.29
CA GLU A 48 30.14 -32.12 25.18
C GLU A 48 29.85 -30.67 25.53
N GLU A 49 29.93 -29.79 24.54
CA GLU A 49 29.68 -28.37 24.78
C GLU A 49 28.26 -28.19 25.29
N THR A 50 28.14 -27.57 26.46
CA THR A 50 26.84 -27.19 26.99
C THR A 50 26.79 -25.77 27.50
N GLY A 51 27.92 -25.07 27.62
CA GLY A 51 27.95 -23.75 28.22
C GLY A 51 28.08 -23.80 29.73
N GLY A 52 28.39 -22.64 30.29
CA GLY A 52 28.56 -22.54 31.73
C GLY A 52 28.66 -21.09 32.16
N VAL A 53 28.51 -20.89 33.47
CA VAL A 53 28.50 -19.57 34.07
C VAL A 53 29.50 -19.54 35.22
N PHE A 54 30.24 -18.44 35.31
CA PHE A 54 31.21 -18.23 36.38
C PHE A 54 30.87 -16.97 37.15
N LEU A 55 31.13 -17.00 38.46
CA LEU A 55 30.88 -15.88 39.36
C LEU A 55 32.23 -15.45 39.95
N CYS A 56 32.78 -14.34 39.43
CA CYS A 56 34.14 -13.94 39.76
C CYS A 56 34.13 -12.93 40.91
N PRO A 57 34.73 -13.25 42.06
CA PRO A 57 34.91 -12.23 43.10
C PRO A 57 35.90 -11.17 42.67
N TRP A 58 35.70 -9.95 43.19
CA TRP A 58 36.53 -8.82 42.79
C TRP A 58 37.91 -8.93 43.45
N ARG A 59 38.94 -9.04 42.63
CA ARG A 59 40.33 -9.03 43.05
C ARG A 59 41.12 -8.23 42.03
N ALA A 60 42.01 -7.35 42.51
CA ALA A 60 42.77 -6.52 41.58
C ALA A 60 43.68 -7.36 40.70
N GLU A 61 44.04 -8.56 41.14
CA GLU A 61 44.90 -9.43 40.35
C GLU A 61 44.11 -10.21 39.29
N GLY A 62 42.84 -10.53 39.57
CA GLY A 62 42.08 -11.37 38.65
C GLY A 62 42.41 -12.84 38.83
N GLY A 63 42.28 -13.60 37.73
CA GLY A 63 42.64 -15.00 37.71
C GLY A 63 41.45 -15.88 37.36
N GLN A 64 41.38 -17.04 38.01
CA GLN A 64 40.34 -18.03 37.78
C GLN A 64 39.11 -17.73 38.63
N CYS A 65 37.97 -18.25 38.19
CA CYS A 65 36.71 -18.02 38.87
C CYS A 65 36.03 -19.35 39.18
N PRO A 66 35.27 -19.41 40.27
CA PRO A 66 34.50 -20.61 40.57
C PRO A 66 33.24 -20.69 39.72
N SER A 67 32.83 -21.92 39.42
CA SER A 67 31.65 -22.15 38.61
C SER A 67 30.38 -21.83 39.39
N LEU A 68 29.39 -21.30 38.70
CA LEU A 68 28.03 -21.21 39.20
C LEU A 68 27.28 -22.40 38.59
N LEU A 69 27.09 -23.45 39.39
CA LEU A 69 26.69 -24.75 38.86
C LEU A 69 25.21 -24.79 38.51
N PHE A 70 24.91 -25.45 37.40
CA PHE A 70 23.53 -25.72 36.99
C PHE A 70 23.42 -27.17 36.56
N ASP A 71 22.19 -27.66 36.52
CA ASP A 71 21.95 -29.03 36.06
C ASP A 71 22.14 -29.11 34.55
N LEU A 72 23.00 -30.03 34.13
CA LEU A 72 23.34 -30.20 32.72
C LEU A 72 22.94 -31.56 32.19
N ARG A 73 21.93 -32.18 32.80
CA ARG A 73 21.47 -33.50 32.42
C ARG A 73 20.21 -33.38 31.58
N ASP A 74 20.17 -34.09 30.45
CA ASP A 74 18.97 -34.12 29.63
C ASP A 74 17.82 -34.75 30.41
N GLU A 75 16.66 -34.11 30.35
CA GLU A 75 15.49 -34.54 31.11
C GLU A 75 14.49 -35.27 30.21
N THR A 76 13.67 -36.10 30.84
CA THR A 76 12.66 -36.88 30.13
C THR A 76 11.50 -37.13 31.09
N ARG A 77 10.28 -36.89 30.61
CA ARG A 77 9.09 -37.10 31.44
C ARG A 77 8.00 -37.72 30.58
N ASN A 78 7.47 -38.85 31.04
CA ASN A 78 6.37 -39.54 30.35
C ASN A 78 5.09 -39.23 31.11
N VAL A 79 4.31 -38.31 30.57
CA VAL A 79 3.10 -37.82 31.25
C VAL A 79 2.05 -37.52 30.20
N GLY A 80 0.79 -37.75 30.55
CA GLY A 80 -0.31 -37.39 29.68
C GLY A 80 -0.27 -38.11 28.35
N SER A 81 0.17 -39.37 28.35
CA SER A 81 0.32 -40.16 27.14
C SER A 81 1.24 -39.46 26.13
N GLN A 82 2.23 -38.74 26.64
CA GLN A 82 3.23 -38.06 25.82
C GLN A 82 4.60 -38.25 26.46
N THR A 83 5.63 -37.81 25.75
CA THR A 83 7.00 -37.89 26.23
C THR A 83 7.66 -36.53 26.00
N LEU A 84 8.01 -35.85 27.10
CA LEU A 84 8.68 -34.56 27.03
C LEU A 84 10.19 -34.77 27.08
N GLN A 85 10.91 -33.97 26.30
CA GLN A 85 12.35 -34.13 26.16
C GLN A 85 13.04 -32.78 26.12
N THR A 86 14.06 -32.60 26.95
CA THR A 86 14.98 -31.49 26.86
C THR A 86 16.34 -32.00 26.41
N PHE A 87 17.05 -31.18 25.63
CA PHE A 87 18.37 -31.53 25.13
C PHE A 87 19.30 -30.35 25.32
N LYS A 88 20.32 -30.53 26.16
CA LYS A 88 21.20 -29.45 26.57
C LYS A 88 22.54 -29.46 25.84
N ALA A 89 22.75 -30.38 24.90
CA ALA A 89 23.97 -30.38 24.12
C ALA A 89 24.02 -29.18 23.19
N ARG A 90 25.09 -28.40 23.29
CA ARG A 90 25.29 -27.20 22.49
C ARG A 90 24.16 -26.18 22.71
N GLN A 91 23.64 -26.13 23.94
CA GLN A 91 22.58 -25.19 24.26
C GLN A 91 23.11 -23.76 24.38
N GLY A 92 24.38 -23.61 24.73
CA GLY A 92 24.98 -22.29 24.86
C GLY A 92 24.62 -21.58 26.14
N LEU A 93 24.65 -22.28 27.28
CA LEU A 93 24.38 -21.65 28.56
C LEU A 93 25.39 -20.56 28.83
N GLY A 94 24.91 -19.37 29.14
CA GLY A 94 25.77 -18.22 29.27
C GLY A 94 25.96 -17.39 28.03
N ALA A 95 25.17 -17.64 26.97
CA ALA A 95 25.18 -16.74 25.82
C ALA A 95 24.60 -15.38 26.15
N SER A 96 23.80 -15.28 27.20
CA SER A 96 23.44 -13.99 27.76
C SER A 96 23.29 -14.18 29.27
N VAL A 97 23.82 -13.24 30.04
CA VAL A 97 23.65 -13.23 31.49
C VAL A 97 23.25 -11.83 31.91
N VAL A 98 22.55 -11.75 33.05
CA VAL A 98 22.09 -10.47 33.58
C VAL A 98 21.84 -10.68 35.07
N SER A 99 22.04 -9.61 35.84
CA SER A 99 21.87 -9.66 37.28
C SER A 99 20.82 -8.66 37.73
N TRP A 100 20.04 -9.05 38.73
CA TRP A 100 19.07 -8.16 39.37
C TRP A 100 18.95 -8.59 40.82
N SER A 101 19.16 -7.65 41.73
CA SER A 101 19.18 -7.91 43.18
C SER A 101 20.24 -8.99 43.42
N ASP A 102 19.99 -9.97 44.30
CA ASP A 102 20.92 -11.07 44.55
C ASP A 102 20.61 -12.29 43.70
N VAL A 103 20.08 -12.09 42.50
CA VAL A 103 19.69 -13.17 41.61
C VAL A 103 20.48 -13.04 40.30
N ILE A 104 20.84 -14.17 39.72
CA ILE A 104 21.53 -14.22 38.43
C ILE A 104 20.63 -14.97 37.46
N VAL A 105 20.50 -14.43 36.25
CA VAL A 105 19.73 -15.07 35.18
C VAL A 105 20.69 -15.36 34.04
N ALA A 106 20.97 -16.63 33.80
CA ALA A 106 21.80 -17.07 32.69
C ALA A 106 20.97 -17.95 31.75
N CYS A 107 21.12 -17.72 30.46
CA CYS A 107 20.23 -18.28 29.46
C CYS A 107 20.98 -19.14 28.45
N ALA A 108 20.28 -20.17 27.94
CA ALA A 108 20.79 -21.09 26.93
C ALA A 108 19.89 -20.98 25.71
N PRO A 109 20.16 -20.02 24.83
CA PRO A 109 19.21 -19.76 23.72
C PRO A 109 18.97 -20.94 22.81
N TRP A 110 19.87 -21.93 22.79
CA TRP A 110 19.76 -23.01 21.83
C TRP A 110 19.51 -24.35 22.50
N GLN A 111 18.91 -24.33 23.69
CA GLN A 111 18.49 -25.58 24.30
C GLN A 111 17.33 -26.17 23.51
N HIS A 112 17.46 -27.43 23.12
CA HIS A 112 16.46 -28.02 22.24
C HIS A 112 15.39 -28.77 23.03
N TRP A 113 14.24 -28.95 22.39
CA TRP A 113 13.04 -29.45 23.03
C TRP A 113 12.21 -30.21 22.02
N ASN A 114 11.64 -31.33 22.44
CA ASN A 114 10.79 -32.13 21.57
C ASN A 114 9.76 -32.86 22.42
N VAL A 115 8.63 -33.17 21.81
CA VAL A 115 7.54 -33.89 22.47
C VAL A 115 7.12 -35.05 21.57
N LEU A 116 7.07 -36.25 22.13
CA LEU A 116 6.76 -37.46 21.40
C LEU A 116 5.40 -37.99 21.85
N GLU A 117 4.53 -38.29 20.88
CA GLU A 117 3.24 -38.92 21.16
C GLU A 117 3.04 -40.00 20.10
N LYS A 118 3.30 -41.25 20.47
CA LYS A 118 3.28 -42.39 19.57
C LYS A 118 4.27 -42.20 18.42
N THR A 119 3.75 -42.08 17.20
CA THR A 119 4.61 -41.91 16.03
C THR A 119 4.83 -40.45 15.64
N GLU A 120 4.05 -39.53 16.21
CA GLU A 120 4.19 -38.12 15.89
C GLU A 120 5.16 -37.45 16.86
N GLU A 121 5.49 -36.19 16.56
CA GLU A 121 6.39 -35.42 17.41
C GLU A 121 6.10 -33.94 17.22
N ALA A 122 6.58 -33.15 18.18
CA ALA A 122 6.49 -31.71 18.05
C ALA A 122 7.62 -31.11 17.22
N GLU A 123 8.59 -31.94 16.82
CA GLU A 123 9.86 -31.56 16.19
C GLU A 123 10.86 -31.07 17.24
N LYS A 124 12.11 -31.50 17.10
CA LYS A 124 13.19 -31.16 18.02
C LYS A 124 13.73 -29.78 17.63
N THR A 125 13.33 -28.76 18.39
CA THR A 125 13.55 -27.37 18.02
C THR A 125 14.15 -26.59 19.18
N PRO A 126 14.89 -25.51 18.88
CA PRO A 126 15.53 -24.74 19.95
C PRO A 126 14.61 -23.71 20.60
N VAL A 127 13.84 -24.14 21.60
CA VAL A 127 13.00 -23.19 22.31
C VAL A 127 13.81 -22.28 23.23
N GLY A 128 15.02 -22.67 23.63
CA GLY A 128 15.79 -21.92 24.59
C GLY A 128 15.29 -22.11 26.02
N SER A 129 16.12 -21.70 26.97
CA SER A 129 15.77 -21.82 28.38
C SER A 129 16.70 -20.92 29.19
N CYS A 130 16.19 -20.33 30.25
CA CYS A 130 16.99 -19.51 31.15
C CYS A 130 17.04 -20.16 32.53
N PHE A 131 18.24 -20.23 33.11
CA PHE A 131 18.46 -20.77 34.44
C PHE A 131 18.64 -19.60 35.41
N LEU A 132 17.94 -19.67 36.55
CA LEU A 132 17.98 -18.63 37.56
C LEU A 132 18.60 -19.17 38.83
N ALA A 133 19.42 -18.36 39.49
CA ALA A 133 20.13 -18.79 40.68
C ALA A 133 20.18 -17.66 41.71
N GLN A 134 20.07 -18.04 42.98
CA GLN A 134 20.37 -17.17 44.11
C GLN A 134 21.62 -17.73 44.78
N PRO A 135 22.81 -17.24 44.41
CA PRO A 135 24.05 -17.92 44.86
C PRO A 135 24.18 -18.04 46.37
N GLU A 136 23.73 -17.05 47.13
CA GLU A 136 23.93 -17.09 48.57
C GLU A 136 23.11 -18.20 49.22
N SER A 137 21.90 -18.44 48.73
CA SER A 137 21.02 -19.45 49.30
C SER A 137 21.08 -20.78 48.57
N GLY A 138 21.56 -20.81 47.33
CA GLY A 138 21.59 -22.01 46.54
C GLY A 138 20.31 -22.32 45.80
N ARG A 139 19.30 -21.47 45.90
CA ARG A 139 18.03 -21.69 45.21
C ARG A 139 18.24 -21.68 43.70
N ARG A 140 17.51 -22.55 43.01
CA ARG A 140 17.59 -22.68 41.56
C ARG A 140 16.18 -22.72 40.97
N ALA A 141 16.08 -22.27 39.73
CA ALA A 141 14.81 -22.27 39.01
C ALA A 141 15.11 -22.17 37.52
N GLU A 142 14.09 -22.46 36.72
CA GLU A 142 14.21 -22.39 35.27
C GLU A 142 12.98 -21.69 34.71
N TYR A 143 13.13 -21.19 33.48
CA TYR A 143 12.05 -20.50 32.81
C TYR A 143 12.19 -20.76 31.31
N SER A 144 11.19 -21.44 30.74
CA SER A 144 11.21 -21.81 29.32
C SER A 144 9.80 -21.62 28.77
N PRO A 145 9.43 -20.36 28.46
CA PRO A 145 8.04 -20.08 28.12
C PRO A 145 7.62 -20.59 26.75
N CYS A 146 8.56 -20.89 25.86
CA CYS A 146 8.23 -21.32 24.52
C CYS A 146 8.11 -22.83 24.37
N ARG A 147 8.34 -23.58 25.45
CA ARG A 147 8.06 -25.01 25.42
C ARG A 147 6.57 -25.24 25.22
N GLY A 148 6.22 -26.08 24.24
CA GLY A 148 4.85 -26.47 24.02
C GLY A 148 4.75 -27.97 23.84
N ASN A 149 3.50 -28.45 23.83
CA ASN A 149 3.22 -29.87 23.63
C ASN A 149 2.33 -30.11 22.41
N THR A 150 2.24 -29.14 21.51
CA THR A 150 1.47 -29.30 20.28
C THR A 150 2.29 -30.08 19.25
N LEU A 151 1.64 -31.03 18.59
CA LEU A 151 2.33 -31.89 17.65
C LEU A 151 2.55 -31.18 16.32
N SER A 152 3.47 -31.73 15.52
CA SER A 152 3.93 -31.05 14.30
C SER A 152 2.78 -30.86 13.31
N ARG A 153 1.88 -31.84 13.23
CA ARG A 153 0.80 -31.79 12.25
C ARG A 153 -0.10 -30.59 12.46
N ILE A 154 -0.32 -30.19 13.71
CA ILE A 154 -1.27 -29.11 13.99
C ILE A 154 -0.75 -27.79 13.44
N TYR A 155 0.53 -27.48 13.70
CA TYR A 155 1.11 -26.23 13.20
C TYR A 155 0.96 -26.10 11.69
N VAL A 156 1.00 -27.22 10.96
CA VAL A 156 0.88 -27.17 9.51
C VAL A 156 -0.53 -26.78 9.09
N GLU A 157 -1.53 -27.28 9.82
CA GLU A 157 -2.92 -26.96 9.49
C GLU A 157 -3.22 -25.48 9.65
N ASN A 158 -2.72 -24.87 10.73
CA ASN A 158 -3.00 -23.47 11.03
C ASN A 158 -2.00 -22.51 10.40
N ASP A 159 -1.21 -22.98 9.45
CA ASP A 159 -0.24 -22.13 8.72
C ASP A 159 0.79 -21.52 9.68
N PHE A 160 1.29 -22.34 10.61
CA PHE A 160 2.39 -21.96 11.51
C PHE A 160 2.11 -20.67 12.25
N SER A 161 0.86 -20.48 12.65
CA SER A 161 0.52 -19.35 13.50
C SER A 161 0.83 -19.70 14.96
N TRP A 162 1.33 -18.71 15.70
CA TRP A 162 1.69 -18.90 17.10
C TRP A 162 2.64 -20.08 17.28
N ASP A 163 3.63 -20.15 16.40
CA ASP A 163 4.65 -21.20 16.44
C ASP A 163 5.81 -20.69 17.29
N LYS A 164 5.92 -21.18 18.52
CA LYS A 164 6.97 -20.77 19.43
C LYS A 164 8.06 -21.83 19.55
N ARG A 165 8.21 -22.69 18.53
CA ARG A 165 9.11 -23.83 18.67
C ARG A 165 10.57 -23.43 18.53
N TYR A 166 10.87 -22.35 17.80
CA TYR A 166 12.23 -21.93 17.54
C TYR A 166 12.54 -20.58 18.20
N CYS A 167 11.86 -20.24 19.31
CA CYS A 167 12.05 -18.97 20.00
C CYS A 167 13.52 -18.62 20.16
N GLU A 168 14.28 -19.54 20.75
CA GLU A 168 15.60 -19.26 21.29
C GLU A 168 15.50 -18.18 22.38
N ALA A 169 14.66 -18.46 23.38
CA ALA A 169 14.47 -17.55 24.50
C ALA A 169 15.74 -17.40 25.31
N GLY A 170 15.98 -16.19 25.79
CA GLY A 170 17.24 -15.86 26.44
C GLY A 170 18.34 -15.42 25.51
N PHE A 171 18.08 -15.38 24.20
CA PHE A 171 19.02 -14.80 23.26
C PHE A 171 19.50 -13.43 23.73
N SER A 172 18.57 -12.60 24.18
CA SER A 172 18.88 -11.35 24.87
C SER A 172 18.01 -11.29 26.12
N SER A 173 18.44 -10.49 27.10
CA SER A 173 17.76 -10.47 28.38
C SER A 173 17.93 -9.12 29.05
N VAL A 174 17.04 -8.86 30.00
CA VAL A 174 17.08 -7.65 30.82
C VAL A 174 16.10 -7.84 31.96
N VAL A 175 16.31 -7.13 33.06
CA VAL A 175 15.40 -7.21 34.20
C VAL A 175 15.02 -5.79 34.63
N THR A 176 13.72 -5.56 34.79
CA THR A 176 13.25 -4.28 35.26
C THR A 176 13.60 -4.08 36.73
N GLN A 177 13.64 -2.81 37.16
CA GLN A 177 13.96 -2.52 38.55
C GLN A 177 12.95 -3.16 39.49
N ALA A 178 11.70 -3.32 39.04
CA ALA A 178 10.67 -3.97 39.83
C ALA A 178 10.86 -5.48 39.94
N GLY A 179 11.70 -6.07 39.09
CA GLY A 179 11.95 -7.48 39.14
C GLY A 179 11.24 -8.33 38.12
N GLU A 180 10.95 -7.79 36.93
CA GLU A 180 10.27 -8.53 35.88
C GLU A 180 11.30 -8.86 34.80
N LEU A 181 11.63 -10.16 34.68
CA LEU A 181 12.54 -10.62 33.65
C LEU A 181 11.89 -10.51 32.28
N VAL A 182 12.64 -10.01 31.31
CA VAL A 182 12.15 -9.85 29.94
C VAL A 182 13.14 -10.52 29.00
N LEU A 183 12.68 -11.54 28.29
CA LEU A 183 13.53 -12.34 27.40
C LEU A 183 13.21 -12.04 25.95
N GLY A 184 14.23 -11.67 25.19
CA GLY A 184 14.09 -11.60 23.74
C GLY A 184 14.21 -12.98 23.13
N ALA A 185 13.33 -13.26 22.17
CA ALA A 185 13.30 -14.56 21.49
C ALA A 185 13.17 -14.30 20.00
N PRO A 186 14.30 -14.12 19.30
CA PRO A 186 14.24 -13.66 17.91
C PRO A 186 13.75 -14.72 16.93
N GLY A 187 13.60 -15.96 17.38
CA GLY A 187 13.08 -17.00 16.53
C GLY A 187 11.62 -17.33 16.76
N GLY A 188 10.98 -16.65 17.71
CA GLY A 188 9.58 -16.93 18.00
C GLY A 188 8.68 -16.52 16.85
N TYR A 189 7.54 -17.21 16.76
CA TYR A 189 6.52 -16.93 15.75
C TYR A 189 7.11 -17.10 14.34
N TYR A 190 7.74 -18.26 14.13
CA TYR A 190 8.40 -18.60 12.87
C TYR A 190 9.30 -17.47 12.40
N PHE A 191 10.24 -17.12 13.28
CA PHE A 191 11.32 -16.17 13.04
C PHE A 191 10.85 -14.73 12.88
N LEU A 192 9.64 -14.42 13.34
CA LEU A 192 9.27 -13.02 13.52
C LEU A 192 9.97 -12.43 14.73
N GLY A 193 9.94 -13.15 15.83
CA GLY A 193 10.53 -12.70 17.08
C GLY A 193 9.42 -12.35 18.06
N LEU A 194 9.63 -12.72 19.32
CA LEU A 194 8.67 -12.41 20.37
C LEU A 194 9.44 -12.03 21.62
N LEU A 195 8.72 -11.45 22.58
CA LEU A 195 9.23 -11.16 23.91
C LEU A 195 8.41 -11.94 24.93
N ALA A 196 9.08 -12.38 26.00
CA ALA A 196 8.41 -13.04 27.11
C ALA A 196 8.83 -12.38 28.41
N GLN A 197 7.84 -11.99 29.21
CA GLN A 197 8.08 -11.33 30.50
C GLN A 197 7.41 -12.12 31.61
N ALA A 198 8.04 -12.13 32.79
CA ALA A 198 7.46 -12.76 33.97
C ALA A 198 8.19 -12.28 35.19
N PRO A 199 7.50 -12.01 36.30
CA PRO A 199 8.21 -11.61 37.52
C PRO A 199 9.14 -12.72 38.00
N VAL A 200 10.35 -12.33 38.41
CA VAL A 200 11.34 -13.29 38.90
C VAL A 200 10.77 -14.07 40.09
N ALA A 201 10.05 -13.39 40.98
CA ALA A 201 9.55 -14.06 42.17
C ALA A 201 8.54 -15.15 41.83
N ASP A 202 7.75 -14.94 40.77
CA ASP A 202 6.77 -15.96 40.38
C ASP A 202 7.41 -17.11 39.62
N ILE A 203 8.52 -16.84 38.92
CA ILE A 203 9.27 -17.93 38.29
C ILE A 203 9.73 -18.92 39.35
N PHE A 204 10.33 -18.41 40.44
CA PHE A 204 10.83 -19.28 41.50
C PHE A 204 9.72 -20.05 42.18
N SER A 205 8.62 -19.36 42.52
CA SER A 205 7.55 -20.02 43.27
C SER A 205 6.77 -21.03 42.43
N SER A 206 6.78 -20.88 41.10
CA SER A 206 6.02 -21.76 40.23
C SER A 206 6.87 -22.86 39.60
N TYR A 207 8.17 -22.91 39.88
CA TYR A 207 9.05 -23.91 39.32
C TYR A 207 9.25 -25.07 40.28
N ARG A 208 9.27 -26.28 39.73
CA ARG A 208 9.64 -27.50 40.42
C ARG A 208 10.41 -28.36 39.42
N PRO A 209 11.46 -29.05 39.86
CA PRO A 209 12.25 -29.87 38.93
C PRO A 209 11.48 -31.10 38.47
N GLY A 210 11.75 -31.50 37.23
CA GLY A 210 11.14 -32.66 36.64
C GLY A 210 9.79 -32.44 36.00
N ILE A 211 9.20 -31.25 36.15
CA ILE A 211 7.89 -30.98 35.56
C ILE A 211 8.02 -30.66 34.08
N LEU A 212 9.02 -29.85 33.73
CA LEU A 212 9.39 -29.52 32.35
C LEU A 212 8.37 -28.60 31.68
N LEU A 213 7.08 -28.88 31.85
CA LEU A 213 6.00 -28.04 31.32
C LEU A 213 5.12 -27.58 32.47
N TRP A 214 5.18 -26.29 32.79
CA TRP A 214 4.40 -25.73 33.89
C TRP A 214 3.94 -24.32 33.54
N HIS A 215 2.88 -23.88 34.21
CA HIS A 215 2.31 -22.56 33.96
C HIS A 215 2.93 -21.51 34.86
N VAL A 216 3.12 -20.32 34.31
CA VAL A 216 3.45 -19.12 35.07
C VAL A 216 2.38 -18.10 34.72
N SER A 217 1.34 -18.01 35.55
CA SER A 217 0.14 -17.26 35.19
C SER A 217 0.43 -15.78 34.95
N SER A 218 1.34 -15.20 35.73
CA SER A 218 1.66 -13.78 35.63
C SER A 218 2.52 -13.46 34.41
N GLN A 219 2.89 -14.44 33.59
CA GLN A 219 3.75 -14.17 32.45
C GLN A 219 2.95 -13.50 31.32
N SER A 220 3.69 -12.91 30.39
CA SER A 220 3.08 -12.14 29.31
C SER A 220 4.00 -12.20 28.10
N LEU A 221 3.47 -12.71 26.98
CA LEU A 221 4.21 -12.80 25.73
C LEU A 221 3.66 -11.80 24.74
N SER A 222 4.49 -11.45 23.76
CA SER A 222 4.06 -10.52 22.72
C SER A 222 3.13 -11.27 21.76
N PHE A 223 2.83 -10.66 20.62
CA PHE A 223 1.77 -11.15 19.76
C PHE A 223 2.30 -11.48 18.37
N ASP A 224 1.76 -12.56 17.80
CA ASP A 224 2.04 -12.92 16.42
C ASP A 224 1.42 -11.89 15.48
N SER A 225 1.85 -11.92 14.23
CA SER A 225 1.39 -10.94 13.25
C SER A 225 1.41 -11.57 11.87
N SER A 226 0.48 -11.13 11.03
CA SER A 226 0.45 -11.53 9.62
C SER A 226 1.09 -10.49 8.72
N ASN A 227 1.74 -9.48 9.29
CA ASN A 227 2.38 -8.43 8.50
C ASN A 227 3.74 -8.92 7.99
N PRO A 228 3.94 -9.03 6.68
CA PRO A 228 5.24 -9.48 6.17
C PRO A 228 6.41 -8.56 6.49
N GLU A 229 6.14 -7.31 6.89
CA GLU A 229 7.22 -6.44 7.34
C GLU A 229 7.95 -7.00 8.55
N TYR A 230 7.31 -7.89 9.31
CA TYR A 230 7.92 -8.51 10.48
C TYR A 230 8.56 -9.86 10.19
N PHE A 231 8.35 -10.42 9.00
CA PHE A 231 8.85 -11.76 8.71
C PHE A 231 10.37 -11.77 8.67
N ASP A 232 10.96 -12.76 9.35
CA ASP A 232 12.42 -12.92 9.40
C ASP A 232 13.10 -11.67 9.94
N GLY A 233 12.46 -10.99 10.89
CA GLY A 233 12.95 -9.74 11.40
C GLY A 233 13.72 -9.88 12.71
N TYR A 234 13.65 -11.08 13.29
CA TYR A 234 14.38 -11.42 14.52
C TYR A 234 14.10 -10.41 15.63
N TRP A 235 12.83 -10.06 15.78
CA TRP A 235 12.35 -9.14 16.80
C TRP A 235 12.67 -9.66 18.20
N GLY A 236 13.68 -9.11 18.84
CA GLY A 236 14.09 -9.61 20.13
C GLY A 236 15.56 -9.98 20.14
N TYR A 237 16.25 -9.61 19.06
CA TYR A 237 17.70 -9.84 18.98
C TYR A 237 18.42 -9.12 20.12
N SER A 238 17.91 -7.95 20.50
CA SER A 238 18.42 -7.20 21.63
C SER A 238 17.23 -6.57 22.35
N VAL A 239 17.38 -6.35 23.65
CA VAL A 239 16.31 -5.82 24.47
CA VAL A 239 16.30 -5.82 24.48
C VAL A 239 16.88 -4.86 25.51
N ALA A 240 16.06 -3.91 25.94
CA ALA A 240 16.42 -2.92 26.95
C ALA A 240 15.12 -2.34 27.51
N VAL A 241 15.24 -1.62 28.63
CA VAL A 241 14.09 -1.02 29.29
C VAL A 241 14.42 0.44 29.63
N GLY A 242 13.36 1.22 29.86
CA GLY A 242 13.53 2.62 30.17
C GLY A 242 12.18 3.28 30.39
N GLU A 243 12.24 4.59 30.63
CA GLU A 243 11.05 5.40 30.86
C GLU A 243 10.90 6.38 29.68
N PHE A 244 9.90 6.13 28.84
CA PHE A 244 9.72 6.90 27.61
C PHE A 244 8.32 7.50 27.44
N ASP A 245 7.37 7.22 28.32
CA ASP A 245 6.00 7.69 28.16
C ASP A 245 5.59 8.72 29.21
N GLY A 246 6.54 9.22 30.01
CA GLY A 246 6.22 10.19 31.04
C GLY A 246 5.47 9.66 32.24
N ASP A 247 5.08 8.38 32.23
CA ASP A 247 4.39 7.77 33.35
C ASP A 247 5.39 6.92 34.13
N LEU A 248 5.74 7.36 35.34
CA LEU A 248 6.76 6.67 36.12
C LEU A 248 6.28 5.36 36.72
N ASN A 249 4.97 5.09 36.74
CA ASN A 249 4.47 3.82 37.25
C ASN A 249 4.54 2.71 36.21
N THR A 250 4.63 3.05 34.93
CA THR A 250 4.77 2.07 33.87
C THR A 250 6.23 1.95 33.46
N THR A 251 6.60 0.77 32.96
CA THR A 251 7.92 0.51 32.42
C THR A 251 7.79 0.23 30.93
N GLU A 252 8.60 0.90 30.12
CA GLU A 252 8.59 0.73 28.68
C GLU A 252 9.74 -0.18 28.25
N TYR A 253 9.50 -0.93 27.17
CA TYR A 253 10.45 -1.90 26.65
C TYR A 253 11.02 -1.41 25.31
N VAL A 254 12.31 -1.62 25.12
CA VAL A 254 12.99 -1.31 23.85
C VAL A 254 13.44 -2.62 23.23
N VAL A 255 13.09 -2.83 21.95
CA VAL A 255 13.31 -4.09 21.27
C VAL A 255 14.02 -3.82 19.95
N GLY A 256 15.06 -4.61 19.66
CA GLY A 256 15.76 -4.53 18.38
C GLY A 256 15.25 -5.59 17.44
N ALA A 257 15.14 -5.22 16.16
CA ALA A 257 14.70 -6.13 15.10
C ALA A 257 15.57 -5.87 13.88
N PRO A 258 16.78 -6.44 13.87
CA PRO A 258 17.81 -6.01 12.92
C PRO A 258 17.61 -6.49 11.48
N THR A 259 16.61 -7.30 11.20
CA THR A 259 16.27 -7.67 9.83
C THR A 259 14.81 -7.33 9.51
N TRP A 260 14.22 -6.42 10.27
CA TRP A 260 12.84 -6.01 10.08
C TRP A 260 12.65 -5.36 8.70
N SER A 261 11.54 -5.72 8.05
CA SER A 261 11.15 -5.18 6.74
C SER A 261 12.27 -5.38 5.71
N TRP A 262 12.51 -6.66 5.41
CA TRP A 262 13.46 -7.07 4.38
C TRP A 262 14.84 -6.48 4.64
N THR A 263 15.36 -6.80 5.83
CA THR A 263 16.69 -6.42 6.28
C THR A 263 16.91 -4.91 6.31
N LEU A 264 15.84 -4.13 6.42
CA LEU A 264 16.01 -2.70 6.71
C LEU A 264 16.37 -2.46 8.15
N GLY A 265 15.81 -3.25 9.05
CA GLY A 265 16.09 -3.18 10.47
C GLY A 265 15.26 -2.10 11.15
N ALA A 266 14.98 -2.34 12.42
CA ALA A 266 14.13 -1.43 13.17
C ALA A 266 14.31 -1.64 14.66
N VAL A 267 13.95 -0.60 15.42
CA VAL A 267 13.87 -0.63 16.87
C VAL A 267 12.52 -0.03 17.26
N GLU A 268 11.85 -0.66 18.21
CA GLU A 268 10.53 -0.28 18.64
C GLU A 268 10.50 -0.07 20.15
N ILE A 269 9.74 0.93 20.58
CA ILE A 269 9.50 1.21 21.99
C ILE A 269 8.05 0.86 22.30
N LEU A 270 7.85 0.03 23.33
CA LEU A 270 6.53 -0.50 23.65
C LEU A 270 6.25 -0.29 25.14
N ASP A 271 4.98 -0.43 25.50
CA ASP A 271 4.59 -0.47 26.89
C ASP A 271 4.66 -1.91 27.41
N SER A 272 4.37 -2.11 28.70
CA SER A 272 4.43 -3.45 29.26
C SER A 272 3.36 -4.38 28.71
N TYR A 273 2.45 -3.88 27.86
CA TYR A 273 1.47 -4.70 27.19
C TYR A 273 1.80 -4.90 25.71
N TYR A 274 3.01 -4.54 25.30
CA TYR A 274 3.51 -4.76 23.93
C TYR A 274 2.72 -3.97 22.89
N GLN A 275 2.23 -2.80 23.28
CA GLN A 275 1.61 -1.89 22.33
C GLN A 275 2.64 -0.87 21.87
N ARG A 276 2.81 -0.77 20.55
CA ARG A 276 3.92 -0.01 19.99
C ARG A 276 3.71 1.49 20.21
N LEU A 277 4.68 2.13 20.87
CA LEU A 277 4.65 3.58 21.06
C LEU A 277 5.40 4.32 19.97
N HIS A 278 6.53 3.78 19.51
CA HIS A 278 7.30 4.43 18.46
C HIS A 278 8.14 3.38 17.76
N ARG A 279 8.56 3.70 16.53
CA ARG A 279 9.40 2.81 15.75
C ARG A 279 10.50 3.62 15.08
N LEU A 280 11.75 3.25 15.34
CA LEU A 280 12.89 3.78 14.61
C LEU A 280 13.22 2.82 13.47
N ARG A 281 13.30 3.34 12.26
CA ARG A 281 13.60 2.53 11.08
C ARG A 281 15.07 2.68 10.70
N GLY A 282 15.65 1.58 10.23
CA GLY A 282 17.03 1.60 9.80
C GLY A 282 17.26 2.57 8.65
N GLU A 283 18.53 2.98 8.51
CA GLU A 283 18.94 3.91 7.47
C GLU A 283 19.42 3.20 6.21
N GLN A 284 19.87 1.96 6.34
CA GLN A 284 20.54 1.25 5.26
C GLN A 284 20.30 -0.24 5.43
N MET A 285 20.02 -0.93 4.33
CA MET A 285 19.72 -2.34 4.41
C MET A 285 20.96 -3.18 4.70
N ALA A 286 20.76 -4.28 5.42
CA ALA A 286 21.79 -5.20 5.87
C ALA A 286 22.79 -4.55 6.83
N SER A 287 22.51 -3.33 7.30
CA SER A 287 23.38 -2.71 8.29
C SER A 287 23.17 -3.30 9.67
N TYR A 288 22.13 -4.10 9.85
CA TYR A 288 21.78 -4.69 11.15
C TYR A 288 21.49 -3.61 12.20
N PHE A 289 20.77 -2.57 11.78
CA PHE A 289 20.24 -1.57 12.70
C PHE A 289 19.32 -2.25 13.70
N GLY A 290 19.68 -2.20 14.97
CA GLY A 290 18.98 -2.92 16.01
C GLY A 290 19.77 -4.02 16.65
N HIS A 291 21.00 -4.25 16.19
CA HIS A 291 21.85 -5.29 16.76
C HIS A 291 22.11 -5.07 18.25
N SER A 292 22.19 -3.81 18.68
CA SER A 292 22.37 -3.49 20.09
C SER A 292 21.59 -2.23 20.40
N VAL A 293 20.99 -2.19 21.59
CA VAL A 293 20.22 -1.05 22.07
C VAL A 293 20.67 -0.72 23.49
N ALA A 294 20.72 0.57 23.81
CA ALA A 294 21.13 1.01 25.14
C ALA A 294 20.27 2.20 25.55
N VAL A 295 19.93 2.27 26.83
CA VAL A 295 19.05 3.30 27.35
C VAL A 295 19.76 4.02 28.50
N THR A 296 19.95 5.33 28.36
CA THR A 296 20.54 6.12 29.43
C THR A 296 20.32 7.60 29.11
N ASP A 297 20.24 8.42 30.16
CA ASP A 297 20.03 9.86 30.00
C ASP A 297 21.39 10.52 29.85
N VAL A 298 21.73 10.89 28.62
CA VAL A 298 23.07 11.40 28.35
C VAL A 298 23.16 12.92 28.52
N ASN A 299 22.07 13.66 28.32
CA ASN A 299 22.12 15.12 28.37
C ASN A 299 21.62 15.69 29.69
N GLY A 300 21.42 14.85 30.71
CA GLY A 300 21.15 15.35 32.04
C GLY A 300 19.86 16.14 32.18
N ASP A 301 18.81 15.74 31.48
CA ASP A 301 17.50 16.34 31.66
C ASP A 301 16.52 15.38 32.32
N GLY A 302 17.00 14.26 32.87
CA GLY A 302 16.15 13.29 33.52
C GLY A 302 15.36 12.39 32.59
N ARG A 303 15.35 12.67 31.29
CA ARG A 303 14.62 11.87 30.32
C ARG A 303 15.59 10.92 29.63
N HIS A 304 15.33 9.62 29.76
CA HIS A 304 16.17 8.59 29.14
C HIS A 304 16.34 8.87 27.65
N ASP A 305 17.51 8.56 27.13
CA ASP A 305 17.77 8.67 25.70
C ASP A 305 18.07 7.28 25.14
N LEU A 306 17.96 7.17 23.82
CA LEU A 306 18.08 5.88 23.16
C LEU A 306 19.30 5.85 22.26
N LEU A 307 20.03 4.74 22.27
CA LEU A 307 21.18 4.52 21.41
C LEU A 307 21.01 3.19 20.68
N VAL A 308 21.22 3.21 19.37
CA VAL A 308 21.05 2.04 18.51
C VAL A 308 22.33 1.80 17.74
N GLY A 309 22.77 0.54 17.68
CA GLY A 309 23.95 0.16 16.93
C GLY A 309 23.60 -0.49 15.60
N ALA A 310 24.32 -0.09 14.55
CA ALA A 310 24.17 -0.65 13.22
C ALA A 310 25.55 -1.08 12.74
N PRO A 311 26.09 -2.18 13.28
CA PRO A 311 27.52 -2.44 13.15
C PRO A 311 28.00 -2.66 11.72
N LEU A 312 27.12 -2.94 10.77
CA LEU A 312 27.52 -3.19 9.40
C LEU A 312 27.18 -2.03 8.46
N TYR A 313 26.92 -0.84 9.01
CA TYR A 313 26.62 0.30 8.16
C TYR A 313 27.81 0.60 7.27
N MET A 314 27.54 0.83 5.99
CA MET A 314 28.57 1.14 5.01
C MET A 314 28.58 2.65 4.75
N GLU A 315 29.61 3.32 5.25
CA GLU A 315 29.73 4.76 5.07
C GLU A 315 30.06 5.07 3.61
N SER A 316 29.41 6.10 3.06
CA SER A 316 29.72 6.53 1.71
C SER A 316 31.06 7.26 1.68
N ARG A 317 31.81 7.06 0.60
CA ARG A 317 33.12 7.66 0.48
C ARG A 317 33.32 8.12 -0.96
N ALA A 318 34.51 8.59 -1.27
CA ALA A 318 34.79 9.15 -2.59
C ALA A 318 34.66 8.09 -3.66
N ASP A 319 34.37 8.55 -4.89
CA ASP A 319 34.30 7.69 -6.07
C ASP A 319 33.17 6.67 -5.96
N ARG A 320 32.07 7.08 -5.33
CA ARG A 320 30.85 6.27 -5.25
C ARG A 320 31.07 4.93 -4.55
N LYS A 321 32.09 4.85 -3.69
CA LYS A 321 32.42 3.60 -3.02
C LYS A 321 31.93 3.60 -1.57
N LEU A 322 31.60 2.43 -1.08
CA LEU A 322 31.13 2.22 0.28
C LEU A 322 32.18 1.47 1.09
N ALA A 323 32.08 1.60 2.41
CA ALA A 323 33.07 1.01 3.31
C ALA A 323 32.36 0.62 4.60
N GLU A 324 32.27 -0.68 4.86
CA GLU A 324 31.57 -1.16 6.05
C GLU A 324 32.38 -0.81 7.29
N VAL A 325 31.83 0.08 8.12
CA VAL A 325 32.52 0.49 9.34
C VAL A 325 31.65 0.43 10.59
N GLY A 326 30.33 0.48 10.47
CA GLY A 326 29.44 0.52 11.61
C GLY A 326 29.05 1.93 11.99
N ARG A 327 27.89 2.06 12.63
CA ARG A 327 27.35 3.38 12.98
C ARG A 327 26.48 3.25 14.22
N VAL A 328 26.45 4.30 15.03
CA VAL A 328 25.62 4.39 16.22
C VAL A 328 24.71 5.60 16.10
N TYR A 329 23.44 5.42 16.43
CA TYR A 329 22.43 6.47 16.37
C TYR A 329 22.02 6.87 17.77
N LEU A 330 21.95 8.17 18.01
CA LEU A 330 21.52 8.72 19.30
C LEU A 330 20.19 9.44 19.12
N PHE A 331 19.18 9.04 19.89
CA PHE A 331 17.88 9.69 19.90
C PHE A 331 17.64 10.26 21.28
N LEU A 332 17.48 11.58 21.37
CA LEU A 332 17.16 12.25 22.61
C LEU A 332 15.66 12.32 22.80
N GLN A 333 15.19 12.01 24.01
CA GLN A 333 13.76 12.00 24.27
C GLN A 333 13.26 13.44 24.43
N PRO A 334 12.21 13.83 23.71
CA PRO A 334 11.71 15.20 23.82
C PRO A 334 10.93 15.42 25.11
N ARG A 335 10.74 16.70 25.44
CA ARG A 335 10.03 17.08 26.65
C ARG A 335 8.55 16.76 26.47
N GLY A 336 8.02 15.91 27.35
CA GLY A 336 6.61 15.60 27.35
C GLY A 336 6.20 14.59 26.29
N PRO A 337 4.89 14.47 26.05
CA PRO A 337 4.40 13.46 25.11
C PRO A 337 4.60 13.86 23.64
N HIS A 338 5.74 13.46 23.07
CA HIS A 338 6.03 13.76 21.67
C HIS A 338 6.89 12.64 21.10
N ALA A 339 6.87 12.52 19.78
CA ALA A 339 7.59 11.44 19.12
C ALA A 339 9.09 11.73 19.07
N LEU A 340 9.88 10.67 19.22
CA LEU A 340 11.31 10.80 19.01
C LEU A 340 11.56 11.12 17.54
N GLY A 341 12.24 12.23 17.29
CA GLY A 341 12.48 12.68 15.93
C GLY A 341 13.65 12.00 15.26
N ALA A 342 14.33 12.75 14.40
CA ALA A 342 15.50 12.26 13.72
C ALA A 342 16.64 12.09 14.72
N PRO A 343 17.68 11.33 14.37
CA PRO A 343 18.81 11.18 15.30
C PRO A 343 19.46 12.53 15.60
N SER A 344 19.81 12.73 16.86
CA SER A 344 20.51 13.94 17.27
C SER A 344 21.98 13.93 16.86
N LEU A 345 22.57 12.75 16.70
CA LEU A 345 24.00 12.61 16.45
C LEU A 345 24.23 11.27 15.79
N LEU A 346 25.17 11.23 14.83
CA LEU A 346 25.58 10.01 14.16
C LEU A 346 27.05 9.77 14.44
N LEU A 347 27.37 8.65 15.08
CA LEU A 347 28.74 8.22 15.30
C LEU A 347 29.06 7.13 14.30
N THR A 348 30.06 7.35 13.47
CA THR A 348 30.42 6.44 12.40
C THR A 348 31.84 5.90 12.61
N GLY A 349 32.01 4.61 12.38
CA GLY A 349 33.31 3.99 12.55
C GLY A 349 34.32 4.47 11.53
N THR A 350 35.55 4.00 11.73
CA THR A 350 36.68 4.36 10.88
CA THR A 350 36.69 4.37 10.90
C THR A 350 37.37 3.15 10.26
N GLN A 351 37.46 2.05 11.00
CA GLN A 351 38.17 0.87 10.54
C GLN A 351 37.26 -0.05 9.76
N LEU A 352 37.69 -0.43 8.56
CA LEU A 352 36.91 -1.32 7.72
C LEU A 352 36.67 -2.65 8.42
N TYR A 353 35.43 -3.13 8.33
CA TYR A 353 35.01 -4.36 8.99
C TYR A 353 35.19 -4.31 10.50
N GLY A 354 35.25 -3.11 11.09
CA GLY A 354 35.45 -3.00 12.52
C GLY A 354 34.22 -3.25 13.35
N ARG A 355 33.04 -3.08 12.77
CA ARG A 355 31.77 -3.32 13.45
C ARG A 355 31.57 -2.38 14.64
N PHE A 356 31.92 -1.11 14.42
CA PHE A 356 31.66 -0.05 15.38
C PHE A 356 30.17 0.03 15.69
N GLY A 357 29.80 -0.21 16.95
CA GLY A 357 28.42 -0.26 17.35
C GLY A 357 27.92 -1.65 17.68
N SER A 358 28.80 -2.66 17.65
CA SER A 358 28.38 -4.01 17.96
C SER A 358 27.84 -4.12 19.38
N ALA A 359 28.40 -3.35 20.32
CA ALA A 359 27.92 -3.28 21.69
C ALA A 359 27.99 -1.84 22.16
N ILE A 360 26.99 -1.43 22.96
CA ILE A 360 26.92 -0.08 23.50
C ILE A 360 26.57 -0.18 24.97
N ALA A 361 27.45 0.35 25.83
CA ALA A 361 27.28 0.20 27.27
C ALA A 361 27.13 1.56 27.93
N PRO A 362 26.01 1.85 28.58
CA PRO A 362 25.96 3.00 29.48
C PRO A 362 27.04 2.87 30.55
N LEU A 363 27.83 3.93 30.71
CA LEU A 363 28.89 3.96 31.71
C LEU A 363 28.48 4.63 33.02
N GLY A 364 27.32 5.25 33.07
CA GLY A 364 27.03 6.24 34.09
C GLY A 364 27.85 7.50 33.86
N ASP A 365 28.05 8.26 34.93
CA ASP A 365 28.86 9.48 34.86
C ASP A 365 30.31 9.11 35.17
N LEU A 366 31.14 9.05 34.13
CA LEU A 366 32.51 8.58 34.31
C LEU A 366 33.40 9.68 34.90
N ASP A 367 33.44 10.84 34.27
CA ASP A 367 34.27 11.95 34.73
C ASP A 367 33.60 12.78 35.82
N ARG A 368 32.39 12.38 36.26
CA ARG A 368 31.69 13.01 37.38
C ARG A 368 31.38 14.48 37.11
N ASP A 369 30.93 14.77 35.88
CA ASP A 369 30.61 16.13 35.49
C ASP A 369 29.12 16.38 35.37
N GLY A 370 28.28 15.44 35.78
CA GLY A 370 26.84 15.61 35.73
C GLY A 370 26.14 15.04 34.51
N TYR A 371 26.89 14.53 33.53
CA TYR A 371 26.31 13.97 32.33
C TYR A 371 26.74 12.52 32.19
N ASN A 372 25.77 11.63 31.98
CA ASN A 372 26.09 10.23 31.77
C ASN A 372 26.78 10.03 30.43
N ASP A 373 27.66 9.03 30.39
CA ASP A 373 28.50 8.74 29.25
C ASP A 373 28.28 7.30 28.81
N ILE A 374 28.81 6.95 27.64
CA ILE A 374 28.66 5.61 27.07
C ILE A 374 30.01 5.13 26.56
N ALA A 375 30.08 3.83 26.28
CA ALA A 375 31.20 3.20 25.60
C ALA A 375 30.68 2.42 24.40
N VAL A 376 31.35 2.58 23.26
CA VAL A 376 31.00 1.89 22.02
C VAL A 376 32.13 0.94 21.66
N ALA A 377 31.78 -0.28 21.26
CA ALA A 377 32.77 -1.29 20.90
C ALA A 377 32.89 -1.44 19.39
N ALA A 378 34.13 -1.64 18.94
CA ALA A 378 34.45 -1.99 17.55
C ALA A 378 35.32 -3.24 17.60
N PRO A 379 34.71 -4.41 17.77
CA PRO A 379 35.47 -5.61 18.15
C PRO A 379 36.52 -6.03 17.13
N TYR A 380 36.50 -5.49 15.92
CA TYR A 380 37.54 -5.78 14.95
C TYR A 380 38.13 -4.49 14.39
N GLY A 381 38.00 -3.40 15.15
CA GLY A 381 38.51 -2.11 14.75
C GLY A 381 39.89 -1.83 15.33
N GLY A 382 40.31 -0.57 15.20
CA GLY A 382 41.65 -0.18 15.55
C GLY A 382 42.59 -0.41 14.39
N PRO A 383 43.75 0.25 14.41
CA PRO A 383 44.67 0.13 13.27
C PRO A 383 45.15 -1.29 13.03
N SER A 384 45.17 -2.13 14.06
CA SER A 384 45.57 -3.52 13.92
C SER A 384 44.40 -4.47 13.66
N GLY A 385 43.17 -4.00 13.81
CA GLY A 385 42.03 -4.89 13.71
C GLY A 385 41.82 -5.81 14.91
N ARG A 386 42.50 -5.55 16.02
CA ARG A 386 42.36 -6.37 17.21
C ARG A 386 41.17 -5.98 18.08
N GLY A 387 40.60 -4.80 17.87
CA GLY A 387 39.44 -4.39 18.64
C GLY A 387 39.69 -3.10 19.37
N GLN A 388 38.65 -2.29 19.54
CA GLN A 388 38.74 -1.02 20.23
C GLN A 388 37.44 -0.75 20.99
N VAL A 389 37.57 -0.05 22.12
CA VAL A 389 36.42 0.45 22.85
C VAL A 389 36.58 1.96 23.00
N LEU A 390 35.63 2.72 22.49
CA LEU A 390 35.69 4.17 22.48
C LEU A 390 34.70 4.73 23.50
N VAL A 391 35.14 5.75 24.23
CA VAL A 391 34.32 6.40 25.26
C VAL A 391 33.86 7.74 24.72
N PHE A 392 32.55 7.98 24.75
CA PHE A 392 31.95 9.25 24.37
C PHE A 392 31.26 9.84 25.58
N LEU A 393 31.54 11.12 25.85
CA LEU A 393 31.06 11.78 27.06
C LEU A 393 29.76 12.52 26.81
N GLY A 394 28.91 12.55 27.84
CA GLY A 394 27.67 13.30 27.77
C GLY A 394 27.91 14.80 27.85
N GLN A 395 26.92 15.55 27.38
CA GLN A 395 26.95 17.00 27.40
C GLN A 395 25.52 17.51 27.28
N SER A 396 25.36 18.83 27.44
CA SER A 396 24.01 19.40 27.51
C SER A 396 23.23 19.19 26.23
N GLU A 397 23.91 19.04 25.10
CA GLU A 397 23.25 18.88 23.81
C GLU A 397 23.24 17.42 23.35
N GLY A 398 23.67 16.49 24.17
CA GLY A 398 23.69 15.08 23.80
C GLY A 398 25.01 14.41 24.15
N LEU A 399 25.77 14.01 23.12
CA LEU A 399 27.08 13.42 23.31
C LEU A 399 28.11 14.20 22.53
N ARG A 400 29.36 14.07 22.95
CA ARG A 400 30.46 14.61 22.16
C ARG A 400 30.64 13.80 20.89
N SER A 401 30.96 14.47 19.79
CA SER A 401 31.10 13.80 18.51
C SER A 401 32.40 13.01 18.38
N ARG A 402 33.43 13.39 19.13
CA ARG A 402 34.73 12.73 19.14
C ARG A 402 34.95 12.02 20.49
N PRO A 403 35.65 10.90 20.50
CA PRO A 403 35.81 10.15 21.75
C PRO A 403 36.76 10.87 22.69
N SER A 404 36.58 10.61 23.98
CA SER A 404 37.47 11.15 24.99
C SER A 404 38.62 10.21 25.31
N GLN A 405 38.48 8.94 24.99
CA GLN A 405 39.45 7.93 25.40
C GLN A 405 39.18 6.69 24.57
N VAL A 406 40.25 6.02 24.14
CA VAL A 406 40.15 4.83 23.29
C VAL A 406 40.91 3.71 23.96
N LEU A 407 40.25 2.58 24.19
CA LEU A 407 40.86 1.42 24.80
C LEU A 407 41.24 0.43 23.71
N ASP A 408 42.54 0.22 23.50
CA ASP A 408 43.01 -0.76 22.55
C ASP A 408 43.08 -2.13 23.21
N SER A 409 42.76 -3.17 22.44
CA SER A 409 42.69 -4.51 22.98
C SER A 409 44.04 -4.95 23.51
N PRO A 410 44.12 -5.49 24.73
CA PRO A 410 45.36 -6.11 25.21
C PRO A 410 45.52 -7.57 24.80
N PHE A 411 44.59 -8.10 24.04
CA PHE A 411 44.53 -9.50 23.66
C PHE A 411 45.04 -9.70 22.25
N PRO A 412 45.28 -10.96 21.83
CA PRO A 412 45.72 -11.20 20.44
C PRO A 412 44.60 -11.03 19.43
N THR A 413 44.93 -11.20 18.15
CA THR A 413 43.95 -11.00 17.09
C THR A 413 42.82 -12.03 17.22
N GLY A 414 41.61 -11.62 16.89
CA GLY A 414 40.47 -12.52 16.92
C GLY A 414 39.80 -12.70 18.26
N SER A 415 40.12 -11.86 19.24
CA SER A 415 39.55 -12.03 20.58
C SER A 415 38.14 -11.50 20.70
N ALA A 416 37.68 -10.71 19.73
CA ALA A 416 36.38 -10.05 19.79
C ALA A 416 36.28 -9.17 21.02
N PHE A 417 37.35 -8.43 21.27
CA PHE A 417 37.43 -7.48 22.36
C PHE A 417 36.33 -6.44 22.24
N GLY A 418 35.40 -6.42 23.18
CA GLY A 418 34.30 -5.48 23.16
C GLY A 418 32.98 -6.05 22.72
N PHE A 419 32.96 -7.30 22.24
CA PHE A 419 31.71 -7.93 21.85
C PHE A 419 30.66 -7.84 22.95
N SER A 420 31.08 -7.92 24.20
CA SER A 420 30.22 -7.71 25.35
C SER A 420 30.80 -6.61 26.21
N LEU A 421 29.92 -5.77 26.77
CA LEU A 421 30.34 -4.67 27.62
C LEU A 421 29.36 -4.54 28.78
N ARG A 422 29.82 -3.88 29.84
CA ARG A 422 28.96 -3.55 30.96
C ARG A 422 29.64 -2.51 31.84
N GLY A 423 28.90 -1.49 32.26
CA GLY A 423 29.48 -0.41 33.03
C GLY A 423 28.54 0.12 34.09
N ALA A 424 28.77 1.37 34.51
CA ALA A 424 27.92 2.07 35.47
C ALA A 424 27.89 1.42 36.85
N VAL A 425 28.92 0.65 37.21
CA VAL A 425 28.99 0.06 38.54
C VAL A 425 30.40 0.26 39.09
N ASP A 426 30.48 0.70 40.34
CA ASP A 426 31.76 0.94 41.01
C ASP A 426 32.16 -0.33 41.73
N ILE A 427 33.13 -1.07 41.17
CA ILE A 427 33.45 -2.39 41.68
C ILE A 427 34.49 -2.35 42.81
N ASP A 428 35.43 -1.41 42.78
CA ASP A 428 36.44 -1.29 43.83
C ASP A 428 36.07 -0.25 44.88
N ASP A 429 34.92 0.40 44.74
CA ASP A 429 34.38 1.30 45.76
C ASP A 429 35.27 2.53 45.95
N ASN A 430 35.65 3.15 44.84
CA ASN A 430 36.42 4.39 44.88
C ASN A 430 35.60 5.61 44.46
N GLY A 431 34.28 5.46 44.31
CA GLY A 431 33.43 6.55 43.91
C GLY A 431 33.26 6.73 42.42
N TYR A 432 34.02 6.00 41.60
CA TYR A 432 33.98 6.16 40.16
C TYR A 432 33.50 4.88 39.51
N PRO A 433 32.57 4.96 38.54
CA PRO A 433 32.04 3.74 37.92
C PRO A 433 33.04 3.14 36.94
N ASP A 434 33.08 1.82 36.88
CA ASP A 434 34.10 1.08 36.15
C ASP A 434 33.48 0.32 34.98
N LEU A 435 34.35 -0.25 34.14
CA LEU A 435 33.95 -0.90 32.90
C LEU A 435 34.57 -2.29 32.83
N ILE A 436 33.76 -3.29 32.51
CA ILE A 436 34.24 -4.65 32.27
C ILE A 436 34.03 -4.95 30.79
N VAL A 437 35.06 -5.51 30.16
CA VAL A 437 35.03 -5.78 28.73
C VAL A 437 35.29 -7.26 28.52
N GLY A 438 34.47 -7.88 27.69
CA GLY A 438 34.59 -9.29 27.40
C GLY A 438 35.31 -9.53 26.08
N ALA A 439 36.11 -10.60 26.05
CA ALA A 439 36.82 -11.03 24.84
C ALA A 439 36.70 -12.56 24.77
N TYR A 440 35.54 -13.04 24.31
CA TYR A 440 35.30 -14.48 24.28
C TYR A 440 36.26 -15.21 23.34
N GLY A 441 36.78 -14.54 22.31
CA GLY A 441 37.75 -15.18 21.44
C GLY A 441 39.01 -15.59 22.17
N ALA A 442 39.38 -14.84 23.21
CA ALA A 442 40.53 -15.17 24.06
C ALA A 442 40.13 -15.79 25.39
N ASN A 443 38.83 -15.97 25.64
CA ASN A 443 38.34 -16.57 26.88
C ASN A 443 38.76 -15.77 28.11
N GLN A 444 38.70 -14.45 28.01
CA GLN A 444 39.10 -13.58 29.11
C GLN A 444 38.17 -12.37 29.21
N VAL A 445 38.20 -11.74 30.38
CA VAL A 445 37.48 -10.51 30.67
C VAL A 445 38.47 -9.50 31.24
N ALA A 446 38.47 -8.29 30.71
CA ALA A 446 39.36 -7.22 31.16
C ALA A 446 38.55 -6.20 31.95
N VAL A 447 39.05 -5.82 33.12
CA VAL A 447 38.39 -4.84 33.98
C VAL A 447 39.17 -3.53 33.91
N TYR A 448 38.48 -2.46 33.55
CA TYR A 448 39.06 -1.12 33.49
C TYR A 448 38.50 -0.30 34.64
N ARG A 449 39.37 0.10 35.56
CA ARG A 449 38.94 0.91 36.69
C ARG A 449 39.04 2.39 36.35
N ALA A 450 38.00 3.14 36.72
CA ALA A 450 37.99 4.58 36.54
C ALA A 450 38.70 5.25 37.71
N GLN A 451 39.53 6.23 37.41
CA GLN A 451 40.34 6.93 38.38
C GLN A 451 40.00 8.42 38.34
N PRO A 452 40.39 9.18 39.38
CA PRO A 452 40.15 10.62 39.36
C PRO A 452 40.70 11.27 38.10
N VAL A 453 40.08 12.38 37.70
CA VAL A 453 40.39 13.01 36.42
C VAL A 453 41.75 13.70 36.50
N VAL A 454 42.54 13.53 35.43
CA VAL A 454 43.87 14.16 35.34
C VAL A 454 43.86 15.26 34.27
N GLY B 1 59.45 44.12 -20.84
CA GLY B 1 59.36 44.67 -19.51
C GLY B 1 59.46 43.64 -18.42
N PRO B 2 59.39 44.08 -17.15
CA PRO B 2 59.48 43.14 -16.04
C PRO B 2 58.22 42.30 -15.92
N ASN B 3 58.39 41.13 -15.31
CA ASN B 3 57.30 40.17 -15.16
C ASN B 3 57.48 39.46 -13.82
N ILE B 4 56.63 38.47 -13.57
CA ILE B 4 56.70 37.71 -12.32
C ILE B 4 58.03 36.97 -12.18
N CYS B 5 58.74 36.71 -13.28
CA CYS B 5 60.02 36.03 -13.17
C CYS B 5 61.09 36.96 -12.57
N THR B 6 61.17 38.20 -13.07
CA THR B 6 62.17 39.14 -12.56
C THR B 6 61.72 39.80 -11.26
N THR B 7 60.45 40.24 -11.19
CA THR B 7 59.99 40.98 -10.02
C THR B 7 60.04 40.13 -8.75
N ARG B 8 59.96 38.81 -8.88
CA ARG B 8 60.10 37.95 -7.70
C ARG B 8 61.50 37.99 -7.13
N GLY B 9 62.51 38.32 -7.93
CA GLY B 9 63.89 38.39 -7.48
C GLY B 9 64.38 37.07 -6.92
N VAL B 10 64.54 36.07 -7.80
CA VAL B 10 64.92 34.72 -7.38
C VAL B 10 66.41 34.68 -7.06
N SER B 11 66.85 33.59 -6.43
CA SER B 11 68.24 33.45 -5.99
C SER B 11 69.00 32.34 -6.70
N SER B 12 68.31 31.41 -7.38
CA SER B 12 68.99 30.29 -8.00
C SER B 12 68.20 29.83 -9.22
N CYS B 13 68.79 28.87 -9.95
CA CYS B 13 68.12 28.29 -11.11
C CYS B 13 66.88 27.50 -10.70
N GLN B 14 66.97 26.81 -9.55
CA GLN B 14 65.83 26.02 -9.09
C GLN B 14 64.67 26.91 -8.66
N GLN B 15 64.96 28.03 -8.00
CA GLN B 15 63.90 28.94 -7.57
C GLN B 15 63.27 29.66 -8.76
N CYS B 16 64.02 29.85 -9.85
CA CYS B 16 63.49 30.57 -11.01
C CYS B 16 62.41 29.76 -11.71
N LEU B 17 62.66 28.47 -11.94
CA LEU B 17 61.66 27.62 -12.59
C LEU B 17 60.43 27.41 -11.72
N ALA B 18 60.56 27.59 -10.40
CA ALA B 18 59.42 27.40 -9.49
C ALA B 18 58.44 28.56 -9.52
N VAL B 19 58.84 29.71 -10.08
CA VAL B 19 57.94 30.87 -10.11
C VAL B 19 56.74 30.59 -10.99
N SER B 20 56.99 30.18 -12.24
CA SER B 20 55.93 30.01 -13.22
C SER B 20 56.45 29.10 -14.32
N PRO B 21 55.58 28.31 -14.96
CA PRO B 21 56.02 27.45 -16.06
C PRO B 21 56.61 28.20 -17.25
N MET B 22 56.45 29.52 -17.31
CA MET B 22 56.95 30.29 -18.44
C MET B 22 58.33 30.90 -18.21
N CYS B 23 58.88 30.78 -17.00
CA CYS B 23 60.16 31.40 -16.70
C CYS B 23 61.32 30.52 -17.15
N ALA B 24 62.46 31.15 -17.42
CA ALA B 24 63.67 30.46 -17.83
C ALA B 24 64.87 31.08 -17.12
N TRP B 25 65.98 30.36 -17.13
CA TRP B 25 67.19 30.76 -16.41
C TRP B 25 68.39 30.75 -17.36
N CYS B 26 69.24 31.76 -17.24
CA CYS B 26 70.45 31.89 -18.04
C CYS B 26 71.67 31.65 -17.14
N SER B 27 72.48 30.66 -17.50
CA SER B 27 73.67 30.28 -16.74
C SER B 27 74.95 30.86 -17.32
N ASP B 28 74.84 31.90 -18.15
CA ASP B 28 76.01 32.45 -18.84
C ASP B 28 76.84 33.32 -17.90
N GLU B 29 78.13 33.40 -18.18
CA GLU B 29 79.02 34.28 -17.43
C GLU B 29 78.92 35.72 -17.92
N ALA B 30 79.05 35.93 -19.23
CA ALA B 30 79.01 37.28 -19.80
C ALA B 30 77.59 37.83 -19.79
N LEU B 31 77.08 38.16 -18.61
CA LEU B 31 75.77 38.74 -18.44
C LEU B 31 75.90 40.00 -17.59
N PRO B 32 75.24 41.10 -17.98
CA PRO B 32 75.36 42.34 -17.21
C PRO B 32 74.91 42.15 -15.77
N LEU B 33 75.48 42.97 -14.88
CA LEU B 33 75.12 42.91 -13.47
C LEU B 33 73.65 43.26 -13.26
N GLY B 34 73.18 44.34 -13.88
CA GLY B 34 71.80 44.75 -13.68
C GLY B 34 70.79 43.89 -14.40
N SER B 35 71.22 43.17 -15.44
CA SER B 35 70.29 42.35 -16.20
C SER B 35 69.94 41.10 -15.40
N PRO B 36 68.67 40.75 -15.28
CA PRO B 36 68.29 39.55 -14.52
C PRO B 36 68.51 38.27 -15.31
N ARG B 37 68.76 37.20 -14.58
CA ARG B 37 68.97 35.88 -15.17
C ARG B 37 67.68 35.06 -15.28
N CYS B 38 66.58 35.53 -14.69
CA CYS B 38 65.31 34.80 -14.65
C CYS B 38 64.28 35.64 -15.38
N ASP B 39 64.05 35.32 -16.65
CA ASP B 39 63.12 36.08 -17.49
C ASP B 39 62.49 35.12 -18.49
N LEU B 40 61.64 35.65 -19.35
CA LEU B 40 61.09 34.86 -20.45
C LEU B 40 62.24 34.42 -21.37
N LYS B 41 62.05 33.25 -21.99
CA LYS B 41 63.09 32.76 -22.91
C LYS B 41 63.32 33.72 -24.06
N GLU B 42 62.30 34.52 -24.42
CA GLU B 42 62.49 35.53 -25.46
C GLU B 42 63.36 36.68 -24.97
N ASN B 43 63.15 37.11 -23.72
CA ASN B 43 63.89 38.26 -23.20
C ASN B 43 65.37 37.93 -22.98
N LEU B 44 65.68 36.67 -22.67
CA LEU B 44 67.07 36.29 -22.42
C LEU B 44 67.88 36.30 -23.72
N LEU B 45 67.37 35.64 -24.76
CA LEU B 45 68.02 35.70 -26.07
C LEU B 45 68.12 37.13 -26.57
N LYS B 46 67.14 37.98 -26.22
CA LYS B 46 67.20 39.39 -26.56
C LYS B 46 68.37 40.09 -25.89
N ASP B 47 68.76 39.64 -24.70
CA ASP B 47 69.89 40.21 -23.96
C ASP B 47 71.19 39.43 -24.20
N ASN B 48 71.30 38.75 -25.34
CA ASN B 48 72.54 38.10 -25.77
C ASN B 48 72.99 37.01 -24.78
N CYS B 49 72.04 36.21 -24.31
CA CYS B 49 72.38 35.04 -23.48
C CYS B 49 72.68 33.86 -24.39
N ALA B 50 73.67 33.07 -23.98
CA ALA B 50 74.11 31.94 -24.78
C ALA B 50 73.01 30.88 -24.83
N PRO B 51 72.64 30.41 -26.03
CA PRO B 51 71.52 29.45 -26.12
C PRO B 51 71.76 28.14 -25.37
N GLU B 52 73.01 27.70 -25.26
CA GLU B 52 73.32 26.47 -24.55
C GLU B 52 73.22 26.61 -23.03
N SER B 53 73.29 27.84 -22.51
CA SER B 53 73.19 28.10 -21.08
C SER B 53 71.76 28.36 -20.63
N ILE B 54 70.77 28.23 -21.52
CA ILE B 54 69.38 28.51 -21.18
C ILE B 54 68.74 27.25 -20.64
N GLU B 55 68.25 27.31 -19.41
CA GLU B 55 67.51 26.22 -18.79
C GLU B 55 66.03 26.53 -18.91
N PHE B 56 65.35 25.81 -19.80
CA PHE B 56 63.91 26.02 -20.03
C PHE B 56 63.26 24.69 -20.35
N PRO B 57 62.90 23.92 -19.33
CA PRO B 57 62.15 22.68 -19.56
C PRO B 57 60.73 22.97 -20.00
N VAL B 58 60.20 22.09 -20.85
CA VAL B 58 58.85 22.21 -21.36
C VAL B 58 58.08 20.95 -20.99
N SER B 59 56.90 21.13 -20.38
CA SER B 59 56.04 20.00 -20.07
C SER B 59 55.58 19.35 -21.36
N GLU B 60 55.79 18.04 -21.48
CA GLU B 60 55.44 17.31 -22.68
C GLU B 60 54.77 16.00 -22.28
N ALA B 61 54.38 15.22 -23.30
CA ALA B 61 53.73 13.94 -23.08
C ALA B 61 53.89 13.12 -24.36
N ARG B 62 54.71 12.08 -24.30
CA ARG B 62 54.95 11.22 -25.44
C ARG B 62 54.59 9.78 -25.09
N VAL B 63 54.20 9.02 -26.11
CA VAL B 63 53.75 7.65 -25.92
C VAL B 63 54.96 6.71 -25.98
N LEU B 64 54.88 5.62 -25.24
CA LEU B 64 55.88 4.56 -25.28
C LEU B 64 55.33 3.25 -25.81
N GLU B 65 54.10 2.90 -25.46
CA GLU B 65 53.39 1.76 -26.02
C GLU B 65 52.08 2.26 -26.61
N ASP B 66 51.89 2.04 -27.91
CA ASP B 66 50.69 2.47 -28.62
C ASP B 66 50.21 1.35 -29.54
N ARG B 67 49.91 0.20 -28.95
CA ARG B 67 49.34 -0.89 -29.73
C ARG B 67 47.97 -0.48 -30.28
N PRO B 68 47.64 -0.90 -31.49
CA PRO B 68 46.30 -0.60 -32.02
C PRO B 68 45.24 -1.44 -31.32
N LEU B 69 44.07 -0.83 -31.15
CA LEU B 69 42.93 -1.55 -30.59
C LEU B 69 42.56 -2.73 -31.48
N SER B 70 42.27 -3.86 -30.86
CA SER B 70 41.96 -5.07 -31.61
C SER B 70 40.54 -5.01 -32.17
N ASP B 71 40.37 -5.58 -33.37
CA ASP B 71 39.05 -5.70 -33.96
C ASP B 71 38.30 -6.93 -33.46
N LYS B 72 39.02 -7.95 -32.98
CA LYS B 72 38.41 -9.19 -32.54
C LYS B 72 39.11 -9.68 -31.28
N GLY B 73 38.32 -9.98 -30.24
CA GLY B 73 38.84 -10.64 -29.05
C GLY B 73 39.05 -12.13 -29.19
N SER B 74 38.51 -12.72 -30.26
CA SER B 74 38.74 -14.13 -30.53
C SER B 74 40.19 -14.39 -30.90
N GLY B 75 40.58 -15.66 -30.81
CA GLY B 75 41.95 -16.02 -31.10
C GLY B 75 42.92 -15.39 -30.11
N ASP B 76 44.21 -15.55 -30.45
CA ASP B 76 45.33 -15.02 -29.68
C ASP B 76 45.42 -15.65 -28.29
N SER B 77 46.63 -15.69 -27.74
CA SER B 77 46.81 -16.07 -26.35
C SER B 77 46.59 -14.85 -25.47
N SER B 78 45.44 -14.20 -25.65
CA SER B 78 45.09 -12.96 -24.96
C SER B 78 46.08 -11.85 -25.28
N GLN B 79 46.46 -11.75 -26.56
CA GLN B 79 47.15 -10.58 -27.08
C GLN B 79 46.16 -9.53 -27.56
N VAL B 80 45.05 -9.38 -26.85
CA VAL B 80 43.98 -8.47 -27.23
C VAL B 80 44.23 -7.12 -26.57
N THR B 81 44.06 -6.05 -27.35
CA THR B 81 44.25 -4.69 -26.87
C THR B 81 42.88 -4.02 -26.74
N GLN B 82 42.53 -3.62 -25.51
CA GLN B 82 41.29 -2.90 -25.26
C GLN B 82 41.51 -1.42 -24.96
N VAL B 83 42.71 -1.02 -24.55
CA VAL B 83 43.01 0.36 -24.19
C VAL B 83 44.20 0.82 -25.03
N SER B 84 44.15 2.08 -25.48
CA SER B 84 45.24 2.65 -26.25
C SER B 84 45.34 4.13 -25.92
N PRO B 85 46.53 4.66 -25.62
CA PRO B 85 47.78 3.89 -25.54
C PRO B 85 47.87 3.08 -24.26
N GLN B 86 48.86 2.18 -24.17
CA GLN B 86 49.04 1.36 -22.98
C GLN B 86 50.07 1.93 -22.01
N ARG B 87 50.88 2.90 -22.44
CA ARG B 87 51.92 3.47 -21.60
C ARG B 87 52.38 4.78 -22.23
N ILE B 88 52.50 5.83 -21.42
CA ILE B 88 53.01 7.12 -21.87
C ILE B 88 53.98 7.65 -20.83
N ALA B 89 54.92 8.47 -21.29
CA ALA B 89 55.83 9.21 -20.42
C ALA B 89 55.31 10.64 -20.28
N LEU B 90 55.27 11.12 -19.04
CA LEU B 90 54.73 12.44 -18.73
C LEU B 90 55.78 13.23 -17.98
N ARG B 91 56.10 14.43 -18.49
CA ARG B 91 57.08 15.31 -17.88
C ARG B 91 56.39 16.61 -17.51
N LEU B 92 56.61 17.07 -16.28
CA LEU B 92 55.94 18.25 -15.76
C LEU B 92 56.90 19.09 -14.94
N ARG B 93 56.83 20.41 -15.11
CA ARG B 93 57.54 21.35 -14.29
C ARG B 93 56.59 21.97 -13.27
N PRO B 94 57.10 22.58 -12.20
CA PRO B 94 56.22 22.98 -11.08
C PRO B 94 55.04 23.83 -11.51
N ASP B 95 53.87 23.49 -10.97
CA ASP B 95 52.62 24.23 -11.14
C ASP B 95 52.17 24.32 -12.60
N ASP B 96 52.69 23.45 -13.46
CA ASP B 96 52.28 23.36 -14.85
C ASP B 96 51.31 22.20 -15.03
N SER B 97 50.78 22.08 -16.25
CA SER B 97 49.82 21.03 -16.56
C SER B 97 49.96 20.65 -18.04
N LYS B 98 49.90 19.34 -18.30
CA LYS B 98 49.94 18.79 -19.65
C LYS B 98 48.75 17.86 -19.83
N ASN B 99 48.26 17.75 -21.06
CA ASN B 99 47.14 16.88 -21.33
C ASN B 99 47.56 15.71 -22.22
N PHE B 100 46.73 14.67 -22.21
CA PHE B 100 46.91 13.49 -23.04
C PHE B 100 45.54 12.82 -23.20
N SER B 101 45.49 11.81 -24.06
CA SER B 101 44.26 11.12 -24.39
C SER B 101 44.36 9.63 -24.12
N ILE B 102 43.21 8.98 -24.09
CA ILE B 102 43.12 7.53 -23.93
C ILE B 102 41.90 7.03 -24.69
N GLN B 103 42.05 5.88 -25.33
CA GLN B 103 40.97 5.26 -26.09
C GLN B 103 40.60 3.93 -25.46
N VAL B 104 39.30 3.66 -25.38
CA VAL B 104 38.76 2.44 -24.81
C VAL B 104 37.76 1.84 -25.79
N ARG B 105 37.84 0.53 -26.00
CA ARG B 105 36.95 -0.18 -26.91
C ARG B 105 36.39 -1.41 -26.21
N GLN B 106 35.08 -1.59 -26.31
CA GLN B 106 34.41 -2.82 -25.87
C GLN B 106 34.54 -3.83 -27.00
N VAL B 107 35.60 -4.63 -26.94
CA VAL B 107 35.97 -5.47 -28.07
C VAL B 107 34.89 -6.52 -28.35
N GLU B 108 34.73 -6.85 -29.64
CA GLU B 108 33.77 -7.83 -30.09
C GLU B 108 34.37 -9.24 -30.02
N ASP B 109 33.51 -10.21 -29.72
CA ASP B 109 33.88 -11.63 -29.68
C ASP B 109 34.90 -11.92 -28.57
N TYR B 110 34.66 -11.35 -27.39
CA TYR B 110 35.50 -11.53 -26.22
C TYR B 110 35.04 -12.75 -25.42
N PRO B 111 35.97 -13.57 -24.91
CA PRO B 111 35.57 -14.79 -24.20
C PRO B 111 34.74 -14.48 -22.96
N VAL B 112 33.91 -15.45 -22.57
CA VAL B 112 32.93 -15.28 -21.51
C VAL B 112 32.91 -16.52 -20.62
N ASP B 113 32.93 -16.32 -19.31
CA ASP B 113 32.70 -17.38 -18.34
C ASP B 113 31.36 -17.14 -17.66
N ILE B 114 30.56 -18.19 -17.51
CA ILE B 114 29.24 -18.10 -16.88
C ILE B 114 29.14 -19.25 -15.89
N TYR B 115 29.04 -18.93 -14.61
CA TYR B 115 28.87 -19.91 -13.56
C TYR B 115 27.47 -19.77 -13.00
N TYR B 116 26.64 -20.80 -13.22
CA TYR B 116 25.25 -20.79 -12.78
C TYR B 116 25.20 -21.27 -11.33
N LEU B 117 24.88 -20.36 -10.42
CA LEU B 117 24.76 -20.66 -9.00
C LEU B 117 23.28 -20.68 -8.65
N MET B 118 22.75 -21.87 -8.33
CA MET B 118 21.32 -22.10 -8.28
C MET B 118 20.85 -22.46 -6.88
N ASP B 119 19.84 -21.74 -6.40
CA ASP B 119 19.11 -22.15 -5.20
C ASP B 119 18.48 -23.51 -5.45
N LEU B 120 18.75 -24.46 -4.58
CA LEU B 120 18.14 -25.79 -4.70
C LEU B 120 17.37 -26.17 -3.44
N SER B 121 16.78 -25.18 -2.78
CA SER B 121 15.81 -25.47 -1.74
C SER B 121 14.53 -26.02 -2.38
N TYR B 122 13.69 -26.63 -1.54
CA TYR B 122 12.47 -27.25 -2.05
C TYR B 122 11.63 -26.26 -2.86
N SER B 123 11.71 -24.97 -2.54
CA SER B 123 10.95 -23.98 -3.28
C SER B 123 11.35 -23.90 -4.74
N MET B 124 12.55 -24.38 -5.09
CA MET B 124 13.07 -24.33 -6.44
C MET B 124 12.89 -25.65 -7.18
N LYS B 125 12.02 -26.53 -6.69
CA LYS B 125 11.87 -27.84 -7.31
C LYS B 125 11.36 -27.72 -8.74
N ASP B 126 10.32 -26.92 -8.96
CA ASP B 126 9.78 -26.73 -10.30
C ASP B 126 10.81 -26.11 -11.24
N ASP B 127 11.76 -25.35 -10.70
CA ASP B 127 12.73 -24.66 -11.55
C ASP B 127 13.72 -25.62 -12.19
N LEU B 128 14.09 -26.69 -11.49
CA LEU B 128 15.09 -27.61 -12.01
C LEU B 128 14.65 -28.24 -13.32
N TRP B 129 13.37 -28.57 -13.43
CA TRP B 129 12.86 -29.27 -14.61
C TRP B 129 12.86 -28.42 -15.87
N SER B 130 13.00 -27.10 -15.75
CA SER B 130 12.91 -26.22 -16.91
C SER B 130 14.25 -25.89 -17.54
N ILE B 131 15.36 -26.20 -16.87
CA ILE B 131 16.68 -25.83 -17.36
C ILE B 131 17.50 -27.06 -17.76
N GLN B 132 16.85 -28.22 -17.93
CA GLN B 132 17.58 -29.42 -18.32
C GLN B 132 18.07 -29.36 -19.76
N ASN B 133 17.67 -28.35 -20.53
CA ASN B 133 18.16 -28.16 -21.89
C ASN B 133 18.89 -26.82 -22.03
N LEU B 134 19.15 -26.13 -20.92
CA LEU B 134 19.65 -24.76 -20.96
C LEU B 134 21.03 -24.66 -21.60
N GLY B 135 21.97 -25.48 -21.15
CA GLY B 135 23.34 -25.39 -21.64
C GLY B 135 23.45 -25.39 -23.15
N THR B 136 22.69 -26.28 -23.81
CA THR B 136 22.70 -26.29 -25.27
C THR B 136 22.01 -25.05 -25.83
N LYS B 137 20.87 -24.66 -25.25
CA LYS B 137 20.19 -23.44 -25.69
C LYS B 137 21.06 -22.21 -25.45
N LEU B 138 21.79 -22.20 -24.33
CA LEU B 138 22.61 -21.04 -23.98
C LEU B 138 23.80 -20.91 -24.93
N ALA B 139 24.40 -22.03 -25.32
CA ALA B 139 25.49 -21.97 -26.29
C ALA B 139 24.98 -21.48 -27.64
N THR B 140 23.74 -21.85 -28.01
CA THR B 140 23.19 -21.45 -29.29
C THR B 140 23.02 -19.93 -29.36
N GLN B 141 22.58 -19.30 -28.27
CA GLN B 141 22.33 -17.86 -28.28
C GLN B 141 23.61 -17.07 -28.06
N MET B 142 24.51 -17.56 -27.21
CA MET B 142 25.76 -16.85 -26.95
C MET B 142 26.76 -17.00 -28.09
N ARG B 143 26.63 -18.04 -28.91
CA ARG B 143 27.50 -18.20 -30.07
C ARG B 143 27.44 -17.00 -31.02
N LYS B 144 26.35 -16.23 -30.97
CA LYS B 144 26.22 -15.01 -31.76
C LYS B 144 27.05 -13.87 -31.21
N LEU B 145 27.56 -13.99 -29.99
CA LEU B 145 28.34 -12.94 -29.36
C LEU B 145 29.77 -13.33 -29.01
N THR B 146 30.07 -14.62 -28.87
CA THR B 146 31.41 -15.06 -28.50
C THR B 146 31.63 -16.47 -29.02
N SER B 147 32.88 -16.76 -29.40
CA SER B 147 33.26 -18.10 -29.79
C SER B 147 33.99 -18.86 -28.68
N ASN B 148 34.32 -18.20 -27.58
CA ASN B 148 34.97 -18.81 -26.42
C ASN B 148 34.01 -18.70 -25.23
N LEU B 149 33.16 -19.71 -25.07
CA LEU B 149 32.21 -19.76 -23.96
C LEU B 149 32.56 -20.93 -23.05
N ARG B 150 32.58 -20.68 -21.75
CA ARG B 150 32.72 -21.73 -20.74
C ARG B 150 31.60 -21.57 -19.72
N ILE B 151 31.01 -22.68 -19.29
CA ILE B 151 29.90 -22.64 -18.34
C ILE B 151 30.14 -23.68 -17.25
N GLY B 152 29.67 -23.36 -16.04
CA GLY B 152 29.76 -24.26 -14.91
C GLY B 152 28.50 -24.17 -14.08
N PHE B 153 28.47 -24.94 -12.99
CA PHE B 153 27.25 -25.04 -12.21
C PHE B 153 27.59 -25.28 -10.73
N GLY B 154 26.90 -24.54 -9.87
CA GLY B 154 26.94 -24.80 -8.44
C GLY B 154 25.56 -24.66 -7.85
N ALA B 155 25.40 -25.17 -6.63
CA ALA B 155 24.10 -25.22 -5.99
C ALA B 155 24.26 -24.97 -4.49
N PHE B 156 23.20 -24.42 -3.89
CA PHE B 156 23.19 -24.09 -2.47
C PHE B 156 21.79 -24.29 -1.89
N VAL B 157 21.74 -24.43 -0.58
CA VAL B 157 20.48 -24.41 0.17
C VAL B 157 20.64 -23.43 1.32
N ASP B 158 21.13 -23.92 2.46
CA ASP B 158 21.33 -23.09 3.63
C ASP B 158 22.30 -23.81 4.55
N LYS B 159 22.64 -23.19 5.67
CA LYS B 159 23.59 -23.81 6.59
C LYS B 159 22.99 -25.07 7.20
N PRO B 160 23.57 -26.24 6.93
CA PRO B 160 22.99 -27.49 7.45
C PRO B 160 23.12 -27.64 8.95
N VAL B 161 22.37 -26.81 9.70
CA VAL B 161 22.42 -26.82 11.16
C VAL B 161 21.07 -26.33 11.67
N SER B 162 20.67 -26.83 12.83
CA SER B 162 19.49 -26.32 13.49
C SER B 162 19.67 -24.83 13.80
N PRO B 163 18.63 -24.00 13.63
CA PRO B 163 17.25 -24.34 13.28
C PRO B 163 16.92 -24.35 11.79
N TYR B 164 17.88 -23.97 10.93
CA TYR B 164 17.62 -24.00 9.49
C TYR B 164 17.32 -25.43 9.00
N MET B 165 17.83 -26.43 9.70
CA MET B 165 17.75 -27.82 9.29
C MET B 165 16.83 -28.60 10.21
N TYR B 166 15.99 -29.47 9.63
CA TYR B 166 15.21 -30.39 10.43
C TYR B 166 16.12 -31.46 11.01
N ILE B 167 15.97 -31.74 12.30
CA ILE B 167 16.90 -32.66 12.98
C ILE B 167 16.14 -33.75 13.71
N SER B 168 14.85 -33.94 13.39
CA SER B 168 14.11 -35.03 13.98
C SER B 168 12.96 -35.40 13.04
N PRO B 169 12.65 -36.69 12.88
CA PRO B 169 13.31 -37.87 13.45
C PRO B 169 14.67 -38.13 12.80
N PRO B 170 15.43 -39.12 13.28
CA PRO B 170 16.71 -39.44 12.62
C PRO B 170 16.58 -39.64 11.12
N GLU B 171 15.46 -40.17 10.65
CA GLU B 171 15.26 -40.35 9.22
C GLU B 171 15.11 -39.03 8.48
N ALA B 172 14.93 -37.91 9.19
CA ALA B 172 14.81 -36.62 8.52
C ALA B 172 16.16 -36.05 8.13
N LEU B 173 17.24 -36.50 8.76
CA LEU B 173 18.58 -36.03 8.36
C LEU B 173 18.97 -36.60 7.01
N GLU B 174 18.73 -37.90 6.80
CA GLU B 174 19.01 -38.49 5.50
C GLU B 174 18.00 -38.02 4.45
N ASN B 175 16.74 -37.86 4.85
CA ASN B 175 15.67 -37.46 3.93
C ASN B 175 14.84 -36.37 4.61
N PRO B 176 15.14 -35.10 4.32
CA PRO B 176 14.38 -34.01 4.95
C PRO B 176 12.92 -33.99 4.57
N CYS B 177 12.55 -34.57 3.43
CA CYS B 177 11.16 -34.69 3.01
C CYS B 177 10.48 -35.91 3.60
N TYR B 178 10.91 -36.35 4.79
CA TYR B 178 10.37 -37.57 5.39
C TYR B 178 8.88 -37.42 5.69
N ASP B 179 8.50 -36.39 6.45
CA ASP B 179 7.09 -36.24 6.84
C ASP B 179 6.17 -35.88 5.68
N MET B 180 6.68 -35.86 4.45
CA MET B 180 5.91 -35.70 3.23
C MET B 180 5.80 -37.06 2.55
N LYS B 181 5.51 -37.06 1.25
CA LYS B 181 5.40 -38.30 0.49
C LYS B 181 6.42 -38.37 -0.64
N THR B 182 7.60 -37.79 -0.43
CA THR B 182 8.64 -37.80 -1.46
C THR B 182 10.00 -38.00 -0.76
N THR B 183 11.06 -37.90 -1.57
CA THR B 183 12.43 -37.99 -1.10
C THR B 183 13.17 -36.76 -1.59
N CYS B 184 14.10 -36.26 -0.78
CA CYS B 184 14.99 -35.19 -1.22
C CYS B 184 16.36 -35.41 -0.59
N LEU B 185 17.34 -34.65 -1.10
CA LEU B 185 18.72 -34.80 -0.67
C LEU B 185 18.88 -34.32 0.77
N PRO B 186 19.85 -34.89 1.50
CA PRO B 186 20.22 -34.30 2.78
C PRO B 186 20.64 -32.85 2.58
N MET B 187 20.41 -32.04 3.60
CA MET B 187 20.66 -30.61 3.46
C MET B 187 22.16 -30.36 3.27
N PHE B 188 22.47 -29.33 2.48
CA PHE B 188 23.85 -28.95 2.21
C PHE B 188 23.92 -27.44 2.08
N GLY B 189 25.07 -26.88 2.46
CA GLY B 189 25.27 -25.45 2.36
C GLY B 189 25.51 -24.99 0.95
N TYR B 190 26.66 -25.39 0.40
CA TYR B 190 26.99 -25.09 -0.99
C TYR B 190 27.85 -26.21 -1.53
N LYS B 191 27.60 -26.61 -2.78
CA LYS B 191 28.44 -27.62 -3.39
C LYS B 191 28.74 -27.24 -4.83
N HIS B 192 30.03 -27.24 -5.17
CA HIS B 192 30.45 -27.09 -6.54
C HIS B 192 30.14 -28.37 -7.30
N VAL B 193 29.58 -28.24 -8.51
CA VAL B 193 29.14 -29.37 -9.32
C VAL B 193 29.95 -29.48 -10.60
N LEU B 194 30.12 -28.37 -11.32
CA LEU B 194 30.76 -28.41 -12.63
C LEU B 194 31.72 -27.23 -12.78
N THR B 195 33.00 -27.53 -12.97
CA THR B 195 33.99 -26.52 -13.28
C THR B 195 33.72 -25.93 -14.66
N LEU B 196 34.06 -24.64 -14.82
CA LEU B 196 33.88 -23.94 -16.09
C LEU B 196 34.54 -24.68 -17.23
N THR B 197 33.71 -25.13 -18.18
CA THR B 197 34.18 -25.90 -19.34
C THR B 197 33.45 -25.43 -20.58
N ASP B 198 34.06 -25.68 -21.74
CA ASP B 198 33.46 -25.34 -23.02
C ASP B 198 32.59 -26.45 -23.59
N GLN B 199 32.53 -27.60 -22.92
CA GLN B 199 31.67 -28.71 -23.34
C GLN B 199 30.30 -28.51 -22.68
N VAL B 200 29.37 -27.89 -23.41
CA VAL B 200 28.10 -27.48 -22.80
C VAL B 200 27.23 -28.66 -22.42
N THR B 201 27.37 -29.81 -23.11
CA THR B 201 26.55 -30.96 -22.76
C THR B 201 26.91 -31.52 -21.39
N ARG B 202 28.06 -31.15 -20.83
CA ARG B 202 28.35 -31.52 -19.44
C ARG B 202 27.44 -30.76 -18.47
N PHE B 203 27.08 -29.53 -18.81
CA PHE B 203 26.12 -28.79 -17.99
C PHE B 203 24.78 -29.52 -17.96
N ASN B 204 24.25 -29.87 -19.13
CA ASN B 204 22.96 -30.55 -19.23
C ASN B 204 22.92 -31.80 -18.36
N GLU B 205 23.92 -32.67 -18.51
CA GLU B 205 23.86 -33.97 -17.85
C GLU B 205 24.11 -33.87 -16.35
N GLU B 206 24.89 -32.88 -15.92
CA GLU B 206 25.05 -32.66 -14.49
C GLU B 206 23.76 -32.12 -13.88
N VAL B 207 23.10 -31.21 -14.59
CA VAL B 207 21.82 -30.67 -14.14
C VAL B 207 20.79 -31.77 -14.02
N LYS B 208 20.73 -32.67 -15.01
CA LYS B 208 19.74 -33.74 -15.01
C LYS B 208 19.92 -34.71 -13.85
N LYS B 209 21.10 -34.73 -13.21
CA LYS B 209 21.32 -35.56 -12.04
C LYS B 209 21.11 -34.82 -10.72
N GLN B 210 20.96 -33.49 -10.77
CA GLN B 210 20.75 -32.70 -9.56
C GLN B 210 19.33 -32.85 -9.05
N SER B 211 19.15 -32.56 -7.76
CA SER B 211 17.84 -32.57 -7.14
C SER B 211 17.85 -31.61 -5.96
N VAL B 212 16.66 -31.33 -5.42
CA VAL B 212 16.53 -30.30 -4.39
C VAL B 212 16.65 -30.91 -3.00
N SER B 213 16.83 -30.05 -2.00
CA SER B 213 16.76 -30.39 -0.59
C SER B 213 15.72 -29.51 0.07
N ARG B 214 15.58 -29.62 1.38
CA ARG B 214 14.53 -28.91 2.09
C ARG B 214 15.08 -28.38 3.41
N ASN B 215 14.77 -27.12 3.72
CA ASN B 215 15.14 -26.50 4.98
C ASN B 215 13.92 -25.80 5.56
N ARG B 216 14.09 -25.18 6.73
CA ARG B 216 12.95 -24.70 7.50
C ARG B 216 12.59 -23.24 7.21
N ASP B 217 13.58 -22.36 7.10
CA ASP B 217 13.31 -20.94 7.00
C ASP B 217 13.47 -20.44 5.58
N ALA B 218 12.51 -19.62 5.15
CA ALA B 218 12.46 -19.09 3.80
C ALA B 218 13.77 -18.47 3.31
N PRO B 219 14.44 -17.59 4.07
CA PRO B 219 15.74 -17.08 3.57
C PRO B 219 16.72 -18.22 3.42
N GLU B 220 17.63 -18.09 2.46
CA GLU B 220 18.57 -19.16 2.17
C GLU B 220 20.00 -18.62 2.18
N GLY B 221 20.95 -19.52 2.32
CA GLY B 221 22.34 -19.15 2.43
C GLY B 221 23.04 -18.96 1.10
N GLY B 222 22.45 -18.16 0.21
CA GLY B 222 23.07 -17.95 -1.10
C GLY B 222 24.34 -17.13 -1.04
N PHE B 223 24.41 -16.18 -0.10
CA PHE B 223 25.61 -15.35 -0.02
C PHE B 223 26.83 -16.16 0.37
N ASP B 224 26.65 -17.22 1.17
CA ASP B 224 27.76 -18.14 1.41
C ASP B 224 28.29 -18.69 0.09
N ALA B 225 27.39 -19.03 -0.83
CA ALA B 225 27.78 -19.60 -2.11
C ALA B 225 28.36 -18.57 -3.07
N ILE B 226 27.88 -17.32 -3.03
CA ILE B 226 28.47 -16.29 -3.86
C ILE B 226 29.92 -16.06 -3.48
N MET B 227 30.20 -16.07 -2.17
CA MET B 227 31.56 -15.82 -1.70
C MET B 227 32.51 -16.92 -2.18
N GLN B 228 32.14 -18.18 -1.95
CA GLN B 228 33.03 -19.28 -2.30
C GLN B 228 33.20 -19.40 -3.81
N ALA B 229 32.14 -19.12 -4.57
CA ALA B 229 32.26 -19.13 -6.03
C ALA B 229 33.21 -18.05 -6.53
N THR B 230 33.42 -17.00 -5.74
CA THR B 230 34.29 -15.89 -6.13
C THR B 230 35.74 -16.16 -5.76
N VAL B 231 36.00 -16.56 -4.52
CA VAL B 231 37.36 -16.66 -4.03
C VAL B 231 38.03 -18.00 -4.34
N CYS B 232 37.28 -18.98 -4.82
CA CYS B 232 37.88 -20.26 -5.23
C CYS B 232 38.13 -20.22 -6.74
N ASP B 233 39.18 -19.48 -7.12
CA ASP B 233 39.50 -19.28 -8.54
C ASP B 233 39.75 -20.61 -9.23
N GLU B 234 40.57 -21.47 -8.63
CA GLU B 234 41.01 -22.66 -9.32
C GLU B 234 39.87 -23.67 -9.48
N LYS B 235 39.02 -23.79 -8.46
CA LYS B 235 37.98 -24.82 -8.52
C LYS B 235 36.86 -24.43 -9.47
N ILE B 236 36.41 -23.18 -9.42
CA ILE B 236 35.41 -22.72 -10.39
C ILE B 236 36.03 -22.60 -11.78
N GLY B 237 37.26 -22.12 -11.86
CA GLY B 237 37.97 -22.12 -13.12
C GLY B 237 37.83 -20.87 -13.94
N TRP B 238 37.65 -19.71 -13.31
CA TRP B 238 37.63 -18.46 -14.06
C TRP B 238 38.93 -18.30 -14.83
N ARG B 239 38.80 -17.92 -16.11
CA ARG B 239 39.96 -17.64 -16.94
C ARG B 239 40.44 -16.21 -16.71
N ASN B 240 41.74 -16.00 -16.92
CA ASN B 240 42.32 -14.69 -16.67
C ASN B 240 41.74 -13.63 -17.58
N ASP B 241 41.67 -13.91 -18.88
CA ASP B 241 41.22 -12.94 -19.87
C ASP B 241 39.86 -13.37 -20.40
N ALA B 242 38.81 -13.04 -19.63
CA ALA B 242 37.43 -13.32 -20.01
C ALA B 242 36.50 -12.55 -19.09
N SER B 243 35.31 -12.23 -19.61
CA SER B 243 34.27 -11.66 -18.76
C SER B 243 33.70 -12.73 -17.85
N HIS B 244 33.55 -12.40 -16.58
CA HIS B 244 33.12 -13.37 -15.56
C HIS B 244 31.70 -13.02 -15.14
N LEU B 245 30.75 -13.91 -15.42
CA LEU B 245 29.37 -13.73 -15.05
C LEU B 245 28.99 -14.78 -14.00
N LEU B 246 28.51 -14.31 -12.85
CA LEU B 246 28.04 -15.17 -11.78
C LEU B 246 26.52 -14.99 -11.70
N VAL B 247 25.78 -16.02 -12.09
CA VAL B 247 24.32 -15.96 -12.18
C VAL B 247 23.74 -16.57 -10.92
N PHE B 248 23.13 -15.72 -10.10
CA PHE B 248 22.54 -16.11 -8.81
C PHE B 248 21.03 -16.16 -8.99
N THR B 249 20.45 -17.35 -8.84
CA THR B 249 19.01 -17.54 -8.99
C THR B 249 18.43 -17.98 -7.65
N THR B 250 17.36 -17.31 -7.23
CA THR B 250 16.63 -17.72 -6.04
C THR B 250 15.22 -17.15 -6.12
N ASP B 251 14.33 -17.69 -5.29
CA ASP B 251 12.94 -17.25 -5.22
C ASP B 251 12.56 -16.80 -3.81
N ALA B 252 13.53 -16.39 -3.00
CA ALA B 252 13.27 -16.10 -1.61
C ALA B 252 14.26 -15.06 -1.11
N LYS B 253 14.07 -14.66 0.15
CA LYS B 253 15.01 -13.79 0.82
C LYS B 253 16.34 -14.51 1.03
N THR B 254 17.34 -13.76 1.47
CA THR B 254 18.66 -14.31 1.68
C THR B 254 19.15 -13.98 3.07
N HIS B 255 19.99 -14.85 3.61
CA HIS B 255 20.64 -14.56 4.88
C HIS B 255 21.81 -13.62 4.66
N ILE B 256 22.12 -12.84 5.70
CA ILE B 256 23.17 -11.84 5.66
C ILE B 256 24.06 -12.03 6.88
N ALA B 257 25.13 -11.24 6.93
CA ALA B 257 26.06 -11.30 8.07
C ALA B 257 25.33 -11.01 9.36
N LEU B 258 25.68 -11.76 10.40
CA LEU B 258 25.14 -11.73 11.76
C LEU B 258 23.82 -12.50 11.89
N ASP B 259 23.21 -12.94 10.78
CA ASP B 259 22.10 -13.88 10.89
C ASP B 259 22.55 -15.20 11.52
N GLY B 260 23.81 -15.58 11.35
CA GLY B 260 24.29 -16.87 11.82
C GLY B 260 24.21 -17.07 13.32
N ARG B 261 24.06 -15.99 14.09
CA ARG B 261 23.99 -16.13 15.53
C ARG B 261 22.78 -16.95 15.97
N LEU B 262 21.76 -17.06 15.14
CA LEU B 262 20.62 -17.91 15.49
C LEU B 262 20.95 -19.40 15.43
N ALA B 263 22.12 -19.77 14.91
CA ALA B 263 22.56 -21.15 14.92
C ALA B 263 23.76 -21.35 15.84
N GLY B 264 24.12 -20.35 16.64
CA GLY B 264 25.33 -20.40 17.45
C GLY B 264 26.59 -19.98 16.75
N ILE B 265 26.51 -19.48 15.52
CA ILE B 265 27.66 -19.16 14.70
C ILE B 265 27.97 -17.67 14.85
N VAL B 266 29.18 -17.35 15.28
CA VAL B 266 29.52 -15.95 15.53
C VAL B 266 30.80 -15.55 14.83
N GLN B 267 31.56 -16.53 14.34
CA GLN B 267 32.83 -16.23 13.70
C GLN B 267 32.59 -15.53 12.37
N PRO B 268 33.15 -14.33 12.17
CA PRO B 268 32.93 -13.63 10.90
C PRO B 268 33.51 -14.40 9.72
N ASN B 269 32.92 -14.15 8.55
CA ASN B 269 33.42 -14.73 7.31
C ASN B 269 34.84 -14.23 7.02
N ASP B 270 35.74 -15.15 6.67
CA ASP B 270 37.12 -14.76 6.45
C ASP B 270 37.44 -14.44 4.99
N GLY B 271 36.49 -14.63 4.09
CA GLY B 271 36.74 -14.35 2.68
C GLY B 271 37.77 -15.26 2.04
N GLN B 272 38.04 -16.41 2.63
CA GLN B 272 39.00 -17.38 2.10
C GLN B 272 38.25 -18.57 1.51
N CYS B 273 38.93 -19.32 0.64
CA CYS B 273 38.31 -20.50 0.03
C CYS B 273 38.28 -21.63 1.04
N HIS B 274 37.14 -22.30 1.13
CA HIS B 274 36.99 -23.44 2.03
C HIS B 274 36.27 -24.60 1.34
N VAL B 275 36.49 -24.79 0.04
CA VAL B 275 35.86 -25.85 -0.73
C VAL B 275 36.96 -26.81 -1.18
N GLY B 276 36.94 -28.02 -0.63
CA GLY B 276 37.99 -28.98 -0.84
C GLY B 276 37.70 -29.98 -1.94
N SER B 277 38.25 -31.18 -1.79
CA SER B 277 38.11 -32.19 -2.82
C SER B 277 36.69 -32.73 -2.92
N ASP B 278 35.96 -32.73 -1.80
CA ASP B 278 34.57 -33.17 -1.81
C ASP B 278 33.63 -32.17 -2.45
N ASN B 279 34.11 -30.98 -2.81
CA ASN B 279 33.34 -29.95 -3.50
C ASN B 279 32.21 -29.37 -2.65
N HIS B 280 32.29 -29.48 -1.33
CA HIS B 280 31.30 -28.90 -0.44
C HIS B 280 31.94 -27.81 0.42
N TYR B 281 31.13 -26.81 0.77
CA TYR B 281 31.58 -25.74 1.66
C TYR B 281 31.68 -26.28 3.08
N SER B 282 32.89 -26.37 3.61
CA SER B 282 33.11 -27.02 4.90
C SER B 282 32.95 -26.09 6.09
N ALA B 283 33.12 -24.78 5.91
CA ALA B 283 32.89 -23.81 6.98
C ALA B 283 31.43 -23.37 7.06
N SER B 284 30.51 -24.10 6.43
CA SER B 284 29.12 -23.68 6.41
C SER B 284 28.52 -23.65 7.80
N THR B 285 28.91 -24.57 8.67
CA THR B 285 28.33 -24.68 10.00
C THR B 285 29.17 -24.00 11.07
N THR B 286 30.30 -23.40 10.71
CA THR B 286 31.19 -22.78 11.68
C THR B 286 31.48 -21.31 11.39
N MET B 287 31.16 -20.82 10.21
CA MET B 287 31.48 -19.45 9.82
C MET B 287 30.22 -18.74 9.37
N ASP B 288 30.06 -17.49 9.80
CA ASP B 288 28.85 -16.73 9.53
C ASP B 288 28.73 -16.38 8.05
N TYR B 289 27.52 -16.02 7.66
CA TYR B 289 27.29 -15.50 6.32
C TYR B 289 28.16 -14.27 6.08
N PRO B 290 28.51 -13.98 4.83
CA PRO B 290 29.34 -12.80 4.54
C PRO B 290 28.52 -11.52 4.52
N SER B 291 29.24 -10.41 4.70
CA SER B 291 28.64 -9.09 4.62
C SER B 291 28.73 -8.55 3.20
N LEU B 292 27.89 -7.57 2.89
CA LEU B 292 27.86 -7.00 1.55
C LEU B 292 29.19 -6.35 1.20
N GLY B 293 29.80 -5.64 2.15
CA GLY B 293 31.08 -5.01 1.88
C GLY B 293 32.19 -6.02 1.61
N LEU B 294 32.15 -7.14 2.30
CA LEU B 294 33.16 -8.18 2.04
C LEU B 294 32.92 -8.85 0.70
N MET B 295 31.64 -9.10 0.36
CA MET B 295 31.30 -9.63 -0.96
C MET B 295 31.72 -8.68 -2.06
N THR B 296 31.55 -7.37 -1.85
CA THR B 296 31.95 -6.40 -2.86
C THR B 296 33.46 -6.44 -3.07
N GLU B 297 34.22 -6.57 -1.99
CA GLU B 297 35.67 -6.56 -2.10
C GLU B 297 36.17 -7.70 -2.97
N LYS B 298 35.62 -8.89 -2.78
CA LYS B 298 36.08 -10.06 -3.53
C LYS B 298 35.59 -10.00 -4.97
N LEU B 299 34.32 -9.65 -5.18
CA LEU B 299 33.79 -9.54 -6.54
C LEU B 299 34.63 -8.58 -7.37
N SER B 300 35.08 -7.48 -6.78
CA SER B 300 35.95 -6.55 -7.50
C SER B 300 37.36 -7.09 -7.66
N GLN B 301 37.85 -7.83 -6.68
CA GLN B 301 39.20 -8.37 -6.73
C GLN B 301 39.35 -9.38 -7.87
N LYS B 302 38.32 -10.19 -8.10
CA LYS B 302 38.35 -11.24 -9.09
C LYS B 302 37.64 -10.87 -10.40
N ASN B 303 37.18 -9.62 -10.53
CA ASN B 303 36.49 -9.15 -11.74
C ASN B 303 35.25 -9.99 -12.04
N ILE B 304 34.46 -10.27 -11.01
CA ILE B 304 33.24 -11.04 -11.13
C ILE B 304 32.07 -10.06 -11.25
N ASN B 305 31.24 -10.25 -12.27
CA ASN B 305 30.01 -9.47 -12.46
C ASN B 305 28.85 -10.32 -11.95
N LEU B 306 28.32 -9.94 -10.79
CA LEU B 306 27.23 -10.71 -10.18
C LEU B 306 25.90 -10.33 -10.81
N ILE B 307 25.05 -11.33 -11.01
CA ILE B 307 23.74 -11.16 -11.64
C ILE B 307 22.69 -11.78 -10.74
N PHE B 308 21.79 -10.94 -10.23
CA PHE B 308 20.67 -11.39 -9.39
C PHE B 308 19.49 -11.72 -10.30
N ALA B 309 19.33 -13.01 -10.62
CA ALA B 309 18.17 -13.47 -11.39
C ALA B 309 17.17 -14.03 -10.39
N VAL B 310 16.25 -13.18 -9.94
CA VAL B 310 15.32 -13.54 -8.89
C VAL B 310 13.89 -13.34 -9.37
N THR B 311 12.96 -13.96 -8.65
CA THR B 311 11.55 -13.88 -8.99
C THR B 311 10.97 -12.53 -8.56
N GLU B 312 9.79 -12.21 -9.11
CA GLU B 312 9.22 -10.87 -8.93
C GLU B 312 8.90 -10.56 -7.48
N ASN B 313 8.65 -11.58 -6.67
CA ASN B 313 8.31 -11.33 -5.28
C ASN B 313 9.47 -10.78 -4.46
N VAL B 314 10.69 -10.78 -5.01
CA VAL B 314 11.88 -10.33 -4.29
C VAL B 314 12.77 -9.48 -5.19
N VAL B 315 12.23 -8.97 -6.29
CA VAL B 315 13.04 -8.14 -7.17
C VAL B 315 13.42 -6.83 -6.48
N ASN B 316 12.44 -6.16 -5.87
CA ASN B 316 12.75 -4.92 -5.15
C ASN B 316 13.80 -5.15 -4.08
N LEU B 317 13.75 -6.31 -3.43
CA LEU B 317 14.78 -6.63 -2.44
C LEU B 317 16.16 -6.67 -3.08
N TYR B 318 16.34 -7.51 -4.09
CA TYR B 318 17.65 -7.65 -4.69
C TYR B 318 18.03 -6.46 -5.56
N GLN B 319 17.07 -5.66 -6.01
CA GLN B 319 17.42 -4.40 -6.66
CA GLN B 319 17.41 -4.39 -6.65
C GLN B 319 18.07 -3.45 -5.66
N ASN B 320 17.62 -3.48 -4.40
CA ASN B 320 18.18 -2.58 -3.40
C ASN B 320 19.55 -3.06 -2.93
N TYR B 321 19.73 -4.38 -2.82
CA TYR B 321 21.06 -4.94 -2.58
C TYR B 321 22.01 -4.59 -3.71
N SER B 322 21.51 -4.63 -4.96
CA SER B 322 22.34 -4.34 -6.12
C SER B 322 22.87 -2.91 -6.09
N GLU B 323 22.14 -1.98 -5.48
CA GLU B 323 22.59 -0.61 -5.34
C GLU B 323 23.68 -0.45 -4.30
N LEU B 324 23.78 -1.38 -3.36
CA LEU B 324 24.85 -1.40 -2.36
C LEU B 324 26.05 -2.21 -2.82
N ILE B 325 25.97 -2.85 -3.98
CA ILE B 325 27.08 -3.60 -4.57
C ILE B 325 27.28 -3.12 -6.00
N PRO B 326 28.02 -2.03 -6.22
CA PRO B 326 28.16 -1.50 -7.57
C PRO B 326 28.70 -2.52 -8.55
N GLY B 327 28.22 -2.45 -9.80
CA GLY B 327 28.55 -3.40 -10.83
C GLY B 327 27.61 -4.59 -10.93
N THR B 328 26.60 -4.66 -10.07
CA THR B 328 25.68 -5.79 -10.05
C THR B 328 24.46 -5.50 -10.92
N THR B 329 23.95 -6.53 -11.57
CA THR B 329 22.80 -6.44 -12.46
C THR B 329 21.67 -7.31 -11.92
N VAL B 330 20.43 -6.88 -12.15
CA VAL B 330 19.26 -7.64 -11.73
C VAL B 330 18.42 -7.97 -12.94
N GLY B 331 17.89 -9.19 -12.96
CA GLY B 331 16.91 -9.58 -13.95
C GLY B 331 15.77 -10.33 -13.28
N VAL B 332 14.58 -10.20 -13.87
CA VAL B 332 13.37 -10.77 -13.30
C VAL B 332 13.21 -12.20 -13.80
N LEU B 333 13.11 -13.15 -12.87
CA LEU B 333 13.04 -14.56 -13.18
C LEU B 333 11.60 -15.06 -13.03
N SER B 334 11.20 -15.95 -13.92
N SER B 334 11.19 -15.94 -13.93
CA SER B 334 9.88 -16.55 -13.84
CA SER B 334 9.86 -16.52 -13.83
C SER B 334 9.81 -17.54 -12.67
C SER B 334 9.81 -17.55 -12.70
N MET B 335 8.60 -17.96 -12.34
CA MET B 335 8.40 -18.91 -11.25
C MET B 335 9.03 -20.27 -11.50
N ASP B 336 9.46 -20.55 -12.74
CA ASP B 336 10.07 -21.83 -13.09
C ASP B 336 11.35 -21.65 -13.91
N SER B 337 11.96 -20.47 -13.83
CA SER B 337 13.22 -20.18 -14.51
C SER B 337 13.12 -20.42 -16.02
N SER B 338 11.91 -20.32 -16.56
CA SER B 338 11.73 -20.59 -17.99
C SER B 338 12.37 -19.51 -18.86
N ASN B 339 12.56 -18.31 -18.32
CA ASN B 339 13.08 -17.18 -19.07
C ASN B 339 14.53 -16.86 -18.76
N VAL B 340 15.22 -17.74 -18.02
CA VAL B 340 16.58 -17.44 -17.57
C VAL B 340 17.53 -17.28 -18.74
N LEU B 341 17.23 -17.90 -19.88
CA LEU B 341 18.10 -17.79 -21.04
C LEU B 341 18.16 -16.36 -21.56
N GLN B 342 17.00 -15.77 -21.84
CA GLN B 342 16.98 -14.38 -22.32
C GLN B 342 17.46 -13.42 -21.24
N LEU B 343 17.22 -13.74 -19.97
CA LEU B 343 17.64 -12.87 -18.88
C LEU B 343 19.15 -12.70 -18.86
N ILE B 344 19.88 -13.81 -19.03
CA ILE B 344 21.34 -13.75 -18.99
C ILE B 344 21.88 -12.95 -20.17
N VAL B 345 21.28 -13.12 -21.35
CA VAL B 345 21.75 -12.41 -22.53
C VAL B 345 21.55 -10.91 -22.39
N ASP B 346 20.40 -10.49 -21.84
CA ASP B 346 20.17 -9.06 -21.62
C ASP B 346 21.16 -8.51 -20.61
N ALA B 347 21.49 -9.28 -19.58
CA ALA B 347 22.42 -8.80 -18.56
C ALA B 347 23.82 -8.63 -19.13
N TYR B 348 24.26 -9.57 -19.98
CA TYR B 348 25.59 -9.47 -20.56
C TYR B 348 25.72 -8.24 -21.45
N GLY B 349 24.68 -7.91 -22.21
CA GLY B 349 24.70 -6.68 -22.99
C GLY B 349 24.66 -5.45 -22.10
N LYS B 350 23.89 -5.51 -21.01
CA LYS B 350 23.85 -4.38 -20.09
C LYS B 350 25.18 -4.22 -19.37
N ILE B 351 25.89 -5.32 -19.12
CA ILE B 351 27.18 -5.24 -18.44
C ILE B 351 28.21 -4.56 -19.33
N ARG B 352 28.30 -4.98 -20.58
CA ARG B 352 29.26 -4.42 -21.52
C ARG B 352 28.75 -3.17 -22.23
N SER B 353 27.76 -2.49 -21.66
CA SER B 353 27.24 -1.24 -22.20
C SER B 353 27.79 -0.02 -21.48
N LYS B 354 28.85 -0.18 -20.70
CA LYS B 354 29.40 0.90 -19.89
C LYS B 354 30.92 0.85 -19.88
N VAL B 355 31.53 2.04 -19.89
CA VAL B 355 32.96 2.20 -19.70
C VAL B 355 33.16 3.28 -18.64
N GLU B 356 33.77 2.91 -17.53
CA GLU B 356 33.96 3.82 -16.40
C GLU B 356 35.43 3.79 -16.00
N LEU B 357 36.12 4.92 -16.17
CA LEU B 357 37.54 4.99 -15.87
C LEU B 357 37.78 4.99 -14.37
N GLU B 358 38.89 4.38 -13.96
CA GLU B 358 39.31 4.33 -12.57
C GLU B 358 40.80 4.59 -12.51
N VAL B 359 41.24 5.25 -11.44
CA VAL B 359 42.64 5.63 -11.25
C VAL B 359 43.19 4.88 -10.06
N ARG B 360 44.45 4.45 -10.18
CA ARG B 360 45.15 3.73 -9.12
C ARG B 360 46.52 4.36 -8.90
N ASP B 361 46.91 4.48 -7.63
CA ASP B 361 48.24 4.95 -7.22
C ASP B 361 48.52 6.38 -7.70
N LEU B 362 47.49 7.22 -7.73
CA LEU B 362 47.69 8.60 -8.10
C LEU B 362 48.40 9.35 -6.96
N PRO B 363 49.49 10.06 -7.24
CA PRO B 363 50.18 10.81 -6.19
C PRO B 363 49.28 11.88 -5.59
N GLU B 364 49.66 12.33 -4.38
CA GLU B 364 48.88 13.32 -3.67
C GLU B 364 48.87 14.67 -4.39
N GLU B 365 50.02 15.07 -4.95
CA GLU B 365 50.15 16.39 -5.56
C GLU B 365 49.53 16.47 -6.95
N LEU B 366 49.14 15.35 -7.54
CA LEU B 366 48.55 15.35 -8.88
C LEU B 366 47.03 15.34 -8.78
N SER B 367 46.38 16.15 -9.62
CA SER B 367 44.94 16.19 -9.75
C SER B 367 44.57 16.05 -11.21
N LEU B 368 43.52 15.27 -11.49
CA LEU B 368 43.13 14.95 -12.85
C LEU B 368 41.75 15.53 -13.17
N SER B 369 41.51 15.70 -14.45
CA SER B 369 40.23 16.16 -14.98
C SER B 369 39.96 15.43 -16.30
N PHE B 370 38.69 15.24 -16.61
CA PHE B 370 38.27 14.34 -17.68
C PHE B 370 37.20 14.97 -18.56
N ASN B 371 37.32 14.69 -19.86
CA ASN B 371 36.30 15.03 -20.86
C ASN B 371 36.00 13.79 -21.68
N ALA B 372 34.77 13.30 -21.58
CA ALA B 372 34.37 12.08 -22.26
C ALA B 372 33.84 12.38 -23.66
N THR B 373 33.91 11.34 -24.53
CA THR B 373 33.44 11.44 -25.91
C THR B 373 32.65 10.15 -26.22
N CYS B 374 31.45 10.06 -25.68
CA CYS B 374 30.59 8.93 -25.97
C CYS B 374 29.78 9.20 -27.23
N LEU B 375 29.02 8.19 -27.65
CA LEU B 375 28.07 8.28 -28.79
C LEU B 375 28.87 8.66 -30.03
N ASN B 376 28.51 9.74 -30.74
CA ASN B 376 29.17 10.17 -31.97
C ASN B 376 29.86 11.50 -31.70
N ASN B 377 31.12 11.43 -31.26
CA ASN B 377 32.00 12.60 -31.16
C ASN B 377 31.40 13.71 -30.30
N GLU B 378 30.55 13.37 -29.35
CA GLU B 378 29.92 14.35 -28.48
C GLU B 378 30.74 14.48 -27.20
N VAL B 379 31.38 15.63 -27.01
CA VAL B 379 32.21 15.85 -25.83
C VAL B 379 31.32 16.09 -24.61
N ILE B 380 31.70 15.50 -23.48
CA ILE B 380 31.00 15.68 -22.22
C ILE B 380 32.00 16.05 -21.14
N PRO B 381 32.13 17.33 -20.79
CA PRO B 381 33.17 17.74 -19.85
C PRO B 381 32.89 17.28 -18.44
N GLY B 382 33.97 17.10 -17.66
CA GLY B 382 33.83 16.69 -16.27
C GLY B 382 33.17 15.34 -16.08
N LEU B 383 33.49 14.38 -16.95
CA LEU B 383 32.89 13.06 -16.89
C LEU B 383 33.93 12.02 -17.29
N LYS B 384 33.94 10.90 -16.57
CA LYS B 384 34.90 9.82 -16.82
C LYS B 384 34.19 8.47 -16.98
N SER B 385 32.96 8.48 -17.48
CA SER B 385 32.19 7.26 -17.66
C SER B 385 31.17 7.44 -18.77
N CYS B 386 31.10 6.45 -19.66
CA CYS B 386 30.13 6.39 -20.73
C CYS B 386 29.10 5.31 -20.45
N MET B 387 27.91 5.47 -21.03
CA MET B 387 26.82 4.52 -20.87
C MET B 387 26.08 4.38 -22.19
N GLY B 388 25.24 3.34 -22.25
CA GLY B 388 24.46 3.09 -23.45
C GLY B 388 25.27 2.60 -24.63
N LEU B 389 26.34 1.86 -24.37
CA LEU B 389 27.23 1.38 -25.42
C LEU B 389 26.79 0.01 -25.92
N LYS B 390 27.35 -0.39 -27.06
CA LYS B 390 27.15 -1.71 -27.62
C LYS B 390 28.51 -2.38 -27.81
N ILE B 391 28.48 -3.68 -28.07
CA ILE B 391 29.72 -4.41 -28.37
C ILE B 391 30.31 -3.87 -29.65
N GLY B 392 31.60 -3.55 -29.62
CA GLY B 392 32.28 -3.00 -30.77
C GLY B 392 32.39 -1.48 -30.78
N ASP B 393 31.64 -0.80 -29.91
CA ASP B 393 31.74 0.65 -29.82
C ASP B 393 33.07 1.06 -29.20
N THR B 394 33.47 2.31 -29.47
CA THR B 394 34.72 2.85 -28.97
C THR B 394 34.49 4.27 -28.46
N VAL B 395 35.05 4.57 -27.30
CA VAL B 395 34.98 5.88 -26.69
C VAL B 395 36.41 6.38 -26.45
N SER B 396 36.51 7.67 -26.12
CA SER B 396 37.80 8.27 -25.82
C SER B 396 37.62 9.37 -24.78
N PHE B 397 38.68 9.60 -24.01
CA PHE B 397 38.68 10.59 -22.93
C PHE B 397 39.90 11.48 -23.07
N SER B 398 39.70 12.77 -22.81
CA SER B 398 40.80 13.73 -22.76
C SER B 398 41.12 14.02 -21.29
N ILE B 399 42.39 13.91 -20.94
CA ILE B 399 42.84 13.97 -19.55
C ILE B 399 43.88 15.06 -19.41
N GLU B 400 43.81 15.81 -18.31
CA GLU B 400 44.78 16.85 -17.98
C GLU B 400 45.25 16.66 -16.56
N ALA B 401 46.55 16.50 -16.37
CA ALA B 401 47.17 16.34 -15.06
C ALA B 401 47.76 17.67 -14.61
N LYS B 402 47.39 18.10 -13.40
CA LYS B 402 47.83 19.37 -12.84
C LYS B 402 48.59 19.09 -11.55
N VAL B 403 49.88 19.43 -11.52
CA VAL B 403 50.75 19.19 -10.37
C VAL B 403 50.81 20.44 -9.52
N ARG B 404 50.84 20.25 -8.19
CA ARG B 404 50.90 21.34 -7.22
C ARG B 404 52.32 21.42 -6.68
N GLY B 405 53.01 22.52 -6.98
CA GLY B 405 54.37 22.68 -6.49
C GLY B 405 55.32 21.65 -7.11
N CYS B 406 56.28 21.19 -6.31
CA CYS B 406 57.21 20.14 -6.75
C CYS B 406 57.33 19.14 -5.62
N PRO B 407 57.19 17.85 -5.90
CA PRO B 407 57.30 16.84 -4.85
C PRO B 407 58.75 16.42 -4.63
N GLN B 408 58.94 15.64 -3.57
CA GLN B 408 60.29 15.15 -3.25
C GLN B 408 60.74 14.10 -4.25
N GLU B 409 59.96 13.02 -4.38
CA GLU B 409 60.29 11.98 -5.36
C GLU B 409 60.05 12.52 -6.78
N LYS B 410 61.08 12.44 -7.62
CA LYS B 410 61.01 13.03 -8.94
C LYS B 410 60.46 12.08 -10.00
N GLU B 411 60.19 10.83 -9.67
CA GLU B 411 59.71 9.86 -10.65
C GLU B 411 58.72 8.91 -9.97
N LYS B 412 57.45 9.01 -10.35
CA LYS B 412 56.39 8.15 -9.87
C LYS B 412 55.61 7.61 -11.08
N SER B 413 54.62 6.76 -10.82
CA SER B 413 53.82 6.19 -11.90
C SER B 413 52.46 5.79 -11.35
N PHE B 414 51.41 6.00 -12.15
CA PHE B 414 50.05 5.64 -11.79
C PHE B 414 49.36 5.01 -13.00
N THR B 415 48.14 4.53 -12.78
CA THR B 415 47.44 3.71 -13.76
C THR B 415 46.03 4.24 -14.00
N ILE B 416 45.61 4.21 -15.26
CA ILE B 416 44.24 4.50 -15.68
C ILE B 416 43.66 3.21 -16.24
N LYS B 417 42.59 2.70 -15.61
CA LYS B 417 42.02 1.42 -16.00
C LYS B 417 40.50 1.45 -15.96
N PRO B 418 39.82 1.04 -17.02
CA PRO B 418 38.36 0.88 -16.97
C PRO B 418 37.98 -0.25 -16.02
N VAL B 419 36.80 -0.12 -15.43
CA VAL B 419 36.34 -1.10 -14.45
C VAL B 419 36.05 -2.43 -15.14
N GLY B 420 36.62 -3.52 -14.60
CA GLY B 420 36.44 -4.83 -15.16
C GLY B 420 37.37 -5.18 -16.30
N PHE B 421 38.05 -4.21 -16.89
CA PHE B 421 38.91 -4.46 -18.04
C PHE B 421 40.26 -5.02 -17.59
N LYS B 422 40.89 -5.76 -18.51
CA LYS B 422 42.21 -6.33 -18.22
C LYS B 422 43.32 -5.30 -18.47
N ASP B 423 43.32 -4.69 -19.65
CA ASP B 423 44.35 -3.73 -20.01
C ASP B 423 44.13 -2.41 -19.27
N SER B 424 45.10 -1.52 -19.43
CA SER B 424 45.09 -0.23 -18.73
C SER B 424 46.10 0.68 -19.40
N LEU B 425 46.19 1.91 -18.90
CA LEU B 425 47.15 2.91 -19.36
C LEU B 425 48.05 3.28 -18.19
N ILE B 426 49.35 3.06 -18.33
CA ILE B 426 50.33 3.37 -17.31
C ILE B 426 50.98 4.70 -17.66
N VAL B 427 50.92 5.65 -16.72
CA VAL B 427 51.47 6.99 -16.92
C VAL B 427 52.74 7.10 -16.09
N GLN B 428 53.90 7.15 -16.75
CA GLN B 428 55.18 7.31 -16.08
C GLN B 428 55.48 8.81 -15.99
N VAL B 429 55.40 9.35 -14.77
CA VAL B 429 55.57 10.77 -14.55
C VAL B 429 57.01 11.06 -14.17
N THR B 430 57.53 12.18 -14.66
CA THR B 430 58.86 12.66 -14.29
C THR B 430 58.76 14.15 -14.00
N PHE B 431 59.06 14.55 -12.77
CA PHE B 431 58.94 15.94 -12.35
C PHE B 431 60.28 16.64 -12.61
N ASP B 432 60.35 17.41 -13.68
CA ASP B 432 61.58 18.13 -14.05
C ASP B 432 61.59 19.46 -13.32
N CYS B 433 62.04 19.44 -12.07
CA CYS B 433 62.11 20.65 -11.27
C CYS B 433 63.52 21.25 -11.27
N ASP B 434 64.54 20.43 -11.46
CA ASP B 434 65.92 20.85 -11.35
C ASP B 434 66.46 21.31 -12.70
N CYS B 435 67.64 21.92 -12.67
CA CYS B 435 68.36 22.35 -13.85
C CYS B 435 69.52 21.40 -14.13
N ALA B 436 69.91 21.33 -15.41
CA ALA B 436 71.03 20.48 -15.79
C ALA B 436 72.36 21.04 -15.30
N CYS B 437 72.48 22.37 -15.19
CA CYS B 437 73.70 23.02 -14.69
C CYS B 437 74.01 22.68 -13.24
N GLN B 438 73.02 22.20 -12.48
CA GLN B 438 73.27 21.88 -11.07
C GLN B 438 74.15 20.64 -10.93
N ALA B 439 74.14 19.76 -11.93
CA ALA B 439 75.00 18.57 -11.87
C ALA B 439 76.48 18.92 -11.99
N GLN B 440 76.81 20.13 -12.43
CA GLN B 440 78.20 20.56 -12.60
C GLN B 440 78.50 21.77 -11.72
N ALA B 441 78.04 21.73 -10.48
CA ALA B 441 78.26 22.82 -9.55
C ALA B 441 79.67 22.77 -8.98
N GLU B 442 80.10 23.89 -8.41
CA GLU B 442 81.44 24.02 -7.83
C GLU B 442 81.33 24.25 -6.33
N PRO B 443 81.41 23.20 -5.51
CA PRO B 443 81.40 23.40 -4.05
C PRO B 443 82.70 24.02 -3.56
N ASN B 444 82.58 24.91 -2.57
CA ASN B 444 83.72 25.64 -2.04
C ASN B 444 84.45 26.42 -3.12
N SER B 445 83.68 27.08 -3.98
CA SER B 445 84.25 27.86 -5.07
C SER B 445 85.03 29.06 -4.53
N HIS B 446 86.12 29.39 -5.23
CA HIS B 446 86.91 30.56 -4.91
C HIS B 446 86.39 31.82 -5.62
N ARG B 447 85.18 31.75 -6.17
CA ARG B 447 84.45 32.92 -6.63
C ARG B 447 83.43 33.43 -5.62
N CYS B 448 83.19 32.68 -4.55
CA CYS B 448 82.07 32.95 -3.64
C CYS B 448 82.60 33.09 -2.22
N ASN B 449 82.97 34.32 -1.85
CA ASN B 449 83.23 34.70 -0.45
C ASN B 449 84.33 33.86 0.18
N ASN B 450 85.42 33.68 -0.57
CA ASN B 450 86.62 32.97 -0.11
C ASN B 450 86.29 31.54 0.31
N GLY B 451 85.67 30.79 -0.60
CA GLY B 451 85.37 29.41 -0.32
C GLY B 451 84.26 29.16 0.67
N ASN B 452 83.49 30.18 1.05
CA ASN B 452 82.37 30.04 1.97
C ASN B 452 81.06 29.70 1.26
N GLY B 453 81.10 29.42 -0.04
CA GLY B 453 79.89 29.18 -0.79
C GLY B 453 80.14 28.27 -1.98
N THR B 454 79.08 28.03 -2.74
CA THR B 454 79.08 27.15 -3.90
C THR B 454 78.67 27.93 -5.13
N PHE B 455 79.33 27.63 -6.26
CA PHE B 455 79.07 28.31 -7.53
C PHE B 455 78.36 27.33 -8.47
N GLU B 456 77.07 27.56 -8.71
CA GLU B 456 76.27 26.74 -9.61
C GLU B 456 75.48 27.63 -10.54
N CYS B 457 75.43 27.23 -11.81
CA CYS B 457 74.56 27.86 -12.82
C CYS B 457 74.85 29.36 -12.95
N GLY B 458 76.07 29.76 -12.60
CA GLY B 458 76.51 31.13 -12.81
C GLY B 458 76.26 32.07 -11.64
N VAL B 459 75.92 31.56 -10.46
CA VAL B 459 75.68 32.39 -9.29
C VAL B 459 76.31 31.71 -8.07
N CYS B 460 76.38 32.48 -6.98
CA CYS B 460 77.00 32.03 -5.74
C CYS B 460 75.93 31.68 -4.71
N ARG B 461 75.90 30.42 -4.29
CA ARG B 461 74.95 29.95 -3.29
C ARG B 461 75.66 29.67 -1.97
N CYS B 462 74.95 29.89 -0.88
CA CYS B 462 75.49 29.56 0.44
C CYS B 462 75.51 28.05 0.62
N GLY B 463 76.66 27.53 1.02
CA GLY B 463 76.88 26.10 1.10
C GLY B 463 76.16 25.44 2.27
N PRO B 464 76.48 24.16 2.52
CA PRO B 464 75.85 23.45 3.63
C PRO B 464 76.37 23.94 4.97
N GLY B 465 75.47 24.05 5.94
CA GLY B 465 75.79 24.50 7.27
C GLY B 465 75.52 25.96 7.54
N TRP B 466 75.52 26.80 6.50
CA TRP B 466 75.24 28.23 6.67
C TRP B 466 73.75 28.50 6.64
N LEU C 1 -54.96 23.70 -18.92
CA LEU C 1 -53.57 23.34 -18.68
C LEU C 1 -52.60 24.19 -19.51
N ASN C 2 -51.30 24.02 -19.28
CA ASN C 2 -50.28 24.82 -19.97
C ASN C 2 -49.80 24.09 -21.22
N LEU C 3 -49.00 23.05 -21.04
CA LEU C 3 -48.50 22.30 -22.18
C LEU C 3 -49.55 21.30 -22.64
N ASP C 4 -49.86 21.31 -23.93
CA ASP C 4 -50.91 20.46 -24.46
C ASP C 4 -50.44 19.01 -24.57
N PRO C 5 -50.96 18.08 -23.76
CA PRO C 5 -50.51 16.70 -23.84
C PRO C 5 -51.29 15.83 -24.82
N VAL C 6 -52.24 16.43 -25.53
CA VAL C 6 -53.17 15.69 -26.39
C VAL C 6 -52.65 15.66 -27.81
N GLN C 7 -52.40 16.83 -28.38
CA GLN C 7 -51.96 16.96 -29.77
C GLN C 7 -50.47 17.29 -29.75
N LEU C 8 -49.64 16.26 -29.76
CA LEU C 8 -48.19 16.43 -29.75
C LEU C 8 -47.66 16.45 -31.18
N THR C 9 -46.36 16.76 -31.30
CA THR C 9 -45.64 16.69 -32.56
C THR C 9 -44.46 15.76 -32.38
N PHE C 10 -44.30 14.79 -33.28
CA PHE C 10 -43.28 13.77 -33.18
C PHE C 10 -42.32 13.86 -34.35
N TYR C 11 -41.03 13.94 -34.05
CA TYR C 11 -39.97 13.79 -35.03
C TYR C 11 -39.24 12.48 -34.77
N ALA C 12 -38.82 11.81 -35.83
CA ALA C 12 -38.20 10.49 -35.71
C ALA C 12 -36.94 10.42 -36.55
N GLY C 13 -35.96 9.69 -36.04
CA GLY C 13 -34.74 9.43 -36.77
C GLY C 13 -34.56 7.96 -37.03
N PRO C 14 -33.38 7.56 -37.52
CA PRO C 14 -33.15 6.15 -37.85
C PRO C 14 -33.11 5.29 -36.59
N ASN C 15 -33.27 3.98 -36.82
CA ASN C 15 -33.23 3.03 -35.72
C ASN C 15 -31.82 2.93 -35.16
N GLY C 16 -31.71 2.82 -33.84
CA GLY C 16 -30.43 2.62 -33.19
C GLY C 16 -29.49 3.80 -33.32
N SER C 17 -29.98 4.92 -33.84
CA SER C 17 -29.17 6.13 -33.99
C SER C 17 -29.12 6.97 -32.72
N GLN C 18 -29.98 6.68 -31.74
CA GLN C 18 -30.11 7.49 -30.53
C GLN C 18 -30.50 8.93 -30.85
N PHE C 19 -31.28 9.08 -31.92
CA PHE C 19 -31.92 10.36 -32.26
C PHE C 19 -32.71 10.88 -31.07
N GLY C 20 -32.31 12.04 -30.55
CA GLY C 20 -32.91 12.59 -29.36
C GLY C 20 -32.03 12.57 -28.12
N PHE C 21 -30.79 12.09 -28.23
CA PHE C 21 -29.86 12.12 -27.10
C PHE C 21 -29.57 13.55 -26.64
N SER C 22 -29.58 14.51 -27.57
CA SER C 22 -29.43 15.92 -27.25
C SER C 22 -30.20 16.72 -28.29
N LEU C 23 -30.65 17.92 -27.89
CA LEU C 23 -31.44 18.76 -28.77
C LEU C 23 -31.37 20.20 -28.30
N ASP C 24 -31.78 21.12 -29.17
CA ASP C 24 -31.83 22.54 -28.85
C ASP C 24 -32.66 23.24 -29.92
N PHE C 25 -33.09 24.46 -29.60
CA PHE C 25 -33.76 25.32 -30.58
C PHE C 25 -32.71 26.12 -31.34
N HIS C 26 -32.98 26.36 -32.62
CA HIS C 26 -32.03 27.06 -33.49
C HIS C 26 -32.78 28.09 -34.33
N LYS C 27 -32.45 29.37 -34.13
CA LYS C 27 -32.97 30.43 -34.98
C LYS C 27 -31.99 30.69 -36.12
N ASP C 28 -32.50 30.72 -37.34
CA ASP C 28 -31.69 31.09 -38.49
C ASP C 28 -31.47 32.61 -38.46
N SER C 29 -30.97 33.16 -39.57
CA SER C 29 -30.75 34.60 -39.64
C SER C 29 -32.04 35.40 -39.81
N HIS C 30 -33.16 34.74 -40.05
CA HIS C 30 -34.45 35.41 -40.21
C HIS C 30 -35.34 35.26 -38.98
N GLY C 31 -34.85 34.63 -37.91
CA GLY C 31 -35.63 34.42 -36.71
C GLY C 31 -36.56 33.22 -36.73
N ARG C 32 -36.53 32.41 -37.78
CA ARG C 32 -37.39 31.24 -37.87
C ARG C 32 -36.83 30.12 -37.01
N VAL C 33 -37.64 29.60 -36.10
CA VAL C 33 -37.18 28.61 -35.12
C VAL C 33 -37.23 27.22 -35.74
N ALA C 34 -36.17 26.45 -35.52
CA ALA C 34 -36.09 25.04 -35.90
C ALA C 34 -35.56 24.24 -34.70
N ILE C 35 -35.45 22.93 -34.88
CA ILE C 35 -34.94 22.04 -33.84
C ILE C 35 -33.72 21.32 -34.39
N VAL C 36 -32.60 21.44 -33.71
CA VAL C 36 -31.41 20.64 -34.00
C VAL C 36 -31.40 19.45 -33.07
N VAL C 37 -31.19 18.26 -33.62
CA VAL C 37 -31.25 17.02 -32.87
C VAL C 37 -29.95 16.25 -33.06
N GLY C 38 -29.38 15.74 -31.97
CA GLY C 38 -28.18 14.93 -32.04
C GLY C 38 -28.51 13.45 -31.97
N ALA C 39 -27.82 12.67 -32.79
CA ALA C 39 -28.00 11.21 -32.88
C ALA C 39 -26.61 10.58 -32.87
N PRO C 40 -26.07 10.29 -31.68
CA PRO C 40 -24.64 9.96 -31.58
C PRO C 40 -24.26 8.57 -32.06
N ARG C 41 -25.22 7.72 -32.43
CA ARG C 41 -24.90 6.39 -32.96
C ARG C 41 -25.36 6.24 -34.41
N THR C 42 -25.47 7.35 -35.12
CA THR C 42 -25.84 7.32 -36.52
C THR C 42 -24.74 6.66 -37.34
N LEU C 43 -25.13 5.75 -38.22
CA LEU C 43 -24.16 5.13 -39.12
C LEU C 43 -23.52 6.18 -40.02
N GLY C 44 -22.23 6.00 -40.30
CA GLY C 44 -21.52 6.86 -41.20
C GLY C 44 -21.37 6.24 -42.58
N PRO C 45 -20.36 6.68 -43.32
CA PRO C 45 -20.13 6.14 -44.67
C PRO C 45 -19.44 4.78 -44.64
N SER C 46 -18.51 4.61 -43.71
CA SER C 46 -17.82 3.35 -43.51
C SER C 46 -18.70 2.28 -42.86
N GLN C 47 -19.99 2.53 -42.70
CA GLN C 47 -20.96 1.61 -42.10
C GLN C 47 -20.68 1.33 -40.63
N GLU C 48 -19.87 2.17 -39.98
CA GLU C 48 -19.64 2.11 -38.55
C GLU C 48 -20.29 3.31 -37.86
N GLU C 49 -20.63 3.14 -36.58
CA GLU C 49 -21.25 4.23 -35.83
C GLU C 49 -20.29 5.40 -35.73
N THR C 50 -20.78 6.58 -36.12
CA THR C 50 -20.03 7.83 -35.96
C THR C 50 -20.83 8.94 -35.32
N GLY C 51 -22.15 8.89 -35.33
CA GLY C 51 -22.94 10.01 -34.86
C GLY C 51 -23.32 10.95 -35.98
N GLY C 52 -24.45 11.62 -35.80
CA GLY C 52 -24.94 12.55 -36.80
C GLY C 52 -25.76 13.65 -36.16
N VAL C 53 -26.08 14.64 -36.97
CA VAL C 53 -26.88 15.79 -36.55
C VAL C 53 -28.00 16.00 -37.56
N PHE C 54 -29.19 16.35 -37.05
CA PHE C 54 -30.35 16.62 -37.89
C PHE C 54 -30.92 17.99 -37.53
N LEU C 55 -31.30 18.74 -38.55
CA LEU C 55 -31.90 20.06 -38.40
C LEU C 55 -33.37 19.96 -38.81
N CYS C 56 -34.24 19.86 -37.82
CA CYS C 56 -35.66 19.62 -38.05
C CYS C 56 -36.39 20.96 -38.19
N PRO C 57 -36.96 21.26 -39.36
CA PRO C 57 -37.79 22.46 -39.47
C PRO C 57 -39.12 22.26 -38.78
N TRP C 58 -39.67 23.36 -38.26
CA TRP C 58 -40.91 23.28 -37.48
C TRP C 58 -42.09 22.94 -38.39
N ARG C 59 -42.69 21.78 -38.15
CA ARG C 59 -43.91 21.35 -38.82
C ARG C 59 -44.81 20.72 -37.77
N ALA C 60 -46.05 21.21 -37.65
CA ALA C 60 -46.94 20.73 -36.60
C ALA C 60 -47.18 19.22 -36.70
N GLU C 61 -46.93 18.61 -37.85
CA GLU C 61 -47.08 17.17 -38.01
C GLU C 61 -45.79 16.40 -37.79
N GLY C 62 -44.64 17.08 -37.80
CA GLY C 62 -43.39 16.41 -37.57
C GLY C 62 -42.92 15.61 -38.78
N GLY C 63 -42.19 14.54 -38.51
CA GLY C 63 -41.78 13.61 -39.52
C GLY C 63 -40.26 13.41 -39.52
N GLN C 64 -39.73 13.08 -40.69
CA GLN C 64 -38.31 12.91 -40.87
C GLN C 64 -37.62 14.27 -41.05
N CYS C 65 -36.32 14.30 -40.79
CA CYS C 65 -35.56 15.52 -40.86
C CYS C 65 -34.33 15.36 -41.75
N PRO C 66 -33.87 16.44 -42.37
CA PRO C 66 -32.64 16.37 -43.15
C PRO C 66 -31.41 16.30 -42.26
N SER C 67 -30.32 15.78 -42.82
CA SER C 67 -29.08 15.67 -42.09
C SER C 67 -28.28 16.97 -42.18
N LEU C 68 -27.64 17.32 -41.07
CA LEU C 68 -26.66 18.41 -41.07
C LEU C 68 -25.29 17.75 -41.26
N LEU C 69 -24.76 17.84 -42.47
CA LEU C 69 -23.61 17.02 -42.86
C LEU C 69 -22.30 17.59 -42.30
N PHE C 70 -21.45 16.68 -41.80
CA PHE C 70 -20.12 17.02 -41.35
C PHE C 70 -19.12 16.06 -41.97
N ASP C 71 -17.84 16.42 -41.89
CA ASP C 71 -16.77 15.60 -42.45
C ASP C 71 -16.48 14.45 -41.49
N LEU C 72 -16.67 13.22 -41.95
CA LEU C 72 -16.53 12.03 -41.12
C LEU C 72 -15.33 11.17 -41.54
N ARG C 73 -14.31 11.79 -42.12
CA ARG C 73 -13.13 11.06 -42.59
C ARG C 73 -12.05 11.04 -41.51
N ASP C 74 -11.38 9.90 -41.39
CA ASP C 74 -10.22 9.81 -40.51
C ASP C 74 -9.05 10.56 -41.15
N GLU C 75 -8.58 11.60 -40.47
CA GLU C 75 -7.54 12.48 -41.01
C GLU C 75 -6.16 12.05 -40.54
N THR C 76 -5.17 12.23 -41.42
CA THR C 76 -3.78 11.89 -41.14
C THR C 76 -2.88 12.98 -41.68
N ARG C 77 -1.86 13.35 -40.90
CA ARG C 77 -0.91 14.38 -41.32
C ARG C 77 0.49 14.00 -40.88
N ASN C 78 1.41 13.96 -41.84
CA ASN C 78 2.82 13.69 -41.56
C ASN C 78 3.55 15.02 -41.54
N VAL C 79 3.85 15.52 -40.34
CA VAL C 79 4.44 16.84 -40.20
C VAL C 79 5.39 16.82 -39.00
N GLY C 80 6.49 17.56 -39.12
CA GLY C 80 7.43 17.69 -38.02
C GLY C 80 8.04 16.39 -37.58
N SER C 81 8.32 15.49 -38.52
CA SER C 81 8.80 14.14 -38.23
C SER C 81 7.86 13.39 -37.28
N GLN C 82 6.57 13.76 -37.31
CA GLN C 82 5.53 13.12 -36.53
C GLN C 82 4.38 12.76 -37.45
N THR C 83 3.45 11.96 -36.91
CA THR C 83 2.28 11.53 -37.67
C THR C 83 1.05 11.77 -36.80
N LEU C 84 0.18 12.68 -37.25
CA LEU C 84 -1.06 12.99 -36.55
C LEU C 84 -2.19 12.13 -37.09
N GLN C 85 -3.09 11.74 -36.19
CA GLN C 85 -4.18 10.84 -36.53
C GLN C 85 -5.45 11.24 -35.79
N THR C 86 -6.56 11.32 -36.52
CA THR C 86 -7.89 11.43 -35.93
C THR C 86 -8.68 10.17 -36.23
N PHE C 87 -9.51 9.77 -35.26
CA PHE C 87 -10.34 8.58 -35.39
C PHE C 87 -11.76 8.95 -35.01
N LYS C 88 -12.68 8.84 -35.96
CA LYS C 88 -14.06 9.27 -35.77
C LYS C 88 -15.02 8.10 -35.60
N ALA C 89 -14.52 6.87 -35.56
CA ALA C 89 -15.39 5.72 -35.30
C ALA C 89 -15.86 5.75 -33.85
N ARG C 90 -17.17 5.64 -33.65
CA ARG C 90 -17.78 5.67 -32.32
C ARG C 90 -17.45 6.96 -31.58
N GLN C 91 -17.26 8.05 -32.30
CA GLN C 91 -16.98 9.33 -31.68
C GLN C 91 -18.18 9.96 -31.01
N GLY C 92 -19.39 9.48 -31.28
CA GLY C 92 -20.58 10.04 -30.67
C GLY C 92 -20.91 11.46 -31.10
N LEU C 93 -20.81 11.75 -32.40
CA LEU C 93 -21.17 13.07 -32.89
C LEU C 93 -22.64 13.34 -32.65
N GLY C 94 -22.93 14.41 -31.93
CA GLY C 94 -24.28 14.68 -31.50
C GLY C 94 -24.60 14.28 -30.08
N ALA C 95 -23.62 13.79 -29.31
CA ALA C 95 -23.83 13.55 -27.89
C ALA C 95 -24.14 14.82 -27.12
N SER C 96 -23.85 15.99 -27.69
CA SER C 96 -24.28 17.27 -27.14
C SER C 96 -24.40 18.24 -28.30
N VAL C 97 -25.46 19.06 -28.29
CA VAL C 97 -25.65 20.09 -29.29
C VAL C 97 -26.13 21.36 -28.58
N VAL C 98 -25.78 22.50 -29.16
CA VAL C 98 -26.16 23.80 -28.62
C VAL C 98 -26.14 24.80 -29.76
N SER C 99 -27.08 25.74 -29.72
CA SER C 99 -27.22 26.73 -30.77
C SER C 99 -26.98 28.13 -30.20
N TRP C 100 -26.41 28.99 -31.03
CA TRP C 100 -26.19 30.39 -30.69
C TRP C 100 -26.09 31.17 -31.98
N SER C 101 -26.92 32.20 -32.12
CA SER C 101 -27.02 33.00 -33.34
C SER C 101 -27.37 32.03 -34.48
N ASP C 102 -26.79 32.18 -35.67
CA ASP C 102 -27.03 31.29 -36.80
C ASP C 102 -26.03 30.13 -36.87
N VAL C 103 -25.54 29.66 -35.71
CA VAL C 103 -24.46 28.69 -35.65
C VAL C 103 -24.89 27.51 -34.78
N ILE C 104 -24.45 26.32 -35.16
CA ILE C 104 -24.72 25.08 -34.45
C ILE C 104 -23.39 24.45 -34.05
N VAL C 105 -23.28 23.99 -32.81
CA VAL C 105 -22.07 23.36 -32.30
C VAL C 105 -22.46 21.96 -31.86
N ALA C 106 -22.07 20.96 -32.65
CA ALA C 106 -22.27 19.55 -32.32
C ALA C 106 -20.94 18.93 -31.97
N CYS C 107 -20.89 18.23 -30.85
CA CYS C 107 -19.65 17.73 -30.29
C CYS C 107 -19.62 16.21 -30.32
N ALA C 108 -18.41 15.65 -30.53
CA ALA C 108 -18.15 14.22 -30.50
C ALA C 108 -17.18 13.96 -29.36
N PRO C 109 -17.69 13.72 -28.15
CA PRO C 109 -16.79 13.62 -26.99
C PRO C 109 -15.85 12.43 -27.02
N TRP C 110 -16.14 11.41 -27.83
CA TRP C 110 -15.32 10.21 -27.88
C TRP C 110 -14.57 10.08 -29.20
N GLN C 111 -14.27 11.21 -29.84
CA GLN C 111 -13.37 11.20 -30.99
C GLN C 111 -11.95 10.96 -30.49
N HIS C 112 -11.30 9.94 -31.03
CA HIS C 112 -9.97 9.58 -30.56
C HIS C 112 -8.88 10.30 -31.35
N TRP C 113 -7.67 10.27 -30.79
CA TRP C 113 -6.55 11.04 -31.29
C TRP C 113 -5.27 10.35 -30.87
N ASN C 114 -4.25 10.45 -31.72
CA ASN C 114 -2.96 9.83 -31.43
C ASN C 114 -1.88 10.50 -32.27
N VAL C 115 -0.68 10.58 -31.71
CA VAL C 115 0.48 11.17 -32.38
C VAL C 115 1.60 10.14 -32.37
N LEU C 116 2.10 9.79 -33.56
CA LEU C 116 3.14 8.81 -33.70
C LEU C 116 4.48 9.48 -33.99
N GLU C 117 5.55 8.88 -33.48
CA GLU C 117 6.91 9.33 -33.78
C GLU C 117 7.82 8.12 -33.64
N LYS C 118 8.23 7.57 -34.79
CA LYS C 118 9.07 6.36 -34.84
C LYS C 118 8.37 5.21 -34.14
N THR C 119 8.89 4.81 -32.98
CA THR C 119 8.29 3.73 -32.20
C THR C 119 7.48 4.23 -31.01
N GLU C 120 7.57 5.51 -30.69
CA GLU C 120 6.84 6.08 -29.56
C GLU C 120 5.49 6.65 -30.04
N GLU C 121 4.68 7.06 -29.07
CA GLU C 121 3.37 7.63 -29.37
C GLU C 121 2.87 8.41 -28.17
N ALA C 122 1.79 9.16 -28.39
CA ALA C 122 1.10 9.89 -27.33
C ALA C 122 -0.01 9.08 -26.69
N GLU C 123 -0.31 7.89 -27.22
CA GLU C 123 -1.41 7.00 -26.87
C GLU C 123 -2.72 7.42 -27.54
N LYS C 124 -3.46 6.43 -28.05
CA LYS C 124 -4.73 6.66 -28.73
C LYS C 124 -5.81 6.86 -27.69
N THR C 125 -6.20 8.12 -27.46
CA THR C 125 -7.06 8.50 -26.35
C THR C 125 -8.21 9.38 -26.83
N PRO C 126 -9.34 9.38 -26.11
CA PRO C 126 -10.47 10.21 -26.53
C PRO C 126 -10.36 11.67 -26.08
N VAL C 127 -9.74 12.51 -26.91
CA VAL C 127 -9.65 13.93 -26.58
C VAL C 127 -10.96 14.66 -26.82
N GLY C 128 -11.86 14.10 -27.64
CA GLY C 128 -13.09 14.77 -27.99
C GLY C 128 -12.90 15.86 -29.01
N SER C 129 -13.96 16.24 -29.72
CA SER C 129 -13.87 17.32 -30.69
C SER C 129 -15.28 17.83 -30.95
N CYS C 130 -15.41 19.14 -31.18
CA CYS C 130 -16.69 19.73 -31.51
C CYS C 130 -16.67 20.24 -32.95
N PHE C 131 -17.78 20.00 -33.66
CA PHE C 131 -17.97 20.46 -35.02
C PHE C 131 -18.90 21.67 -35.01
N LEU C 132 -18.49 22.74 -35.68
CA LEU C 132 -19.28 23.95 -35.79
C LEU C 132 -19.79 24.12 -37.21
N ALA C 133 -20.98 24.70 -37.33
CA ALA C 133 -21.62 24.84 -38.64
C ALA C 133 -22.47 26.09 -38.67
N GLN C 134 -22.42 26.79 -39.81
CA GLN C 134 -23.36 27.86 -40.15
C GLN C 134 -24.23 27.35 -41.28
N PRO C 135 -25.41 26.79 -41.00
CA PRO C 135 -26.14 26.04 -42.04
C PRO C 135 -26.50 26.85 -43.27
N GLU C 136 -26.85 28.12 -43.11
CA GLU C 136 -27.25 28.94 -44.25
C GLU C 136 -26.09 29.15 -45.22
N SER C 137 -24.92 29.52 -44.69
CA SER C 137 -23.76 29.76 -45.54
C SER C 137 -23.03 28.48 -45.92
N GLY C 138 -23.29 27.38 -45.20
CA GLY C 138 -22.56 26.14 -45.45
C GLY C 138 -21.17 26.09 -44.85
N ARG C 139 -20.73 27.13 -44.16
CA ARG C 139 -19.40 27.14 -43.56
C ARG C 139 -19.29 26.10 -42.45
N ARG C 140 -18.06 25.66 -42.21
CA ARG C 140 -17.78 24.64 -41.21
C ARG C 140 -16.50 24.99 -40.47
N ALA C 141 -16.34 24.40 -39.29
CA ALA C 141 -15.13 24.57 -38.49
C ALA C 141 -15.13 23.49 -37.42
N GLU C 142 -13.93 23.24 -36.88
CA GLU C 142 -13.76 22.26 -35.82
C GLU C 142 -13.01 22.91 -34.66
N TYR C 143 -13.16 22.32 -33.48
CA TYR C 143 -12.48 22.82 -32.29
C TYR C 143 -12.19 21.64 -31.38
N SER C 144 -10.90 21.35 -31.18
CA SER C 144 -10.46 20.24 -30.33
C SER C 144 -9.29 20.73 -29.49
N PRO C 145 -9.57 21.42 -28.39
CA PRO C 145 -8.51 22.08 -27.62
C PRO C 145 -7.68 21.14 -26.77
N CYS C 146 -8.01 19.85 -26.70
CA CYS C 146 -7.26 18.91 -25.89
C CYS C 146 -6.31 18.04 -26.69
N ARG C 147 -6.22 18.23 -28.00
CA ARG C 147 -5.22 17.53 -28.79
C ARG C 147 -3.83 18.01 -28.40
N GLY C 148 -2.86 17.09 -28.44
CA GLY C 148 -1.50 17.41 -28.11
C GLY C 148 -0.52 16.50 -28.82
N ASN C 149 0.74 16.94 -28.88
CA ASN C 149 1.80 16.19 -29.54
C ASN C 149 2.85 15.67 -28.56
N THR C 150 2.53 15.64 -27.27
CA THR C 150 3.47 15.15 -26.27
C THR C 150 3.39 13.63 -26.18
N LEU C 151 4.55 12.97 -26.26
CA LEU C 151 4.58 11.51 -26.28
C LEU C 151 4.28 10.95 -24.89
N SER C 152 4.02 9.63 -24.86
CA SER C 152 3.59 8.98 -23.63
C SER C 152 4.70 9.00 -22.58
N ARG C 153 5.95 8.88 -23.01
CA ARG C 153 7.07 8.85 -22.08
C ARG C 153 7.12 10.10 -21.20
N ILE C 154 6.70 11.24 -21.74
CA ILE C 154 6.86 12.50 -21.01
C ILE C 154 5.84 12.62 -19.89
N TYR C 155 4.60 12.20 -20.14
CA TYR C 155 3.58 12.31 -19.12
C TYR C 155 3.94 11.49 -17.88
N VAL C 156 4.71 10.43 -18.05
CA VAL C 156 5.11 9.61 -16.90
C VAL C 156 6.16 10.35 -16.07
N GLU C 157 7.11 11.01 -16.74
CA GLU C 157 8.18 11.71 -16.02
C GLU C 157 7.61 12.80 -15.11
N ASN C 158 6.49 13.41 -15.49
CA ASN C 158 5.96 14.57 -14.77
C ASN C 158 4.71 14.23 -13.96
N ASP C 159 4.51 12.95 -13.62
CA ASP C 159 3.42 12.51 -12.74
C ASP C 159 2.05 12.81 -13.34
N PHE C 160 1.95 12.70 -14.66
CA PHE C 160 0.68 12.87 -15.38
C PHE C 160 0.03 14.22 -15.09
N SER C 161 0.85 15.25 -14.96
CA SER C 161 0.34 16.60 -14.75
C SER C 161 0.03 17.24 -16.10
N TRP C 162 -1.07 17.99 -16.14
CA TRP C 162 -1.54 18.63 -17.36
C TRP C 162 -1.78 17.62 -18.48
N ASP C 163 -2.41 16.50 -18.12
CA ASP C 163 -2.66 15.41 -19.07
C ASP C 163 -4.06 15.59 -19.63
N LYS C 164 -4.16 16.20 -20.82
CA LYS C 164 -5.44 16.46 -21.46
C LYS C 164 -5.81 15.40 -22.50
N ARG C 165 -5.17 14.23 -22.45
CA ARG C 165 -5.36 13.23 -23.49
C ARG C 165 -6.74 12.59 -23.45
N TYR C 166 -7.40 12.57 -22.31
CA TYR C 166 -8.69 11.90 -22.16
C TYR C 166 -9.82 12.88 -21.85
N CYS C 167 -9.72 14.12 -22.36
CA CYS C 167 -10.67 15.17 -22.04
C CYS C 167 -12.11 14.74 -22.26
N GLU C 168 -12.38 14.26 -23.47
CA GLU C 168 -13.74 14.14 -23.98
C GLU C 168 -14.40 15.52 -24.02
N ALA C 169 -13.74 16.44 -24.73
CA ALA C 169 -14.28 17.78 -24.90
C ALA C 169 -15.60 17.72 -25.65
N GLY C 170 -16.55 18.54 -25.22
CA GLY C 170 -17.90 18.51 -25.75
C GLY C 170 -18.82 17.50 -25.10
N PHE C 171 -18.38 16.82 -24.04
CA PHE C 171 -19.27 16.02 -23.21
C PHE C 171 -20.48 16.84 -22.78
N SER C 172 -20.22 18.08 -22.34
CA SER C 172 -21.26 19.07 -22.12
C SER C 172 -20.81 20.38 -22.77
N SER C 173 -21.78 21.23 -23.08
CA SER C 173 -21.47 22.46 -23.80
C SER C 173 -22.49 23.54 -23.45
N VAL C 174 -22.13 24.78 -23.78
CA VAL C 174 -22.96 25.96 -23.54
C VAL C 174 -22.28 27.14 -24.21
N VAL C 175 -23.06 28.15 -24.63
CA VAL C 175 -22.53 29.34 -25.28
C VAL C 175 -23.08 30.57 -24.57
N THR C 176 -22.20 31.50 -24.23
CA THR C 176 -22.63 32.73 -23.58
C THR C 176 -23.39 33.62 -24.57
N GLN C 177 -24.09 34.63 -24.02
N GLN C 177 -24.09 34.63 -24.02
CA GLN C 177 -24.78 35.61 -24.85
CA GLN C 177 -24.78 35.59 -24.87
C GLN C 177 -23.81 36.34 -25.77
C GLN C 177 -23.82 36.36 -25.75
N ALA C 178 -22.56 36.51 -25.33
CA ALA C 178 -21.56 37.17 -26.15
C ALA C 178 -20.96 36.27 -27.22
N GLY C 179 -21.15 34.95 -27.09
CA GLY C 179 -20.65 34.03 -28.11
C GLY C 179 -19.38 33.31 -27.73
N GLU C 180 -19.22 33.01 -26.45
CA GLU C 180 -18.05 32.28 -25.96
C GLU C 180 -18.44 30.83 -25.76
N LEU C 181 -17.92 29.95 -26.62
CA LEU C 181 -18.16 28.53 -26.49
C LEU C 181 -17.39 27.99 -25.28
N VAL C 182 -18.10 27.35 -24.36
CA VAL C 182 -17.50 26.76 -23.18
C VAL C 182 -17.80 25.26 -23.19
N LEU C 183 -16.75 24.45 -23.26
CA LEU C 183 -16.91 23.01 -23.33
C LEU C 183 -16.58 22.36 -21.99
N GLY C 184 -17.24 21.24 -21.71
CA GLY C 184 -16.99 20.46 -20.53
C GLY C 184 -16.24 19.20 -20.88
N ALA C 185 -15.07 19.03 -20.25
CA ALA C 185 -14.20 17.88 -20.49
C ALA C 185 -14.02 17.13 -19.17
N PRO C 186 -14.92 16.19 -18.86
CA PRO C 186 -14.84 15.53 -17.55
C PRO C 186 -13.63 14.64 -17.38
N GLY C 187 -13.07 14.12 -18.47
CA GLY C 187 -11.87 13.32 -18.35
C GLY C 187 -10.57 14.10 -18.35
N GLY C 188 -10.65 15.41 -18.30
CA GLY C 188 -9.45 16.23 -18.40
C GLY C 188 -8.55 16.08 -17.18
N TYR C 189 -7.27 16.32 -17.40
CA TYR C 189 -6.25 16.27 -16.35
C TYR C 189 -6.33 14.96 -15.58
N TYR C 190 -6.35 13.86 -16.34
CA TYR C 190 -6.46 12.50 -15.80
C TYR C 190 -7.71 12.36 -14.94
N PHE C 191 -8.85 12.61 -15.58
CA PHE C 191 -10.18 12.42 -15.02
C PHE C 191 -10.50 13.34 -13.85
N LEU C 192 -9.69 14.38 -13.64
CA LEU C 192 -10.11 15.45 -12.74
C LEU C 192 -11.21 16.28 -13.37
N GLY C 193 -11.13 16.49 -14.68
CA GLY C 193 -12.06 17.33 -15.42
C GLY C 193 -11.52 18.73 -15.63
N LEU C 194 -11.89 19.32 -16.75
CA LEU C 194 -11.47 20.68 -17.06
C LEU C 194 -12.53 21.36 -17.92
N LEU C 195 -12.34 22.66 -18.13
CA LEU C 195 -13.18 23.46 -18.99
C LEU C 195 -12.34 24.10 -20.08
N ALA C 196 -12.95 24.31 -21.24
CA ALA C 196 -12.28 24.94 -22.37
C ALA C 196 -13.20 26.01 -22.94
N GLN C 197 -12.72 27.26 -22.96
CA GLN C 197 -13.49 28.39 -23.47
C GLN C 197 -12.79 28.97 -24.68
N ALA C 198 -13.58 29.44 -25.65
CA ALA C 198 -13.05 30.09 -26.85
C ALA C 198 -14.16 30.80 -27.61
N PRO C 199 -13.89 31.99 -28.13
CA PRO C 199 -14.93 32.70 -28.91
C PRO C 199 -15.26 31.96 -30.19
N VAL C 200 -16.53 32.02 -30.58
CA VAL C 200 -16.98 31.31 -31.77
C VAL C 200 -16.31 31.88 -33.01
N ALA C 201 -16.33 33.21 -33.15
CA ALA C 201 -15.78 33.84 -34.35
C ALA C 201 -14.30 33.53 -34.53
N ASP C 202 -13.57 33.37 -33.43
CA ASP C 202 -12.15 33.03 -33.52
C ASP C 202 -11.92 31.57 -33.87
N ILE C 203 -12.88 30.69 -33.58
CA ILE C 203 -12.75 29.31 -34.02
C ILE C 203 -12.86 29.21 -35.53
N PHE C 204 -13.77 29.99 -36.13
CA PHE C 204 -13.95 29.94 -37.57
C PHE C 204 -12.79 30.60 -38.31
N SER C 205 -12.29 31.73 -37.81
CA SER C 205 -11.22 32.43 -38.48
C SER C 205 -9.85 31.75 -38.32
N SER C 206 -9.68 30.94 -37.27
CA SER C 206 -8.40 30.29 -37.01
C SER C 206 -8.35 28.84 -37.51
N TYR C 207 -9.46 28.32 -38.03
CA TYR C 207 -9.51 26.95 -38.50
C TYR C 207 -9.25 26.88 -39.99
N ARG C 208 -8.46 25.88 -40.39
CA ARG C 208 -8.25 25.49 -41.77
C ARG C 208 -8.27 23.97 -41.82
N PRO C 209 -8.82 23.38 -42.88
CA PRO C 209 -8.89 21.92 -42.95
C PRO C 209 -7.52 21.31 -43.14
N GLY C 210 -7.30 20.17 -42.49
CA GLY C 210 -6.07 19.43 -42.62
C GLY C 210 -4.92 19.86 -41.74
N ILE C 211 -5.15 20.75 -40.77
CA ILE C 211 -4.10 21.19 -39.87
C ILE C 211 -4.04 20.34 -38.61
N LEU C 212 -5.21 19.98 -38.06
CA LEU C 212 -5.35 19.08 -36.92
C LEU C 212 -4.82 19.70 -35.62
N LEU C 213 -3.68 20.37 -35.67
CA LEU C 213 -3.10 21.03 -34.51
C LEU C 213 -2.91 22.50 -34.84
N TRP C 214 -3.73 23.37 -34.24
CA TRP C 214 -3.61 24.80 -34.46
C TRP C 214 -3.85 25.54 -33.15
N HIS C 215 -3.27 26.73 -33.05
CA HIS C 215 -3.38 27.55 -31.86
C HIS C 215 -4.62 28.44 -31.94
N VAL C 216 -5.42 28.43 -30.89
CA VAL C 216 -6.45 29.45 -30.69
C VAL C 216 -6.01 30.33 -29.52
N SER C 217 -5.35 31.45 -29.81
CA SER C 217 -4.73 32.25 -28.75
C SER C 217 -5.76 32.78 -27.76
N SER C 218 -6.97 33.08 -28.22
CA SER C 218 -8.01 33.63 -27.36
C SER C 218 -8.70 32.58 -26.49
N GLN C 219 -8.30 31.32 -26.58
CA GLN C 219 -8.94 30.30 -25.77
C GLN C 219 -8.37 30.30 -24.35
N SER C 220 -9.12 29.69 -23.44
CA SER C 220 -8.75 29.71 -22.01
C SER C 220 -9.25 28.43 -21.37
N LEU C 221 -8.34 27.64 -20.82
CA LEU C 221 -8.67 26.37 -20.19
C LEU C 221 -8.50 26.47 -18.68
N SER C 222 -9.25 25.64 -17.96
CA SER C 222 -9.11 25.59 -16.51
C SER C 222 -7.79 24.93 -16.13
N PHE C 223 -7.54 24.83 -14.82
CA PHE C 223 -6.24 24.46 -14.31
C PHE C 223 -6.28 23.09 -13.62
N ASP C 224 -5.11 22.46 -13.57
CA ASP C 224 -4.95 21.19 -12.89
C ASP C 224 -4.88 21.42 -11.37
N SER C 225 -4.85 20.32 -10.62
CA SER C 225 -4.84 20.42 -9.18
C SER C 225 -4.27 19.14 -8.59
N SER C 226 -3.41 19.30 -7.58
CA SER C 226 -2.89 18.17 -6.83
C SER C 226 -3.82 17.71 -5.72
N ASN C 227 -4.93 18.40 -5.51
CA ASN C 227 -5.84 18.09 -4.42
C ASN C 227 -6.56 16.77 -4.69
N PRO C 228 -6.43 15.77 -3.82
CA PRO C 228 -7.15 14.50 -4.05
C PRO C 228 -8.66 14.62 -4.02
N GLU C 229 -9.21 15.72 -3.48
CA GLU C 229 -10.66 15.91 -3.52
C GLU C 229 -11.18 15.95 -4.95
N TYR C 230 -10.40 16.52 -5.87
CA TYR C 230 -10.81 16.64 -7.26
C TYR C 230 -10.51 15.40 -8.08
N PHE C 231 -9.86 14.40 -7.51
CA PHE C 231 -9.49 13.21 -8.27
C PHE C 231 -10.73 12.44 -8.68
N ASP C 232 -10.83 12.12 -9.98
CA ASP C 232 -11.93 11.33 -10.54
C ASP C 232 -13.28 11.96 -10.24
N GLY C 233 -13.35 13.29 -10.38
CA GLY C 233 -14.57 14.01 -10.07
C GLY C 233 -15.40 14.35 -11.29
N TYR C 234 -14.83 14.17 -12.47
CA TYR C 234 -15.53 14.40 -13.75
C TYR C 234 -16.03 15.85 -13.83
N TRP C 235 -15.18 16.79 -13.42
CA TRP C 235 -15.43 18.22 -13.49
C TRP C 235 -15.72 18.64 -14.92
N GLY C 236 -16.98 18.90 -15.24
CA GLY C 236 -17.33 19.24 -16.59
C GLY C 236 -18.36 18.29 -17.17
N TYR C 237 -18.87 17.40 -16.31
CA TYR C 237 -19.95 16.50 -16.72
C TYR C 237 -21.17 17.30 -17.19
N SER C 238 -21.42 18.45 -16.56
CA SER C 238 -22.50 19.35 -16.94
C SER C 238 -21.98 20.78 -16.82
N VAL C 239 -22.66 21.71 -17.49
CA VAL C 239 -22.20 23.09 -17.52
C VAL C 239 -23.38 23.99 -17.88
N ALA C 240 -23.35 25.21 -17.36
CA ALA C 240 -24.31 26.25 -17.69
C ALA C 240 -23.66 27.60 -17.39
N VAL C 241 -24.37 28.68 -17.71
CA VAL C 241 -23.87 30.04 -17.52
C VAL C 241 -24.95 30.87 -16.85
N GLY C 242 -24.55 32.03 -16.33
CA GLY C 242 -25.47 32.93 -15.69
C GLY C 242 -24.75 34.12 -15.10
N GLU C 243 -25.48 34.91 -14.32
CA GLU C 243 -24.94 36.09 -13.65
C GLU C 243 -25.09 35.91 -12.15
N PHE C 244 -23.97 35.89 -11.43
CA PHE C 244 -23.97 35.63 -9.99
C PHE C 244 -23.08 36.56 -9.17
N ASP C 245 -22.14 37.26 -9.79
CA ASP C 245 -21.20 38.11 -9.06
C ASP C 245 -21.68 39.55 -8.94
N GLY C 246 -22.80 39.90 -9.56
CA GLY C 246 -23.30 41.27 -9.60
C GLY C 246 -22.82 42.10 -10.78
N ASP C 247 -21.56 41.91 -11.17
CA ASP C 247 -21.01 42.63 -12.31
C ASP C 247 -21.62 42.08 -13.59
N LEU C 248 -22.36 42.92 -14.32
CA LEU C 248 -23.02 42.50 -15.55
C LEU C 248 -22.05 42.39 -16.72
N ASN C 249 -20.92 43.09 -16.68
CA ASN C 249 -19.92 42.94 -17.73
C ASN C 249 -19.34 41.54 -17.75
N THR C 250 -19.17 40.93 -16.59
CA THR C 250 -18.61 39.59 -16.49
C THR C 250 -19.69 38.54 -16.64
N THR C 251 -19.28 37.34 -17.05
CA THR C 251 -20.16 36.18 -17.19
C THR C 251 -19.60 35.04 -16.36
N GLU C 252 -20.45 34.45 -15.52
CA GLU C 252 -20.03 33.42 -14.59
C GLU C 252 -20.44 32.04 -15.10
N TYR C 253 -19.59 31.04 -14.82
CA TYR C 253 -19.80 29.67 -15.29
C TYR C 253 -20.25 28.78 -14.15
N VAL C 254 -21.06 27.78 -14.48
CA VAL C 254 -21.54 26.79 -13.53
C VAL C 254 -21.09 25.42 -14.02
N VAL C 255 -20.42 24.67 -13.15
CA VAL C 255 -19.84 23.37 -13.52
C VAL C 255 -20.26 22.33 -12.51
N GLY C 256 -20.60 21.14 -13.00
CA GLY C 256 -20.98 20.02 -12.16
C GLY C 256 -19.86 19.00 -12.11
N ALA C 257 -19.57 18.52 -10.90
CA ALA C 257 -18.57 17.48 -10.67
C ALA C 257 -19.26 16.38 -9.87
N PRO C 258 -19.98 15.48 -10.55
CA PRO C 258 -20.88 14.55 -9.85
C PRO C 258 -20.18 13.41 -9.11
N THR C 259 -18.85 13.31 -9.19
CA THR C 259 -18.11 12.35 -8.38
C THR C 259 -17.01 13.04 -7.58
N TRP C 260 -17.14 14.34 -7.36
CA TRP C 260 -16.15 15.12 -6.63
C TRP C 260 -16.03 14.64 -5.19
N SER C 261 -14.80 14.62 -4.68
CA SER C 261 -14.48 14.25 -3.29
C SER C 261 -15.08 12.89 -2.93
N TRP C 262 -14.53 11.87 -3.58
CA TRP C 262 -14.90 10.48 -3.36
C TRP C 262 -16.41 10.29 -3.54
N THR C 263 -16.89 10.64 -4.72
CA THR C 263 -18.27 10.45 -5.18
C THR C 263 -19.29 11.20 -4.33
N LEU C 264 -18.87 12.14 -3.48
CA LEU C 264 -19.83 13.00 -2.81
C LEU C 264 -20.54 13.92 -3.80
N GLY C 265 -19.87 14.30 -4.88
CA GLY C 265 -20.44 15.18 -5.88
C GLY C 265 -20.46 16.63 -5.45
N ALA C 266 -20.33 17.55 -6.40
CA ALA C 266 -20.36 18.96 -6.07
C ALA C 266 -20.62 19.77 -7.33
N VAL C 267 -20.92 21.05 -7.13
CA VAL C 267 -21.12 22.02 -8.20
C VAL C 267 -20.37 23.29 -7.80
N GLU C 268 -19.75 23.95 -8.76
CA GLU C 268 -18.95 25.13 -8.49
C GLU C 268 -19.34 26.26 -9.43
N ILE C 269 -19.42 27.47 -8.88
CA ILE C 269 -19.66 28.68 -9.64
C ILE C 269 -18.32 29.42 -9.78
N LEU C 270 -18.01 29.85 -11.00
CA LEU C 270 -16.72 30.43 -11.32
C LEU C 270 -16.91 31.73 -12.09
N ASP C 271 -15.86 32.56 -12.09
CA ASP C 271 -15.80 33.68 -13.00
C ASP C 271 -15.20 33.20 -14.33
N SER C 272 -15.10 34.11 -15.30
CA SER C 272 -14.58 33.72 -16.61
C SER C 272 -13.12 33.26 -16.56
N TYR C 273 -12.41 33.50 -15.45
CA TYR C 273 -11.03 33.09 -15.30
C TYR C 273 -10.87 31.81 -14.48
N TYR C 274 -11.97 31.11 -14.21
CA TYR C 274 -12.00 29.80 -13.56
C TYR C 274 -11.61 29.86 -12.09
N GLN C 275 -11.70 31.02 -11.46
CA GLN C 275 -11.53 31.12 -10.01
C GLN C 275 -12.85 30.80 -9.31
N ARG C 276 -12.78 30.01 -8.25
CA ARG C 276 -13.97 29.53 -7.59
C ARG C 276 -14.60 30.62 -6.73
N LEU C 277 -15.88 30.90 -6.98
CA LEU C 277 -16.65 31.87 -6.21
C LEU C 277 -17.48 31.22 -5.11
N HIS C 278 -18.03 30.04 -5.36
CA HIS C 278 -18.79 29.32 -4.35
C HIS C 278 -18.82 27.85 -4.74
N ARG C 279 -18.99 26.98 -3.74
CA ARG C 279 -19.04 25.54 -3.95
C ARG C 279 -20.23 24.96 -3.22
N LEU C 280 -20.99 24.12 -3.91
CA LEU C 280 -22.15 23.44 -3.35
C LEU C 280 -21.83 21.95 -3.28
N ARG C 281 -21.74 21.42 -2.06
CA ARG C 281 -21.37 20.03 -1.85
C ARG C 281 -22.60 19.13 -1.91
N GLY C 282 -22.37 17.87 -2.27
CA GLY C 282 -23.45 16.91 -2.31
C GLY C 282 -23.98 16.56 -0.93
N GLU C 283 -25.16 15.97 -0.92
CA GLU C 283 -25.80 15.52 0.31
C GLU C 283 -25.58 14.03 0.56
N GLN C 284 -25.43 13.23 -0.48
CA GLN C 284 -25.33 11.79 -0.37
C GLN C 284 -24.37 11.27 -1.44
N MET C 285 -23.48 10.37 -1.01
CA MET C 285 -22.50 9.80 -1.93
C MET C 285 -23.18 8.96 -3.00
N ALA C 286 -22.60 8.97 -4.19
CA ALA C 286 -23.07 8.24 -5.36
C ALA C 286 -24.45 8.68 -5.83
N SER C 287 -24.98 9.78 -5.28
CA SER C 287 -26.22 10.35 -5.79
C SER C 287 -26.02 11.08 -7.11
N TYR C 288 -24.77 11.25 -7.55
CA TYR C 288 -24.43 12.00 -8.76
C TYR C 288 -24.94 13.43 -8.69
N PHE C 289 -24.82 14.04 -7.51
CA PHE C 289 -25.13 15.45 -7.32
C PHE C 289 -24.32 16.28 -8.29
N GLY C 290 -24.97 16.83 -9.31
CA GLY C 290 -24.25 17.60 -10.31
C GLY C 290 -24.33 16.96 -11.68
N HIS C 291 -25.18 15.94 -11.81
CA HIS C 291 -25.39 15.31 -13.11
C HIS C 291 -26.00 16.28 -14.11
N SER C 292 -26.76 17.25 -13.63
CA SER C 292 -27.37 18.26 -14.49
C SER C 292 -27.48 19.55 -13.70
N VAL C 293 -27.34 20.68 -14.41
CA VAL C 293 -27.43 22.00 -13.82
C VAL C 293 -28.26 22.88 -14.72
N ALA C 294 -28.99 23.82 -14.12
CA ALA C 294 -29.84 24.73 -14.86
C ALA C 294 -29.85 26.07 -14.15
N VAL C 295 -29.89 27.14 -14.94
CA VAL C 295 -29.79 28.50 -14.41
C VAL C 295 -30.98 29.31 -14.95
N THR C 296 -31.80 29.82 -14.04
CA THR C 296 -32.92 30.69 -14.41
C THR C 296 -33.44 31.37 -13.16
N ASP C 297 -34.04 32.55 -13.35
CA ASP C 297 -34.62 33.33 -12.25
C ASP C 297 -36.07 32.89 -12.07
N VAL C 298 -36.32 32.08 -11.04
CA VAL C 298 -37.64 31.49 -10.87
C VAL C 298 -38.58 32.39 -10.05
N ASN C 299 -38.04 33.20 -9.14
CA ASN C 299 -38.85 34.02 -8.25
C ASN C 299 -38.92 35.47 -8.69
N GLY C 300 -38.51 35.77 -9.91
CA GLY C 300 -38.82 37.10 -10.46
C GLY C 300 -38.19 38.23 -9.71
N ASP C 301 -37.02 38.00 -9.13
CA ASP C 301 -36.28 39.06 -8.47
C ASP C 301 -35.13 39.58 -9.33
N GLY C 302 -34.99 39.11 -10.57
CA GLY C 302 -33.90 39.53 -11.43
C GLY C 302 -32.62 38.72 -11.31
N ARG C 303 -32.39 38.07 -10.17
CA ARG C 303 -31.15 37.35 -9.93
C ARG C 303 -31.33 35.88 -10.32
N HIS C 304 -30.43 35.40 -11.18
CA HIS C 304 -30.47 34.01 -11.61
C HIS C 304 -30.35 33.07 -10.41
N ASP C 305 -31.14 32.00 -10.44
CA ASP C 305 -31.13 30.97 -9.41
C ASP C 305 -30.58 29.67 -9.99
N LEU C 306 -30.11 28.79 -9.11
CA LEU C 306 -29.41 27.58 -9.51
C LEU C 306 -30.21 26.35 -9.11
N LEU C 307 -30.35 25.42 -10.06
CA LEU C 307 -30.98 24.14 -9.83
C LEU C 307 -29.97 23.03 -10.12
N VAL C 308 -29.86 22.08 -9.19
CA VAL C 308 -28.91 20.98 -9.31
C VAL C 308 -29.67 19.66 -9.24
N GLY C 309 -29.27 18.70 -10.07
CA GLY C 309 -29.92 17.40 -10.11
C GLY C 309 -29.02 16.28 -9.58
N ALA C 310 -29.55 15.50 -8.63
CA ALA C 310 -28.89 14.33 -8.07
C ALA C 310 -29.76 13.12 -8.38
N PRO C 311 -29.65 12.56 -9.59
CA PRO C 311 -30.64 11.57 -10.03
C PRO C 311 -30.59 10.25 -9.29
N LEU C 312 -29.49 9.92 -8.63
CA LEU C 312 -29.39 8.65 -7.91
C LEU C 312 -29.52 8.83 -6.41
N TYR C 313 -30.14 9.92 -5.96
CA TYR C 313 -30.33 10.13 -4.53
C TYR C 313 -31.30 9.11 -3.96
N MET C 314 -30.92 8.50 -2.84
CA MET C 314 -31.76 7.52 -2.17
C MET C 314 -32.48 8.18 -1.00
N GLU C 315 -33.79 8.00 -0.94
CA GLU C 315 -34.63 8.64 0.07
C GLU C 315 -34.83 7.71 1.27
N SER C 316 -34.98 8.33 2.44
CA SER C 316 -35.16 7.58 3.68
C SER C 316 -36.60 7.09 3.80
N ARG C 317 -36.79 5.78 3.81
CA ARG C 317 -38.09 5.16 4.00
C ARG C 317 -38.19 4.60 5.42
N ALA C 318 -39.31 3.94 5.71
CA ALA C 318 -39.51 3.35 7.02
C ALA C 318 -38.62 2.12 7.20
N ASP C 319 -38.39 1.77 8.47
CA ASP C 319 -37.56 0.62 8.84
C ASP C 319 -36.12 0.77 8.34
N ARG C 320 -35.62 2.01 8.38
CA ARG C 320 -34.26 2.33 7.99
C ARG C 320 -33.94 1.90 6.55
N LYS C 321 -34.94 1.94 5.68
CA LYS C 321 -34.77 1.56 4.29
C LYS C 321 -34.37 2.76 3.44
N LEU C 322 -33.86 2.47 2.24
CA LEU C 322 -33.46 3.49 1.28
C LEU C 322 -34.06 3.15 -0.06
N ALA C 323 -34.41 4.19 -0.83
CA ALA C 323 -35.08 4.04 -2.11
C ALA C 323 -34.52 5.06 -3.08
N GLU C 324 -33.80 4.60 -4.10
CA GLU C 324 -33.23 5.48 -5.10
C GLU C 324 -34.35 6.10 -5.95
N VAL C 325 -34.47 7.43 -5.91
CA VAL C 325 -35.54 8.11 -6.64
C VAL C 325 -34.99 9.34 -7.37
N GLY C 326 -33.95 9.95 -6.82
CA GLY C 326 -33.44 11.18 -7.39
C GLY C 326 -34.00 12.41 -6.70
N ARG C 327 -33.26 13.51 -6.78
CA ARG C 327 -33.62 14.73 -6.07
C ARG C 327 -33.08 15.93 -6.83
N VAL C 328 -33.84 17.02 -6.80
CA VAL C 328 -33.46 18.28 -7.40
C VAL C 328 -33.36 19.33 -6.29
N TYR C 329 -32.28 20.10 -6.32
CA TYR C 329 -32.00 21.12 -5.31
C TYR C 329 -32.19 22.51 -5.91
N LEU C 330 -32.76 23.41 -5.14
CA LEU C 330 -33.02 24.78 -5.57
C LEU C 330 -32.24 25.74 -4.68
N PHE C 331 -31.32 26.49 -5.28
CA PHE C 331 -30.52 27.48 -4.57
C PHE C 331 -30.86 28.86 -5.13
N LEU C 332 -31.53 29.67 -4.32
CA LEU C 332 -31.84 31.04 -4.72
C LEU C 332 -30.64 31.95 -4.42
N GLN C 333 -30.41 32.92 -5.31
CA GLN C 333 -29.31 33.84 -5.10
C GLN C 333 -29.73 34.95 -4.15
N PRO C 334 -28.98 35.21 -3.08
CA PRO C 334 -29.41 36.19 -2.09
C PRO C 334 -29.07 37.61 -2.51
N ARG C 335 -29.57 38.56 -1.73
CA ARG C 335 -29.30 39.97 -1.97
C ARG C 335 -27.81 40.27 -1.78
N GLY C 336 -27.21 40.89 -2.78
CA GLY C 336 -25.83 41.32 -2.69
C GLY C 336 -24.83 40.23 -3.00
N PRO C 337 -23.59 40.40 -2.53
CA PRO C 337 -22.53 39.45 -2.86
C PRO C 337 -22.48 38.22 -1.96
N HIS C 338 -23.48 38.03 -1.09
CA HIS C 338 -23.45 36.92 -0.14
C HIS C 338 -23.40 35.58 -0.88
N ALA C 339 -22.80 34.59 -0.21
CA ALA C 339 -22.67 33.26 -0.76
C ALA C 339 -24.01 32.53 -0.76
N LEU C 340 -24.17 31.63 -1.73
CA LEU C 340 -25.40 30.85 -1.84
C LEU C 340 -25.50 29.89 -0.67
N GLY C 341 -26.55 30.05 0.14
CA GLY C 341 -26.71 29.28 1.35
C GLY C 341 -27.28 27.90 1.12
N ALA C 342 -28.03 27.42 2.10
CA ALA C 342 -28.62 26.10 2.06
C ALA C 342 -29.67 26.03 0.96
N PRO C 343 -30.05 24.81 0.54
CA PRO C 343 -31.11 24.70 -0.47
C PRO C 343 -32.40 25.32 0.02
N SER C 344 -33.02 26.13 -0.85
CA SER C 344 -34.31 26.73 -0.54
C SER C 344 -35.47 25.76 -0.71
N LEU C 345 -35.28 24.69 -1.49
CA LEU C 345 -36.33 23.72 -1.76
C LEU C 345 -35.69 22.42 -2.21
N LEU C 346 -36.29 21.30 -1.80
CA LEU C 346 -35.82 19.97 -2.17
C LEU C 346 -36.95 19.23 -2.86
N LEU C 347 -36.85 19.09 -4.18
CA LEU C 347 -37.79 18.29 -4.96
C LEU C 347 -37.26 16.86 -5.04
N THR C 348 -38.08 15.91 -4.63
CA THR C 348 -37.70 14.51 -4.57
C THR C 348 -38.62 13.67 -5.44
N GLY C 349 -38.04 12.80 -6.26
CA GLY C 349 -38.83 11.90 -7.07
C GLY C 349 -39.60 10.89 -6.23
N THR C 350 -40.52 10.19 -6.89
CA THR C 350 -41.33 9.18 -6.24
C THR C 350 -41.16 7.79 -6.81
N GLN C 351 -40.87 7.65 -8.10
CA GLN C 351 -40.77 6.34 -8.72
C GLN C 351 -39.36 5.78 -8.53
N LEU C 352 -39.29 4.52 -8.09
CA LEU C 352 -38.01 3.85 -7.89
C LEU C 352 -37.25 3.74 -9.21
N TYR C 353 -35.94 4.02 -9.14
CA TYR C 353 -35.06 4.01 -10.32
C TYR C 353 -35.50 5.00 -11.39
N GLY C 354 -36.33 5.99 -11.00
CA GLY C 354 -36.83 6.94 -11.97
C GLY C 354 -35.80 7.96 -12.40
N ARG C 355 -34.75 8.15 -11.60
CA ARG C 355 -33.67 9.10 -11.89
C ARG C 355 -34.22 10.51 -12.06
N PHE C 356 -35.09 10.89 -11.12
CA PHE C 356 -35.65 12.24 -11.09
C PHE C 356 -34.54 13.25 -10.91
N GLY C 357 -34.41 14.16 -11.87
CA GLY C 357 -33.31 15.10 -11.90
C GLY C 357 -32.27 14.83 -12.96
N SER C 358 -32.51 13.86 -13.85
CA SER C 358 -31.52 13.58 -14.90
CA SER C 358 -31.53 13.58 -14.90
C SER C 358 -31.38 14.76 -15.85
N ALA C 359 -32.43 15.55 -16.02
CA ALA C 359 -32.39 16.74 -16.86
C ALA C 359 -33.29 17.80 -16.23
N ILE C 360 -32.85 19.05 -16.29
CA ILE C 360 -33.61 20.17 -15.75
C ILE C 360 -33.60 21.28 -16.79
N ALA C 361 -34.78 21.66 -17.26
CA ALA C 361 -34.90 22.61 -18.35
C ALA C 361 -35.66 23.85 -17.91
N PRO C 362 -35.07 25.04 -18.04
CA PRO C 362 -35.87 26.26 -17.88
C PRO C 362 -36.90 26.36 -18.99
N LEU C 363 -38.08 26.84 -18.64
CA LEU C 363 -39.18 26.97 -19.59
C LEU C 363 -39.54 28.41 -19.92
N GLY C 364 -38.89 29.39 -19.29
CA GLY C 364 -39.42 30.74 -19.38
C GLY C 364 -40.67 30.83 -18.52
N ASP C 365 -41.48 31.84 -18.82
CA ASP C 365 -42.77 32.02 -18.14
C ASP C 365 -43.84 31.30 -18.94
N LEU C 366 -44.28 30.15 -18.42
CA LEU C 366 -45.16 29.26 -19.16
C LEU C 366 -46.60 29.78 -19.17
N ASP C 367 -47.10 30.17 -18.00
CA ASP C 367 -48.44 30.74 -17.88
C ASP C 367 -48.45 32.26 -17.93
N ARG C 368 -47.30 32.89 -18.17
CA ARG C 368 -47.18 34.35 -18.29
C ARG C 368 -47.79 35.05 -17.07
N ASP C 369 -47.41 34.55 -15.89
CA ASP C 369 -47.85 35.14 -14.63
C ASP C 369 -46.80 36.04 -13.99
N GLY C 370 -45.58 36.07 -14.53
CA GLY C 370 -44.51 36.89 -13.98
C GLY C 370 -43.34 36.10 -13.43
N TYR C 371 -43.46 34.78 -13.31
CA TYR C 371 -42.42 33.95 -12.72
C TYR C 371 -42.03 32.84 -13.69
N ASN C 372 -40.73 32.70 -13.93
CA ASN C 372 -40.22 31.64 -14.79
C ASN C 372 -40.43 30.28 -14.13
N ASP C 373 -40.57 29.26 -14.97
CA ASP C 373 -40.93 27.91 -14.55
C ASP C 373 -39.93 26.92 -15.12
N ILE C 374 -39.93 25.70 -14.59
CA ILE C 374 -38.95 24.68 -14.95
C ILE C 374 -39.67 23.36 -15.26
N ALA C 375 -38.94 22.48 -15.93
CA ALA C 375 -39.35 21.11 -16.18
C ALA C 375 -38.24 20.18 -15.74
N VAL C 376 -38.61 19.14 -15.01
CA VAL C 376 -37.67 18.17 -14.46
C VAL C 376 -38.03 16.79 -14.98
N ALA C 377 -37.04 16.09 -15.53
CA ALA C 377 -37.27 14.79 -16.14
C ALA C 377 -37.03 13.66 -15.14
N ALA C 378 -37.76 12.57 -15.34
CA ALA C 378 -37.51 11.28 -14.67
C ALA C 378 -37.57 10.24 -15.76
N PRO C 379 -36.45 10.00 -16.47
CA PRO C 379 -36.51 9.20 -17.71
C PRO C 379 -36.96 7.76 -17.50
N TYR C 380 -37.09 7.31 -16.25
CA TYR C 380 -37.63 5.98 -15.96
C TYR C 380 -38.64 6.08 -14.83
N GLY C 381 -39.27 7.24 -14.68
CA GLY C 381 -40.27 7.48 -13.67
C GLY C 381 -41.67 7.27 -14.21
N GLY C 382 -42.64 7.87 -13.51
CA GLY C 382 -44.04 7.63 -13.78
C GLY C 382 -44.47 6.30 -13.20
N PRO C 383 -45.78 6.12 -12.97
CA PRO C 383 -46.25 4.87 -12.38
C PRO C 383 -45.94 3.65 -13.22
N SER C 384 -45.66 3.83 -14.51
CA SER C 384 -45.32 2.72 -15.41
C SER C 384 -43.82 2.55 -15.61
N GLY C 385 -43.00 3.50 -15.17
CA GLY C 385 -41.58 3.44 -15.43
C GLY C 385 -41.18 3.79 -16.85
N ARG C 386 -42.11 4.30 -17.66
CA ARG C 386 -41.84 4.62 -19.05
C ARG C 386 -41.26 6.01 -19.25
N GLY C 387 -41.08 6.78 -18.19
CA GLY C 387 -40.58 8.13 -18.32
C GLY C 387 -41.65 9.15 -18.03
N GLN C 388 -41.23 10.30 -17.49
CA GLN C 388 -42.16 11.32 -17.03
C GLN C 388 -41.44 12.65 -16.90
N VAL C 389 -42.08 13.71 -17.39
CA VAL C 389 -41.59 15.08 -17.23
C VAL C 389 -42.55 15.83 -16.33
N LEU C 390 -42.01 16.56 -15.35
CA LEU C 390 -42.80 17.27 -14.36
C LEU C 390 -42.54 18.76 -14.46
N VAL C 391 -43.60 19.55 -14.55
CA VAL C 391 -43.50 21.00 -14.67
C VAL C 391 -43.75 21.62 -13.31
N PHE C 392 -42.79 22.41 -12.83
CA PHE C 392 -42.92 23.17 -11.60
C PHE C 392 -42.98 24.65 -11.93
N LEU C 393 -43.99 25.34 -11.40
CA LEU C 393 -44.20 26.74 -11.67
C LEU C 393 -43.48 27.62 -10.66
N GLY C 394 -43.01 28.77 -11.13
CA GLY C 394 -42.33 29.70 -10.25
C GLY C 394 -43.30 30.42 -9.33
N GLN C 395 -42.74 31.01 -8.28
CA GLN C 395 -43.50 31.76 -7.30
C GLN C 395 -42.56 32.71 -6.58
N SER C 396 -43.14 33.67 -5.85
CA SER C 396 -42.33 34.65 -5.14
C SER C 396 -41.41 33.97 -4.12
N GLU C 397 -41.84 32.84 -3.55
CA GLU C 397 -41.02 32.11 -2.59
C GLU C 397 -40.06 31.14 -3.26
N GLY C 398 -40.16 30.93 -4.57
CA GLY C 398 -39.30 30.00 -5.26
C GLY C 398 -40.04 29.14 -6.28
N LEU C 399 -40.28 27.89 -5.93
CA LEU C 399 -41.00 26.96 -6.79
C LEU C 399 -42.07 26.25 -5.99
N ARG C 400 -43.13 25.85 -6.68
CA ARG C 400 -44.18 25.07 -6.05
C ARG C 400 -43.64 23.72 -5.59
N SER C 401 -44.05 23.30 -4.40
CA SER C 401 -43.62 22.00 -3.90
C SER C 401 -44.14 20.86 -4.78
N ARG C 402 -45.25 21.08 -5.46
CA ARG C 402 -45.90 20.07 -6.27
C ARG C 402 -46.03 20.55 -7.72
N PRO C 403 -45.95 19.63 -8.68
CA PRO C 403 -46.00 20.04 -10.09
C PRO C 403 -47.38 20.50 -10.50
N SER C 404 -47.41 21.46 -11.43
CA SER C 404 -48.68 21.87 -12.01
C SER C 404 -49.17 20.89 -13.06
N GLN C 405 -48.24 20.19 -13.70
CA GLN C 405 -48.53 19.36 -14.85
C GLN C 405 -47.51 18.24 -14.91
N VAL C 406 -47.92 17.14 -15.52
CA VAL C 406 -47.08 15.94 -15.65
C VAL C 406 -47.22 15.44 -17.08
N LEU C 407 -46.10 15.26 -17.76
CA LEU C 407 -46.08 14.75 -19.13
C LEU C 407 -45.57 13.33 -19.10
N ASP C 408 -46.49 12.37 -19.13
CA ASP C 408 -46.10 10.96 -19.19
C ASP C 408 -45.62 10.61 -20.59
N SER C 409 -44.70 9.65 -20.66
CA SER C 409 -44.06 9.32 -21.93
C SER C 409 -45.06 8.74 -22.91
N PRO C 410 -45.13 9.26 -24.15
CA PRO C 410 -46.00 8.66 -25.15
C PRO C 410 -45.38 7.45 -25.86
N PHE C 411 -44.16 7.09 -25.52
CA PHE C 411 -43.36 6.07 -26.19
C PHE C 411 -43.42 4.76 -25.43
N PRO C 412 -42.90 3.66 -26.00
CA PRO C 412 -42.85 2.40 -25.23
C PRO C 412 -41.83 2.44 -24.12
N THR C 413 -41.71 1.33 -23.38
CA THR C 413 -40.74 1.24 -22.31
C THR C 413 -39.32 1.33 -22.85
N GLY C 414 -38.44 1.97 -22.07
CA GLY C 414 -37.05 2.07 -22.42
C GLY C 414 -36.68 3.22 -23.33
N SER C 415 -37.62 4.10 -23.64
CA SER C 415 -37.34 5.22 -24.54
C SER C 415 -36.44 6.28 -23.92
N ALA C 416 -36.22 6.24 -22.60
CA ALA C 416 -35.47 7.28 -21.89
C ALA C 416 -36.09 8.65 -22.10
N PHE C 417 -37.41 8.69 -22.25
CA PHE C 417 -38.15 9.92 -22.43
C PHE C 417 -37.83 10.93 -21.33
N GLY C 418 -37.26 12.05 -21.72
CA GLY C 418 -36.87 13.09 -20.78
C GLY C 418 -35.38 13.22 -20.56
N PHE C 419 -34.59 12.22 -20.98
CA PHE C 419 -33.14 12.29 -20.81
C PHE C 419 -32.57 13.61 -21.33
N SER C 420 -33.20 14.20 -22.34
CA SER C 420 -32.85 15.53 -22.82
C SER C 420 -34.09 16.40 -22.88
N LEU C 421 -33.96 17.64 -22.42
CA LEU C 421 -35.05 18.60 -22.36
C LEU C 421 -34.54 19.96 -22.84
N ARG C 422 -35.47 20.78 -23.32
CA ARG C 422 -35.15 22.13 -23.73
C ARG C 422 -36.43 22.93 -23.98
N GLY C 423 -36.50 24.14 -23.44
CA GLY C 423 -37.69 24.95 -23.61
C GLY C 423 -37.40 26.42 -23.73
N ALA C 424 -38.31 27.25 -23.22
CA ALA C 424 -38.16 28.71 -23.21
C ALA C 424 -38.08 29.31 -24.61
N VAL C 425 -38.68 28.64 -25.60
CA VAL C 425 -38.69 29.13 -26.98
C VAL C 425 -40.09 28.94 -27.56
N ASP C 426 -40.59 29.95 -28.26
CA ASP C 426 -41.90 29.89 -28.91
C ASP C 426 -41.68 29.44 -30.35
N ILE C 427 -41.87 28.15 -30.60
CA ILE C 427 -41.55 27.61 -31.92
C ILE C 427 -42.69 27.83 -32.92
N ASP C 428 -43.94 27.87 -32.44
CA ASP C 428 -45.09 28.11 -33.31
C ASP C 428 -45.53 29.58 -33.31
N ASP C 429 -44.78 30.45 -32.63
CA ASP C 429 -45.04 31.89 -32.62
C ASP C 429 -46.47 32.20 -32.17
N ASN C 430 -46.93 31.49 -31.15
CA ASN C 430 -48.21 31.77 -30.53
C ASN C 430 -48.07 32.60 -29.26
N GLY C 431 -46.89 33.19 -29.03
CA GLY C 431 -46.66 34.00 -27.85
C GLY C 431 -46.24 33.24 -26.60
N TYR C 432 -46.23 31.91 -26.66
CA TYR C 432 -45.99 31.12 -25.46
C TYR C 432 -44.81 30.18 -25.66
N PRO C 433 -43.96 30.01 -24.64
CA PRO C 433 -42.77 29.17 -24.81
C PRO C 433 -43.11 27.69 -24.79
N ASP C 434 -42.46 26.93 -25.67
CA ASP C 434 -42.77 25.53 -25.90
C ASP C 434 -41.65 24.64 -25.36
N LEU C 435 -41.92 23.33 -25.34
CA LEU C 435 -41.02 22.35 -24.76
C LEU C 435 -40.78 21.21 -25.74
N ILE C 436 -39.52 20.87 -25.95
CA ILE C 436 -39.14 19.70 -26.76
C ILE C 436 -38.50 18.68 -25.83
N VAL C 437 -38.86 17.41 -26.02
CA VAL C 437 -38.40 16.32 -25.17
C VAL C 437 -37.77 15.25 -26.05
N GLY C 438 -36.57 14.79 -25.69
CA GLY C 438 -35.94 13.73 -26.41
C GLY C 438 -36.20 12.36 -25.79
N ALA C 439 -36.09 11.31 -26.62
CA ALA C 439 -36.22 9.92 -26.16
C ALA C 439 -35.35 9.07 -27.08
N TYR C 440 -34.03 9.11 -26.84
CA TYR C 440 -33.09 8.47 -27.73
C TYR C 440 -33.29 6.96 -27.82
N GLY C 441 -33.94 6.35 -26.83
CA GLY C 441 -34.24 4.93 -26.91
C GLY C 441 -35.22 4.62 -28.03
N ALA C 442 -36.24 5.46 -28.20
CA ALA C 442 -37.19 5.30 -29.28
C ALA C 442 -36.77 6.03 -30.54
N ASN C 443 -35.63 6.72 -30.53
CA ASN C 443 -35.12 7.47 -31.67
C ASN C 443 -36.14 8.52 -32.13
N GLN C 444 -36.74 9.21 -31.18
CA GLN C 444 -37.77 10.19 -31.49
C GLN C 444 -37.67 11.38 -30.55
N VAL C 445 -38.32 12.47 -30.97
CA VAL C 445 -38.39 13.70 -30.20
C VAL C 445 -39.85 14.15 -30.18
N ALA C 446 -40.36 14.45 -28.99
CA ALA C 446 -41.72 14.95 -28.80
C ALA C 446 -41.69 16.45 -28.50
N VAL C 447 -42.62 17.18 -29.10
CA VAL C 447 -42.73 18.62 -28.93
C VAL C 447 -44.07 18.94 -28.29
N TYR C 448 -44.03 19.76 -27.23
CA TYR C 448 -45.24 20.14 -26.48
C TYR C 448 -45.46 21.63 -26.67
N ARG C 449 -46.55 21.99 -27.33
CA ARG C 449 -46.90 23.38 -27.54
C ARG C 449 -47.66 23.92 -26.33
N ALA C 450 -47.25 25.10 -25.88
CA ALA C 450 -47.95 25.78 -24.79
C ALA C 450 -49.22 26.43 -25.33
N GLN C 451 -50.31 26.26 -24.60
CA GLN C 451 -51.59 26.82 -24.99
C GLN C 451 -51.92 28.05 -24.15
N PRO C 452 -52.69 28.99 -24.69
CA PRO C 452 -53.00 30.21 -23.94
C PRO C 452 -53.74 29.91 -22.66
N VAL C 453 -53.61 30.82 -21.69
CA VAL C 453 -54.25 30.67 -20.39
C VAL C 453 -55.45 31.60 -20.28
N GLY D 1 -72.61 -0.39 37.92
CA GLY D 1 -73.85 -0.26 37.18
C GLY D 1 -73.68 0.42 35.83
N PRO D 2 -73.44 1.72 35.83
CA PRO D 2 -73.28 2.44 34.58
C PRO D 2 -71.83 2.37 34.08
N ASN D 3 -71.69 2.33 32.75
CA ASN D 3 -70.39 2.29 32.09
C ASN D 3 -70.61 2.59 30.60
N ILE D 4 -69.49 2.60 29.85
CA ILE D 4 -69.54 2.91 28.42
C ILE D 4 -70.34 1.88 27.64
N CYS D 5 -70.55 0.69 28.21
CA CYS D 5 -71.30 -0.35 27.50
C CYS D 5 -72.79 0.00 27.42
N THR D 6 -73.39 0.35 28.55
CA THR D 6 -74.82 0.64 28.57
C THR D 6 -75.14 2.02 28.02
N THR D 7 -74.36 3.03 28.41
CA THR D 7 -74.67 4.40 28.06
C THR D 7 -74.58 4.68 26.56
N ARG D 8 -73.88 3.84 25.80
CA ARG D 8 -73.78 4.05 24.36
C ARG D 8 -75.13 3.89 23.67
N GLY D 9 -75.99 3.02 24.18
CA GLY D 9 -77.25 2.75 23.51
C GLY D 9 -77.04 2.03 22.19
N VAL D 10 -76.50 0.82 22.26
CA VAL D 10 -76.16 0.07 21.05
C VAL D 10 -77.42 -0.57 20.48
N SER D 11 -77.42 -0.76 19.16
CA SER D 11 -78.56 -1.33 18.45
C SER D 11 -78.38 -2.81 18.11
N SER D 12 -77.17 -3.35 18.23
CA SER D 12 -76.90 -4.71 17.80
C SER D 12 -75.77 -5.31 18.63
N CYS D 13 -75.71 -6.64 18.64
CA CYS D 13 -74.60 -7.34 19.28
C CYS D 13 -73.27 -6.96 18.65
N GLN D 14 -73.24 -6.88 17.32
CA GLN D 14 -72.02 -6.49 16.63
C GLN D 14 -71.58 -5.09 17.03
N GLN D 15 -72.54 -4.17 17.18
CA GLN D 15 -72.22 -2.81 17.59
C GLN D 15 -71.76 -2.75 19.04
N CYS D 16 -72.25 -3.67 19.89
CA CYS D 16 -71.85 -3.64 21.29
C CYS D 16 -70.41 -4.11 21.49
N LEU D 17 -69.99 -5.17 20.79
CA LEU D 17 -68.60 -5.60 20.88
C LEU D 17 -67.66 -4.54 20.33
N ALA D 18 -68.12 -3.71 19.39
CA ALA D 18 -67.33 -2.60 18.84
C ALA D 18 -67.13 -1.46 19.81
N VAL D 19 -67.91 -1.39 20.90
CA VAL D 19 -67.73 -0.34 21.89
C VAL D 19 -66.38 -0.49 22.59
N SER D 20 -66.10 -1.68 23.10
CA SER D 20 -64.90 -1.93 23.88
C SER D 20 -64.66 -3.43 24.02
N PRO D 21 -63.40 -3.87 24.19
CA PRO D 21 -63.15 -5.28 24.50
C PRO D 21 -63.70 -5.68 25.87
N MET D 22 -64.11 -4.72 26.67
CA MET D 22 -64.62 -4.97 28.02
C MET D 22 -66.09 -5.38 28.00
N CYS D 23 -66.84 -4.95 27.00
CA CYS D 23 -68.29 -5.12 27.00
C CYS D 23 -68.68 -6.51 26.49
N ALA D 24 -69.88 -6.94 26.87
CA ALA D 24 -70.46 -8.21 26.47
C ALA D 24 -71.90 -7.97 26.01
N TRP D 25 -72.55 -9.05 25.57
CA TRP D 25 -73.91 -8.95 25.05
C TRP D 25 -74.72 -10.16 25.50
N CYS D 26 -75.99 -9.93 25.85
CA CYS D 26 -76.92 -10.98 26.23
C CYS D 26 -78.01 -11.08 25.16
N SER D 27 -78.18 -12.27 24.58
CA SER D 27 -79.17 -12.51 23.55
C SER D 27 -80.41 -13.22 24.07
N ASP D 28 -80.52 -13.41 25.38
CA ASP D 28 -81.65 -14.12 25.96
C ASP D 28 -82.95 -13.38 25.69
N GLU D 29 -83.88 -14.05 25.01
CA GLU D 29 -85.15 -13.42 24.66
C GLU D 29 -85.98 -13.09 25.91
N ALA D 30 -85.78 -13.84 27.00
CA ALA D 30 -86.51 -13.63 28.24
C ALA D 30 -85.78 -12.70 29.21
N LEU D 31 -85.14 -11.64 28.69
CA LEU D 31 -84.50 -10.64 29.53
C LEU D 31 -85.50 -9.57 29.93
N PRO D 32 -85.39 -9.03 31.15
CA PRO D 32 -86.27 -7.92 31.54
C PRO D 32 -86.15 -6.76 30.57
N LEU D 33 -87.28 -6.09 30.33
CA LEU D 33 -87.28 -4.94 29.44
C LEU D 33 -86.41 -3.81 29.99
N GLY D 34 -86.63 -3.44 31.25
CA GLY D 34 -85.77 -2.47 31.91
C GLY D 34 -84.42 -3.05 32.29
N SER D 35 -83.65 -3.45 31.27
CA SER D 35 -82.35 -4.07 31.49
C SER D 35 -81.52 -3.94 30.23
N PRO D 36 -80.28 -3.45 30.33
CA PRO D 36 -79.46 -3.29 29.13
C PRO D 36 -78.91 -4.62 28.64
N ARG D 37 -78.86 -4.76 27.32
CA ARG D 37 -78.27 -5.95 26.70
C ARG D 37 -76.77 -5.82 26.48
N CYS D 38 -76.20 -4.65 26.71
CA CYS D 38 -74.77 -4.39 26.46
C CYS D 38 -74.16 -3.90 27.78
N ASP D 39 -73.42 -4.77 28.45
CA ASP D 39 -72.83 -4.45 29.74
C ASP D 39 -71.66 -5.40 29.97
N LEU D 40 -71.03 -5.26 31.14
CA LEU D 40 -69.97 -6.19 31.53
C LEU D 40 -70.53 -7.59 31.71
N LYS D 41 -69.67 -8.60 31.55
CA LYS D 41 -70.12 -9.97 31.68
C LYS D 41 -70.69 -10.26 33.06
N GLU D 42 -70.21 -9.56 34.09
CA GLU D 42 -70.70 -9.79 35.44
C GLU D 42 -72.09 -9.19 35.64
N ASN D 43 -72.29 -7.94 35.18
CA ASN D 43 -73.57 -7.28 35.36
C ASN D 43 -74.69 -8.01 34.61
N LEU D 44 -74.37 -8.67 33.50
CA LEU D 44 -75.38 -9.41 32.77
C LEU D 44 -75.79 -10.67 33.52
N LEU D 45 -74.82 -11.39 34.08
CA LEU D 45 -75.13 -12.58 34.88
C LEU D 45 -75.95 -12.25 36.13
N LYS D 46 -75.91 -11.00 36.59
CA LYS D 46 -76.74 -10.61 37.73
C LYS D 46 -78.22 -10.59 37.37
N ASP D 47 -78.55 -10.27 36.11
CA ASP D 47 -79.94 -10.20 35.66
C ASP D 47 -80.44 -11.53 35.14
N ASN D 48 -79.96 -12.65 35.70
CA ASN D 48 -80.39 -14.00 35.36
C ASN D 48 -80.29 -14.29 33.86
N CYS D 49 -79.41 -13.59 33.14
CA CYS D 49 -79.21 -13.89 31.73
C CYS D 49 -78.64 -15.29 31.58
N ALA D 50 -79.21 -16.05 30.64
CA ALA D 50 -78.80 -17.43 30.42
C ALA D 50 -77.33 -17.49 30.09
N PRO D 51 -76.51 -18.20 30.88
CA PRO D 51 -75.06 -18.22 30.63
C PRO D 51 -74.67 -18.62 29.22
N GLU D 52 -75.39 -19.58 28.63
CA GLU D 52 -75.10 -19.98 27.26
C GLU D 52 -75.49 -18.92 26.24
N SER D 53 -76.38 -18.00 26.61
CA SER D 53 -76.85 -16.94 25.74
C SER D 53 -75.96 -15.70 25.78
N ILE D 54 -74.81 -15.78 26.45
CA ILE D 54 -73.91 -14.65 26.61
C ILE D 54 -72.83 -14.72 25.53
N GLU D 55 -72.60 -13.58 24.85
CA GLU D 55 -71.60 -13.45 23.80
C GLU D 55 -70.48 -12.56 24.34
N PHE D 56 -69.27 -13.12 24.46
CA PHE D 56 -68.13 -12.40 25.03
C PHE D 56 -66.87 -13.06 24.54
N PRO D 57 -66.44 -12.77 23.32
CA PRO D 57 -65.18 -13.32 22.81
C PRO D 57 -63.99 -12.73 23.52
N VAL D 58 -62.92 -13.53 23.60
CA VAL D 58 -61.70 -13.16 24.31
C VAL D 58 -60.54 -13.25 23.33
N SER D 59 -59.76 -12.17 23.25
CA SER D 59 -58.56 -12.18 22.41
C SER D 59 -57.55 -13.17 22.97
N GLU D 60 -57.18 -14.15 22.16
CA GLU D 60 -56.32 -15.23 22.59
C GLU D 60 -55.22 -15.47 21.56
N ALA D 61 -54.13 -16.08 22.02
CA ALA D 61 -53.05 -16.54 21.17
C ALA D 61 -52.88 -18.04 21.37
N ARG D 62 -52.71 -18.77 20.27
CA ARG D 62 -52.66 -20.23 20.33
C ARG D 62 -51.55 -20.72 19.41
N VAL D 63 -50.73 -21.64 19.91
CA VAL D 63 -49.59 -22.15 19.16
C VAL D 63 -50.00 -23.39 18.38
N LEU D 64 -49.69 -23.39 17.09
CA LEU D 64 -50.02 -24.49 16.19
C LEU D 64 -48.80 -25.37 15.90
N GLU D 65 -47.76 -24.79 15.30
CA GLU D 65 -46.50 -25.47 15.06
C GLU D 65 -45.46 -24.95 16.05
N ASP D 66 -44.80 -25.86 16.76
CA ASP D 66 -43.88 -25.50 17.83
C ASP D 66 -42.69 -26.48 17.85
N ARG D 67 -41.95 -26.53 16.74
CA ARG D 67 -40.78 -27.39 16.69
C ARG D 67 -39.66 -26.80 17.53
N PRO D 68 -38.89 -27.64 18.24
CA PRO D 68 -37.81 -27.12 19.07
C PRO D 68 -36.66 -26.58 18.23
N LEU D 69 -35.95 -25.61 18.80
CA LEU D 69 -34.78 -25.06 18.13
C LEU D 69 -33.69 -26.12 18.02
N SER D 70 -33.08 -26.21 16.84
CA SER D 70 -32.07 -27.22 16.60
C SER D 70 -30.77 -26.88 17.31
N ASP D 71 -30.13 -27.90 17.88
CA ASP D 71 -28.83 -27.72 18.52
C ASP D 71 -27.73 -27.55 17.49
N LYS D 72 -27.81 -28.29 16.38
CA LYS D 72 -26.80 -28.24 15.33
C LYS D 72 -27.49 -28.00 13.99
N GLY D 73 -26.77 -27.37 13.07
CA GLY D 73 -27.27 -27.10 11.73
C GLY D 73 -26.83 -28.08 10.66
N SER D 74 -26.19 -29.18 11.03
CA SER D 74 -25.67 -30.14 10.05
C SER D 74 -26.79 -31.09 9.65
N GLY D 75 -26.46 -32.12 8.89
CA GLY D 75 -27.48 -33.11 8.56
C GLY D 75 -28.34 -32.56 7.44
N ASP D 76 -29.64 -32.78 7.55
CA ASP D 76 -30.60 -32.26 6.58
C ASP D 76 -30.92 -30.81 6.88
N SER D 77 -30.99 -29.98 5.84
CA SER D 77 -31.42 -28.60 6.00
C SER D 77 -32.92 -28.48 6.26
N SER D 78 -33.72 -29.49 5.87
CA SER D 78 -35.15 -29.48 6.16
C SER D 78 -35.43 -29.66 7.65
N GLN D 79 -34.51 -30.24 8.40
CA GLN D 79 -34.68 -30.45 9.83
C GLN D 79 -34.24 -29.25 10.67
N VAL D 80 -33.56 -28.28 10.08
CA VAL D 80 -33.03 -27.15 10.85
C VAL D 80 -34.18 -26.23 11.25
N THR D 81 -34.20 -25.85 12.52
CA THR D 81 -35.22 -24.95 13.06
C THR D 81 -34.50 -23.79 13.76
N GLN D 82 -34.60 -22.60 13.17
CA GLN D 82 -33.98 -21.40 13.73
C GLN D 82 -34.96 -20.51 14.47
N VAL D 83 -36.27 -20.67 14.23
CA VAL D 83 -37.30 -19.80 14.81
C VAL D 83 -38.28 -20.68 15.58
N SER D 84 -38.78 -20.16 16.70
CA SER D 84 -39.74 -20.88 17.54
C SER D 84 -40.61 -19.85 18.24
N PRO D 85 -41.94 -19.89 18.06
CA PRO D 85 -42.65 -20.87 17.23
C PRO D 85 -42.64 -20.52 15.75
N GLN D 86 -43.14 -21.43 14.91
CA GLN D 86 -43.18 -21.21 13.47
C GLN D 86 -44.55 -20.76 12.97
N ARG D 87 -45.61 -20.99 13.73
CA ARG D 87 -46.96 -20.65 13.30
C ARG D 87 -47.85 -20.54 14.53
N ILE D 88 -48.57 -19.42 14.64
CA ILE D 88 -49.51 -19.21 15.74
C ILE D 88 -50.80 -18.63 15.18
N ALA D 89 -51.90 -18.87 15.89
CA ALA D 89 -53.21 -18.33 15.54
C ALA D 89 -53.55 -17.22 16.53
N LEU D 90 -53.87 -16.04 16.00
CA LEU D 90 -54.15 -14.86 16.82
C LEU D 90 -55.61 -14.45 16.63
N ARG D 91 -56.32 -14.28 17.74
CA ARG D 91 -57.71 -13.83 17.73
C ARG D 91 -57.79 -12.47 18.39
N LEU D 92 -58.49 -11.54 17.75
CA LEU D 92 -58.61 -10.18 18.25
C LEU D 92 -60.02 -9.66 18.00
N ARG D 93 -60.62 -9.04 19.01
CA ARG D 93 -61.87 -8.32 18.85
C ARG D 93 -61.57 -6.84 18.66
N PRO D 94 -62.55 -6.04 18.19
CA PRO D 94 -62.24 -4.66 17.80
C PRO D 94 -61.54 -3.86 18.90
N ASP D 95 -60.50 -3.13 18.49
CA ASP D 95 -59.77 -2.19 19.33
C ASP D 95 -59.07 -2.87 20.51
N ASP D 96 -58.86 -4.18 20.44
CA ASP D 96 -58.20 -4.92 21.49
C ASP D 96 -56.75 -5.18 21.11
N SER D 97 -56.02 -5.87 21.99
CA SER D 97 -54.63 -6.21 21.73
C SER D 97 -54.25 -7.43 22.56
N LYS D 98 -53.44 -8.30 21.97
CA LYS D 98 -52.94 -9.50 22.63
C LYS D 98 -51.45 -9.62 22.32
N ASN D 99 -50.72 -10.27 23.24
CA ASN D 99 -49.27 -10.41 23.10
C ASN D 99 -48.86 -11.88 22.99
N PHE D 100 -47.74 -12.10 22.31
CA PHE D 100 -47.17 -13.43 22.11
C PHE D 100 -45.66 -13.29 22.18
N SER D 101 -44.95 -14.38 21.86
CA SER D 101 -43.50 -14.40 22.00
C SER D 101 -42.88 -15.23 20.88
N ILE D 102 -41.59 -15.00 20.65
CA ILE D 102 -40.84 -15.68 19.61
C ILE D 102 -39.39 -15.82 20.07
N GLN D 103 -38.77 -16.94 19.69
CA GLN D 103 -37.37 -17.21 19.98
C GLN D 103 -36.60 -17.41 18.69
N VAL D 104 -35.39 -16.84 18.63
CA VAL D 104 -34.50 -16.95 17.48
C VAL D 104 -33.15 -17.43 17.98
N ARG D 105 -32.48 -18.24 17.17
CA ARG D 105 -31.17 -18.80 17.54
C ARG D 105 -30.25 -18.81 16.34
N GLN D 106 -29.07 -18.21 16.51
CA GLN D 106 -27.98 -18.42 15.56
C GLN D 106 -27.46 -19.84 15.71
N VAL D 107 -28.02 -20.77 14.92
CA VAL D 107 -27.75 -22.18 15.11
C VAL D 107 -26.27 -22.48 14.87
N GLU D 108 -25.70 -23.32 15.73
CA GLU D 108 -24.31 -23.72 15.61
C GLU D 108 -24.13 -24.70 14.46
N ASP D 109 -23.01 -24.58 13.75
CA ASP D 109 -22.64 -25.47 12.64
C ASP D 109 -23.64 -25.35 11.49
N TYR D 110 -23.83 -24.12 11.02
CA TYR D 110 -24.67 -23.85 9.86
C TYR D 110 -23.80 -23.80 8.60
N PRO D 111 -24.27 -24.37 7.49
CA PRO D 111 -23.47 -24.35 6.26
C PRO D 111 -23.16 -22.93 5.82
N VAL D 112 -22.02 -22.78 5.14
CA VAL D 112 -21.49 -21.47 4.76
C VAL D 112 -20.97 -21.52 3.33
N ASP D 113 -21.34 -20.52 2.53
CA ASP D 113 -20.78 -20.31 1.20
C ASP D 113 -19.94 -19.04 1.20
N ILE D 114 -18.77 -19.10 0.54
CA ILE D 114 -17.85 -17.97 0.49
C ILE D 114 -17.36 -17.83 -0.95
N TYR D 115 -17.77 -16.76 -1.62
CA TYR D 115 -17.31 -16.44 -2.96
C TYR D 115 -16.31 -15.29 -2.88
N TYR D 116 -15.08 -15.55 -3.31
CA TYR D 116 -13.98 -14.59 -3.21
C TYR D 116 -13.94 -13.79 -4.51
N LEU D 117 -14.42 -12.54 -4.44
CA LEU D 117 -14.45 -11.64 -5.59
C LEU D 117 -13.26 -10.70 -5.47
N MET D 118 -12.32 -10.80 -6.41
CA MET D 118 -11.00 -10.19 -6.26
C MET D 118 -10.73 -9.18 -7.37
N ASP D 119 -10.27 -7.99 -6.97
CA ASP D 119 -9.70 -7.06 -7.90
C ASP D 119 -8.41 -7.64 -8.48
N LEU D 120 -8.37 -7.78 -9.80
CA LEU D 120 -7.17 -8.24 -10.48
C LEU D 120 -6.62 -7.16 -11.39
N SER D 121 -6.77 -5.89 -11.01
CA SER D 121 -6.01 -4.83 -11.64
C SER D 121 -4.56 -4.91 -11.18
N TYR D 122 -3.69 -4.19 -11.90
CA TYR D 122 -2.25 -4.34 -11.70
C TYR D 122 -1.84 -4.09 -10.25
N SER D 123 -2.57 -3.24 -9.54
CA SER D 123 -2.22 -2.87 -8.17
C SER D 123 -2.45 -4.02 -7.20
N MET D 124 -2.89 -5.17 -7.71
CA MET D 124 -3.15 -6.34 -6.88
C MET D 124 -2.23 -7.51 -7.23
N LYS D 125 -1.08 -7.24 -7.86
CA LYS D 125 -0.22 -8.32 -8.31
C LYS D 125 0.47 -9.01 -7.13
N ASP D 126 0.94 -8.24 -6.16
CA ASP D 126 1.55 -8.81 -4.97
C ASP D 126 0.51 -9.46 -4.04
N ASP D 127 -0.77 -9.12 -4.23
CA ASP D 127 -1.83 -9.76 -3.43
C ASP D 127 -2.03 -11.22 -3.83
N LEU D 128 -1.70 -11.58 -5.07
CA LEU D 128 -1.85 -12.97 -5.51
C LEU D 128 -0.88 -13.89 -4.81
N TRP D 129 0.36 -13.42 -4.56
CA TRP D 129 1.36 -14.28 -3.94
C TRP D 129 0.92 -14.76 -2.57
N SER D 130 0.04 -14.01 -1.91
CA SER D 130 -0.36 -14.37 -0.55
C SER D 130 -1.41 -15.46 -0.53
N ILE D 131 -2.39 -15.37 -1.42
CA ILE D 131 -3.57 -16.24 -1.37
C ILE D 131 -3.36 -17.49 -2.22
N GLN D 132 -2.09 -17.85 -2.45
CA GLN D 132 -1.80 -19.03 -3.26
C GLN D 132 -2.33 -20.31 -2.62
N ASN D 133 -2.41 -20.35 -1.28
CA ASN D 133 -2.91 -21.51 -0.56
C ASN D 133 -4.06 -21.11 0.38
N LEU D 134 -4.78 -20.04 0.03
CA LEU D 134 -5.82 -19.54 0.92
C LEU D 134 -6.94 -20.56 1.09
N GLY D 135 -7.24 -21.32 0.04
CA GLY D 135 -8.32 -22.29 0.11
C GLY D 135 -8.11 -23.32 1.20
N THR D 136 -6.88 -23.84 1.31
CA THR D 136 -6.59 -24.81 2.36
C THR D 136 -6.61 -24.16 3.73
N LYS D 137 -5.90 -23.03 3.88
CA LYS D 137 -5.78 -22.38 5.18
C LYS D 137 -7.14 -21.89 5.67
N LEU D 138 -7.94 -21.30 4.78
CA LEU D 138 -9.26 -20.82 5.18
C LEU D 138 -10.18 -21.97 5.56
N ALA D 139 -10.12 -23.08 4.81
CA ALA D 139 -10.95 -24.23 5.13
C ALA D 139 -10.59 -24.82 6.50
N THR D 140 -9.31 -24.76 6.87
CA THR D 140 -8.90 -25.27 8.18
C THR D 140 -9.59 -24.50 9.31
N GLN D 141 -9.63 -23.17 9.20
CA GLN D 141 -10.21 -22.35 10.27
C GLN D 141 -11.74 -22.40 10.25
N MET D 142 -12.34 -22.42 9.06
CA MET D 142 -13.79 -22.43 8.97
C MET D 142 -14.39 -23.77 9.39
N ARG D 143 -13.65 -24.87 9.25
CA ARG D 143 -14.14 -26.16 9.71
C ARG D 143 -14.25 -26.24 11.23
N LYS D 144 -13.67 -25.29 11.95
CA LYS D 144 -13.95 -25.18 13.38
C LYS D 144 -15.38 -24.70 13.63
N LEU D 145 -15.91 -23.89 12.73
CA LEU D 145 -17.24 -23.30 12.88
C LEU D 145 -18.33 -24.06 12.15
N THR D 146 -18.03 -24.62 10.98
CA THR D 146 -19.05 -25.30 10.18
C THR D 146 -18.50 -26.60 9.61
N SER D 147 -19.40 -27.58 9.46
CA SER D 147 -19.06 -28.85 8.82
C SER D 147 -19.27 -28.83 7.32
N ASN D 148 -20.13 -27.96 6.82
CA ASN D 148 -20.45 -27.87 5.39
C ASN D 148 -19.96 -26.53 4.86
N LEU D 149 -18.80 -26.54 4.21
CA LEU D 149 -18.19 -25.35 3.65
C LEU D 149 -18.06 -25.49 2.14
N ARG D 150 -18.30 -24.40 1.42
CA ARG D 150 -18.05 -24.32 -0.02
C ARG D 150 -17.43 -22.98 -0.33
N ILE D 151 -16.46 -22.96 -1.26
CA ILE D 151 -15.76 -21.74 -1.63
C ILE D 151 -15.62 -21.68 -3.15
N GLY D 152 -15.59 -20.45 -3.68
CA GLY D 152 -15.45 -20.23 -5.09
C GLY D 152 -14.69 -18.94 -5.34
N PHE D 153 -14.34 -18.70 -6.60
CA PHE D 153 -13.47 -17.59 -6.95
C PHE D 153 -13.99 -16.84 -8.17
N GLY D 154 -13.82 -15.53 -8.16
CA GLY D 154 -14.10 -14.68 -9.31
C GLY D 154 -13.23 -13.45 -9.25
N ALA D 155 -13.11 -12.77 -10.40
CA ALA D 155 -12.18 -11.66 -10.50
C ALA D 155 -12.75 -10.58 -11.42
N PHE D 156 -12.22 -9.38 -11.27
CA PHE D 156 -12.67 -8.23 -12.06
C PHE D 156 -11.53 -7.24 -12.22
N VAL D 157 -11.67 -6.37 -13.22
CA VAL D 157 -10.76 -5.25 -13.42
C VAL D 157 -11.58 -3.99 -13.63
N ASP D 158 -12.09 -3.81 -14.85
CA ASP D 158 -12.87 -2.66 -15.26
C ASP D 158 -13.44 -2.98 -16.64
N LYS D 159 -14.28 -2.09 -17.14
CA LYS D 159 -14.94 -2.32 -18.43
C LYS D 159 -13.90 -2.33 -19.55
N PRO D 160 -13.79 -3.40 -20.34
CA PRO D 160 -12.77 -3.44 -21.39
C PRO D 160 -13.10 -2.55 -22.57
N VAL D 161 -12.92 -1.24 -22.41
CA VAL D 161 -13.25 -0.27 -23.45
C VAL D 161 -12.53 1.02 -23.11
N SER D 162 -12.15 1.77 -24.14
CA SER D 162 -11.60 3.10 -23.94
C SER D 162 -12.61 3.99 -23.22
N PRO D 163 -12.14 4.90 -22.34
CA PRO D 163 -10.77 5.22 -21.98
C PRO D 163 -10.21 4.38 -20.83
N TYR D 164 -11.01 3.46 -20.30
CA TYR D 164 -10.52 2.58 -19.24
C TYR D 164 -9.44 1.64 -19.75
N MET D 165 -9.51 1.26 -21.02
CA MET D 165 -8.62 0.27 -21.60
C MET D 165 -7.57 0.95 -22.48
N TYR D 166 -6.36 0.40 -22.48
CA TYR D 166 -5.34 0.82 -23.41
C TYR D 166 -5.59 0.15 -24.76
N ILE D 167 -5.75 0.95 -25.80
CA ILE D 167 -6.16 0.45 -27.11
C ILE D 167 -5.11 0.69 -28.19
N SER D 168 -3.89 1.09 -27.80
CA SER D 168 -2.83 1.29 -28.78
C SER D 168 -1.48 1.01 -28.14
N PRO D 169 -0.54 0.40 -28.88
CA PRO D 169 -0.64 -0.19 -30.22
C PRO D 169 -1.41 -1.52 -30.18
N PRO D 170 -1.60 -2.18 -31.33
CA PRO D 170 -2.28 -3.49 -31.30
C PRO D 170 -1.68 -4.47 -30.30
N GLU D 171 -0.38 -4.32 -30.00
CA GLU D 171 0.25 -5.12 -28.96
C GLU D 171 -0.40 -4.90 -27.60
N ALA D 172 -0.92 -3.70 -27.35
CA ALA D 172 -1.49 -3.38 -26.04
C ALA D 172 -2.84 -4.05 -25.79
N LEU D 173 -3.51 -4.55 -26.83
CA LEU D 173 -4.76 -5.26 -26.61
C LEU D 173 -4.55 -6.70 -26.17
N GLU D 174 -3.44 -7.32 -26.59
CA GLU D 174 -3.08 -8.65 -26.12
C GLU D 174 -2.22 -8.61 -24.86
N ASN D 175 -1.50 -7.52 -24.63
CA ASN D 175 -0.60 -7.39 -23.48
C ASN D 175 -0.59 -5.94 -23.05
N PRO D 176 -1.50 -5.55 -22.15
CA PRO D 176 -1.55 -4.16 -21.69
C PRO D 176 -0.26 -3.69 -21.04
N CYS D 177 0.61 -4.62 -20.68
CA CYS D 177 1.90 -4.34 -20.05
C CYS D 177 3.04 -4.43 -21.06
N TYR D 178 2.84 -3.94 -22.28
CA TYR D 178 3.89 -4.05 -23.31
C TYR D 178 4.99 -3.02 -23.09
N ASP D 179 4.62 -1.77 -22.78
CA ASP D 179 5.61 -0.71 -22.58
C ASP D 179 6.47 -0.98 -21.37
N MET D 180 5.93 -1.71 -20.39
CA MET D 180 6.72 -2.21 -19.28
C MET D 180 7.38 -3.53 -19.68
N LYS D 181 8.53 -3.81 -19.07
CA LYS D 181 9.31 -5.00 -19.41
C LYS D 181 8.70 -6.25 -18.77
N THR D 182 7.45 -6.51 -19.14
CA THR D 182 6.70 -7.63 -18.55
C THR D 182 5.54 -7.99 -19.45
N THR D 183 4.61 -8.79 -18.91
CA THR D 183 3.45 -9.29 -19.63
C THR D 183 2.31 -9.47 -18.65
N CYS D 184 1.10 -9.15 -19.09
CA CYS D 184 -0.09 -9.34 -18.27
C CYS D 184 -1.25 -9.75 -19.16
N LEU D 185 -2.34 -10.19 -18.53
CA LEU D 185 -3.50 -10.68 -19.25
C LEU D 185 -4.19 -9.54 -20.01
N PRO D 186 -4.89 -9.86 -21.09
CA PRO D 186 -5.76 -8.87 -21.71
C PRO D 186 -6.86 -8.44 -20.74
N MET D 187 -7.36 -7.24 -20.96
CA MET D 187 -8.32 -6.66 -20.02
C MET D 187 -9.65 -7.42 -20.09
N PHE D 188 -10.28 -7.57 -18.92
CA PHE D 188 -11.56 -8.24 -18.80
C PHE D 188 -12.41 -7.52 -17.77
N GLY D 189 -13.72 -7.45 -18.02
CA GLY D 189 -14.63 -6.85 -17.07
C GLY D 189 -14.78 -7.67 -15.81
N TYR D 190 -15.45 -8.82 -15.94
CA TYR D 190 -15.60 -9.76 -14.84
C TYR D 190 -15.67 -11.17 -15.42
N LYS D 191 -14.94 -12.09 -14.80
CA LYS D 191 -14.93 -13.49 -15.23
C LYS D 191 -15.12 -14.40 -14.03
N HIS D 192 -15.98 -15.40 -14.20
CA HIS D 192 -16.21 -16.42 -13.19
C HIS D 192 -15.20 -17.55 -13.38
N VAL D 193 -14.47 -17.87 -12.31
CA VAL D 193 -13.40 -18.86 -12.40
C VAL D 193 -13.86 -20.20 -11.86
N LEU D 194 -14.21 -20.24 -10.58
CA LEU D 194 -14.53 -21.48 -9.87
C LEU D 194 -15.89 -21.36 -9.21
N THR D 195 -16.80 -22.27 -9.56
CA THR D 195 -18.08 -22.37 -8.86
C THR D 195 -17.85 -22.89 -7.44
N LEU D 196 -18.69 -22.42 -6.52
CA LEU D 196 -18.62 -22.88 -5.13
C LEU D 196 -18.60 -24.40 -5.07
N THR D 197 -17.64 -24.94 -4.32
CA THR D 197 -17.45 -26.38 -4.22
C THR D 197 -16.83 -26.72 -2.88
N ASP D 198 -17.06 -27.95 -2.42
CA ASP D 198 -16.52 -28.42 -1.15
C ASP D 198 -15.13 -29.04 -1.30
N GLN D 199 -14.56 -29.01 -2.49
CA GLN D 199 -13.18 -29.47 -2.73
C GLN D 199 -12.30 -28.23 -2.72
N VAL D 200 -11.84 -27.85 -1.53
CA VAL D 200 -11.08 -26.61 -1.38
C VAL D 200 -9.73 -26.64 -2.09
N THR D 201 -9.26 -27.81 -2.52
CA THR D 201 -8.06 -27.87 -3.34
C THR D 201 -8.27 -27.24 -4.71
N ARG D 202 -9.50 -27.33 -5.24
CA ARG D 202 -9.81 -26.67 -6.51
C ARG D 202 -9.60 -25.16 -6.42
N PHE D 203 -9.76 -24.59 -5.23
CA PHE D 203 -9.52 -23.16 -5.05
C PHE D 203 -8.07 -22.82 -5.30
N ASN D 204 -7.15 -23.54 -4.65
CA ASN D 204 -5.72 -23.28 -4.82
C ASN D 204 -5.24 -23.59 -6.22
N GLU D 205 -5.87 -24.55 -6.91
CA GLU D 205 -5.49 -24.86 -8.27
C GLU D 205 -5.75 -23.68 -9.21
N GLU D 206 -6.96 -23.13 -9.15
CA GLU D 206 -7.35 -22.06 -10.07
C GLU D 206 -6.68 -20.74 -9.73
N VAL D 207 -6.41 -20.49 -8.43
CA VAL D 207 -5.78 -19.24 -8.04
C VAL D 207 -4.34 -19.15 -8.58
N LYS D 208 -3.61 -20.27 -8.54
CA LYS D 208 -2.25 -20.28 -9.06
C LYS D 208 -2.22 -20.02 -10.57
N LYS D 209 -3.33 -20.23 -11.27
CA LYS D 209 -3.43 -20.00 -12.70
C LYS D 209 -3.85 -18.57 -13.05
N GLN D 210 -4.16 -17.75 -12.06
CA GLN D 210 -4.59 -16.38 -12.28
C GLN D 210 -3.40 -15.43 -12.41
N SER D 211 -3.65 -14.32 -13.09
CA SER D 211 -2.68 -13.23 -13.20
C SER D 211 -3.45 -11.93 -13.42
N VAL D 212 -2.77 -10.82 -13.13
CA VAL D 212 -3.44 -9.52 -13.13
C VAL D 212 -3.56 -8.98 -14.55
N SER D 213 -4.32 -7.89 -14.70
CA SER D 213 -4.39 -7.13 -15.93
C SER D 213 -4.04 -5.67 -15.64
N ARG D 214 -4.20 -4.78 -16.62
CA ARG D 214 -3.82 -3.39 -16.45
C ARG D 214 -4.86 -2.50 -17.13
N ASN D 215 -5.32 -1.47 -16.41
CA ASN D 215 -6.20 -0.47 -16.98
C ASN D 215 -5.61 0.91 -16.70
N ARG D 216 -6.35 1.95 -17.09
CA ARG D 216 -5.79 3.30 -17.05
C ARG D 216 -6.19 4.06 -15.78
N ASP D 217 -7.46 3.99 -15.38
CA ASP D 217 -7.98 4.85 -14.32
C ASP D 217 -8.08 4.10 -13.00
N ALA D 218 -7.72 4.80 -11.92
CA ALA D 218 -7.68 4.21 -10.59
C ALA D 218 -8.99 3.56 -10.15
N PRO D 219 -10.17 4.18 -10.30
CA PRO D 219 -11.40 3.48 -9.90
C PRO D 219 -11.62 2.26 -10.78
N GLU D 220 -12.14 1.19 -10.19
CA GLU D 220 -12.30 -0.07 -10.89
C GLU D 220 -13.77 -0.46 -10.98
N GLY D 221 -14.05 -1.45 -11.82
CA GLY D 221 -15.42 -1.88 -12.06
C GLY D 221 -15.85 -3.05 -11.21
N GLY D 222 -15.65 -2.95 -9.89
CA GLY D 222 -16.01 -4.06 -9.03
C GLY D 222 -17.51 -4.24 -8.89
N PHE D 223 -18.27 -3.14 -8.89
CA PHE D 223 -19.71 -3.25 -8.69
C PHE D 223 -20.38 -4.04 -9.80
N ASP D 224 -19.83 -3.98 -11.02
CA ASP D 224 -20.29 -4.86 -12.08
C ASP D 224 -20.20 -6.32 -11.65
N ALA D 225 -19.06 -6.70 -11.05
CA ALA D 225 -18.84 -8.08 -10.68
C ALA D 225 -19.69 -8.48 -9.48
N ILE D 226 -19.88 -7.56 -8.53
CA ILE D 226 -20.74 -7.85 -7.39
C ILE D 226 -22.15 -8.16 -7.85
N MET D 227 -22.67 -7.37 -8.80
CA MET D 227 -24.00 -7.62 -9.33
C MET D 227 -24.08 -9.01 -9.98
N GLN D 228 -23.12 -9.34 -10.84
CA GLN D 228 -23.14 -10.63 -11.51
C GLN D 228 -22.97 -11.78 -10.52
N ALA D 229 -22.06 -11.62 -9.55
CA ALA D 229 -21.88 -12.65 -8.53
C ALA D 229 -23.12 -12.84 -7.67
N THR D 230 -24.05 -11.88 -7.70
CA THR D 230 -25.26 -11.97 -6.89
C THR D 230 -26.42 -12.63 -7.64
N VAL D 231 -26.60 -12.27 -8.91
CA VAL D 231 -27.79 -12.67 -9.66
C VAL D 231 -27.58 -13.93 -10.51
N CYS D 232 -26.34 -14.34 -10.77
CA CYS D 232 -26.08 -15.57 -11.52
C CYS D 232 -26.07 -16.76 -10.56
N ASP D 233 -27.27 -17.13 -10.12
CA ASP D 233 -27.42 -18.14 -9.08
C ASP D 233 -26.76 -19.45 -9.46
N GLU D 234 -27.02 -19.93 -10.68
CA GLU D 234 -26.59 -21.27 -11.06
C GLU D 234 -25.07 -21.34 -11.25
N LYS D 235 -24.48 -20.29 -11.84
CA LYS D 235 -23.05 -20.32 -12.10
C LYS D 235 -22.25 -20.16 -10.81
N ILE D 236 -22.56 -19.13 -10.03
CA ILE D 236 -21.89 -18.97 -8.74
C ILE D 236 -22.21 -20.15 -7.83
N GLY D 237 -23.42 -20.68 -7.94
CA GLY D 237 -23.77 -21.87 -7.19
C GLY D 237 -24.07 -21.63 -5.73
N TRP D 238 -24.71 -20.52 -5.38
CA TRP D 238 -25.14 -20.31 -4.01
C TRP D 238 -26.12 -21.40 -3.62
N ARG D 239 -26.00 -21.87 -2.38
CA ARG D 239 -26.89 -22.89 -1.87
C ARG D 239 -28.09 -22.25 -1.18
N ASN D 240 -29.20 -23.00 -1.13
CA ASN D 240 -30.44 -22.46 -0.58
C ASN D 240 -30.35 -22.29 0.93
N ASP D 241 -29.84 -23.30 1.63
CA ASP D 241 -29.82 -23.32 3.09
C ASP D 241 -28.38 -23.12 3.56
N ALA D 242 -27.91 -21.88 3.52
CA ALA D 242 -26.55 -21.59 3.93
C ALA D 242 -26.38 -20.08 4.06
N SER D 243 -25.39 -19.69 4.86
CA SER D 243 -24.99 -18.29 4.94
C SER D 243 -24.12 -17.95 3.74
N HIS D 244 -24.42 -16.84 3.08
CA HIS D 244 -23.78 -16.46 1.83
C HIS D 244 -22.85 -15.28 2.08
N LEU D 245 -21.56 -15.49 1.88
CA LEU D 245 -20.55 -14.46 2.09
C LEU D 245 -19.93 -14.10 0.75
N LEU D 246 -20.03 -12.83 0.38
CA LEU D 246 -19.38 -12.30 -0.82
C LEU D 246 -18.23 -11.41 -0.36
N VAL D 247 -17.00 -11.89 -0.53
CA VAL D 247 -15.82 -11.16 -0.11
C VAL D 247 -15.35 -10.30 -1.29
N PHE D 248 -15.33 -8.99 -1.08
CA PHE D 248 -14.95 -8.02 -2.09
C PHE D 248 -13.62 -7.39 -1.69
N THR D 249 -12.58 -7.65 -2.46
CA THR D 249 -11.24 -7.15 -2.16
C THR D 249 -10.80 -6.18 -3.25
N THR D 250 -10.33 -5.00 -2.84
CA THR D 250 -9.80 -4.01 -3.77
C THR D 250 -8.99 -3.00 -2.97
N ASP D 251 -8.15 -2.24 -3.69
CA ASP D 251 -7.32 -1.23 -3.05
C ASP D 251 -7.50 0.15 -3.69
N ALA D 252 -8.64 0.40 -4.34
CA ALA D 252 -8.85 1.64 -5.08
C ALA D 252 -10.30 2.06 -4.94
N LYS D 253 -10.62 3.21 -5.54
CA LYS D 253 -12.01 3.65 -5.66
C LYS D 253 -12.80 2.67 -6.53
N THR D 254 -14.10 2.89 -6.64
CA THR D 254 -14.96 2.06 -7.45
C THR D 254 -15.78 2.94 -8.38
N HIS D 255 -16.15 2.37 -9.52
CA HIS D 255 -17.07 3.04 -10.43
C HIS D 255 -18.50 2.82 -9.97
N ILE D 256 -19.34 3.83 -10.19
CA ILE D 256 -20.74 3.80 -9.80
C ILE D 256 -21.59 4.09 -11.03
N ALA D 257 -22.91 3.93 -10.87
CA ALA D 257 -23.82 4.17 -11.97
C ALA D 257 -23.66 5.60 -12.50
N LEU D 258 -23.82 5.75 -13.81
CA LEU D 258 -23.70 6.97 -14.60
C LEU D 258 -22.23 7.33 -14.85
N ASP D 259 -21.27 6.61 -14.26
CA ASP D 259 -19.88 6.77 -14.69
C ASP D 259 -19.67 6.28 -16.11
N GLY D 260 -20.39 5.24 -16.53
CA GLY D 260 -20.10 4.61 -17.82
C GLY D 260 -20.30 5.51 -19.01
N ARG D 261 -20.91 6.69 -18.82
CA ARG D 261 -21.09 7.61 -19.93
C ARG D 261 -19.77 8.06 -20.51
N LEU D 262 -18.67 7.98 -19.75
CA LEU D 262 -17.36 8.32 -20.28
C LEU D 262 -16.84 7.29 -21.27
N ALA D 263 -17.49 6.12 -21.38
CA ALA D 263 -17.17 5.13 -22.38
C ALA D 263 -18.23 5.01 -23.46
N GLY D 264 -19.22 5.91 -23.47
CA GLY D 264 -20.34 5.78 -24.35
C GLY D 264 -21.43 4.85 -23.87
N ILE D 265 -21.46 4.53 -22.58
CA ILE D 265 -22.43 3.58 -22.02
C ILE D 265 -23.50 4.38 -21.28
N VAL D 266 -24.75 4.27 -21.75
CA VAL D 266 -25.86 4.97 -21.13
C VAL D 266 -26.96 4.03 -20.65
N GLN D 267 -27.03 2.80 -21.15
CA GLN D 267 -28.09 1.89 -20.75
C GLN D 267 -27.97 1.56 -19.26
N PRO D 268 -29.04 1.72 -18.48
CA PRO D 268 -28.95 1.41 -17.05
C PRO D 268 -28.73 -0.08 -16.81
N ASN D 269 -28.13 -0.39 -15.68
CA ASN D 269 -27.92 -1.78 -15.30
C ASN D 269 -29.28 -2.45 -15.07
N ASP D 270 -29.49 -3.60 -15.69
CA ASP D 270 -30.78 -4.27 -15.64
C ASP D 270 -30.92 -5.26 -14.50
N GLY D 271 -29.84 -5.56 -13.77
CA GLY D 271 -29.93 -6.48 -12.66
C GLY D 271 -30.22 -7.92 -13.06
N GLN D 272 -29.78 -8.33 -14.25
CA GLN D 272 -29.92 -9.69 -14.72
C GLN D 272 -28.55 -10.30 -15.00
N CYS D 273 -28.52 -11.63 -15.14
CA CYS D 273 -27.27 -12.33 -15.39
C CYS D 273 -26.91 -12.25 -16.87
N HIS D 274 -25.61 -12.07 -17.13
CA HIS D 274 -25.10 -12.02 -18.50
C HIS D 274 -23.75 -12.71 -18.63
N VAL D 275 -23.51 -13.73 -17.81
CA VAL D 275 -22.27 -14.49 -17.81
C VAL D 275 -22.55 -15.79 -18.54
N GLY D 276 -22.09 -15.88 -19.78
CA GLY D 276 -22.35 -17.04 -20.62
C GLY D 276 -21.37 -18.16 -20.37
N SER D 277 -21.41 -19.16 -21.28
CA SER D 277 -20.56 -20.33 -21.14
C SER D 277 -19.07 -19.97 -21.04
N ASP D 278 -18.64 -18.89 -21.71
CA ASP D 278 -17.26 -18.41 -21.61
C ASP D 278 -16.93 -17.84 -20.22
N ASN D 279 -17.90 -17.77 -19.32
CA ASN D 279 -17.70 -17.34 -17.94
C ASN D 279 -17.26 -15.88 -17.82
N HIS D 280 -17.41 -15.10 -18.89
CA HIS D 280 -17.11 -13.67 -18.86
C HIS D 280 -18.39 -12.86 -18.91
N TYR D 281 -18.37 -11.71 -18.25
CA TYR D 281 -19.49 -10.78 -18.24
C TYR D 281 -19.63 -10.17 -19.63
N SER D 282 -20.63 -10.64 -20.39
CA SER D 282 -20.77 -10.24 -21.79
C SER D 282 -21.30 -8.83 -21.97
N ALA D 283 -21.99 -8.28 -20.96
CA ALA D 283 -22.59 -6.95 -21.04
C ALA D 283 -21.70 -5.88 -20.40
N SER D 284 -20.40 -6.13 -20.30
CA SER D 284 -19.51 -5.17 -19.67
C SER D 284 -19.38 -3.90 -20.50
N THR D 285 -19.42 -4.02 -21.82
CA THR D 285 -19.18 -2.89 -22.72
C THR D 285 -20.45 -2.31 -23.30
N THR D 286 -21.63 -2.71 -22.79
CA THR D 286 -22.90 -2.24 -23.32
C THR D 286 -23.88 -1.81 -22.23
N MET D 287 -23.52 -1.92 -20.95
CA MET D 287 -24.44 -1.67 -19.85
C MET D 287 -23.71 -0.98 -18.72
N ASP D 288 -24.31 0.08 -18.17
CA ASP D 288 -23.64 0.93 -17.19
C ASP D 288 -23.49 0.21 -15.85
N TYR D 289 -22.65 0.78 -15.00
CA TYR D 289 -22.42 0.22 -13.68
C TYR D 289 -23.72 0.27 -12.87
N PRO D 290 -23.91 -0.69 -11.96
CA PRO D 290 -25.14 -0.69 -11.15
C PRO D 290 -25.13 0.45 -10.14
N SER D 291 -26.31 0.83 -9.71
CA SER D 291 -26.47 1.84 -8.68
C SER D 291 -26.53 1.18 -7.32
N LEU D 292 -26.26 1.97 -6.27
CA LEU D 292 -26.26 1.43 -4.92
C LEU D 292 -27.61 0.82 -4.56
N GLY D 293 -28.70 1.46 -4.97
CA GLY D 293 -30.02 0.93 -4.67
C GLY D 293 -30.25 -0.42 -5.32
N LEU D 294 -29.84 -0.56 -6.59
CA LEU D 294 -30.03 -1.82 -7.29
C LEU D 294 -29.22 -2.93 -6.63
N MET D 295 -28.00 -2.64 -6.21
CA MET D 295 -27.19 -3.64 -5.52
C MET D 295 -27.85 -4.07 -4.20
N THR D 296 -28.39 -3.10 -3.46
CA THR D 296 -29.07 -3.43 -2.21
C THR D 296 -30.27 -4.34 -2.46
N GLU D 297 -30.99 -4.12 -3.56
CA GLU D 297 -32.17 -4.93 -3.87
C GLU D 297 -31.79 -6.38 -4.15
N LYS D 298 -30.75 -6.58 -4.95
CA LYS D 298 -30.37 -7.93 -5.35
C LYS D 298 -29.66 -8.69 -4.23
N LEU D 299 -28.86 -8.00 -3.42
CA LEU D 299 -28.23 -8.65 -2.28
C LEU D 299 -29.28 -9.13 -1.29
N SER D 300 -30.36 -8.35 -1.11
CA SER D 300 -31.42 -8.75 -0.19
C SER D 300 -32.25 -9.90 -0.77
N GLN D 301 -32.56 -9.83 -2.06
CA GLN D 301 -33.37 -10.87 -2.70
C GLN D 301 -32.66 -12.22 -2.66
N LYS D 302 -31.34 -12.23 -2.84
CA LYS D 302 -30.56 -13.45 -2.86
C LYS D 302 -29.91 -13.76 -1.51
N ASN D 303 -30.15 -12.95 -0.49
CA ASN D 303 -29.61 -13.14 0.85
C ASN D 303 -28.07 -13.26 0.81
N ILE D 304 -27.43 -12.18 0.39
CA ILE D 304 -25.99 -12.12 0.24
C ILE D 304 -25.44 -11.11 1.23
N ASN D 305 -24.42 -11.51 1.99
CA ASN D 305 -23.75 -10.63 2.94
C ASN D 305 -22.47 -10.13 2.27
N LEU D 306 -22.56 -8.94 1.68
CA LEU D 306 -21.41 -8.34 1.02
C LEU D 306 -20.41 -7.84 2.05
N ILE D 307 -19.15 -8.23 1.90
CA ILE D 307 -18.08 -7.85 2.81
C ILE D 307 -17.07 -7.02 2.02
N PHE D 308 -16.96 -5.73 2.36
CA PHE D 308 -15.99 -4.84 1.73
C PHE D 308 -14.66 -5.01 2.44
N ALA D 309 -13.74 -5.74 1.80
CA ALA D 309 -12.39 -5.95 2.32
C ALA D 309 -11.45 -5.04 1.53
N VAL D 310 -11.29 -3.80 2.02
CA VAL D 310 -10.56 -2.77 1.31
C VAL D 310 -9.37 -2.32 2.15
N THR D 311 -8.48 -1.55 1.52
CA THR D 311 -7.24 -1.12 2.14
C THR D 311 -7.43 0.22 2.86
N GLU D 312 -6.40 0.57 3.65
CA GLU D 312 -6.48 1.69 4.58
C GLU D 312 -6.86 3.00 3.88
N ASN D 313 -6.48 3.17 2.62
CA ASN D 313 -6.68 4.45 1.96
C ASN D 313 -8.12 4.70 1.53
N VAL D 314 -8.98 3.68 1.58
CA VAL D 314 -10.35 3.81 1.07
C VAL D 314 -11.35 3.20 2.03
N VAL D 315 -10.94 2.93 3.27
CA VAL D 315 -11.88 2.36 4.24
C VAL D 315 -13.00 3.35 4.52
N ASN D 316 -12.67 4.62 4.70
CA ASN D 316 -13.68 5.64 4.92
C ASN D 316 -14.65 5.73 3.74
N LEU D 317 -14.16 5.47 2.52
CA LEU D 317 -15.04 5.42 1.36
C LEU D 317 -16.03 4.26 1.48
N TYR D 318 -15.51 3.04 1.66
CA TYR D 318 -16.36 1.87 1.70
C TYR D 318 -17.11 1.71 3.02
N GLN D 319 -16.66 2.36 4.10
CA GLN D 319 -17.46 2.38 5.31
C GLN D 319 -18.71 3.25 5.13
N ASN D 320 -18.61 4.27 4.28
CA ASN D 320 -19.76 5.13 4.01
C ASN D 320 -20.70 4.52 2.97
N TYR D 321 -20.15 3.75 2.03
CA TYR D 321 -21.00 2.96 1.15
C TYR D 321 -21.75 1.89 1.93
N SER D 322 -21.11 1.33 2.97
CA SER D 322 -21.75 0.30 3.78
C SER D 322 -22.95 0.83 4.54
N GLU D 323 -22.95 2.11 4.91
CA GLU D 323 -24.10 2.72 5.55
C GLU D 323 -25.27 2.94 4.59
N LEU D 324 -25.00 3.07 3.29
CA LEU D 324 -26.04 3.14 2.28
C LEU D 324 -26.51 1.77 1.80
N ILE D 325 -25.78 0.71 2.14
CA ILE D 325 -26.18 -0.66 1.83
C ILE D 325 -26.28 -1.45 3.13
N PRO D 326 -27.43 -1.41 3.82
CA PRO D 326 -27.54 -2.08 5.13
C PRO D 326 -27.28 -3.58 5.03
N GLY D 327 -26.52 -4.09 5.99
CA GLY D 327 -26.17 -5.49 6.02
C GLY D 327 -24.74 -5.80 5.60
N THR D 328 -24.07 -4.86 4.96
CA THR D 328 -22.70 -5.10 4.52
C THR D 328 -21.72 -4.86 5.65
N THR D 329 -20.54 -5.48 5.53
CA THR D 329 -19.50 -5.45 6.54
C THR D 329 -18.21 -4.96 5.91
N VAL D 330 -17.43 -4.19 6.67
CA VAL D 330 -16.19 -3.60 6.19
C VAL D 330 -15.04 -4.07 7.08
N GLY D 331 -13.98 -4.58 6.44
CA GLY D 331 -12.77 -4.94 7.15
C GLY D 331 -11.55 -4.38 6.45
N VAL D 332 -10.51 -4.09 7.23
CA VAL D 332 -9.33 -3.43 6.71
C VAL D 332 -8.41 -4.48 6.09
N LEU D 333 -8.18 -4.37 4.79
CA LEU D 333 -7.30 -5.26 4.07
C LEU D 333 -5.91 -4.65 4.00
N SER D 334 -4.89 -5.50 4.12
CA SER D 334 -3.52 -5.06 3.93
C SER D 334 -3.26 -4.77 2.45
N MET D 335 -2.10 -4.18 2.17
CA MET D 335 -1.73 -3.91 0.79
C MET D 335 -1.32 -5.16 0.03
N ASP D 336 -1.24 -6.32 0.70
CA ASP D 336 -0.88 -7.58 0.06
C ASP D 336 -1.85 -8.71 0.38
N SER D 337 -3.03 -8.40 0.96
CA SER D 337 -4.05 -9.38 1.29
C SER D 337 -3.52 -10.49 2.20
N SER D 338 -2.58 -10.13 3.08
CA SER D 338 -2.02 -11.14 3.99
C SER D 338 -3.00 -11.48 5.10
N ASN D 339 -3.81 -10.52 5.55
CA ASN D 339 -4.72 -10.72 6.66
C ASN D 339 -6.14 -11.05 6.20
N VAL D 340 -6.30 -11.47 4.94
CA VAL D 340 -7.64 -11.67 4.42
C VAL D 340 -8.33 -12.84 5.10
N LEU D 341 -7.58 -13.84 5.55
CA LEU D 341 -8.19 -14.99 6.20
C LEU D 341 -8.85 -14.57 7.51
N GLN D 342 -8.11 -13.87 8.37
CA GLN D 342 -8.68 -13.38 9.62
C GLN D 342 -9.74 -12.30 9.39
N LEU D 343 -9.68 -11.58 8.27
CA LEU D 343 -10.73 -10.62 7.95
C LEU D 343 -12.04 -11.32 7.64
N ILE D 344 -11.97 -12.48 6.98
CA ILE D 344 -13.18 -13.23 6.64
C ILE D 344 -13.79 -13.84 7.89
N VAL D 345 -12.96 -14.47 8.73
CA VAL D 345 -13.46 -15.12 9.93
C VAL D 345 -14.10 -14.11 10.87
N ASP D 346 -13.52 -12.91 10.96
CA ASP D 346 -14.08 -11.88 11.83
C ASP D 346 -15.41 -11.37 11.28
N ALA D 347 -15.49 -11.17 9.96
CA ALA D 347 -16.73 -10.72 9.35
C ALA D 347 -17.85 -11.73 9.54
N TYR D 348 -17.55 -13.02 9.34
CA TYR D 348 -18.56 -14.05 9.54
C TYR D 348 -19.08 -14.05 10.96
N GLY D 349 -18.22 -13.76 11.93
CA GLY D 349 -18.68 -13.65 13.31
C GLY D 349 -19.44 -12.37 13.58
N LYS D 350 -19.04 -11.28 12.91
CA LYS D 350 -19.79 -10.04 13.02
C LYS D 350 -21.13 -10.13 12.29
N ILE D 351 -21.18 -10.87 11.18
CA ILE D 351 -22.42 -11.03 10.44
C ILE D 351 -23.43 -11.83 11.27
N ARG D 352 -22.98 -12.86 11.98
CA ARG D 352 -23.85 -13.68 12.79
C ARG D 352 -23.93 -13.21 14.24
N SER D 353 -23.48 -11.99 14.53
CA SER D 353 -23.63 -11.39 15.85
C SER D 353 -24.92 -10.60 16.00
N LYS D 354 -25.73 -10.53 14.94
CA LYS D 354 -26.90 -9.67 14.93
C LYS D 354 -28.13 -10.48 14.55
N VAL D 355 -29.25 -10.13 15.16
CA VAL D 355 -30.57 -10.68 14.84
C VAL D 355 -31.54 -9.51 14.78
N GLU D 356 -32.05 -9.21 13.59
CA GLU D 356 -32.96 -8.10 13.39
C GLU D 356 -34.26 -8.62 12.78
N LEU D 357 -35.37 -8.26 13.40
CA LEU D 357 -36.69 -8.70 12.94
C LEU D 357 -37.22 -7.72 11.90
N GLU D 358 -37.75 -8.26 10.80
CA GLU D 358 -38.55 -7.50 9.85
C GLU D 358 -39.90 -8.17 9.72
N VAL D 359 -40.92 -7.36 9.41
CA VAL D 359 -42.30 -7.83 9.31
C VAL D 359 -42.73 -7.73 7.85
N ARG D 360 -43.40 -8.77 7.37
CA ARG D 360 -43.86 -8.86 5.99
C ARG D 360 -45.36 -9.10 5.98
N ASP D 361 -46.07 -8.37 5.11
CA ASP D 361 -47.50 -8.53 4.85
C ASP D 361 -48.36 -8.13 6.05
N LEU D 362 -47.92 -7.14 6.81
CA LEU D 362 -48.72 -6.66 7.94
C LEU D 362 -49.88 -5.82 7.44
N PRO D 363 -51.10 -6.06 7.91
CA PRO D 363 -52.24 -5.29 7.42
C PRO D 363 -52.22 -3.85 7.90
N GLU D 364 -53.00 -3.02 7.22
CA GLU D 364 -53.01 -1.57 7.48
C GLU D 364 -53.47 -1.25 8.90
N GLU D 365 -54.36 -2.08 9.47
CA GLU D 365 -54.98 -1.79 10.74
C GLU D 365 -54.23 -2.37 11.93
N LEU D 366 -53.20 -3.17 11.70
CA LEU D 366 -52.42 -3.76 12.79
C LEU D 366 -51.16 -2.95 13.03
N SER D 367 -50.81 -2.78 14.31
CA SER D 367 -49.60 -2.10 14.72
C SER D 367 -48.92 -2.94 15.80
N LEU D 368 -47.62 -3.15 15.66
CA LEU D 368 -46.87 -4.03 16.54
C LEU D 368 -45.92 -3.25 17.43
N SER D 369 -45.55 -3.87 18.56
CA SER D 369 -44.54 -3.35 19.47
C SER D 369 -43.68 -4.51 19.92
N PHE D 370 -42.39 -4.24 20.10
CA PHE D 370 -41.39 -5.27 20.39
C PHE D 370 -40.66 -4.96 21.69
N ASN D 371 -40.43 -5.98 22.49
CA ASN D 371 -39.50 -5.91 23.63
C ASN D 371 -38.49 -7.03 23.46
N ALA D 372 -37.22 -6.67 23.36
CA ALA D 372 -36.16 -7.63 23.12
C ALA D 372 -35.51 -8.07 24.43
N THR D 373 -34.99 -9.30 24.42
CA THR D 373 -34.21 -9.85 25.54
C THR D 373 -32.93 -10.41 24.93
N CYS D 374 -31.90 -9.57 24.83
CA CYS D 374 -30.67 -9.94 24.15
C CYS D 374 -29.69 -10.61 25.11
N LEU D 375 -28.52 -10.00 25.29
CA LEU D 375 -27.48 -10.54 26.17
C LEU D 375 -28.01 -10.73 27.58
N ASN D 376 -27.76 -11.90 28.15
CA ASN D 376 -28.27 -12.30 29.47
C ASN D 376 -29.79 -12.17 29.43
N ASN D 377 -30.42 -11.75 30.53
CA ASN D 377 -31.86 -11.51 30.52
C ASN D 377 -32.13 -10.02 30.69
N GLU D 378 -31.58 -9.20 29.79
CA GLU D 378 -31.75 -7.75 29.83
C GLU D 378 -32.85 -7.37 28.85
N VAL D 379 -34.03 -7.06 29.38
CA VAL D 379 -35.18 -6.70 28.55
C VAL D 379 -35.00 -5.27 28.05
N ILE D 380 -35.08 -5.10 26.73
CA ILE D 380 -34.89 -3.79 26.11
C ILE D 380 -36.18 -3.39 25.40
N PRO D 381 -36.90 -2.38 25.89
CA PRO D 381 -38.20 -2.04 25.31
C PRO D 381 -38.05 -1.26 24.00
N GLY D 382 -39.08 -1.38 23.17
CA GLY D 382 -39.14 -0.63 21.92
C GLY D 382 -38.09 -1.01 20.91
N LEU D 383 -37.57 -2.24 20.96
CA LEU D 383 -36.49 -2.66 20.10
C LEU D 383 -36.81 -4.03 19.49
N LYS D 384 -36.48 -4.17 18.21
CA LYS D 384 -36.73 -5.41 17.48
C LYS D 384 -35.44 -5.98 16.89
N SER D 385 -34.32 -5.79 17.60
CA SER D 385 -33.02 -6.19 17.07
C SER D 385 -32.04 -6.36 18.22
N CYS D 386 -31.11 -7.30 18.07
CA CYS D 386 -30.08 -7.55 19.07
C CYS D 386 -28.70 -7.44 18.42
N MET D 387 -27.71 -7.14 19.26
CA MET D 387 -26.32 -6.98 18.82
C MET D 387 -25.40 -7.58 19.87
N GLY D 388 -24.16 -7.83 19.46
CA GLY D 388 -23.16 -8.38 20.36
C GLY D 388 -23.32 -9.85 20.65
N LEU D 389 -23.93 -10.62 19.76
CA LEU D 389 -24.22 -12.02 19.99
C LEU D 389 -23.08 -12.90 19.49
N LYS D 390 -23.07 -14.14 19.97
CA LYS D 390 -22.14 -15.16 19.52
C LYS D 390 -22.92 -16.33 18.95
N ILE D 391 -22.24 -17.14 18.14
CA ILE D 391 -22.90 -18.29 17.53
C ILE D 391 -23.34 -19.27 18.61
N GLY D 392 -24.57 -19.75 18.49
CA GLY D 392 -25.15 -20.65 19.47
C GLY D 392 -26.05 -19.98 20.49
N ASP D 393 -25.98 -18.66 20.61
CA ASP D 393 -26.82 -17.94 21.56
C ASP D 393 -28.28 -17.95 21.11
N THR D 394 -29.16 -17.57 22.03
CA THR D 394 -30.60 -17.52 21.77
C THR D 394 -31.16 -16.27 22.40
N VAL D 395 -31.96 -15.52 21.64
CA VAL D 395 -32.62 -14.32 22.12
C VAL D 395 -34.14 -14.53 21.96
N SER D 396 -34.90 -13.61 22.54
CA SER D 396 -36.34 -13.71 22.51
C SER D 396 -36.96 -12.31 22.46
N PHE D 397 -38.12 -12.22 21.82
CA PHE D 397 -38.88 -10.98 21.73
C PHE D 397 -40.30 -11.21 22.21
N SER D 398 -40.82 -10.24 22.95
CA SER D 398 -42.22 -10.20 23.33
C SER D 398 -42.92 -9.18 22.44
N ILE D 399 -43.99 -9.62 21.78
CA ILE D 399 -44.66 -8.84 20.74
C ILE D 399 -46.12 -8.65 21.13
N GLU D 400 -46.61 -7.43 20.94
CA GLU D 400 -48.00 -7.07 21.24
C GLU D 400 -48.65 -6.54 19.97
N ALA D 401 -49.72 -7.20 19.54
CA ALA D 401 -50.45 -6.84 18.33
C ALA D 401 -51.71 -6.08 18.70
N LYS D 402 -51.83 -4.83 18.21
CA LYS D 402 -52.97 -3.98 18.49
C LYS D 402 -53.68 -3.65 17.18
N VAL D 403 -54.97 -4.01 17.10
CA VAL D 403 -55.80 -3.75 15.93
C VAL D 403 -56.67 -2.53 16.21
N ARG D 404 -56.93 -1.75 15.17
CA ARG D 404 -57.75 -0.55 15.26
C ARG D 404 -59.04 -0.78 14.47
N GLY D 405 -60.16 -0.82 15.19
CA GLY D 405 -61.45 -1.03 14.57
C GLY D 405 -61.66 -2.47 14.16
N CYS D 406 -62.56 -2.66 13.20
CA CYS D 406 -62.82 -3.97 12.63
C CYS D 406 -62.57 -3.92 11.13
N PRO D 407 -61.55 -4.60 10.63
CA PRO D 407 -61.29 -4.60 9.18
C PRO D 407 -62.38 -5.35 8.43
N GLN D 408 -62.42 -5.10 7.11
CA GLN D 408 -63.40 -5.76 6.26
C GLN D 408 -63.13 -7.26 6.17
N GLU D 409 -61.90 -7.64 5.89
CA GLU D 409 -61.52 -9.04 5.86
C GLU D 409 -61.36 -9.57 7.28
N LYS D 410 -62.01 -10.69 7.58
CA LYS D 410 -61.96 -11.27 8.92
C LYS D 410 -60.80 -12.24 9.12
N GLU D 411 -60.04 -12.55 8.07
CA GLU D 411 -58.92 -13.48 8.18
C GLU D 411 -57.78 -13.01 7.29
N LYS D 412 -56.61 -12.81 7.91
CA LYS D 412 -55.37 -12.49 7.20
C LYS D 412 -54.23 -13.24 7.86
N SER D 413 -53.02 -13.04 7.35
CA SER D 413 -51.84 -13.66 7.95
C SER D 413 -50.59 -12.94 7.45
N PHE D 414 -49.69 -12.62 8.37
CA PHE D 414 -48.43 -11.96 8.06
C PHE D 414 -47.27 -12.81 8.56
N THR D 415 -46.05 -12.35 8.30
CA THR D 415 -44.84 -13.10 8.58
C THR D 415 -43.86 -12.25 9.38
N ILE D 416 -43.29 -12.84 10.42
CA ILE D 416 -42.18 -12.25 11.18
C ILE D 416 -40.96 -13.11 10.94
N LYS D 417 -39.95 -12.55 10.26
CA LYS D 417 -38.76 -13.28 9.89
C LYS D 417 -37.53 -12.45 10.21
N PRO D 418 -36.50 -13.05 10.79
CA PRO D 418 -35.24 -12.34 11.00
C PRO D 418 -34.50 -12.13 9.69
N VAL D 419 -33.78 -11.02 9.61
CA VAL D 419 -33.08 -10.66 8.38
C VAL D 419 -31.99 -11.68 8.09
N GLY D 420 -32.05 -12.29 6.91
CA GLY D 420 -31.08 -13.27 6.49
C GLY D 420 -31.43 -14.70 6.81
N PHE D 421 -32.48 -14.93 7.60
CA PHE D 421 -32.85 -16.26 8.05
C PHE D 421 -33.85 -16.90 7.09
N LYS D 422 -33.91 -18.23 7.12
CA LYS D 422 -34.84 -18.99 6.30
C LYS D 422 -36.20 -19.16 6.99
N ASP D 423 -36.19 -19.76 8.18
CA ASP D 423 -37.43 -19.99 8.91
C ASP D 423 -38.08 -18.66 9.30
N SER D 424 -39.37 -18.73 9.62
CA SER D 424 -40.13 -17.53 9.92
C SER D 424 -41.37 -17.92 10.72
N LEU D 425 -41.93 -16.92 11.40
CA LEU D 425 -43.15 -17.08 12.19
C LEU D 425 -44.32 -16.59 11.36
N ILE D 426 -45.22 -17.50 11.01
CA ILE D 426 -46.43 -17.17 10.27
C ILE D 426 -47.55 -16.95 11.28
N VAL D 427 -47.98 -15.70 11.42
CA VAL D 427 -49.05 -15.33 12.36
C VAL D 427 -50.36 -15.28 11.58
N GLN D 428 -51.28 -16.18 11.91
CA GLN D 428 -52.59 -16.25 11.28
C GLN D 428 -53.60 -15.53 12.15
N VAL D 429 -54.08 -14.38 11.68
CA VAL D 429 -54.95 -13.50 12.46
C VAL D 429 -56.41 -13.77 12.10
N THR D 430 -57.27 -13.72 13.11
CA THR D 430 -58.71 -13.82 12.93
C THR D 430 -59.38 -12.75 13.77
N PHE D 431 -60.09 -11.82 13.11
CA PHE D 431 -60.73 -10.71 13.78
C PHE D 431 -62.12 -11.14 14.24
N ASP D 432 -62.33 -11.14 15.56
CA ASP D 432 -63.59 -11.56 16.16
C ASP D 432 -64.48 -10.33 16.31
N CYS D 433 -65.10 -9.92 15.20
CA CYS D 433 -66.02 -8.80 15.21
C CYS D 433 -67.47 -9.22 15.37
N ASP D 434 -67.83 -10.40 14.87
CA ASP D 434 -69.21 -10.85 14.83
C ASP D 434 -69.51 -11.77 15.99
N CYS D 435 -70.77 -11.76 16.42
CA CYS D 435 -71.26 -12.64 17.47
C CYS D 435 -71.66 -13.99 16.87
N ALA D 436 -71.68 -15.01 17.72
CA ALA D 436 -72.09 -16.34 17.26
C ALA D 436 -73.60 -16.45 17.01
N CYS D 437 -74.41 -15.67 17.73
CA CYS D 437 -75.87 -15.64 17.55
C CYS D 437 -76.30 -15.10 16.19
N GLN D 438 -75.37 -14.49 15.43
CA GLN D 438 -75.71 -13.95 14.11
C GLN D 438 -75.96 -15.04 13.09
N ALA D 439 -75.52 -16.28 13.36
CA ALA D 439 -75.82 -17.39 12.46
C ALA D 439 -77.28 -17.83 12.56
N GLN D 440 -77.87 -17.73 13.75
CA GLN D 440 -79.28 -18.03 13.95
C GLN D 440 -80.17 -16.84 13.66
N ALA D 441 -79.68 -15.86 12.89
CA ALA D 441 -80.49 -14.72 12.53
C ALA D 441 -81.66 -15.14 11.65
N GLU D 442 -82.83 -14.56 11.91
CA GLU D 442 -84.06 -14.93 11.22
C GLU D 442 -84.47 -13.80 10.29
N PRO D 443 -84.22 -13.89 8.99
CA PRO D 443 -84.63 -12.82 8.08
C PRO D 443 -86.13 -12.82 7.88
N ASN D 444 -86.69 -11.61 7.80
CA ASN D 444 -88.13 -11.41 7.57
C ASN D 444 -88.96 -12.10 8.66
N SER D 445 -88.64 -11.79 9.91
CA SER D 445 -89.26 -12.46 11.04
C SER D 445 -90.64 -11.85 11.34
N HIS D 446 -91.57 -12.72 11.73
CA HIS D 446 -92.89 -12.26 12.16
C HIS D 446 -92.79 -11.35 13.38
N ARG D 447 -91.77 -11.57 14.22
CA ARG D 447 -91.62 -10.86 15.48
C ARG D 447 -91.22 -9.40 15.29
N CYS D 448 -90.77 -9.01 14.11
CA CYS D 448 -90.30 -7.65 13.86
C CYS D 448 -91.13 -7.03 12.74
N ASN D 449 -92.06 -6.13 13.11
CA ASN D 449 -92.86 -5.36 12.15
C ASN D 449 -93.64 -6.25 11.18
N ASN D 450 -94.12 -7.39 11.68
CA ASN D 450 -94.94 -8.34 10.93
C ASN D 450 -94.15 -9.05 9.84
N GLY D 451 -92.93 -8.62 9.56
CA GLY D 451 -92.11 -9.29 8.57
C GLY D 451 -91.24 -8.38 7.73
N ASN D 452 -90.86 -7.22 8.27
CA ASN D 452 -90.04 -6.26 7.56
C ASN D 452 -88.59 -6.22 8.04
N GLY D 453 -88.27 -6.83 9.17
CA GLY D 453 -86.92 -6.76 9.71
C GLY D 453 -86.28 -8.10 9.98
N THR D 454 -85.15 -8.09 10.68
CA THR D 454 -84.37 -9.28 10.97
C THR D 454 -84.23 -9.44 12.48
N PHE D 455 -84.51 -10.65 12.98
CA PHE D 455 -84.41 -10.96 14.39
C PHE D 455 -83.11 -11.71 14.63
N GLU D 456 -82.13 -11.03 15.23
CA GLU D 456 -80.85 -11.63 15.57
C GLU D 456 -80.47 -11.25 16.99
N CYS D 457 -79.99 -12.23 17.75
CA CYS D 457 -79.44 -12.01 19.09
C CYS D 457 -80.45 -11.31 19.99
N GLY D 458 -81.73 -11.64 19.81
CA GLY D 458 -82.79 -11.18 20.67
C GLY D 458 -83.32 -9.79 20.40
N VAL D 459 -82.87 -9.13 19.33
CA VAL D 459 -83.34 -7.80 18.98
C VAL D 459 -83.66 -7.73 17.49
N CYS D 460 -84.41 -6.69 17.12
CA CYS D 460 -84.86 -6.50 15.74
C CYS D 460 -83.99 -5.45 15.06
N ARG D 461 -83.36 -5.83 13.95
CA ARG D 461 -82.62 -4.92 13.09
C ARG D 461 -83.43 -4.61 11.85
N CYS D 462 -83.24 -3.41 11.29
CA CYS D 462 -83.86 -3.07 10.02
C CYS D 462 -83.12 -3.79 8.91
N GLY D 463 -83.87 -4.40 7.99
CA GLY D 463 -83.29 -5.28 7.02
C GLY D 463 -82.63 -4.53 5.88
N PRO D 464 -82.19 -5.31 4.89
CA PRO D 464 -81.47 -4.70 3.76
C PRO D 464 -82.42 -3.97 2.82
N GLY D 465 -81.98 -2.78 2.39
CA GLY D 465 -82.78 -1.92 1.54
C GLY D 465 -83.49 -0.81 2.27
N TRP D 466 -83.57 -0.88 3.60
CA TRP D 466 -84.24 0.14 4.40
C TRP D 466 -83.23 1.17 4.89
N LEU D 467 -83.71 2.40 5.06
CA LEU D 467 -82.90 3.50 5.55
C LEU D 467 -83.41 3.96 6.90
N GLY D 468 -82.49 4.27 7.79
CA GLY D 468 -82.83 4.68 9.15
C GLY D 468 -82.59 3.56 10.16
N SER D 469 -82.27 3.96 11.38
CA SER D 469 -82.08 3.00 12.46
C SER D 469 -83.41 2.42 12.97
N GLN D 470 -84.51 3.14 12.78
CA GLN D 470 -85.84 2.67 13.15
C GLN D 470 -86.80 2.67 11.96
N CYS D 471 -86.28 2.87 10.74
CA CYS D 471 -87.02 2.72 9.49
C CYS D 471 -88.23 3.66 9.46
N GLU E 1 -1.65 42.54 -30.14
CA GLU E 1 -0.92 42.28 -31.38
C GLU E 1 0.38 41.54 -31.09
N VAL E 2 0.70 40.57 -31.96
CA VAL E 2 1.89 39.73 -31.79
C VAL E 2 3.09 40.46 -32.38
N GLN E 3 4.22 40.42 -31.66
CA GLN E 3 5.45 41.06 -32.12
C GLN E 3 6.59 40.51 -31.30
N LEU E 4 7.63 40.06 -31.99
CA LEU E 4 8.84 39.52 -31.36
C LEU E 4 9.91 40.59 -31.33
N GLN E 5 10.38 40.92 -30.11
CA GLN E 5 11.38 41.95 -29.90
C GLN E 5 12.67 41.30 -29.41
N GLN E 6 13.68 41.31 -30.27
CA GLN E 6 14.96 40.69 -29.96
C GLN E 6 15.92 41.72 -29.35
N SER E 7 17.15 41.28 -29.09
CA SER E 7 18.17 42.14 -28.52
C SER E 7 18.79 43.01 -29.61
N GLY E 8 19.75 43.85 -29.20
CA GLY E 8 20.46 44.70 -30.14
C GLY E 8 21.68 44.00 -30.73
N ALA E 9 22.30 44.68 -31.69
CA ALA E 9 23.45 44.11 -32.40
C ALA E 9 24.58 43.82 -31.42
N GLU E 10 25.20 42.65 -31.60
CA GLU E 10 26.27 42.18 -30.73
C GLU E 10 27.58 42.13 -31.51
N LEU E 11 28.65 42.62 -30.89
CA LEU E 11 29.98 42.63 -31.48
C LEU E 11 30.95 42.00 -30.48
N VAL E 12 31.48 40.83 -30.83
CA VAL E 12 32.29 40.04 -29.91
C VAL E 12 33.52 39.53 -30.65
N LYS E 13 34.44 38.94 -29.90
CA LYS E 13 35.68 38.41 -30.43
C LYS E 13 35.61 36.89 -30.55
N PRO E 14 36.43 36.29 -31.41
CA PRO E 14 36.39 34.83 -31.57
C PRO E 14 36.69 34.12 -30.26
N GLY E 15 36.09 32.93 -30.10
CA GLY E 15 36.24 32.16 -28.90
C GLY E 15 35.35 32.57 -27.74
N ALA E 16 34.69 33.72 -27.83
CA ALA E 16 33.81 34.19 -26.77
C ALA E 16 32.46 33.50 -26.87
N SER E 17 31.47 33.99 -26.12
CA SER E 17 30.15 33.37 -26.10
C SER E 17 29.12 34.45 -25.80
N VAL E 18 28.23 34.71 -26.76
CA VAL E 18 27.18 35.72 -26.64
C VAL E 18 25.84 35.02 -26.46
N LYS E 19 24.96 35.65 -25.68
CA LYS E 19 23.63 35.14 -25.39
C LYS E 19 22.60 36.14 -25.91
N LEU E 20 21.92 35.77 -27.00
CA LEU E 20 20.92 36.64 -27.61
C LEU E 20 19.59 36.51 -26.87
N SER E 21 18.66 37.39 -27.22
CA SER E 21 17.38 37.47 -26.55
C SER E 21 16.26 37.65 -27.56
N CYS E 22 15.07 37.20 -27.20
CA CYS E 22 13.87 37.38 -28.02
C CYS E 22 12.68 37.48 -27.07
N THR E 23 12.28 38.70 -26.76
CA THR E 23 11.18 38.96 -25.84
C THR E 23 9.86 39.02 -26.58
N ALA E 24 8.84 38.38 -26.01
CA ALA E 24 7.50 38.41 -26.59
C ALA E 24 6.76 39.67 -26.15
N SER E 25 5.88 40.14 -27.02
CA SER E 25 5.12 41.37 -26.79
C SER E 25 3.70 41.16 -27.26
N GLY E 26 2.75 41.19 -26.33
CA GLY E 26 1.35 41.01 -26.65
C GLY E 26 0.83 39.59 -26.54
N PHE E 27 1.62 38.67 -25.99
CA PHE E 27 1.23 37.27 -25.87
C PHE E 27 2.24 36.57 -24.95
N ASN E 28 1.77 35.54 -24.27
CA ASN E 28 2.64 34.74 -23.41
C ASN E 28 3.50 33.83 -24.28
N ILE E 29 4.82 33.84 -24.03
CA ILE E 29 5.74 33.04 -24.82
C ILE E 29 5.48 31.55 -24.64
N LYS E 30 4.80 31.16 -23.56
CA LYS E 30 4.46 29.77 -23.30
C LYS E 30 3.50 29.18 -24.34
N ASP E 31 2.94 30.00 -25.23
CA ASP E 31 1.83 29.55 -26.06
C ASP E 31 2.28 28.56 -27.14
N THR E 32 3.42 28.82 -27.79
CA THR E 32 3.78 28.09 -29.00
C THR E 32 5.24 27.66 -28.94
N TYR E 33 5.65 26.90 -29.95
CA TYR E 33 7.06 26.66 -30.23
C TYR E 33 7.74 27.97 -30.59
N VAL E 34 9.04 28.05 -30.31
CA VAL E 34 9.87 29.20 -30.68
C VAL E 34 11.12 28.67 -31.38
N HIS E 35 11.27 29.02 -32.64
CA HIS E 35 12.42 28.59 -33.45
C HIS E 35 13.45 29.70 -33.54
N TRP E 36 14.68 29.31 -33.86
CA TRP E 36 15.77 30.22 -34.14
C TRP E 36 16.32 29.93 -35.53
N VAL E 37 16.57 30.98 -36.30
CA VAL E 37 16.98 30.88 -37.70
C VAL E 37 18.21 31.75 -37.92
N LYS E 38 19.16 31.23 -38.69
CA LYS E 38 20.41 31.92 -39.02
C LYS E 38 20.41 32.30 -40.49
N GLN E 39 20.75 33.55 -40.79
CA GLN E 39 20.75 34.06 -42.16
C GLN E 39 22.11 34.63 -42.51
N ARG E 40 22.78 34.01 -43.48
CA ARG E 40 24.01 34.52 -44.07
C ARG E 40 23.77 34.93 -45.52
N PRO E 41 24.56 35.87 -46.06
CA PRO E 41 24.33 36.29 -47.45
C PRO E 41 24.57 35.18 -48.46
N GLU E 42 25.68 34.46 -48.35
CA GLU E 42 26.03 33.45 -49.35
C GLU E 42 25.32 32.12 -49.08
N GLN E 43 25.42 31.61 -47.85
CA GLN E 43 24.89 30.28 -47.56
C GLN E 43 23.36 30.27 -47.57
N GLY E 44 22.74 31.33 -47.06
CA GLY E 44 21.30 31.40 -47.00
C GLY E 44 20.76 31.14 -45.61
N LEU E 45 19.49 30.75 -45.57
CA LEU E 45 18.81 30.54 -44.30
C LEU E 45 19.08 29.13 -43.77
N GLU E 46 19.32 29.03 -42.46
CA GLU E 46 19.62 27.77 -41.80
C GLU E 46 18.83 27.68 -40.50
N TRP E 47 18.05 26.62 -40.34
CA TRP E 47 17.27 26.42 -39.13
C TRP E 47 18.16 25.87 -38.04
N ILE E 48 18.23 26.58 -36.91
CA ILE E 48 19.07 26.16 -35.80
C ILE E 48 18.37 25.14 -34.94
N GLY E 49 17.19 25.48 -34.43
CA GLY E 49 16.45 24.58 -33.57
C GLY E 49 15.18 25.25 -33.07
N ARG E 50 14.56 24.61 -32.09
CA ARG E 50 13.32 25.09 -31.51
C ARG E 50 13.29 24.79 -30.02
N ILE E 51 12.27 25.31 -29.34
CA ILE E 51 12.06 25.06 -27.93
C ILE E 51 10.57 25.20 -27.64
N ASP E 52 10.11 24.45 -26.63
CA ASP E 52 8.74 24.56 -26.14
C ASP E 52 8.78 25.23 -24.77
N PRO E 53 8.56 26.55 -24.68
CA PRO E 53 8.71 27.24 -23.39
C PRO E 53 7.77 26.76 -22.31
N ALA E 54 6.80 25.89 -22.62
CA ALA E 54 5.91 25.33 -21.62
C ALA E 54 6.53 24.18 -20.83
N ASN E 55 7.75 23.77 -21.17
CA ASN E 55 8.38 22.63 -20.50
C ASN E 55 9.90 22.72 -20.59
N GLY E 56 10.42 23.31 -21.66
CA GLY E 56 11.84 23.46 -21.86
C GLY E 56 12.49 22.42 -22.75
N TYR E 57 11.72 21.55 -23.38
CA TYR E 57 12.29 20.55 -24.28
C TYR E 57 12.68 21.20 -25.60
N THR E 58 13.77 20.71 -26.19
CA THR E 58 14.39 21.36 -27.33
C THR E 58 14.65 20.37 -28.45
N LYS E 59 14.80 20.91 -29.66
CA LYS E 59 15.23 20.17 -30.83
C LYS E 59 16.26 21.02 -31.57
N TYR E 60 17.22 20.37 -32.21
CA TYR E 60 18.30 21.07 -32.88
C TYR E 60 18.63 20.41 -34.22
N ASP E 61 19.12 21.22 -35.15
CA ASP E 61 19.80 20.70 -36.32
C ASP E 61 21.17 20.16 -35.90
N PRO E 62 21.47 18.88 -36.16
CA PRO E 62 22.74 18.30 -35.68
C PRO E 62 24.00 19.08 -36.09
N LYS E 63 23.92 20.00 -37.05
CA LYS E 63 25.09 20.82 -37.39
C LYS E 63 25.45 21.78 -36.27
N PHE E 64 24.46 22.30 -35.54
CA PHE E 64 24.68 23.30 -34.50
C PHE E 64 24.79 22.68 -33.11
N GLN E 65 25.22 21.43 -33.02
CA GLN E 65 25.36 20.78 -31.73
C GLN E 65 26.62 21.27 -31.03
N GLY E 66 26.49 21.49 -29.72
CA GLY E 66 27.57 22.09 -28.93
C GLY E 66 27.61 23.58 -29.06
N LYS E 67 27.54 24.10 -30.28
CA LYS E 67 27.58 25.54 -30.48
C LYS E 67 26.29 26.19 -29.96
N ALA E 68 25.16 25.84 -30.55
CA ALA E 68 23.89 26.48 -30.24
C ALA E 68 23.22 25.83 -29.04
N THR E 69 22.70 26.66 -28.14
CA THR E 69 21.95 26.19 -26.97
C THR E 69 20.79 27.13 -26.74
N ILE E 70 19.56 26.60 -26.83
CA ILE E 70 18.34 27.39 -26.74
C ILE E 70 17.71 27.17 -25.38
N THR E 71 17.39 28.27 -24.68
CA THR E 71 16.77 28.23 -23.37
C THR E 71 15.61 29.22 -23.34
N ALA E 72 14.86 29.23 -22.24
CA ALA E 72 13.74 30.14 -22.09
C ALA E 72 13.41 30.30 -20.61
N ASP E 73 12.79 31.43 -20.30
CA ASP E 73 12.36 31.74 -18.93
C ASP E 73 10.97 32.36 -19.01
N THR E 74 9.95 31.62 -18.54
CA THR E 74 8.58 32.09 -18.62
C THR E 74 8.36 33.37 -17.82
N SER E 75 9.12 33.56 -16.74
CA SER E 75 9.01 34.79 -15.95
C SER E 75 9.40 36.01 -16.78
N SER E 76 10.60 35.99 -17.36
CA SER E 76 11.04 37.07 -18.22
C SER E 76 10.22 37.16 -19.51
N ASN E 77 9.47 36.10 -19.84
CA ASN E 77 8.71 36.04 -21.09
C ASN E 77 9.64 36.19 -22.29
N THR E 78 10.77 35.46 -22.25
CA THR E 78 11.83 35.64 -23.22
C THR E 78 12.51 34.30 -23.47
N ALA E 79 12.85 34.04 -24.72
CA ALA E 79 13.65 32.89 -25.13
C ALA E 79 15.04 33.35 -25.53
N TYR E 80 16.05 32.55 -25.19
CA TYR E 80 17.44 32.90 -25.42
C TYR E 80 18.09 31.92 -26.40
N LEU E 81 19.17 32.38 -27.03
CA LEU E 81 20.01 31.56 -27.89
C LEU E 81 21.46 31.83 -27.52
N GLN E 82 22.06 30.91 -26.77
CA GLN E 82 23.44 31.04 -26.33
C GLN E 82 24.35 30.37 -27.35
N LEU E 83 25.22 31.17 -27.98
CA LEU E 83 26.22 30.67 -28.91
C LEU E 83 27.57 30.66 -28.23
N SER E 84 28.29 29.54 -28.36
CA SER E 84 29.56 29.35 -27.68
C SER E 84 30.64 28.98 -28.69
N SER E 85 31.88 29.36 -28.38
CA SER E 85 33.06 29.11 -29.21
C SER E 85 32.84 29.66 -30.62
N LEU E 86 32.77 30.99 -30.68
CA LEU E 86 32.39 31.65 -31.91
C LEU E 86 33.53 31.68 -32.93
N THR E 87 33.17 31.75 -34.20
CA THR E 87 34.11 31.83 -35.30
C THR E 87 33.65 32.93 -36.26
N SER E 88 34.41 33.12 -37.33
CA SER E 88 34.00 34.06 -38.37
C SER E 88 32.81 33.52 -39.17
N GLU E 89 32.68 32.20 -39.27
CA GLU E 89 31.56 31.59 -39.96
C GLU E 89 30.25 31.75 -39.20
N ASP E 90 30.31 32.09 -37.92
CA ASP E 90 29.12 32.36 -37.12
C ASP E 90 28.63 33.81 -37.25
N THR E 91 29.34 34.65 -37.98
CA THR E 91 28.90 36.01 -38.24
C THR E 91 27.68 35.98 -39.14
N ALA E 92 26.52 36.39 -38.62
CA ALA E 92 25.27 36.34 -39.37
C ALA E 92 24.21 37.14 -38.61
N VAL E 93 23.00 37.14 -39.16
CA VAL E 93 21.81 37.67 -38.51
C VAL E 93 21.00 36.49 -38.00
N TYR E 94 20.44 36.62 -36.80
CA TYR E 94 19.70 35.55 -36.15
C TYR E 94 18.29 36.03 -35.83
N TYR E 95 17.29 35.24 -36.22
CA TYR E 95 15.89 35.57 -36.06
C TYR E 95 15.20 34.54 -35.18
N CYS E 96 14.31 35.00 -34.31
CA CYS E 96 13.41 34.10 -33.60
C CYS E 96 12.06 34.06 -34.32
N VAL E 97 11.46 32.88 -34.37
CA VAL E 97 10.27 32.63 -35.16
C VAL E 97 9.28 31.85 -34.31
N ARG E 98 8.00 32.12 -34.53
CA ARG E 98 6.90 31.35 -33.97
C ARG E 98 5.81 31.25 -35.02
N PRO E 99 4.93 30.25 -34.90
CA PRO E 99 3.85 30.11 -35.88
C PRO E 99 2.66 30.99 -35.54
N LEU E 100 1.70 31.04 -36.47
CA LEU E 100 0.44 31.75 -36.26
C LEU E 100 -0.62 30.77 -35.75
N TYR E 101 -1.10 29.90 -36.62
CA TYR E 101 -2.08 28.88 -36.26
C TYR E 101 -1.48 27.48 -36.26
N ASP E 102 -1.01 27.00 -37.42
CA ASP E 102 -0.38 25.69 -37.54
C ASP E 102 0.75 25.55 -36.53
N TYR E 103 0.72 24.47 -35.75
CA TYR E 103 1.73 24.23 -34.73
C TYR E 103 3.15 24.25 -35.28
N TYR E 104 3.33 23.83 -36.53
CA TYR E 104 4.64 23.59 -37.10
C TYR E 104 5.07 24.62 -38.13
N ALA E 105 4.31 25.71 -38.29
CA ALA E 105 4.62 26.69 -39.32
C ALA E 105 5.66 27.70 -38.82
N MET E 106 6.08 28.58 -39.74
CA MET E 106 7.08 29.61 -39.47
C MET E 106 6.53 30.91 -40.08
N ASP E 107 5.83 31.70 -39.27
CA ASP E 107 5.05 32.81 -39.80
C ASP E 107 5.43 34.16 -39.20
N TYR E 108 5.54 34.26 -37.88
CA TYR E 108 5.90 35.51 -37.22
C TYR E 108 7.39 35.53 -36.94
N TRP E 109 8.06 36.61 -37.34
CA TRP E 109 9.51 36.74 -37.25
C TRP E 109 9.88 38.01 -36.50
N GLY E 110 10.94 37.93 -35.70
CA GLY E 110 11.50 39.10 -35.09
C GLY E 110 12.26 39.94 -36.09
N GLN E 111 12.73 41.10 -35.62
CA GLN E 111 13.47 42.00 -36.51
C GLN E 111 14.87 41.50 -36.83
N GLY E 112 15.43 40.64 -35.98
CA GLY E 112 16.75 40.09 -36.24
C GLY E 112 17.87 40.79 -35.49
N THR E 113 18.85 40.02 -35.05
CA THR E 113 20.02 40.54 -34.33
C THR E 113 21.27 40.19 -35.11
N SER E 114 22.02 41.20 -35.51
CA SER E 114 23.27 40.98 -36.23
C SER E 114 24.40 40.71 -35.24
N VAL E 115 25.10 39.61 -35.43
CA VAL E 115 26.23 39.22 -34.59
C VAL E 115 27.48 39.24 -35.45
N THR E 116 28.44 40.08 -35.10
CA THR E 116 29.69 40.23 -35.84
C THR E 116 30.84 39.78 -34.96
N VAL E 117 31.60 38.80 -35.44
CA VAL E 117 32.74 38.24 -34.72
C VAL E 117 34.01 38.71 -35.40
N SER E 118 34.88 39.38 -34.64
CA SER E 118 36.12 39.92 -35.19
C SER E 118 37.08 40.19 -34.05
N SER E 119 38.38 40.02 -34.35
CA SER E 119 39.45 40.30 -33.41
C SER E 119 39.88 41.76 -33.38
N ALA E 120 39.67 42.49 -34.47
CA ALA E 120 40.15 43.87 -34.54
C ALA E 120 39.44 44.77 -33.54
N LYS E 121 40.19 45.72 -32.99
CA LYS E 121 39.67 46.68 -32.02
C LYS E 121 39.09 47.88 -32.76
N THR E 122 38.69 48.91 -32.02
CA THR E 122 38.16 50.12 -32.64
C THR E 122 39.24 50.81 -33.46
N THR E 123 38.88 51.21 -34.69
CA THR E 123 39.83 51.79 -35.63
C THR E 123 39.14 52.90 -36.41
N ALA E 124 39.81 54.05 -36.54
CA ALA E 124 39.29 55.18 -37.29
C ALA E 124 39.68 55.05 -38.77
N PRO E 125 38.79 55.43 -39.68
CA PRO E 125 39.05 55.23 -41.10
C PRO E 125 40.00 56.27 -41.68
N SER E 126 40.60 55.90 -42.81
CA SER E 126 41.36 56.84 -43.62
C SER E 126 40.46 57.41 -44.71
N VAL E 127 40.94 58.47 -45.35
CA VAL E 127 40.21 59.13 -46.44
C VAL E 127 41.20 59.48 -47.54
N TYR E 128 40.91 59.04 -48.77
CA TYR E 128 41.80 59.26 -49.91
C TYR E 128 40.98 59.86 -51.06
N PRO E 129 41.38 61.02 -51.57
CA PRO E 129 40.64 61.63 -52.69
C PRO E 129 40.98 60.99 -54.02
N LEU E 130 39.98 60.91 -54.89
CA LEU E 130 40.12 60.27 -56.19
C LEU E 130 39.68 61.25 -57.28
N ALA E 131 40.62 61.67 -58.13
CA ALA E 131 40.39 62.58 -59.23
C ALA E 131 40.74 61.90 -60.56
N PRO E 132 40.21 62.38 -61.68
CA PRO E 132 40.47 61.72 -62.96
C PRO E 132 41.94 61.79 -63.36
N VAL E 133 42.28 60.98 -64.36
CA VAL E 133 43.66 60.87 -64.84
C VAL E 133 43.99 62.05 -65.74
N CYS E 134 45.27 62.44 -65.75
CA CYS E 134 45.77 63.51 -66.62
C CYS E 134 45.43 63.27 -68.08
N SER E 140 31.85 66.55 -71.28
CA SER E 140 30.50 67.02 -70.96
C SER E 140 30.09 66.64 -69.55
N SER E 141 30.85 65.73 -68.94
CA SER E 141 30.58 65.25 -67.59
C SER E 141 31.86 64.68 -67.00
N VAL E 142 31.85 64.51 -65.68
CA VAL E 142 33.03 64.06 -64.94
C VAL E 142 32.57 63.33 -63.68
N THR E 143 33.36 62.35 -63.26
CA THR E 143 33.06 61.53 -62.09
C THR E 143 34.24 61.60 -61.12
N LEU E 144 33.93 61.75 -59.83
CA LEU E 144 34.93 61.81 -58.77
C LEU E 144 34.87 60.55 -57.93
N GLY E 145 35.66 60.51 -56.86
CA GLY E 145 35.71 59.34 -56.00
C GLY E 145 36.23 59.70 -54.63
N CYS E 146 35.84 58.89 -53.64
CA CYS E 146 36.18 59.14 -52.24
C CYS E 146 36.33 57.79 -51.54
N LEU E 147 37.57 57.28 -51.52
CA LEU E 147 37.84 55.98 -50.91
C LEU E 147 38.05 56.11 -49.41
N VAL E 148 37.46 55.18 -48.67
CA VAL E 148 37.58 55.11 -47.21
C VAL E 148 37.95 53.69 -46.85
N LYS E 149 38.96 53.53 -45.99
CA LYS E 149 39.49 52.20 -45.71
C LYS E 149 40.10 52.17 -44.32
N GLY E 150 40.07 50.98 -43.72
CA GLY E 150 40.74 50.73 -42.46
C GLY E 150 39.97 51.25 -41.25
N TYR E 151 38.85 50.62 -40.94
CA TYR E 151 38.05 51.03 -39.80
C TYR E 151 37.25 49.85 -39.28
N PHE E 152 36.81 49.99 -38.03
CA PHE E 152 36.01 48.99 -37.33
C PHE E 152 35.49 49.62 -36.03
N PRO E 153 34.22 49.38 -35.68
CA PRO E 153 33.27 48.61 -36.47
C PRO E 153 32.39 49.47 -37.39
N GLU E 154 31.39 48.84 -37.99
CA GLU E 154 30.40 49.55 -38.79
C GLU E 154 29.47 50.34 -37.88
N PRO E 155 28.79 51.37 -38.42
CA PRO E 155 28.86 51.88 -39.79
C PRO E 155 29.55 53.23 -39.90
N VAL E 156 29.47 53.85 -41.07
CA VAL E 156 30.05 55.16 -41.34
C VAL E 156 29.07 55.96 -42.18
N THR E 157 29.19 57.30 -42.09
CA THR E 157 28.35 58.23 -42.82
C THR E 157 29.21 59.00 -43.81
N LEU E 158 28.94 58.79 -45.11
CA LEU E 158 29.65 59.49 -46.17
C LEU E 158 28.68 60.45 -46.85
N THR E 159 29.05 61.72 -46.88
CA THR E 159 28.31 62.75 -47.59
C THR E 159 29.28 63.59 -48.41
N TRP E 160 28.74 64.35 -49.35
CA TRP E 160 29.51 65.21 -50.22
C TRP E 160 29.14 66.66 -49.92
N ASN E 161 30.15 67.47 -49.59
CA ASN E 161 29.93 68.86 -49.15
C ASN E 161 28.93 68.91 -47.99
N SER E 162 29.14 68.01 -47.01
CA SER E 162 28.36 67.94 -45.80
C SER E 162 26.86 67.72 -46.10
N GLY E 163 26.59 66.72 -46.93
CA GLY E 163 25.23 66.37 -47.26
C GLY E 163 24.54 67.30 -48.24
N SER E 164 25.27 68.20 -48.88
CA SER E 164 24.70 69.13 -49.85
C SER E 164 24.10 68.36 -51.02
N LEU E 165 24.96 67.87 -51.92
CA LEU E 165 24.49 67.12 -53.06
C LEU E 165 24.28 65.66 -52.67
N SER E 166 23.10 65.13 -53.02
CA SER E 166 22.79 63.73 -52.77
C SER E 166 22.31 63.07 -54.05
N SER E 167 21.74 63.86 -54.96
CA SER E 167 21.25 63.34 -56.24
C SER E 167 22.43 62.93 -57.11
N GLY E 168 22.59 61.63 -57.33
CA GLY E 168 23.68 61.13 -58.13
C GLY E 168 24.88 60.72 -57.29
N VAL E 169 24.63 60.04 -56.18
CA VAL E 169 25.68 59.61 -55.25
C VAL E 169 25.51 58.12 -55.02
N HIS E 170 26.41 57.31 -55.60
CA HIS E 170 26.37 55.85 -55.46
C HIS E 170 27.36 55.46 -54.36
N THR E 171 26.88 55.43 -53.12
CA THR E 171 27.68 55.00 -51.99
C THR E 171 27.57 53.48 -51.87
N PHE E 172 28.69 52.78 -52.08
CA PHE E 172 28.69 51.34 -52.13
C PHE E 172 28.77 50.74 -50.73
N PRO E 173 28.25 49.53 -50.54
CA PRO E 173 28.33 48.89 -49.23
C PRO E 173 29.76 48.57 -48.85
N ALA E 174 30.02 48.57 -47.55
CA ALA E 174 31.35 48.27 -47.06
C ALA E 174 31.65 46.78 -47.19
N VAL E 175 32.92 46.47 -47.43
CA VAL E 175 33.39 45.10 -47.64
C VAL E 175 34.42 44.76 -46.58
N LEU E 176 34.34 43.54 -46.05
CA LEU E 176 35.29 43.10 -45.03
C LEU E 176 36.63 42.77 -45.66
N GLN E 177 37.71 43.32 -45.10
CA GLN E 177 39.08 43.10 -45.58
C GLN E 177 39.98 42.86 -44.37
N SER E 178 40.12 41.59 -43.99
CA SER E 178 40.98 41.17 -42.88
C SER E 178 40.67 41.97 -41.61
N ASP E 179 39.48 41.71 -41.07
CA ASP E 179 38.98 42.32 -39.84
C ASP E 179 38.88 43.84 -39.93
N LEU E 180 38.87 44.39 -41.14
CA LEU E 180 38.74 45.84 -41.34
C LEU E 180 37.93 46.08 -42.60
N TYR E 181 37.07 47.09 -42.56
CA TYR E 181 36.16 47.36 -43.66
C TYR E 181 36.77 48.35 -44.66
N THR E 182 36.13 48.45 -45.83
CA THR E 182 36.58 49.34 -46.89
C THR E 182 35.35 49.80 -47.66
N LEU E 183 34.98 51.08 -47.49
CA LEU E 183 33.82 51.66 -48.15
C LEU E 183 34.27 52.70 -49.17
N SER E 184 33.54 52.77 -50.29
CA SER E 184 33.86 53.70 -51.36
C SER E 184 32.57 54.30 -51.91
N SER E 185 32.68 55.52 -52.44
CA SER E 185 31.53 56.22 -53.00
C SER E 185 31.98 57.03 -54.22
N SER E 186 30.99 57.55 -54.95
CA SER E 186 31.26 58.30 -56.16
C SER E 186 30.14 59.32 -56.37
N VAL E 187 30.35 60.20 -57.36
CA VAL E 187 29.40 61.26 -57.66
C VAL E 187 29.71 61.77 -59.07
N THR E 188 28.67 62.22 -59.77
CA THR E 188 28.80 62.66 -61.15
C THR E 188 28.17 64.04 -61.32
N VAL E 189 28.89 64.92 -62.03
CA VAL E 189 28.41 66.27 -62.36
C VAL E 189 28.85 66.60 -63.78
N THR E 190 28.47 67.79 -64.24
CA THR E 190 28.86 68.26 -65.57
C THR E 190 30.27 68.87 -65.53
N SER E 191 30.79 69.17 -66.72
CA SER E 191 32.12 69.76 -66.82
C SER E 191 32.16 71.20 -66.31
N SER E 192 31.00 71.86 -66.18
CA SER E 192 30.91 73.21 -65.67
C SER E 192 30.61 73.26 -64.17
N THR E 193 31.12 72.29 -63.41
CA THR E 193 30.89 72.22 -61.98
C THR E 193 32.20 71.95 -61.24
N TRP E 194 33.12 71.25 -61.90
CA TRP E 194 34.41 70.90 -61.32
C TRP E 194 35.43 70.85 -62.45
N PRO E 195 36.62 71.46 -62.28
CA PRO E 195 37.06 72.17 -61.08
C PRO E 195 36.70 73.66 -61.08
N SER E 196 35.47 73.99 -61.43
CA SER E 196 34.99 75.36 -61.35
C SER E 196 34.45 75.72 -59.97
N GLN E 197 34.18 74.72 -59.14
CA GLN E 197 33.65 74.93 -57.80
C GLN E 197 34.33 73.96 -56.85
N SER E 198 34.61 74.42 -55.63
CA SER E 198 35.27 73.60 -54.63
C SER E 198 34.36 72.45 -54.19
N ILE E 199 34.93 71.25 -54.11
CA ILE E 199 34.20 70.04 -53.75
C ILE E 199 35.06 69.21 -52.79
N THR E 200 34.45 68.75 -51.69
CA THR E 200 35.12 67.96 -50.68
C THR E 200 34.21 66.83 -50.23
N CYS E 201 34.79 65.66 -49.97
CA CYS E 201 34.06 64.48 -49.51
C CYS E 201 34.11 64.39 -48.00
N ASN E 202 32.94 64.41 -47.36
CA ASN E 202 32.86 64.32 -45.91
C ASN E 202 32.64 62.87 -45.47
N VAL E 203 33.26 62.50 -44.34
CA VAL E 203 33.19 61.17 -43.78
C VAL E 203 33.03 61.29 -42.27
N ALA E 204 32.32 60.33 -41.67
CA ALA E 204 32.11 60.32 -40.22
C ALA E 204 32.02 58.89 -39.72
N HIS E 205 32.71 58.60 -38.63
CA HIS E 205 32.71 57.27 -38.01
C HIS E 205 32.33 57.40 -36.55
N PRO E 206 31.07 57.11 -36.20
CA PRO E 206 30.64 57.32 -34.81
C PRO E 206 31.36 56.48 -33.79
N ALA E 207 31.87 55.30 -34.18
CA ALA E 207 32.50 54.40 -33.21
C ALA E 207 33.73 55.04 -32.59
N SER E 208 34.53 55.76 -33.38
CA SER E 208 35.69 56.47 -32.88
C SER E 208 35.48 57.98 -32.80
N SER E 209 34.28 58.46 -33.14
CA SER E 209 33.90 59.86 -32.99
C SER E 209 34.82 60.79 -33.80
N THR E 210 35.02 60.45 -35.06
CA THR E 210 35.87 61.21 -35.97
C THR E 210 35.06 61.73 -37.15
N LYS E 211 35.48 62.88 -37.68
CA LYS E 211 34.75 63.58 -38.73
C LYS E 211 35.73 64.24 -39.70
N VAL E 212 36.61 63.43 -40.30
CA VAL E 212 37.64 63.96 -41.20
C VAL E 212 37.09 63.99 -42.64
N ASP E 213 37.60 64.93 -43.44
CA ASP E 213 37.21 65.03 -44.84
C ASP E 213 38.44 65.46 -45.65
N LYS E 214 38.42 65.12 -46.94
CA LYS E 214 39.54 65.41 -47.84
C LYS E 214 39.00 66.07 -49.11
N LYS E 215 39.66 67.17 -49.51
CA LYS E 215 39.24 67.94 -50.68
C LYS E 215 39.80 67.34 -51.95
N ILE E 216 38.92 67.11 -52.93
CA ILE E 216 39.34 66.52 -54.20
C ILE E 216 40.14 67.56 -54.98
N GLU E 217 41.36 67.19 -55.39
CA GLU E 217 42.22 68.08 -56.15
C GLU E 217 42.46 67.52 -57.55
N PRO E 218 42.43 68.38 -58.58
CA PRO E 218 42.73 67.89 -59.93
C PRO E 218 44.16 67.42 -60.05
N ARG E 219 44.38 66.51 -61.00
CA ARG E 219 45.71 65.95 -61.24
C ARG E 219 46.41 66.66 -62.39
N ASP F 1 18.52 15.29 -44.55
CA ASP F 1 17.69 16.49 -44.60
C ASP F 1 17.02 16.63 -45.97
N ILE F 2 15.91 17.37 -46.01
CA ILE F 2 15.18 17.61 -47.24
C ILE F 2 15.78 18.83 -47.92
N LEU F 3 16.11 18.70 -49.20
CA LEU F 3 16.67 19.81 -49.97
C LEU F 3 15.55 20.53 -50.72
N MET F 4 15.55 21.86 -50.61
CA MET F 4 14.55 22.70 -51.26
C MET F 4 15.23 23.49 -52.38
N THR F 5 14.81 23.22 -53.61
CA THR F 5 15.35 23.89 -54.79
C THR F 5 14.35 24.96 -55.23
N GLN F 6 14.76 26.22 -55.10
CA GLN F 6 13.91 27.36 -55.44
C GLN F 6 14.44 28.02 -56.71
N SER F 7 13.55 28.23 -57.68
CA SER F 7 13.92 28.78 -58.97
C SER F 7 12.82 29.71 -59.45
N PRO F 8 13.18 30.77 -60.21
CA PRO F 8 14.54 31.15 -60.59
C PRO F 8 15.31 31.84 -59.47
N SER F 9 16.61 32.03 -59.65
CA SER F 9 17.39 32.76 -58.66
C SER F 9 17.05 34.24 -58.65
N SER F 10 16.65 34.78 -59.80
CA SER F 10 16.28 36.19 -59.94
C SER F 10 15.58 36.37 -61.27
N MET F 11 14.57 37.25 -61.29
CA MET F 11 13.80 37.53 -62.50
C MET F 11 13.62 39.04 -62.65
N SER F 12 13.63 39.50 -63.90
CA SER F 12 13.45 40.91 -64.24
C SER F 12 12.03 41.10 -64.75
N VAL F 13 11.20 41.78 -63.98
CA VAL F 13 9.79 41.97 -64.29
C VAL F 13 9.41 43.42 -64.01
N SER F 14 8.15 43.76 -64.25
CA SER F 14 7.65 45.11 -64.11
C SER F 14 6.33 45.10 -63.32
N LEU F 15 5.78 46.29 -63.11
CA LEU F 15 4.53 46.43 -62.38
C LEU F 15 3.35 45.94 -63.21
N GLY F 16 2.33 45.42 -62.52
CA GLY F 16 1.17 44.88 -63.17
C GLY F 16 1.34 43.51 -63.79
N ASP F 17 2.53 42.92 -63.69
CA ASP F 17 2.78 41.60 -64.24
C ASP F 17 2.30 40.51 -63.29
N THR F 18 2.05 39.33 -63.84
CA THR F 18 1.65 38.15 -63.08
C THR F 18 2.77 37.13 -63.18
N VAL F 19 3.42 36.85 -62.06
CA VAL F 19 4.60 36.01 -62.03
C VAL F 19 4.34 34.79 -61.14
N SER F 20 5.29 33.88 -61.13
CA SER F 20 5.18 32.66 -60.32
C SER F 20 6.57 32.17 -59.96
N ILE F 21 6.73 31.74 -58.70
CA ILE F 21 7.98 31.18 -58.21
C ILE F 21 7.73 29.72 -57.85
N THR F 22 8.59 28.83 -58.36
CA THR F 22 8.47 27.41 -58.08
C THR F 22 9.44 27.00 -56.97
N CYS F 23 9.16 25.86 -56.35
CA CYS F 23 9.99 25.34 -55.27
C CYS F 23 9.86 23.82 -55.30
N HIS F 24 10.99 23.13 -55.46
CA HIS F 24 11.03 21.68 -55.59
C HIS F 24 11.75 21.08 -54.41
N ALA F 25 11.12 20.09 -53.79
CA ALA F 25 11.70 19.34 -52.68
C ALA F 25 12.22 17.99 -53.17
N SER F 26 13.27 17.50 -52.52
CA SER F 26 13.85 16.21 -52.90
C SER F 26 12.88 15.06 -52.69
N GLN F 27 11.81 15.27 -51.93
CA GLN F 27 10.80 14.26 -51.69
C GLN F 27 9.46 14.94 -51.46
N GLY F 28 8.40 14.15 -51.42
CA GLY F 28 7.09 14.70 -51.17
C GLY F 28 6.97 15.21 -49.74
N ILE F 29 6.25 16.33 -49.58
CA ILE F 29 6.06 16.94 -48.27
C ILE F 29 4.59 17.16 -47.93
N SER F 30 3.66 16.89 -48.86
CA SER F 30 2.23 16.91 -48.60
C SER F 30 1.77 18.28 -48.07
N SER F 31 2.12 19.32 -48.81
CA SER F 31 1.63 20.68 -48.56
C SER F 31 2.14 21.27 -47.25
N ASN F 32 3.18 20.70 -46.66
CA ASN F 32 3.76 21.25 -45.43
C ASN F 32 4.87 22.26 -45.77
N ILE F 33 4.44 23.35 -46.41
CA ILE F 33 5.37 24.35 -46.92
C ILE F 33 4.84 25.74 -46.59
N GLY F 34 5.77 26.67 -46.34
CA GLY F 34 5.42 28.06 -46.14
C GLY F 34 6.22 28.95 -47.05
N TRP F 35 5.73 30.18 -47.21
CA TRP F 35 6.38 31.18 -48.06
C TRP F 35 6.65 32.45 -47.25
N LEU F 36 7.77 33.09 -47.53
CA LEU F 36 8.26 34.22 -46.77
C LEU F 36 8.67 35.36 -47.69
N GLN F 37 8.65 36.57 -47.14
CA GLN F 37 9.04 37.78 -47.84
C GLN F 37 10.02 38.56 -47.00
N GLN F 38 11.03 39.15 -47.64
CA GLN F 38 12.00 40.00 -46.96
C GLN F 38 12.19 41.27 -47.79
N LYS F 39 11.53 42.34 -47.37
CA LYS F 39 11.68 43.63 -48.05
C LYS F 39 13.09 44.18 -47.79
N PRO F 40 13.62 45.01 -48.72
CA PRO F 40 15.00 45.47 -48.62
C PRO F 40 15.35 46.10 -47.26
N GLY F 41 16.34 45.51 -46.58
CA GLY F 41 16.77 46.00 -45.29
C GLY F 41 15.89 45.62 -44.12
N LYS F 42 14.63 45.27 -44.37
CA LYS F 42 13.70 44.96 -43.30
C LYS F 42 13.74 43.47 -42.97
N SER F 43 12.87 43.04 -42.06
CA SER F 43 12.88 41.67 -41.58
C SER F 43 11.94 40.81 -42.44
N PHE F 44 11.49 39.67 -41.90
CA PHE F 44 10.67 38.72 -42.64
C PHE F 44 9.20 38.89 -42.29
N MET F 45 8.36 38.69 -43.30
CA MET F 45 6.91 38.64 -43.14
C MET F 45 6.40 37.33 -43.70
N GLY F 46 5.47 36.70 -42.97
CA GLY F 46 4.88 35.46 -43.43
C GLY F 46 3.85 35.71 -44.51
N LEU F 47 3.90 34.86 -45.54
CA LEU F 47 2.96 34.93 -46.65
C LEU F 47 1.99 33.75 -46.66
N ILE F 48 2.50 32.53 -46.79
CA ILE F 48 1.69 31.33 -46.91
C ILE F 48 2.11 30.35 -45.82
N TYR F 49 1.14 29.58 -45.33
CA TYR F 49 1.42 28.42 -44.50
C TYR F 49 0.56 27.26 -44.99
N TYR F 50 1.10 26.05 -44.93
CA TYR F 50 0.43 24.85 -45.39
C TYR F 50 0.02 24.97 -46.86
N GLY F 51 0.92 25.50 -47.67
CA GLY F 51 0.76 25.48 -49.12
C GLY F 51 -0.13 26.52 -49.77
N THR F 52 -1.36 26.70 -49.28
CA THR F 52 -2.32 27.57 -49.94
C THR F 52 -2.93 28.64 -49.03
N ASN F 53 -2.82 28.50 -47.71
CA ASN F 53 -3.53 29.37 -46.78
C ASN F 53 -2.75 30.66 -46.55
N LEU F 54 -3.36 31.79 -46.90
CA LEU F 54 -2.72 33.08 -46.70
C LEU F 54 -2.61 33.40 -45.22
N VAL F 55 -1.49 34.03 -44.84
CA VAL F 55 -1.35 34.56 -43.48
C VAL F 55 -2.24 35.78 -43.32
N ASP F 56 -2.74 36.00 -42.11
CA ASP F 56 -3.61 37.14 -41.85
C ASP F 56 -2.87 38.46 -42.11
N GLY F 57 -3.47 39.30 -42.94
CA GLY F 57 -2.89 40.58 -43.31
C GLY F 57 -2.30 40.62 -44.71
N VAL F 58 -2.00 39.46 -45.28
CA VAL F 58 -1.43 39.41 -46.63
C VAL F 58 -2.51 39.81 -47.65
N PRO F 59 -2.22 40.72 -48.58
CA PRO F 59 -3.21 41.04 -49.62
C PRO F 59 -3.60 39.81 -50.42
N SER F 60 -4.84 39.82 -50.92
CA SER F 60 -5.39 38.67 -51.60
C SER F 60 -4.74 38.39 -52.95
N ARG F 61 -3.86 39.27 -53.44
CA ARG F 61 -3.20 39.04 -54.71
C ARG F 61 -2.14 37.94 -54.67
N PHE F 62 -1.71 37.53 -53.47
CA PHE F 62 -0.84 36.38 -53.33
C PHE F 62 -1.66 35.10 -53.30
N SER F 63 -1.02 33.99 -53.71
CA SER F 63 -1.70 32.70 -53.74
C SER F 63 -0.66 31.59 -53.89
N GLY F 64 -0.84 30.53 -53.12
CA GLY F 64 0.01 29.35 -53.23
C GLY F 64 -0.74 28.15 -53.78
N SER F 65 -0.01 27.18 -54.30
CA SER F 65 -0.62 26.01 -54.94
C SER F 65 0.45 24.95 -55.13
N GLY F 66 0.01 23.74 -55.44
CA GLY F 66 0.90 22.63 -55.70
C GLY F 66 0.64 21.45 -54.77
N SER F 67 1.27 20.33 -55.12
CA SER F 67 1.17 19.11 -54.32
C SER F 67 2.38 18.24 -54.63
N GLY F 68 2.55 17.20 -53.81
CA GLY F 68 3.66 16.29 -53.95
C GLY F 68 4.99 16.90 -53.55
N ALA F 69 5.88 17.08 -54.53
CA ALA F 69 7.19 17.69 -54.29
C ALA F 69 7.43 18.88 -55.20
N ASP F 70 6.36 19.53 -55.65
CA ASP F 70 6.44 20.66 -56.57
C ASP F 70 5.34 21.64 -56.21
N TYR F 71 5.72 22.86 -55.83
CA TYR F 71 4.79 23.87 -55.35
C TYR F 71 5.13 25.21 -55.98
N SER F 72 4.18 26.14 -55.89
CA SER F 72 4.32 27.42 -56.59
C SER F 72 3.59 28.52 -55.84
N LEU F 73 4.28 29.64 -55.62
CA LEU F 73 3.68 30.89 -55.19
C LEU F 73 3.34 31.73 -56.42
N THR F 74 2.38 32.64 -56.25
CA THR F 74 1.90 33.44 -57.38
C THR F 74 1.47 34.81 -56.90
N ILE F 75 1.94 35.86 -57.58
CA ILE F 75 1.57 37.23 -57.30
C ILE F 75 0.95 37.82 -58.56
N SER F 76 -0.35 38.10 -58.52
CA SER F 76 -1.04 38.73 -59.64
C SER F 76 -1.02 40.25 -59.45
N SER F 77 -0.67 40.96 -60.53
CA SER F 77 -0.55 42.41 -60.52
C SER F 77 0.48 42.86 -59.48
N LEU F 78 1.74 42.91 -59.87
CA LEU F 78 2.81 43.28 -58.94
C LEU F 78 2.67 44.74 -58.50
N ASP F 79 2.91 44.98 -57.22
CA ASP F 79 2.93 46.31 -56.63
C ASP F 79 4.36 46.70 -56.31
N SER F 80 4.58 48.02 -56.13
CA SER F 80 5.90 48.52 -55.84
C SER F 80 6.49 47.90 -54.57
N GLU F 81 5.62 47.53 -53.61
CA GLU F 81 6.10 46.93 -52.38
C GLU F 81 6.63 45.51 -52.61
N ASP F 82 6.06 44.79 -53.58
CA ASP F 82 6.38 43.37 -53.75
C ASP F 82 7.81 43.13 -54.23
N PHE F 83 8.49 44.15 -54.75
CA PHE F 83 9.88 43.97 -55.16
C PHE F 83 10.77 43.71 -53.95
N ALA F 84 11.02 42.43 -53.66
CA ALA F 84 11.76 42.03 -52.46
C ALA F 84 12.27 40.61 -52.67
N ASP F 85 12.78 40.00 -51.61
CA ASP F 85 13.26 38.63 -51.62
C ASP F 85 12.17 37.69 -51.12
N TYR F 86 12.19 36.45 -51.60
CA TYR F 86 11.18 35.45 -51.26
C TYR F 86 11.86 34.11 -51.07
N TYR F 87 11.39 33.35 -50.07
CA TYR F 87 11.96 32.05 -49.72
C TYR F 87 10.83 31.06 -49.42
N CYS F 88 11.01 29.82 -49.85
CA CYS F 88 10.14 28.72 -49.43
C CYS F 88 10.80 27.92 -48.32
N VAL F 89 9.98 27.39 -47.42
CA VAL F 89 10.45 26.63 -46.26
C VAL F 89 9.55 25.43 -46.07
N GLN F 90 10.15 24.28 -45.78
CA GLN F 90 9.41 23.06 -45.50
C GLN F 90 9.52 22.72 -44.01
N TYR F 91 8.46 22.15 -43.46
CA TYR F 91 8.47 21.67 -42.09
C TYR F 91 7.82 20.29 -41.98
N ALA F 92 7.87 19.51 -43.06
CA ALA F 92 7.37 18.14 -43.00
C ALA F 92 8.28 17.26 -42.16
N GLN F 93 9.58 17.52 -42.18
CA GLN F 93 10.56 16.79 -41.39
C GLN F 93 11.47 17.76 -40.65
N LEU F 94 12.02 17.28 -39.56
CA LEU F 94 13.12 17.99 -38.92
C LEU F 94 14.44 17.47 -39.45
N PRO F 95 15.43 18.34 -39.73
CA PRO F 95 15.39 19.79 -39.54
C PRO F 95 14.61 20.54 -40.62
N TYR F 96 14.06 21.69 -40.26
CA TYR F 96 13.46 22.56 -41.25
C TYR F 96 14.53 23.05 -42.22
N THR F 97 14.15 23.21 -43.49
CA THR F 97 15.09 23.64 -44.51
C THR F 97 14.45 24.68 -45.40
N PHE F 98 15.24 25.64 -45.85
CA PHE F 98 14.77 26.76 -46.67
C PHE F 98 15.29 26.63 -48.09
N GLY F 99 14.68 27.40 -48.99
CA GLY F 99 15.09 27.42 -50.37
C GLY F 99 16.22 28.41 -50.62
N GLY F 100 16.79 28.33 -51.83
CA GLY F 100 17.90 29.18 -52.20
C GLY F 100 17.55 30.65 -52.26
N GLY F 101 16.30 30.99 -52.47
CA GLY F 101 15.86 32.37 -52.50
C GLY F 101 15.64 32.88 -53.91
N THR F 102 14.76 33.87 -54.03
CA THR F 102 14.46 34.50 -55.30
C THR F 102 14.38 36.00 -55.10
N LYS F 103 14.95 36.75 -56.04
CA LYS F 103 15.01 38.21 -55.96
C LYS F 103 14.30 38.82 -57.18
N LEU F 104 13.20 39.52 -56.94
CA LEU F 104 12.46 40.19 -58.00
C LEU F 104 13.07 41.56 -58.25
N GLU F 105 13.44 41.83 -59.49
CA GLU F 105 14.08 43.08 -59.88
C GLU F 105 13.27 43.75 -60.98
N ILE F 106 13.41 45.07 -61.07
CA ILE F 106 12.62 45.86 -62.01
C ILE F 106 13.21 45.73 -63.41
N LYS F 107 12.37 45.37 -64.37
CA LYS F 107 12.79 45.27 -65.76
C LYS F 107 12.85 46.65 -66.40
N ARG F 108 13.86 46.86 -67.24
CA ARG F 108 14.03 48.14 -67.92
C ARG F 108 14.95 47.93 -69.11
N ALA F 109 15.25 49.03 -69.80
CA ALA F 109 16.13 48.98 -70.96
C ALA F 109 17.56 48.69 -70.54
N ASP F 110 18.29 48.00 -71.41
CA ASP F 110 19.69 47.72 -71.14
C ASP F 110 20.51 48.99 -71.23
N ALA F 111 21.48 49.14 -70.33
CA ALA F 111 22.32 50.32 -70.27
C ALA F 111 23.77 49.91 -70.04
N ALA F 112 24.68 50.57 -70.76
CA ALA F 112 26.11 50.27 -70.67
C ALA F 112 26.73 50.99 -69.46
N PRO F 113 27.76 50.39 -68.86
CA PRO F 113 28.34 50.98 -67.66
C PRO F 113 29.22 52.19 -67.98
N THR F 114 29.36 53.07 -66.99
CA THR F 114 30.22 54.26 -67.09
C THR F 114 31.51 53.96 -66.32
N VAL F 115 32.51 53.48 -67.05
CA VAL F 115 33.78 53.08 -66.43
C VAL F 115 34.60 54.33 -66.12
N SER F 116 35.30 54.31 -64.97
CA SER F 116 36.09 55.45 -64.54
C SER F 116 37.20 54.94 -63.63
N ILE F 117 38.45 55.03 -64.07
CA ILE F 117 39.60 54.53 -63.33
C ILE F 117 40.25 55.69 -62.58
N PHE F 118 40.75 55.40 -61.38
CA PHE F 118 41.36 56.42 -60.53
C PHE F 118 42.62 55.87 -59.86
N PRO F 119 43.77 56.49 -60.08
CA PRO F 119 45.02 56.00 -59.48
C PRO F 119 45.08 56.36 -58.01
N PRO F 120 46.08 55.85 -57.28
CA PRO F 120 46.16 56.15 -55.84
C PRO F 120 46.35 57.64 -55.59
N SER F 121 45.86 58.08 -54.43
CA SER F 121 46.02 59.47 -54.01
C SER F 121 47.42 59.69 -53.45
N SER F 122 47.72 60.95 -53.10
CA SER F 122 49.00 61.27 -52.49
C SER F 122 49.01 60.96 -50.99
N GLU F 123 47.86 61.09 -50.33
CA GLU F 123 47.75 60.78 -48.91
C GLU F 123 47.84 59.27 -48.64
N GLN F 124 47.61 58.44 -49.66
CA GLN F 124 47.71 56.99 -49.53
C GLN F 124 49.11 56.47 -49.81
N LEU F 125 49.76 56.96 -50.88
CA LEU F 125 51.13 56.56 -51.19
C LEU F 125 52.12 56.98 -50.11
N THR F 126 51.75 57.93 -49.25
CA THR F 126 52.62 58.33 -48.14
C THR F 126 52.58 57.34 -46.98
N SER F 127 51.51 56.57 -46.85
CA SER F 127 51.37 55.58 -45.77
C SER F 127 51.88 54.20 -46.18
N GLY F 128 52.64 54.11 -47.26
CA GLY F 128 53.16 52.83 -47.72
C GLY F 128 52.07 51.89 -48.22
N GLY F 129 51.25 52.38 -49.15
CA GLY F 129 50.17 51.59 -49.70
C GLY F 129 49.66 52.22 -50.98
N ALA F 130 48.78 51.48 -51.67
CA ALA F 130 48.23 51.94 -52.93
C ALA F 130 46.95 51.17 -53.22
N SER F 131 45.97 51.86 -53.82
CA SER F 131 44.71 51.24 -54.19
C SER F 131 44.18 51.91 -55.44
N VAL F 132 44.05 51.15 -56.52
CA VAL F 132 43.49 51.64 -57.77
C VAL F 132 41.99 51.33 -57.80
N VAL F 133 41.17 52.35 -57.90
CA VAL F 133 39.72 52.21 -57.87
C VAL F 133 39.19 52.32 -59.29
N CYS F 134 38.12 51.57 -59.59
CA CYS F 134 37.54 51.52 -60.93
C CYS F 134 36.02 51.42 -60.76
N PHE F 135 35.32 52.54 -60.94
CA PHE F 135 33.88 52.60 -60.77
C PHE F 135 33.15 52.27 -62.07
N LEU F 136 32.00 51.60 -61.95
CA LEU F 136 31.15 51.23 -63.09
C LEU F 136 29.70 51.56 -62.71
N ASN F 137 29.36 52.84 -62.83
CA ASN F 137 28.08 53.35 -62.36
C ASN F 137 26.98 53.19 -63.39
N ASN F 138 25.77 52.86 -62.92
CA ASN F 138 24.54 52.90 -63.71
C ASN F 138 24.60 52.02 -64.95
N PHE F 139 24.19 50.76 -64.81
CA PHE F 139 24.13 49.84 -65.94
C PHE F 139 23.01 48.85 -65.71
N TYR F 140 22.72 48.04 -66.73
CA TYR F 140 21.66 47.05 -66.65
C TYR F 140 21.82 46.07 -67.80
N PRO F 141 21.67 44.75 -67.58
CA PRO F 141 21.34 44.10 -66.31
C PRO F 141 22.50 44.07 -65.31
N LYS F 142 22.26 43.43 -64.16
CA LYS F 142 23.26 43.39 -63.10
C LYS F 142 24.48 42.54 -63.45
N ASP F 143 24.34 41.62 -64.40
CA ASP F 143 25.42 40.70 -64.74
C ASP F 143 26.57 41.46 -65.40
N ILE F 144 27.76 41.37 -64.81
CA ILE F 144 28.92 42.11 -65.30
C ILE F 144 30.17 41.44 -64.74
N ASN F 145 31.26 41.51 -65.50
CA ASN F 145 32.52 40.89 -65.12
C ASN F 145 33.64 41.89 -65.31
N VAL F 146 34.36 42.19 -64.22
CA VAL F 146 35.52 43.08 -64.26
C VAL F 146 36.78 42.23 -64.35
N LYS F 147 37.79 42.77 -65.03
CA LYS F 147 39.06 42.07 -65.20
C LYS F 147 40.20 43.08 -65.15
N TRP F 148 41.25 42.74 -64.42
CA TRP F 148 42.41 43.59 -64.25
C TRP F 148 43.60 43.00 -65.00
N LYS F 149 44.36 43.87 -65.67
CA LYS F 149 45.53 43.46 -66.45
C LYS F 149 46.67 44.42 -66.17
N ILE F 150 47.68 43.96 -65.43
CA ILE F 150 48.90 44.73 -65.19
C ILE F 150 49.84 44.44 -66.36
N ASP F 151 49.98 45.39 -67.27
CA ASP F 151 50.80 45.25 -68.47
C ASP F 151 50.35 44.05 -69.31
N GLY F 152 49.04 43.94 -69.52
CA GLY F 152 48.47 42.85 -70.29
C GLY F 152 48.25 41.59 -69.49
N SER F 153 49.10 41.34 -68.49
CA SER F 153 48.99 40.13 -67.68
C SER F 153 47.82 40.25 -66.71
N GLU F 154 46.94 39.25 -66.73
CA GLU F 154 45.75 39.27 -65.90
C GLU F 154 46.11 39.34 -64.42
N ARG F 155 45.20 39.89 -63.61
CA ARG F 155 45.39 40.04 -62.18
C ARG F 155 44.15 39.54 -61.45
N GLN F 156 44.35 38.61 -60.52
CA GLN F 156 43.26 38.09 -59.70
C GLN F 156 43.55 38.18 -58.21
N ASN F 157 44.65 38.82 -57.82
CA ASN F 157 45.12 38.82 -56.44
C ASN F 157 44.79 40.14 -55.76
N GLY F 158 44.18 40.06 -54.58
CA GLY F 158 43.91 41.24 -53.77
C GLY F 158 42.85 42.17 -54.31
N VAL F 159 41.73 41.63 -54.77
CA VAL F 159 40.66 42.41 -55.38
C VAL F 159 39.49 42.49 -54.40
N LEU F 160 38.91 43.68 -54.29
CA LEU F 160 37.77 43.93 -53.41
C LEU F 160 36.66 44.59 -54.24
N ASN F 161 35.56 43.85 -54.44
CA ASN F 161 34.44 44.31 -55.24
C ASN F 161 33.23 44.55 -54.36
N SER F 162 32.42 45.55 -54.73
CA SER F 162 31.23 45.92 -53.99
C SER F 162 30.13 46.33 -54.95
N TRP F 163 28.93 45.78 -54.75
CA TRP F 163 27.77 46.06 -55.58
C TRP F 163 26.73 46.85 -54.80
N THR F 164 26.08 47.78 -55.47
CA THR F 164 24.90 48.45 -54.92
C THR F 164 23.64 47.73 -55.39
N ASP F 165 22.58 47.89 -54.60
CA ASP F 165 21.28 47.39 -54.98
C ASP F 165 20.74 48.17 -56.18
N GLN F 166 19.65 47.69 -56.75
CA GLN F 166 19.02 48.38 -57.87
C GLN F 166 18.60 49.78 -57.43
N ASP F 167 19.26 50.81 -57.98
CA ASP F 167 19.05 52.18 -57.54
C ASP F 167 17.59 52.59 -57.69
N SER F 168 16.96 52.98 -56.58
CA SER F 168 15.56 53.39 -56.61
C SER F 168 15.32 54.58 -57.54
N LYS F 169 16.36 55.34 -57.85
CA LYS F 169 16.21 56.52 -58.70
C LYS F 169 15.87 56.12 -60.14
N ASP F 170 16.75 55.35 -60.77
CA ASP F 170 16.60 54.98 -62.18
C ASP F 170 16.67 53.49 -62.43
N SER F 171 16.61 52.66 -61.39
CA SER F 171 16.62 51.20 -61.52
C SER F 171 17.89 50.69 -62.20
N THR F 172 19.03 51.29 -61.82
CA THR F 172 20.32 50.91 -62.36
C THR F 172 21.22 50.38 -61.26
N TYR F 173 22.15 49.51 -61.63
CA TYR F 173 23.11 48.94 -60.70
C TYR F 173 24.47 49.62 -60.89
N SER F 174 25.26 49.62 -59.82
CA SER F 174 26.58 50.21 -59.84
C SER F 174 27.57 49.26 -59.17
N MET F 175 28.83 49.34 -59.58
CA MET F 175 29.85 48.41 -59.12
C MET F 175 31.15 49.15 -58.82
N SER F 176 31.83 48.74 -57.76
CA SER F 176 33.12 49.28 -57.36
C SER F 176 34.16 48.16 -57.31
N SER F 177 35.43 48.53 -57.50
CA SER F 177 36.51 47.55 -57.55
C SER F 177 37.80 48.22 -57.10
N THR F 178 38.45 47.65 -56.09
CA THR F 178 39.65 48.23 -55.50
C THR F 178 40.77 47.20 -55.50
N LEU F 179 41.76 47.40 -56.36
CA LEU F 179 42.94 46.53 -56.42
C LEU F 179 44.01 47.12 -55.50
N THR F 180 44.25 46.45 -54.37
CA THR F 180 45.14 46.95 -53.33
C THR F 180 46.46 46.18 -53.34
N LEU F 181 47.55 46.91 -53.13
CA LEU F 181 48.87 46.31 -52.96
C LEU F 181 49.78 47.33 -52.29
N THR F 182 51.01 46.91 -52.01
CA THR F 182 51.99 47.75 -51.34
C THR F 182 52.56 48.80 -52.30
N LYS F 183 53.05 49.89 -51.73
CA LYS F 183 53.68 50.94 -52.52
C LYS F 183 54.90 50.40 -53.27
N ASP F 184 55.63 49.46 -52.65
CA ASP F 184 56.82 48.90 -53.29
C ASP F 184 56.45 48.12 -54.55
N GLU F 185 55.35 47.36 -54.50
CA GLU F 185 54.90 46.62 -55.67
C GLU F 185 54.27 47.53 -56.72
N TYR F 186 53.62 48.61 -56.30
CA TYR F 186 53.02 49.53 -57.25
C TYR F 186 54.08 50.19 -58.12
N GLU F 187 55.22 50.54 -57.53
CA GLU F 187 56.30 51.18 -58.29
C GLU F 187 57.16 50.16 -59.04
N ARG F 188 56.51 49.17 -59.67
CA ARG F 188 57.18 48.18 -60.48
C ARG F 188 56.74 48.20 -61.94
N HIS F 189 55.52 48.67 -62.24
CA HIS F 189 54.99 48.65 -63.59
C HIS F 189 54.53 50.04 -64.01
N ASN F 190 53.84 50.14 -65.14
CA ASN F 190 53.38 51.43 -65.64
C ASN F 190 51.93 51.40 -66.08
N SER F 191 51.61 50.50 -67.02
CA SER F 191 50.27 50.44 -67.57
C SER F 191 49.38 49.54 -66.70
N TYR F 192 48.23 50.08 -66.30
CA TYR F 192 47.27 49.36 -65.47
C TYR F 192 45.90 49.41 -66.13
N THR F 193 45.48 48.28 -66.69
CA THR F 193 44.22 48.15 -67.42
C THR F 193 43.08 47.78 -66.47
N CYS F 194 41.84 48.16 -66.86
CA CYS F 194 40.60 47.84 -66.12
C CYS F 194 39.52 47.51 -67.14
N GLU F 195 39.40 46.22 -67.47
CA GLU F 195 38.42 45.75 -68.44
C GLU F 195 37.06 45.53 -67.77
N ALA F 196 36.05 45.29 -68.61
CA ALA F 196 34.69 45.07 -68.11
C ALA F 196 33.86 44.45 -69.22
N THR F 197 33.20 43.33 -68.91
CA THR F 197 32.38 42.60 -69.87
C THR F 197 30.91 42.79 -69.55
N HIS F 198 30.11 43.10 -70.59
CA HIS F 198 28.69 43.36 -70.42
C HIS F 198 27.96 42.94 -71.69
N LYS F 199 26.65 42.76 -71.57
CA LYS F 199 25.87 42.32 -72.73
C LYS F 199 25.61 43.45 -73.72
N THR F 200 25.53 44.69 -73.26
CA THR F 200 25.33 45.82 -74.16
C THR F 200 26.53 46.06 -75.06
N SER F 201 27.72 45.61 -74.64
CA SER F 201 28.96 45.84 -75.38
C SER F 201 29.53 44.50 -75.82
N THR F 202 29.55 44.27 -77.13
CA THR F 202 30.17 43.06 -77.66
C THR F 202 31.64 42.98 -77.29
N SER F 203 32.31 44.12 -77.19
CA SER F 203 33.71 44.24 -76.82
C SER F 203 33.86 44.73 -75.40
N PRO F 204 34.97 44.42 -74.73
CA PRO F 204 35.16 44.88 -73.34
C PRO F 204 35.63 46.33 -73.31
N ILE F 205 34.94 47.15 -72.50
CA ILE F 205 35.35 48.54 -72.29
C ILE F 205 36.63 48.58 -71.47
N VAL F 206 37.48 49.56 -71.76
CA VAL F 206 38.85 49.61 -71.23
C VAL F 206 39.15 51.00 -70.71
N LYS F 207 39.90 51.07 -69.60
CA LYS F 207 40.42 52.33 -69.08
C LYS F 207 41.81 52.05 -68.50
N SER F 208 42.83 52.76 -68.99
CA SER F 208 44.21 52.55 -68.57
C SER F 208 44.84 53.88 -68.20
N PHE F 209 46.07 53.81 -67.69
CA PHE F 209 46.87 54.98 -67.34
C PHE F 209 48.31 54.54 -67.08
N ASN F 210 49.23 55.48 -67.18
CA ASN F 210 50.63 55.24 -66.89
C ASN F 210 50.96 55.71 -65.47
N ARG F 211 51.84 54.97 -64.80
CA ARG F 211 52.17 55.26 -63.41
C ARG F 211 52.91 56.59 -63.30
N ASN F 212 52.33 57.53 -62.57
CA ASN F 212 52.91 58.85 -62.33
C ASN F 212 53.25 59.54 -63.64
N GLU F 213 52.23 60.07 -64.31
CA GLU F 213 52.40 60.66 -65.64
C GLU F 213 52.80 62.13 -65.54
N CYS F 214 51.87 62.96 -65.05
CA CYS F 214 52.07 64.39 -64.94
C CYS F 214 53.30 64.74 -64.08
N GLU G 1 -7.59 -14.47 42.96
CA GLU G 1 -7.58 -15.87 43.37
C GLU G 1 -8.27 -16.73 42.33
N VAL G 2 -7.92 -18.02 42.29
CA VAL G 2 -8.49 -18.96 41.33
C VAL G 2 -9.73 -19.59 41.94
N GLN G 3 -10.89 -19.39 41.30
CA GLN G 3 -12.14 -20.02 41.72
C GLN G 3 -12.91 -20.48 40.49
N LEU G 4 -13.45 -21.68 40.57
CA LEU G 4 -14.27 -22.26 39.51
C LEU G 4 -15.71 -22.29 40.00
N GLN G 5 -16.57 -21.52 39.33
CA GLN G 5 -17.97 -21.37 39.72
C GLN G 5 -18.83 -22.10 38.70
N GLN G 6 -19.39 -23.23 39.10
CA GLN G 6 -20.21 -24.05 38.22
C GLN G 6 -21.68 -23.65 38.32
N SER G 7 -22.48 -24.26 37.45
CA SER G 7 -23.91 -23.96 37.40
C SER G 7 -24.65 -24.61 38.56
N GLY G 8 -25.92 -24.27 38.70
CA GLY G 8 -26.75 -24.85 39.72
C GLY G 8 -27.15 -26.27 39.39
N ALA G 9 -27.70 -26.95 40.40
CA ALA G 9 -28.09 -28.35 40.24
C ALA G 9 -29.17 -28.48 39.17
N GLU G 10 -29.07 -29.55 38.38
CA GLU G 10 -30.01 -29.82 37.31
C GLU G 10 -30.91 -31.00 37.68
N LEU G 11 -32.16 -30.92 37.21
CA LEU G 11 -33.16 -31.95 37.47
C LEU G 11 -33.89 -32.21 36.16
N VAL G 12 -33.52 -33.28 35.47
CA VAL G 12 -33.97 -33.54 34.11
C VAL G 12 -34.55 -34.95 34.02
N LYS G 13 -35.13 -35.24 32.86
CA LYS G 13 -35.76 -36.52 32.54
C LYS G 13 -34.86 -37.36 31.64
N PRO G 14 -35.03 -38.68 31.65
CA PRO G 14 -34.21 -39.53 30.78
C PRO G 14 -34.47 -39.27 29.31
N GLY G 15 -33.43 -39.48 28.50
CA GLY G 15 -33.49 -39.23 27.07
C GLY G 15 -33.20 -37.81 26.66
N ALA G 16 -33.31 -36.85 27.59
CA ALA G 16 -33.09 -35.44 27.28
C ALA G 16 -31.60 -35.11 27.31
N SER G 17 -31.27 -33.83 27.21
CA SER G 17 -29.90 -33.36 27.22
C SER G 17 -29.76 -32.18 28.18
N VAL G 18 -28.59 -32.08 28.80
CA VAL G 18 -28.29 -31.01 29.74
C VAL G 18 -26.89 -30.50 29.44
N LYS G 19 -26.67 -29.21 29.71
CA LYS G 19 -25.40 -28.54 29.41
C LYS G 19 -24.94 -27.81 30.66
N LEU G 20 -23.98 -28.38 31.36
CA LEU G 20 -23.40 -27.77 32.55
C LEU G 20 -22.35 -26.72 32.16
N SER G 21 -22.10 -25.80 33.07
CA SER G 21 -21.17 -24.71 32.82
C SER G 21 -20.15 -24.61 33.95
N CYS G 22 -19.04 -23.93 33.66
CA CYS G 22 -17.93 -23.79 34.60
C CYS G 22 -17.26 -22.45 34.29
N THR G 23 -17.61 -21.42 35.07
CA THR G 23 -17.15 -20.07 34.82
C THR G 23 -15.90 -19.77 35.64
N ALA G 24 -14.90 -19.19 34.98
CA ALA G 24 -13.64 -18.85 35.64
C ALA G 24 -13.75 -17.51 36.35
N SER G 25 -13.10 -17.41 37.51
CA SER G 25 -13.14 -16.21 38.33
C SER G 25 -11.74 -15.90 38.83
N GLY G 26 -11.24 -14.71 38.54
CA GLY G 26 -9.92 -14.31 38.95
C GLY G 26 -8.80 -14.69 38.01
N PHE G 27 -9.11 -15.23 36.84
CA PHE G 27 -8.10 -15.66 35.88
C PHE G 27 -8.81 -15.87 34.55
N ASN G 28 -8.02 -16.11 33.50
CA ASN G 28 -8.56 -16.36 32.18
C ASN G 28 -8.71 -17.87 31.97
N ILE G 29 -9.90 -18.30 31.56
CA ILE G 29 -10.16 -19.73 31.33
C ILE G 29 -9.21 -20.29 30.28
N LYS G 30 -8.73 -19.44 29.38
CA LYS G 30 -7.85 -19.85 28.27
C LYS G 30 -6.47 -20.29 28.73
N ASP G 31 -6.14 -20.10 30.02
CA ASP G 31 -4.76 -20.29 30.46
C ASP G 31 -4.34 -21.76 30.46
N THR G 32 -5.20 -22.66 30.95
CA THR G 32 -4.81 -24.04 31.20
C THR G 32 -5.82 -25.00 30.59
N TYR G 33 -5.54 -26.30 30.74
CA TYR G 33 -6.51 -27.34 30.46
C TYR G 33 -7.69 -27.22 31.42
N VAL G 34 -8.85 -27.72 30.98
CA VAL G 34 -10.04 -27.81 31.81
C VAL G 34 -10.58 -29.23 31.68
N HIS G 35 -10.59 -29.97 32.79
CA HIS G 35 -11.08 -31.34 32.83
C HIS G 35 -12.47 -31.38 33.45
N TRP G 36 -13.18 -32.47 33.19
CA TRP G 36 -14.47 -32.76 33.81
C TRP G 36 -14.40 -34.12 34.47
N VAL G 37 -14.90 -34.21 35.70
CA VAL G 37 -14.83 -35.41 36.51
C VAL G 37 -16.24 -35.76 37.00
N LYS G 38 -16.56 -37.04 37.01
CA LYS G 38 -17.84 -37.56 37.45
C LYS G 38 -17.65 -38.34 38.74
N GLN G 39 -18.51 -38.07 39.73
CA GLN G 39 -18.41 -38.71 41.04
C GLN G 39 -19.72 -39.39 41.39
N ARG G 40 -19.64 -40.64 41.85
CA ARG G 40 -20.76 -41.41 42.35
C ARG G 40 -20.34 -42.14 43.61
N PRO G 41 -21.28 -42.39 44.53
CA PRO G 41 -20.90 -43.05 45.80
C PRO G 41 -20.32 -44.44 45.63
N GLU G 42 -20.93 -45.26 44.78
CA GLU G 42 -20.43 -46.62 44.54
C GLU G 42 -19.24 -46.61 43.60
N GLN G 43 -19.43 -46.14 42.38
CA GLN G 43 -18.39 -46.19 41.36
C GLN G 43 -17.23 -45.25 41.64
N GLY G 44 -17.39 -44.29 42.55
CA GLY G 44 -16.26 -43.44 42.86
C GLY G 44 -16.12 -42.35 41.82
N LEU G 45 -14.87 -41.98 41.55
CA LEU G 45 -14.53 -40.90 40.64
C LEU G 45 -14.15 -41.47 39.28
N GLU G 46 -14.52 -40.76 38.22
CA GLU G 46 -14.25 -41.17 36.85
C GLU G 46 -13.91 -39.92 36.04
N TRP G 47 -12.85 -40.01 35.24
CA TRP G 47 -12.45 -38.90 34.40
C TRP G 47 -13.22 -38.92 33.10
N ILE G 48 -13.83 -37.78 32.75
CA ILE G 48 -14.65 -37.67 31.56
C ILE G 48 -13.79 -37.26 30.38
N GLY G 49 -13.18 -36.09 30.47
CA GLY G 49 -12.37 -35.57 29.38
C GLY G 49 -11.79 -34.22 29.74
N ARG G 50 -11.14 -33.61 28.74
CA ARG G 50 -10.48 -32.32 28.91
C ARG G 50 -10.64 -31.51 27.64
N ILE G 51 -10.38 -30.21 27.77
CA ILE G 51 -10.40 -29.30 26.61
C ILE G 51 -9.36 -28.22 26.85
N ASP G 52 -8.71 -27.81 25.77
CA ASP G 52 -7.83 -26.64 25.80
C ASP G 52 -8.61 -25.47 25.25
N PRO G 53 -9.13 -24.56 26.10
CA PRO G 53 -10.00 -23.49 25.61
C PRO G 53 -9.32 -22.51 24.67
N ALA G 54 -7.99 -22.53 24.57
CA ALA G 54 -7.31 -21.66 23.61
C ALA G 54 -7.55 -22.08 22.17
N ASN G 55 -7.83 -23.35 21.93
CA ASN G 55 -8.04 -23.87 20.58
C ASN G 55 -9.26 -24.77 20.44
N GLY G 56 -9.78 -25.37 21.51
CA GLY G 56 -10.96 -26.20 21.43
C GLY G 56 -10.71 -27.69 21.28
N TYR G 57 -9.45 -28.11 21.21
CA TYR G 57 -9.14 -29.53 21.04
C TYR G 57 -9.47 -30.29 22.33
N THR G 58 -10.05 -31.47 22.17
CA THR G 58 -10.59 -32.22 23.30
C THR G 58 -10.03 -33.64 23.32
N LYS G 59 -10.06 -34.23 24.52
CA LYS G 59 -9.75 -35.63 24.72
C LYS G 59 -10.81 -36.22 25.64
N TYR G 60 -11.13 -37.50 25.44
CA TYR G 60 -12.20 -38.14 26.19
C TYR G 60 -11.80 -39.55 26.61
N ASP G 61 -12.36 -39.98 27.72
CA ASP G 61 -12.33 -41.40 28.08
C ASP G 61 -13.26 -42.14 27.11
N PRO G 62 -12.81 -43.22 26.49
CA PRO G 62 -13.70 -43.94 25.56
C PRO G 62 -15.04 -44.35 26.16
N LYS G 63 -15.19 -44.36 27.49
CA LYS G 63 -16.47 -44.74 28.08
C LYS G 63 -17.54 -43.68 27.83
N PHE G 64 -17.15 -42.40 27.83
CA PHE G 64 -18.09 -41.30 27.68
C PHE G 64 -18.18 -40.79 26.25
N GLN G 65 -17.62 -41.53 25.29
CA GLN G 65 -17.69 -41.11 23.89
C GLN G 65 -19.13 -41.26 23.41
N GLY G 66 -19.79 -40.13 23.17
CA GLY G 66 -21.18 -40.15 22.74
C GLY G 66 -22.05 -39.26 23.61
N LYS G 67 -22.01 -39.49 24.93
CA LYS G 67 -22.81 -38.69 25.85
C LYS G 67 -22.15 -37.35 26.15
N ALA G 68 -20.86 -37.38 26.48
CA ALA G 68 -20.15 -36.18 26.89
C ALA G 68 -19.70 -35.37 25.69
N THR G 69 -19.85 -34.06 25.78
CA THR G 69 -19.38 -33.13 24.75
C THR G 69 -18.91 -31.86 25.45
N ILE G 70 -17.60 -31.63 25.43
CA ILE G 70 -16.98 -30.53 26.15
C ILE G 70 -16.67 -29.41 25.18
N THR G 71 -17.03 -28.18 25.55
CA THR G 71 -16.81 -27.00 24.73
C THR G 71 -16.34 -25.87 25.63
N ALA G 72 -16.01 -24.73 25.02
CA ALA G 72 -15.50 -23.59 25.78
C ALA G 72 -15.64 -22.31 24.97
N ASP G 73 -16.09 -21.24 25.62
CA ASP G 73 -16.26 -19.92 25.00
C ASP G 73 -15.39 -18.93 25.78
N THR G 74 -14.24 -18.57 25.21
CA THR G 74 -13.34 -17.64 25.87
C THR G 74 -13.98 -16.27 26.13
N SER G 75 -14.98 -15.89 25.34
CA SER G 75 -15.65 -14.61 25.54
C SER G 75 -16.26 -14.54 26.95
N SER G 76 -17.17 -15.47 27.25
CA SER G 76 -17.79 -15.53 28.57
C SER G 76 -16.91 -16.25 29.60
N ASN G 77 -15.68 -16.61 29.24
CA ASN G 77 -14.71 -17.18 30.18
C ASN G 77 -15.26 -18.44 30.85
N THR G 78 -15.98 -19.25 30.09
CA THR G 78 -16.73 -20.37 30.62
C THR G 78 -16.47 -21.63 29.81
N ALA G 79 -16.48 -22.77 30.49
CA ALA G 79 -16.33 -24.08 29.88
C ALA G 79 -17.57 -24.92 30.17
N TYR G 80 -18.03 -25.68 29.18
CA TYR G 80 -19.29 -26.38 29.25
C TYR G 80 -19.09 -27.89 29.15
N LEU G 81 -20.06 -28.62 29.70
CA LEU G 81 -20.14 -30.07 29.58
C LEU G 81 -21.58 -30.44 29.22
N GLN G 82 -21.78 -30.89 27.99
CA GLN G 82 -23.09 -31.31 27.52
C GLN G 82 -23.21 -32.82 27.64
N LEU G 83 -24.35 -33.28 28.16
CA LEU G 83 -24.65 -34.69 28.32
C LEU G 83 -25.94 -34.99 27.56
N SER G 84 -25.93 -36.05 26.76
CA SER G 84 -27.04 -36.38 25.88
C SER G 84 -27.54 -37.79 26.17
N SER G 85 -28.82 -38.02 25.85
CA SER G 85 -29.48 -39.31 26.03
C SER G 85 -29.32 -39.79 27.47
N LEU G 86 -29.76 -38.95 28.39
CA LEU G 86 -29.48 -39.14 29.81
C LEU G 86 -30.14 -40.40 30.35
N THR G 87 -29.48 -41.01 31.34
CA THR G 87 -29.88 -42.27 31.92
C THR G 87 -29.79 -42.15 33.44
N SER G 88 -30.45 -43.09 34.14
CA SER G 88 -30.38 -43.12 35.59
C SER G 88 -28.95 -43.25 36.09
N GLU G 89 -28.07 -43.88 35.31
CA GLU G 89 -26.67 -43.98 35.69
C GLU G 89 -25.92 -42.66 35.53
N ASP G 90 -26.45 -41.74 34.72
CA ASP G 90 -25.87 -40.41 34.61
C ASP G 90 -26.21 -39.51 35.79
N THR G 91 -26.89 -40.04 36.81
CA THR G 91 -27.15 -39.30 38.04
C THR G 91 -25.87 -39.27 38.85
N ALA G 92 -25.24 -38.10 38.92
CA ALA G 92 -23.95 -37.97 39.59
C ALA G 92 -23.67 -36.48 39.79
N VAL G 93 -22.62 -36.21 40.55
CA VAL G 93 -22.09 -34.85 40.72
C VAL G 93 -20.95 -34.68 39.72
N TYR G 94 -20.89 -33.50 39.10
CA TYR G 94 -19.93 -33.23 38.04
C TYR G 94 -19.06 -32.05 38.43
N TYR G 95 -17.74 -32.25 38.39
CA TYR G 95 -16.76 -31.25 38.76
C TYR G 95 -15.90 -30.88 37.56
N CYS G 96 -15.66 -29.59 37.37
CA CYS G 96 -14.65 -29.11 36.45
C CYS G 96 -13.36 -28.83 37.23
N VAL G 97 -12.22 -29.19 36.62
CA VAL G 97 -10.93 -29.17 37.28
C VAL G 97 -9.92 -28.50 36.36
N ARG G 98 -8.93 -27.85 36.96
CA ARG G 98 -7.78 -27.29 36.28
C ARG G 98 -6.54 -27.47 37.15
N PRO G 99 -5.36 -27.45 36.55
CA PRO G 99 -4.13 -27.58 37.32
C PRO G 99 -3.64 -26.24 37.87
N LEU G 100 -2.66 -26.33 38.76
CA LEU G 100 -2.06 -25.14 39.38
C LEU G 100 -0.83 -24.72 38.57
N TYR G 101 0.21 -25.54 38.59
CA TYR G 101 1.42 -25.31 37.82
C TYR G 101 1.65 -26.38 36.77
N ASP G 102 1.67 -27.65 37.19
CA ASP G 102 1.90 -28.75 36.26
C ASP G 102 0.85 -28.76 35.16
N TYR G 103 1.29 -28.89 33.91
CA TYR G 103 0.36 -28.83 32.79
C TYR G 103 -0.69 -29.93 32.85
N TYR G 104 -0.38 -31.04 33.53
CA TYR G 104 -1.22 -32.23 33.48
C TYR G 104 -1.85 -32.56 34.83
N ALA G 105 -1.82 -31.65 35.79
CA ALA G 105 -2.29 -31.95 37.14
C ALA G 105 -3.78 -31.63 37.28
N MET G 106 -4.34 -31.94 38.47
CA MET G 106 -5.76 -31.76 38.80
C MET G 106 -5.83 -31.17 40.21
N ASP G 107 -5.66 -29.85 40.31
CA ASP G 107 -5.42 -29.19 41.58
C ASP G 107 -6.58 -28.33 42.07
N TYR G 108 -7.14 -27.48 41.21
CA TYR G 108 -8.24 -26.61 41.58
C TYR G 108 -9.56 -27.23 41.13
N TRP G 109 -10.56 -27.20 42.01
CA TRP G 109 -11.82 -27.88 41.77
C TRP G 109 -12.99 -26.94 42.02
N GLY G 110 -14.00 -27.00 41.16
CA GLY G 110 -15.22 -26.28 41.40
C GLY G 110 -16.07 -26.94 42.48
N GLN G 111 -17.14 -26.26 42.86
CA GLN G 111 -17.99 -26.76 43.94
C GLN G 111 -18.78 -27.99 43.52
N GLY G 112 -19.06 -28.15 42.22
CA GLY G 112 -19.76 -29.31 41.74
C GLY G 112 -21.22 -29.07 41.42
N THR G 113 -21.69 -29.64 40.31
CA THR G 113 -23.06 -29.49 39.85
C THR G 113 -23.80 -30.81 40.04
N SER G 114 -24.88 -30.79 40.81
CA SER G 114 -25.65 -32.00 41.07
C SER G 114 -26.65 -32.24 39.94
N VAL G 115 -26.62 -33.45 39.37
CA VAL G 115 -27.51 -33.84 38.29
C VAL G 115 -28.34 -35.02 38.75
N THR G 116 -29.65 -34.94 38.53
CA THR G 116 -30.58 -36.01 38.91
C THR G 116 -31.50 -36.29 37.72
N VAL G 117 -31.43 -37.50 37.19
CA VAL G 117 -32.26 -37.94 36.08
C VAL G 117 -33.35 -38.84 36.62
N SER G 118 -34.61 -38.51 36.29
CA SER G 118 -35.75 -39.29 36.77
C SER G 118 -36.98 -38.89 35.98
N SER G 119 -37.91 -39.84 35.85
CA SER G 119 -39.21 -39.60 35.24
C SER G 119 -40.27 -39.21 36.27
N ALA G 120 -39.91 -39.14 37.55
CA ALA G 120 -40.87 -38.86 38.61
C ALA G 120 -41.42 -37.44 38.48
N LYS G 121 -42.69 -37.29 38.86
CA LYS G 121 -43.33 -35.99 38.93
C LYS G 121 -43.21 -35.41 40.33
N THR G 122 -43.50 -34.12 40.46
CA THR G 122 -43.42 -33.43 41.75
C THR G 122 -44.48 -34.00 42.68
N THR G 123 -44.07 -34.86 43.60
CA THR G 123 -44.97 -35.53 44.53
C THR G 123 -44.68 -35.06 45.96
N ALA G 124 -45.74 -34.88 46.74
CA ALA G 124 -45.61 -34.45 48.12
C ALA G 124 -45.38 -35.65 49.04
N PRO G 125 -44.66 -35.46 50.15
CA PRO G 125 -44.38 -36.57 51.05
C PRO G 125 -45.61 -37.02 51.81
N SER G 126 -45.49 -38.19 52.43
CA SER G 126 -46.54 -38.77 53.27
C SER G 126 -45.93 -38.97 54.66
N VAL G 127 -46.28 -38.06 55.57
CA VAL G 127 -45.68 -38.04 56.91
C VAL G 127 -46.49 -38.94 57.83
N TYR G 128 -45.79 -39.83 58.54
CA TYR G 128 -46.43 -40.80 59.43
C TYR G 128 -45.78 -40.73 60.81
N PRO G 129 -46.57 -40.70 61.88
CA PRO G 129 -45.99 -40.69 63.23
C PRO G 129 -45.57 -42.08 63.67
N LEU G 130 -44.43 -42.16 64.35
CA LEU G 130 -43.86 -43.43 64.78
C LEU G 130 -43.81 -43.46 66.31
N ALA G 131 -44.85 -44.05 66.91
CA ALA G 131 -44.91 -44.21 68.36
C ALA G 131 -44.49 -45.62 68.77
N PRO G 132 -43.86 -45.77 69.93
CA PRO G 132 -43.41 -47.11 70.37
C PRO G 132 -44.57 -48.03 70.75
N VAL G 133 -44.24 -49.27 71.11
CA VAL G 133 -45.24 -50.28 71.43
C VAL G 133 -45.47 -50.28 72.93
N CYS G 134 -46.66 -50.74 73.34
CA CYS G 134 -47.00 -50.88 74.74
C CYS G 134 -46.03 -51.83 75.46
N THR G 138 -41.17 -48.11 78.99
CA THR G 138 -40.84 -49.11 80.00
C THR G 138 -39.51 -48.81 80.67
N GLY G 139 -38.59 -48.21 79.90
CA GLY G 139 -37.28 -47.84 80.41
C GLY G 139 -37.22 -46.40 80.86
N SER G 140 -36.00 -45.94 81.12
CA SER G 140 -35.77 -44.55 81.49
C SER G 140 -35.68 -43.64 80.27
N SER G 141 -35.37 -44.19 79.11
CA SER G 141 -35.20 -43.42 77.88
C SER G 141 -36.24 -43.87 76.85
N VAL G 142 -36.85 -42.89 76.18
CA VAL G 142 -37.89 -43.15 75.19
C VAL G 142 -37.39 -42.64 73.83
N THR G 143 -37.84 -43.28 72.76
CA THR G 143 -37.45 -42.91 71.41
C THR G 143 -38.68 -42.90 70.52
N LEU G 144 -38.88 -41.80 69.80
CA LEU G 144 -39.95 -41.64 68.83
C LEU G 144 -39.38 -41.61 67.42
N GLY G 145 -40.25 -41.38 66.44
CA GLY G 145 -39.81 -41.35 65.06
C GLY G 145 -40.78 -40.65 64.16
N CYS G 146 -40.38 -40.49 62.90
CA CYS G 146 -41.19 -39.79 61.91
C CYS G 146 -40.74 -40.24 60.53
N LEU G 147 -41.67 -40.77 59.75
CA LEU G 147 -41.39 -41.37 58.45
C LEU G 147 -41.90 -40.46 57.34
N VAL G 148 -41.00 -40.04 56.45
CA VAL G 148 -41.31 -39.18 55.32
C VAL G 148 -41.10 -40.02 54.06
N LYS G 149 -42.21 -40.41 53.42
CA LYS G 149 -42.16 -41.41 52.37
C LYS G 149 -42.82 -40.90 51.10
N GLY G 150 -42.23 -41.28 49.95
CA GLY G 150 -42.81 -41.00 48.65
C GLY G 150 -42.88 -39.53 48.27
N TYR G 151 -41.74 -38.85 48.26
CA TYR G 151 -41.67 -37.46 47.85
C TYR G 151 -40.60 -37.27 46.78
N PHE G 152 -40.79 -36.25 45.94
CA PHE G 152 -39.87 -35.95 44.87
C PHE G 152 -40.09 -34.53 44.42
N PRO G 153 -39.02 -33.74 44.15
CA PRO G 153 -37.63 -34.14 44.33
C PRO G 153 -37.08 -33.78 45.71
N GLU G 154 -35.76 -33.90 45.88
CA GLU G 154 -35.10 -33.47 47.10
C GLU G 154 -34.95 -31.95 47.13
N PRO G 155 -34.71 -31.36 48.31
CA PRO G 155 -34.64 -31.97 49.64
C PRO G 155 -35.87 -31.69 50.51
N VAL G 156 -35.80 -32.10 51.77
CA VAL G 156 -36.85 -31.82 52.75
C VAL G 156 -36.18 -31.41 54.06
N THR G 157 -36.79 -30.45 54.75
CA THR G 157 -36.30 -29.99 56.04
C THR G 157 -37.18 -30.57 57.13
N LEU G 158 -36.56 -31.21 58.11
CA LEU G 158 -37.27 -31.88 59.20
C LEU G 158 -36.75 -31.34 60.53
N THR G 159 -37.68 -30.95 61.41
CA THR G 159 -37.36 -30.50 62.76
C THR G 159 -38.37 -31.10 63.72
N TRP G 160 -38.18 -30.81 65.01
CA TRP G 160 -39.08 -31.27 66.06
C TRP G 160 -39.51 -30.08 66.90
N ASN G 161 -40.81 -29.93 67.09
CA ASN G 161 -41.39 -28.80 67.84
C ASN G 161 -40.97 -27.46 67.23
N SER G 162 -40.88 -27.41 65.91
CA SER G 162 -40.50 -26.21 65.17
C SER G 162 -39.10 -25.72 65.57
N GLY G 163 -38.12 -26.62 65.46
CA GLY G 163 -36.75 -26.31 65.78
C GLY G 163 -36.41 -26.29 67.25
N SER G 164 -37.40 -26.36 68.14
CA SER G 164 -37.16 -26.36 69.58
C SER G 164 -36.31 -27.55 70.00
N LEU G 165 -36.86 -28.75 69.86
CA LEU G 165 -36.15 -29.98 70.20
C LEU G 165 -35.15 -30.28 69.10
N SER G 166 -33.88 -29.98 69.36
CA SER G 166 -32.81 -30.16 68.40
C SER G 166 -31.77 -31.19 68.81
N SER G 167 -31.42 -31.24 70.10
CA SER G 167 -30.41 -32.17 70.56
C SER G 167 -31.00 -33.56 70.78
N GLY G 168 -30.15 -34.57 70.65
CA GLY G 168 -30.61 -35.95 70.76
C GLY G 168 -31.47 -36.41 69.60
N VAL G 169 -31.13 -35.98 68.38
CA VAL G 169 -31.93 -36.24 67.20
C VAL G 169 -31.04 -36.86 66.13
N HIS G 170 -31.64 -37.72 65.30
CA HIS G 170 -30.93 -38.35 64.18
C HIS G 170 -31.87 -38.35 62.98
N THR G 171 -31.63 -37.43 62.04
CA THR G 171 -32.36 -37.37 60.78
C THR G 171 -31.52 -38.04 59.71
N PHE G 172 -32.02 -39.15 59.17
CA PHE G 172 -31.24 -40.00 58.28
C PHE G 172 -31.28 -39.49 56.84
N PRO G 173 -30.26 -39.80 56.04
CA PRO G 173 -30.27 -39.38 54.64
C PRO G 173 -31.41 -40.01 53.86
N ALA G 174 -31.94 -39.26 52.90
CA ALA G 174 -33.00 -39.78 52.05
C ALA G 174 -32.49 -40.93 51.19
N VAL G 175 -33.41 -41.81 50.80
CA VAL G 175 -33.09 -42.97 49.99
C VAL G 175 -34.14 -43.07 48.87
N LEU G 176 -33.67 -43.39 47.66
CA LEU G 176 -34.55 -43.47 46.49
C LEU G 176 -35.26 -44.81 46.48
N GLN G 177 -36.59 -44.78 46.66
CA GLN G 177 -37.43 -45.98 46.65
C GLN G 177 -38.36 -45.89 45.44
N SER G 178 -37.93 -46.48 44.33
CA SER G 178 -38.70 -46.53 43.08
C SER G 178 -39.09 -45.13 42.63
N ASP G 179 -38.07 -44.39 42.20
CA ASP G 179 -38.19 -43.05 41.64
C ASP G 179 -38.72 -42.02 42.65
N LEU G 180 -38.99 -42.46 43.88
CA LEU G 180 -39.46 -41.57 44.94
C LEU G 180 -38.58 -41.74 46.16
N TYR G 181 -38.43 -40.65 46.93
CA TYR G 181 -37.51 -40.64 48.05
C TYR G 181 -38.22 -41.00 49.35
N THR G 182 -37.45 -41.58 50.27
CA THR G 182 -37.94 -41.97 51.59
C THR G 182 -36.92 -41.51 52.63
N LEU G 183 -37.41 -40.86 53.68
CA LEU G 183 -36.56 -40.31 54.73
C LEU G 183 -37.20 -40.60 56.08
N SER G 184 -36.37 -40.66 57.12
CA SER G 184 -36.85 -40.95 58.46
C SER G 184 -35.97 -40.24 59.48
N SER G 185 -36.55 -39.93 60.63
CA SER G 185 -35.85 -39.23 61.70
C SER G 185 -36.28 -39.79 63.05
N SER G 186 -35.36 -39.79 64.00
CA SER G 186 -35.61 -40.26 65.36
C SER G 186 -35.26 -39.16 66.36
N VAL G 187 -35.67 -39.37 67.61
CA VAL G 187 -35.42 -38.40 68.67
C VAL G 187 -35.57 -39.13 70.00
N THR G 188 -34.70 -38.79 70.95
CA THR G 188 -34.61 -39.49 72.23
C THR G 188 -34.62 -38.50 73.38
N VAL G 189 -35.53 -38.72 74.34
CA VAL G 189 -35.60 -37.93 75.56
C VAL G 189 -35.86 -38.86 76.75
N THR G 190 -36.20 -38.28 77.90
CA THR G 190 -36.49 -39.06 79.09
C THR G 190 -37.96 -39.47 79.12
N SER G 191 -38.26 -40.48 79.96
CA SER G 191 -39.62 -40.99 80.05
C SER G 191 -40.58 -39.96 80.63
N SER G 192 -40.08 -39.05 81.46
CA SER G 192 -40.92 -38.01 82.05
C SER G 192 -41.30 -36.91 81.05
N THR G 193 -40.65 -36.87 79.88
CA THR G 193 -40.96 -35.84 78.89
C THR G 193 -42.17 -36.22 78.05
N TRP G 194 -42.31 -37.51 77.72
CA TRP G 194 -43.36 -37.97 76.83
C TRP G 194 -44.11 -39.13 77.47
N PRO G 195 -45.45 -39.19 77.30
CA PRO G 195 -46.31 -38.23 76.59
C PRO G 195 -46.69 -37.01 77.42
N SER G 196 -45.89 -36.71 78.45
CA SER G 196 -46.17 -35.54 79.28
C SER G 196 -46.13 -34.26 78.47
N GLN G 197 -45.22 -34.18 77.50
CA GLN G 197 -45.07 -33.01 76.65
C GLN G 197 -45.31 -33.39 75.20
N SER G 198 -46.00 -32.52 74.46
CA SER G 198 -46.33 -32.79 73.07
C SER G 198 -45.08 -32.70 72.20
N ILE G 199 -44.92 -33.66 71.29
CA ILE G 199 -43.81 -33.70 70.36
C ILE G 199 -44.37 -33.78 68.95
N THR G 200 -43.95 -32.86 68.09
CA THR G 200 -44.44 -32.74 66.72
C THR G 200 -43.28 -32.88 65.73
N CYS G 201 -43.58 -33.47 64.59
CA CYS G 201 -42.61 -33.67 63.52
C CYS G 201 -42.97 -32.73 62.37
N ASN G 202 -42.21 -31.65 62.23
CA ASN G 202 -42.47 -30.64 61.21
C ASN G 202 -41.67 -30.98 59.96
N VAL G 203 -42.36 -31.21 58.86
CA VAL G 203 -41.75 -31.59 57.59
C VAL G 203 -42.17 -30.57 56.53
N ALA G 204 -41.19 -30.00 55.84
CA ALA G 204 -41.42 -29.03 54.79
C ALA G 204 -40.82 -29.54 53.48
N HIS G 205 -41.60 -29.48 52.41
CA HIS G 205 -41.17 -29.89 51.08
C HIS G 205 -41.34 -28.69 50.15
N PRO G 206 -40.36 -27.79 50.07
CA PRO G 206 -40.54 -26.57 49.28
C PRO G 206 -40.82 -26.81 47.79
N ALA G 207 -40.57 -28.01 47.27
CA ALA G 207 -40.83 -28.29 45.86
C ALA G 207 -42.32 -28.18 45.56
N SER G 208 -43.12 -29.00 46.22
CA SER G 208 -44.58 -28.92 46.10
C SER G 208 -45.19 -27.90 47.06
N SER G 209 -44.38 -27.25 47.88
CA SER G 209 -44.82 -26.22 48.83
C SER G 209 -45.85 -26.79 49.81
N THR G 210 -45.36 -27.71 50.65
CA THR G 210 -46.17 -28.36 51.66
C THR G 210 -45.38 -28.42 52.96
N LYS G 211 -45.99 -27.94 54.06
CA LYS G 211 -45.38 -27.98 55.39
C LYS G 211 -46.35 -28.69 56.34
N VAL G 212 -46.36 -30.03 56.29
CA VAL G 212 -47.23 -30.84 57.13
C VAL G 212 -46.57 -31.07 58.47
N ASP G 213 -47.37 -31.21 59.52
CA ASP G 213 -46.87 -31.48 60.86
C ASP G 213 -47.77 -32.51 61.53
N LYS G 214 -47.16 -33.58 62.03
CA LYS G 214 -47.87 -34.68 62.69
C LYS G 214 -47.40 -34.78 64.13
N LYS G 215 -48.35 -34.72 65.07
CA LYS G 215 -48.03 -34.91 66.48
C LYS G 215 -47.98 -36.41 66.79
N ILE G 216 -46.95 -36.83 67.52
CA ILE G 216 -46.79 -38.23 67.87
C ILE G 216 -47.74 -38.58 69.01
N GLU G 217 -48.50 -39.66 68.84
CA GLU G 217 -49.47 -40.08 69.84
C GLU G 217 -49.23 -41.54 70.23
N PRO G 218 -49.34 -41.87 71.52
CA PRO G 218 -49.08 -43.25 71.96
C PRO G 218 -50.15 -44.22 71.49
N ARG G 219 -49.94 -45.50 71.78
CA ARG G 219 -50.85 -46.54 71.32
C ARG G 219 -51.67 -47.11 72.47
N ASP H 1 -6.50 -49.18 30.41
CA ASP H 1 -6.40 -48.09 31.37
C ASP H 1 -5.62 -48.51 32.62
N ILE H 2 -5.09 -47.53 33.34
CA ILE H 2 -4.29 -47.79 34.53
C ILE H 2 -5.21 -47.90 35.74
N LEU H 3 -5.09 -49.01 36.48
CA LEU H 3 -5.90 -49.23 37.67
C LEU H 3 -5.16 -48.70 38.90
N MET H 4 -5.85 -47.88 39.69
CA MET H 4 -5.30 -47.29 40.90
C MET H 4 -5.92 -47.98 42.11
N THR H 5 -5.14 -48.85 42.75
CA THR H 5 -5.59 -49.57 43.94
C THR H 5 -5.18 -48.76 45.16
N GLN H 6 -6.15 -48.14 45.82
CA GLN H 6 -5.91 -47.33 47.00
C GLN H 6 -6.28 -48.13 48.24
N SER H 7 -5.40 -48.11 49.24
CA SER H 7 -5.62 -48.86 50.47
C SER H 7 -5.05 -48.06 51.64
N PRO H 8 -5.68 -48.13 52.83
CA PRO H 8 -6.89 -48.89 53.11
C PRO H 8 -8.18 -48.17 52.70
N SER H 9 -9.30 -48.87 52.74
CA SER H 9 -10.57 -48.23 52.42
C SER H 9 -11.01 -47.24 53.49
N SER H 10 -10.62 -47.48 54.74
CA SER H 10 -10.94 -46.60 55.85
C SER H 10 -10.05 -46.97 57.03
N MET H 11 -9.82 -45.99 57.91
CA MET H 11 -9.05 -46.22 59.13
C MET H 11 -9.62 -45.38 60.26
N SER H 12 -9.65 -45.95 61.45
CA SER H 12 -10.09 -45.25 62.65
C SER H 12 -8.85 -44.84 63.44
N VAL H 13 -8.65 -43.53 63.59
CA VAL H 13 -7.45 -42.98 64.21
C VAL H 13 -7.86 -41.78 65.07
N SER H 14 -6.90 -41.28 65.84
CA SER H 14 -7.13 -40.20 66.79
C SER H 14 -6.29 -38.97 66.41
N LEU H 15 -6.55 -37.88 67.10
CA LEU H 15 -5.82 -36.63 66.88
C LEU H 15 -4.36 -36.80 67.27
N GLY H 16 -3.47 -36.23 66.45
CA GLY H 16 -2.05 -36.32 66.70
C GLY H 16 -1.37 -37.57 66.19
N ASP H 17 -2.14 -38.53 65.65
CA ASP H 17 -1.54 -39.74 65.11
C ASP H 17 -0.81 -39.44 63.80
N THR H 18 0.16 -40.29 63.49
CA THR H 18 0.88 -40.25 62.22
C THR H 18 0.43 -41.44 61.39
N VAL H 19 -0.31 -41.17 60.31
CA VAL H 19 -0.92 -42.20 59.49
C VAL H 19 -0.37 -42.10 58.07
N SER H 20 -0.58 -43.17 57.30
CA SER H 20 -0.03 -43.28 55.96
C SER H 20 -1.03 -43.99 55.06
N ILE H 21 -1.44 -43.31 54.00
CA ILE H 21 -2.28 -43.88 52.95
C ILE H 21 -1.38 -44.29 51.79
N THR H 22 -1.68 -45.43 51.16
CA THR H 22 -0.90 -45.92 50.03
C THR H 22 -1.77 -46.06 48.79
N CYS H 23 -1.11 -46.03 47.63
CA CYS H 23 -1.81 -46.11 46.35
C CYS H 23 -0.92 -46.89 45.39
N HIS H 24 -1.44 -48.00 44.88
CA HIS H 24 -0.69 -48.92 44.03
C HIS H 24 -1.27 -48.89 42.63
N ALA H 25 -0.39 -48.79 41.63
CA ALA H 25 -0.78 -48.74 40.23
C ALA H 25 -0.47 -50.06 39.54
N SER H 26 -1.16 -50.29 38.42
CA SER H 26 -0.94 -51.48 37.61
C SER H 26 0.34 -51.42 36.80
N GLN H 27 1.01 -50.27 36.76
CA GLN H 27 2.26 -50.11 36.01
C GLN H 27 2.97 -48.88 36.55
N GLY H 28 4.21 -48.68 36.09
CA GLY H 28 4.98 -47.54 36.55
C GLY H 28 4.41 -46.24 36.02
N ILE H 29 4.41 -45.20 36.87
CA ILE H 29 3.88 -43.90 36.50
C ILE H 29 4.85 -42.77 36.82
N SER H 30 6.00 -43.09 37.39
CA SER H 30 7.12 -42.17 37.58
C SER H 30 6.66 -40.84 38.19
N SER H 31 6.09 -40.95 39.39
CA SER H 31 5.71 -39.81 40.22
C SER H 31 4.68 -38.90 39.56
N ASN H 32 3.97 -39.37 38.53
CA ASN H 32 2.89 -38.59 37.91
C ASN H 32 1.57 -38.89 38.60
N ILE H 33 1.51 -38.52 39.88
CA ILE H 33 0.37 -38.83 40.73
C ILE H 33 0.02 -37.60 41.57
N GLY H 34 -1.27 -37.41 41.81
CA GLY H 34 -1.72 -36.35 42.69
C GLY H 34 -2.58 -36.88 43.82
N TRP H 35 -2.76 -36.08 44.87
CA TRP H 35 -3.57 -36.46 46.01
C TRP H 35 -4.63 -35.40 46.26
N LEU H 36 -5.79 -35.84 46.75
CA LEU H 36 -6.96 -34.99 46.85
C LEU H 36 -7.63 -35.16 48.21
N GLN H 37 -8.31 -34.10 48.66
CA GLN H 37 -9.05 -34.10 49.91
C GLN H 37 -10.46 -33.59 49.65
N GLN H 38 -11.45 -34.27 50.22
CA GLN H 38 -12.85 -33.87 50.12
C GLN H 38 -13.45 -33.89 51.53
N LYS H 39 -13.55 -32.72 52.15
CA LYS H 39 -14.15 -32.64 53.47
C LYS H 39 -15.63 -32.98 53.39
N PRO H 40 -16.21 -33.52 54.48
CA PRO H 40 -17.60 -34.02 54.43
C PRO H 40 -18.61 -33.06 53.84
N GLY H 41 -19.29 -33.49 52.79
CA GLY H 41 -20.32 -32.67 52.16
C GLY H 41 -19.79 -31.40 51.52
N LYS H 42 -18.61 -31.47 50.90
CA LYS H 42 -18.00 -30.30 50.28
C LYS H 42 -17.29 -30.76 49.00
N SER H 43 -16.50 -29.87 48.42
CA SER H 43 -15.81 -30.13 47.18
C SER H 43 -14.39 -30.62 47.45
N PHE H 44 -13.57 -30.66 46.40
CA PHE H 44 -12.22 -31.20 46.46
C PHE H 44 -11.19 -30.08 46.58
N MET H 45 -10.08 -30.41 47.24
CA MET H 45 -8.95 -29.51 47.40
C MET H 45 -7.69 -30.29 47.10
N GLY H 46 -6.83 -29.73 46.24
CA GLY H 46 -5.59 -30.40 45.89
C GLY H 46 -4.59 -30.38 47.03
N LEU H 47 -3.96 -31.52 47.26
CA LEU H 47 -2.93 -31.66 48.29
C LEU H 47 -1.53 -31.76 47.68
N ILE H 48 -1.31 -32.73 46.80
CA ILE H 48 0.00 -33.02 46.22
C ILE H 48 -0.13 -33.09 44.71
N TYR H 49 0.94 -32.74 44.03
CA TYR H 49 1.07 -33.02 42.60
C TYR H 49 2.51 -33.42 42.30
N TYR H 50 2.68 -34.22 41.24
CA TYR H 50 3.95 -34.83 40.89
C TYR H 50 4.54 -35.60 42.07
N GLY H 51 3.67 -36.30 42.79
CA GLY H 51 4.11 -37.24 43.81
C GLY H 51 4.49 -36.63 45.15
N THR H 52 5.16 -35.48 45.14
CA THR H 52 5.70 -34.91 46.38
C THR H 52 5.41 -33.42 46.57
N ASN H 53 5.08 -32.69 45.52
CA ASN H 53 5.01 -31.23 45.61
C ASN H 53 3.67 -30.79 46.20
N LEU H 54 3.75 -30.01 47.28
CA LEU H 54 2.54 -29.52 47.95
C LEU H 54 1.85 -28.46 47.09
N VAL H 55 0.51 -28.48 47.11
CA VAL H 55 -0.26 -27.41 46.51
C VAL H 55 -0.21 -26.18 47.41
N ASP H 56 -0.27 -25.00 46.80
CA ASP H 56 -0.18 -23.76 47.56
C ASP H 56 -1.31 -23.68 48.59
N GLY H 57 -0.96 -23.27 49.81
CA GLY H 57 -1.93 -23.15 50.88
C GLY H 57 -2.07 -24.38 51.75
N VAL H 58 -1.49 -25.51 51.35
CA VAL H 58 -1.58 -26.77 52.10
C VAL H 58 -0.57 -26.76 53.23
N PRO H 59 -0.94 -27.20 54.44
CA PRO H 59 0.03 -27.26 55.54
C PRO H 59 1.15 -28.25 55.25
N SER H 60 2.26 -28.06 55.97
CA SER H 60 3.46 -28.88 55.77
C SER H 60 3.38 -30.24 56.45
N ARG H 61 2.39 -30.47 57.32
CA ARG H 61 2.24 -31.79 57.93
C ARG H 61 1.90 -32.86 56.90
N PHE H 62 1.24 -32.47 55.80
CA PHE H 62 1.05 -33.38 54.68
C PHE H 62 2.37 -33.61 53.95
N SER H 63 2.50 -34.79 53.33
CA SER H 63 3.70 -35.13 52.57
C SER H 63 3.46 -36.37 51.71
N GLY H 64 3.89 -36.30 50.45
CA GLY H 64 3.78 -37.44 49.54
C GLY H 64 5.14 -38.03 49.23
N SER H 65 5.15 -39.31 48.88
CA SER H 65 6.39 -40.03 48.62
C SER H 65 6.08 -41.25 47.77
N GLY H 66 7.13 -41.95 47.37
CA GLY H 66 7.01 -43.15 46.57
C GLY H 66 7.62 -42.98 45.18
N SER H 67 7.67 -44.10 44.46
CA SER H 67 8.22 -44.13 43.12
C SER H 67 7.72 -45.38 42.40
N GLY H 68 7.97 -45.43 41.10
CA GLY H 68 7.56 -46.55 40.29
C GLY H 68 6.06 -46.73 40.22
N ALA H 69 5.53 -47.66 41.02
CA ALA H 69 4.09 -47.94 41.03
C ALA H 69 3.54 -48.00 42.45
N ASP H 70 4.25 -47.46 43.42
CA ASP H 70 3.85 -47.52 44.82
C ASP H 70 4.17 -46.19 45.47
N TYR H 71 3.13 -45.49 45.93
CA TYR H 71 3.27 -44.15 46.48
C TYR H 71 2.54 -44.09 47.81
N SER H 72 2.70 -42.96 48.51
CA SER H 72 2.15 -42.85 49.85
C SER H 72 1.84 -41.39 50.16
N LEU H 73 0.78 -41.19 50.96
CA LEU H 73 0.43 -39.90 51.52
C LEU H 73 0.47 -40.00 53.04
N THR H 74 1.24 -39.13 53.68
CA THR H 74 1.47 -39.18 55.11
C THR H 74 1.05 -37.89 55.78
N ILE H 75 0.35 -38.00 56.90
CA ILE H 75 -0.11 -36.85 57.67
C ILE H 75 0.50 -36.96 59.07
N SER H 76 1.43 -36.06 59.39
CA SER H 76 2.08 -36.05 60.70
C SER H 76 1.25 -35.18 61.64
N SER H 77 0.82 -35.77 62.77
CA SER H 77 -0.02 -35.11 63.75
C SER H 77 -1.34 -34.66 63.13
N LEU H 78 -2.36 -35.52 63.21
CA LEU H 78 -3.64 -35.22 62.59
C LEU H 78 -4.33 -34.05 63.28
N ASP H 79 -4.98 -33.21 62.49
CA ASP H 79 -5.81 -32.12 62.98
C ASP H 79 -7.28 -32.50 62.88
N SER H 80 -8.12 -31.75 63.59
CA SER H 80 -9.56 -32.02 63.57
C SER H 80 -10.17 -31.79 62.20
N GLU H 81 -9.52 -31.01 61.33
CA GLU H 81 -10.01 -30.80 59.99
C GLU H 81 -9.61 -31.92 59.02
N ASP H 82 -8.61 -32.72 59.38
CA ASP H 82 -8.07 -33.74 58.47
C ASP H 82 -8.96 -34.96 58.33
N PHE H 83 -9.96 -35.14 59.20
CA PHE H 83 -10.88 -36.26 59.08
C PHE H 83 -11.80 -36.03 57.89
N ALA H 84 -11.51 -36.66 56.77
CA ALA H 84 -12.24 -36.45 55.52
C ALA H 84 -11.90 -37.59 54.57
N ASP H 85 -12.31 -37.43 53.31
CA ASP H 85 -12.06 -38.40 52.25
C ASP H 85 -10.81 -38.01 51.46
N TYR H 86 -10.03 -39.02 51.06
CA TYR H 86 -8.79 -38.81 50.33
C TYR H 86 -8.71 -39.75 49.14
N TYR H 87 -8.30 -39.21 47.99
CA TYR H 87 -8.21 -39.97 46.74
C TYR H 87 -6.87 -39.71 46.07
N CYS H 88 -6.35 -40.73 45.40
CA CYS H 88 -5.19 -40.57 44.52
C CYS H 88 -5.64 -40.57 43.06
N VAL H 89 -4.84 -39.94 42.22
CA VAL H 89 -5.14 -39.84 40.79
C VAL H 89 -3.83 -39.81 40.03
N GLN H 90 -3.73 -40.68 39.03
CA GLN H 90 -2.57 -40.72 38.16
C GLN H 90 -2.87 -39.95 36.88
N TYR H 91 -1.88 -39.22 36.38
CA TYR H 91 -1.98 -38.57 35.08
C TYR H 91 -0.78 -38.91 34.20
N ALA H 92 -0.23 -40.11 34.36
CA ALA H 92 0.82 -40.57 33.45
C ALA H 92 0.27 -40.85 32.06
N GLN H 93 -0.94 -41.40 31.99
CA GLN H 93 -1.56 -41.74 30.73
C GLN H 93 -3.01 -41.30 30.74
N LEU H 94 -3.53 -41.01 29.55
CA LEU H 94 -4.96 -40.78 29.35
C LEU H 94 -5.64 -42.11 29.05
N PRO H 95 -6.81 -42.38 29.67
CA PRO H 95 -7.56 -41.50 30.57
C PRO H 95 -6.99 -41.44 31.98
N TYR H 96 -7.11 -40.28 32.63
CA TYR H 96 -6.78 -40.20 34.05
C TYR H 96 -7.69 -41.14 34.84
N THR H 97 -7.13 -41.80 35.85
CA THR H 97 -7.89 -42.73 36.67
C THR H 97 -7.62 -42.45 38.14
N PHE H 98 -8.63 -42.70 38.96
CA PHE H 98 -8.61 -42.37 40.38
C PHE H 98 -8.57 -43.65 41.21
N GLY H 99 -8.26 -43.48 42.50
CA GLY H 99 -8.33 -44.57 43.44
C GLY H 99 -9.70 -44.71 44.08
N GLY H 100 -9.89 -45.85 44.76
CA GLY H 100 -11.18 -46.13 45.36
C GLY H 100 -11.58 -45.13 46.44
N GLY H 101 -10.62 -44.59 47.15
CA GLY H 101 -10.90 -43.62 48.19
C GLY H 101 -10.55 -44.15 49.56
N THR H 102 -10.23 -43.22 50.47
CA THR H 102 -9.87 -43.55 51.84
C THR H 102 -10.49 -42.52 52.77
N LYS H 103 -11.19 -42.99 53.79
CA LYS H 103 -11.90 -42.13 54.73
C LYS H 103 -11.28 -42.27 56.11
N LEU H 104 -10.82 -41.15 56.66
CA LEU H 104 -10.28 -41.11 58.01
C LEU H 104 -11.42 -40.87 59.00
N GLU H 105 -11.54 -41.77 59.99
CA GLU H 105 -12.63 -41.72 60.95
C GLU H 105 -12.09 -41.58 62.36
N ILE H 106 -12.87 -40.92 63.22
CA ILE H 106 -12.46 -40.72 64.60
C ILE H 106 -12.58 -42.03 65.36
N LYS H 107 -11.52 -42.40 66.07
CA LYS H 107 -11.50 -43.61 66.88
C LYS H 107 -12.04 -43.31 68.27
N ARG H 108 -12.73 -44.29 68.85
CA ARG H 108 -13.30 -44.16 70.19
C ARG H 108 -13.54 -45.55 70.74
N ALA H 109 -14.05 -45.60 71.97
CA ALA H 109 -14.36 -46.85 72.63
C ALA H 109 -15.63 -47.46 72.06
N ASP H 110 -15.67 -48.79 72.00
CA ASP H 110 -16.82 -49.49 71.45
C ASP H 110 -18.06 -49.18 72.28
N ALA H 111 -19.22 -49.22 71.60
CA ALA H 111 -20.49 -48.89 72.24
C ALA H 111 -21.61 -49.65 71.55
N ALA H 112 -22.42 -50.35 72.34
CA ALA H 112 -23.54 -51.11 71.80
C ALA H 112 -24.64 -50.18 71.32
N PRO H 113 -25.43 -50.59 70.33
CA PRO H 113 -26.47 -49.72 69.81
C PRO H 113 -27.74 -49.76 70.66
N THR H 114 -28.54 -48.70 70.52
CA THR H 114 -29.83 -48.59 71.18
C THR H 114 -30.91 -48.87 70.14
N VAL H 115 -31.48 -50.07 70.19
CA VAL H 115 -32.46 -50.51 69.20
C VAL H 115 -33.84 -50.05 69.61
N SER H 116 -34.70 -49.81 68.62
CA SER H 116 -36.07 -49.35 68.85
C SER H 116 -36.90 -49.66 67.62
N ILE H 117 -37.96 -50.44 67.79
CA ILE H 117 -38.82 -50.87 66.69
C ILE H 117 -40.13 -50.12 66.75
N PHE H 118 -40.72 -49.88 65.56
CA PHE H 118 -41.93 -49.07 65.44
C PHE H 118 -42.88 -49.68 64.43
N PRO H 119 -44.06 -50.13 64.85
CA PRO H 119 -45.03 -50.73 63.91
C PRO H 119 -45.59 -49.68 62.98
N PRO H 120 -46.35 -50.08 61.95
CA PRO H 120 -46.94 -49.09 61.04
C PRO H 120 -47.90 -48.16 61.79
N SER H 121 -47.85 -46.89 61.41
CA SER H 121 -48.77 -45.91 61.96
C SER H 121 -50.19 -46.19 61.48
N SER H 122 -51.15 -45.59 62.17
CA SER H 122 -52.55 -45.74 61.78
C SER H 122 -52.82 -45.08 60.43
N GLU H 123 -52.18 -43.93 60.18
CA GLU H 123 -52.39 -43.21 58.92
C GLU H 123 -51.94 -44.03 57.73
N GLN H 124 -50.79 -44.70 57.84
CA GLN H 124 -50.26 -45.46 56.72
C GLN H 124 -51.11 -46.70 56.45
N LEU H 125 -51.61 -47.36 57.50
CA LEU H 125 -52.40 -48.57 57.30
C LEU H 125 -53.71 -48.27 56.59
N THR H 126 -54.32 -47.12 56.88
CA THR H 126 -55.57 -46.75 56.22
C THR H 126 -55.40 -46.43 54.74
N SER H 127 -54.17 -46.24 54.27
CA SER H 127 -53.92 -45.90 52.88
C SER H 127 -53.57 -47.11 52.01
N GLY H 128 -53.18 -48.23 52.61
CA GLY H 128 -52.83 -49.41 51.86
C GLY H 128 -51.36 -49.84 51.93
N GLY H 129 -50.59 -49.31 52.88
CA GLY H 129 -49.20 -49.70 53.04
C GLY H 129 -48.90 -50.03 54.49
N ALA H 130 -47.71 -50.57 54.72
CA ALA H 130 -47.30 -50.98 56.06
C ALA H 130 -45.79 -50.97 56.11
N SER H 131 -45.21 -50.08 56.92
CA SER H 131 -43.76 -49.95 57.05
C SER H 131 -43.37 -50.13 58.51
N VAL H 132 -42.61 -51.16 58.79
CA VAL H 132 -42.01 -51.36 60.11
C VAL H 132 -40.63 -50.71 60.10
N VAL H 133 -40.37 -49.87 61.09
CA VAL H 133 -39.10 -49.14 61.18
C VAL H 133 -38.31 -49.70 62.37
N CYS H 134 -37.00 -49.80 62.21
CA CYS H 134 -36.11 -50.29 63.26
C CYS H 134 -34.90 -49.36 63.31
N PHE H 135 -34.81 -48.57 64.38
CA PHE H 135 -33.71 -47.63 64.58
C PHE H 135 -32.60 -48.28 65.40
N LEU H 136 -31.36 -47.96 65.04
CA LEU H 136 -30.16 -48.47 65.72
C LEU H 136 -29.23 -47.27 65.91
N ASN H 137 -29.27 -46.66 67.08
CA ASN H 137 -28.65 -45.37 67.32
C ASN H 137 -27.40 -45.48 68.17
N ASN H 138 -26.42 -44.63 67.86
CA ASN H 138 -25.24 -44.41 68.69
C ASN H 138 -24.46 -45.69 68.98
N PHE H 139 -23.57 -46.07 68.06
CA PHE H 139 -22.76 -47.26 68.26
C PHE H 139 -21.40 -47.06 67.61
N TYR H 140 -20.45 -47.91 67.98
CA TYR H 140 -19.11 -47.91 67.42
C TYR H 140 -18.56 -49.32 67.58
N PRO H 141 -17.86 -49.87 66.56
CA PRO H 141 -17.54 -49.25 65.28
C PRO H 141 -18.71 -49.24 64.31
N LYS H 142 -18.46 -48.82 63.07
CA LYS H 142 -19.53 -48.67 62.09
C LYS H 142 -20.06 -50.00 61.57
N ASP H 143 -19.27 -51.07 61.67
CA ASP H 143 -19.62 -52.37 61.08
C ASP H 143 -20.80 -52.98 61.83
N ILE H 144 -21.93 -53.14 61.14
CA ILE H 144 -23.16 -53.63 61.75
C ILE H 144 -23.99 -54.32 60.68
N ASN H 145 -24.76 -55.32 61.11
CA ASN H 145 -25.62 -56.10 60.22
C ASN H 145 -27.00 -56.21 60.82
N VAL H 146 -28.02 -55.86 60.03
CA VAL H 146 -29.42 -55.95 60.46
C VAL H 146 -30.08 -57.12 59.73
N LYS H 147 -31.03 -57.75 60.40
CA LYS H 147 -31.73 -58.91 59.85
C LYS H 147 -33.20 -58.83 60.26
N TRP H 148 -34.10 -58.83 59.28
CA TRP H 148 -35.53 -58.77 59.52
C TRP H 148 -36.11 -60.18 59.53
N LYS H 149 -36.98 -60.45 60.51
CA LYS H 149 -37.61 -61.76 60.65
C LYS H 149 -39.11 -61.59 60.77
N ILE H 150 -39.85 -62.35 59.96
CA ILE H 150 -41.31 -62.39 60.01
C ILE H 150 -41.72 -63.77 60.46
N ASP H 151 -42.41 -63.85 61.61
CA ASP H 151 -42.75 -65.12 62.24
C ASP H 151 -41.50 -65.98 62.47
N GLY H 152 -40.38 -65.33 62.81
CA GLY H 152 -39.14 -66.02 63.07
C GLY H 152 -38.30 -66.37 61.86
N SER H 153 -38.78 -66.06 60.65
CA SER H 153 -38.10 -66.43 59.42
C SER H 153 -37.57 -65.20 58.70
N GLU H 154 -36.35 -65.32 58.19
CA GLU H 154 -35.65 -64.16 57.62
C GLU H 154 -36.38 -63.64 56.39
N ARG H 155 -36.38 -62.32 56.24
CA ARG H 155 -36.97 -61.64 55.10
C ARG H 155 -35.96 -60.65 54.54
N GLN H 156 -35.73 -60.70 53.23
CA GLN H 156 -34.75 -59.83 52.59
C GLN H 156 -35.34 -58.92 51.52
N ASN H 157 -36.56 -59.17 51.07
CA ASN H 157 -37.19 -58.38 50.01
C ASN H 157 -37.97 -57.22 50.61
N GLY H 158 -37.68 -56.01 50.15
CA GLY H 158 -38.39 -54.84 50.63
C GLY H 158 -37.75 -54.11 51.78
N VAL H 159 -36.46 -54.33 52.03
CA VAL H 159 -35.75 -53.65 53.11
C VAL H 159 -35.07 -52.41 52.54
N LEU H 160 -35.02 -51.35 53.36
CA LEU H 160 -34.48 -50.07 52.94
C LEU H 160 -33.65 -49.50 54.09
N ASN H 161 -32.32 -49.53 53.94
CA ASN H 161 -31.40 -49.12 54.99
C ASN H 161 -30.83 -47.74 54.72
N SER H 162 -30.33 -47.11 55.78
CA SER H 162 -29.75 -45.77 55.68
C SER H 162 -28.84 -45.54 56.87
N TRP H 163 -27.64 -45.01 56.61
CA TRP H 163 -26.63 -44.78 57.62
C TRP H 163 -26.26 -43.30 57.68
N THR H 164 -25.86 -42.85 58.86
CA THR H 164 -25.41 -41.47 59.06
C THR H 164 -23.88 -41.41 59.08
N ASP H 165 -23.36 -40.22 58.79
CA ASP H 165 -21.95 -39.98 58.98
C ASP H 165 -21.62 -39.96 60.47
N GLN H 166 -20.33 -40.08 60.78
CA GLN H 166 -19.89 -40.10 62.16
C GLN H 166 -20.32 -38.83 62.87
N ASP H 167 -21.07 -38.99 63.97
CA ASP H 167 -21.63 -37.86 64.68
C ASP H 167 -20.54 -36.93 65.18
N SER H 168 -20.83 -35.63 65.16
CA SER H 168 -19.83 -34.64 65.54
C SER H 168 -19.60 -34.63 67.06
N LYS H 169 -20.62 -34.96 67.85
CA LYS H 169 -20.51 -34.89 69.30
C LYS H 169 -19.77 -36.12 69.86
N ASP H 170 -20.45 -37.27 69.87
CA ASP H 170 -19.93 -38.47 70.50
C ASP H 170 -19.14 -39.37 69.54
N SER H 171 -19.03 -38.98 68.27
CA SER H 171 -18.28 -39.75 67.27
C SER H 171 -18.79 -41.18 67.13
N THR H 172 -20.12 -41.32 67.10
CA THR H 172 -20.77 -42.60 66.89
C THR H 172 -21.53 -42.60 65.57
N TYR H 173 -22.02 -43.78 65.20
CA TYR H 173 -22.78 -43.97 63.98
C TYR H 173 -24.21 -44.40 64.32
N SER H 174 -25.09 -44.32 63.32
CA SER H 174 -26.48 -44.67 63.52
C SER H 174 -27.02 -45.24 62.21
N MET H 175 -28.05 -46.07 62.31
CA MET H 175 -28.61 -46.78 61.16
C MET H 175 -30.13 -46.78 61.24
N SER H 176 -30.77 -46.79 60.08
CA SER H 176 -32.22 -46.82 59.96
C SER H 176 -32.60 -47.88 58.93
N SER H 177 -33.34 -48.90 59.36
CA SER H 177 -33.83 -49.94 58.48
C SER H 177 -35.35 -49.89 58.41
N THR H 178 -35.90 -50.01 57.21
CA THR H 178 -37.34 -49.86 56.97
C THR H 178 -37.83 -51.02 56.10
N LEU H 179 -38.64 -51.89 56.69
CA LEU H 179 -39.27 -52.97 55.95
C LEU H 179 -40.66 -52.51 55.50
N THR H 180 -40.88 -52.51 54.19
CA THR H 180 -42.14 -52.04 53.61
C THR H 180 -42.89 -53.22 53.00
N LEU H 181 -44.16 -53.36 53.37
CA LEU H 181 -45.04 -54.38 52.84
C LEU H 181 -46.36 -53.74 52.42
N THR H 182 -47.20 -54.52 51.75
CA THR H 182 -48.56 -54.09 51.53
C THR H 182 -49.38 -54.30 52.81
N LYS H 183 -50.56 -53.66 52.84
CA LYS H 183 -51.43 -53.86 54.00
C LYS H 183 -51.94 -55.29 54.09
N ASP H 184 -52.19 -55.91 52.93
CA ASP H 184 -52.73 -57.27 52.91
C ASP H 184 -51.68 -58.28 53.36
N GLU H 185 -50.41 -58.07 52.98
CA GLU H 185 -49.35 -59.00 53.35
C GLU H 185 -48.91 -58.81 54.81
N TYR H 186 -49.04 -57.59 55.34
CA TYR H 186 -48.63 -57.34 56.71
C TYR H 186 -49.51 -58.06 57.72
N GLU H 187 -50.77 -58.30 57.38
CA GLU H 187 -51.70 -58.95 58.29
C GLU H 187 -51.70 -60.47 58.17
N ARG H 188 -51.07 -61.04 57.15
CA ARG H 188 -50.93 -62.49 57.06
C ARG H 188 -50.09 -63.05 58.20
N HIS H 189 -49.28 -62.21 58.84
CA HIS H 189 -48.33 -62.64 59.86
C HIS H 189 -48.55 -61.83 61.14
N ASN H 190 -47.95 -62.30 62.23
CA ASN H 190 -48.18 -61.74 63.55
C ASN H 190 -46.93 -61.11 64.15
N SER H 191 -45.80 -61.81 64.12
CA SER H 191 -44.58 -61.36 64.79
C SER H 191 -43.65 -60.67 63.81
N TYR H 192 -43.03 -59.58 64.26
CA TYR H 192 -42.10 -58.80 63.44
C TYR H 192 -40.89 -58.44 64.28
N THR H 193 -39.70 -58.75 63.76
CA THR H 193 -38.46 -58.68 64.52
C THR H 193 -37.38 -58.04 63.66
N CYS H 194 -36.45 -57.35 64.31
CA CYS H 194 -35.19 -56.92 63.68
C CYS H 194 -34.03 -57.30 64.60
N GLU H 195 -33.17 -58.19 64.12
CA GLU H 195 -31.98 -58.60 64.86
C GLU H 195 -30.79 -57.73 64.46
N ALA H 196 -29.95 -57.41 65.45
CA ALA H 196 -28.78 -56.58 65.26
C ALA H 196 -27.53 -57.36 65.68
N THR H 197 -26.56 -57.45 64.77
CA THR H 197 -25.33 -58.18 65.02
C THR H 197 -24.18 -57.18 65.06
N HIS H 198 -23.55 -57.05 66.24
CA HIS H 198 -22.46 -56.12 66.45
C HIS H 198 -21.33 -56.84 67.16
N LYS H 199 -20.12 -56.28 67.06
CA LYS H 199 -18.98 -56.89 67.74
C LYS H 199 -19.02 -56.68 69.25
N THR H 200 -19.93 -55.85 69.75
CA THR H 200 -20.06 -55.62 71.19
C THR H 200 -20.80 -56.75 71.91
N SER H 201 -21.38 -57.71 71.18
CA SER H 201 -22.11 -58.80 71.81
C SER H 201 -22.14 -59.99 70.87
N THR H 202 -21.71 -61.15 71.35
CA THR H 202 -21.84 -62.37 70.56
C THR H 202 -23.29 -62.71 70.28
N SER H 203 -24.19 -62.41 71.24
CA SER H 203 -25.63 -62.59 71.04
C SER H 203 -26.22 -61.40 70.32
N PRO H 204 -27.05 -61.60 69.30
CA PRO H 204 -27.65 -60.45 68.61
C PRO H 204 -28.67 -59.75 69.48
N ILE H 205 -28.68 -58.43 69.40
CA ILE H 205 -29.66 -57.62 70.13
C ILE H 205 -30.98 -57.67 69.38
N VAL H 206 -32.02 -58.15 70.04
CA VAL H 206 -33.30 -58.46 69.41
C VAL H 206 -34.38 -57.54 69.98
N LYS H 207 -35.19 -56.98 69.09
CA LYS H 207 -36.37 -56.20 69.48
C LYS H 207 -37.49 -56.51 68.51
N SER H 208 -38.70 -56.70 69.04
CA SER H 208 -39.79 -57.20 68.21
C SER H 208 -41.12 -56.80 68.85
N PHE H 209 -42.20 -57.09 68.13
CA PHE H 209 -43.56 -56.85 68.60
C PHE H 209 -44.49 -57.84 67.92
N ASN H 210 -45.74 -57.87 68.39
CA ASN H 210 -46.77 -58.74 67.83
C ASN H 210 -47.95 -57.89 67.37
N ARG H 211 -48.40 -58.13 66.14
CA ARG H 211 -49.54 -57.40 65.60
C ARG H 211 -50.78 -57.64 66.45
N ASN H 212 -51.72 -56.69 66.40
CA ASN H 212 -52.94 -56.69 67.20
C ASN H 212 -52.64 -56.53 68.69
N GLU H 213 -51.76 -57.39 69.21
CA GLU H 213 -51.41 -57.37 70.62
C GLU H 213 -50.62 -56.10 70.97
N CYS H 214 -50.96 -55.49 72.11
CA CYS H 214 -50.20 -54.36 72.65
C CYS H 214 -50.51 -54.20 74.15
C1 NAG I . 13.78 -0.81 -1.93
C2 NAG I . 12.71 -1.12 -0.87
C3 NAG I . 11.53 -0.16 -0.99
C4 NAG I . 12.01 1.29 -1.03
C5 NAG I . 13.09 1.47 -2.09
C6 NAG I . 13.71 2.85 -2.09
C7 NAG I . 12.84 -3.53 -0.40
C8 NAG I . 12.22 -4.87 -0.62
N2 NAG I . 12.24 -2.50 -0.99
O3 NAG I . 10.67 -0.35 0.12
O4 NAG I . 10.91 2.13 -1.37
O5 NAG I . 14.16 0.55 -1.84
O6 NAG I . 14.12 3.25 -0.78
O7 NAG I . 13.85 -3.38 0.29
C1 NAG I . 10.64 3.13 -0.37
C2 NAG I . 9.90 4.26 -1.06
C3 NAG I . 9.57 5.36 -0.06
C4 NAG I . 8.87 4.79 1.18
C5 NAG I . 9.61 3.56 1.72
C6 NAG I . 8.85 2.83 2.81
C7 NAG I . 10.43 4.50 -3.44
C8 NAG I . 11.32 5.15 -4.46
N2 NAG I . 10.68 4.80 -2.16
O3 NAG I . 8.73 6.32 -0.67
O4 NAG I . 8.85 5.78 2.20
O5 NAG I . 9.84 2.60 0.67
O6 NAG I . 7.81 2.03 2.25
O7 NAG I . 9.53 3.74 -3.77
C1 BMA I . 7.53 6.35 2.34
C2 BMA I . 7.37 6.74 3.80
C3 BMA I . 5.95 7.24 4.04
C4 BMA I . 5.57 8.39 3.02
C5 BMA I . 6.06 8.06 1.53
C6 BMA I . 6.07 9.27 0.56
O2 BMA I . 8.22 7.83 4.10
O3 BMA I . 5.83 7.67 5.40
O4 BMA I . 4.16 8.58 3.01
O5 BMA I . 7.39 7.49 1.53
O6 BMA I . 6.91 8.95 -0.57
C1 MAN I . 4.83 6.93 6.13
C2 MAN I . 4.20 7.90 7.14
C3 MAN I . 5.30 8.32 8.12
C4 MAN I . 5.84 7.12 8.89
C5 MAN I . 6.32 6.00 7.93
C6 MAN I . 6.54 4.65 8.67
O2 MAN I . 3.17 7.27 7.91
O3 MAN I . 4.85 9.30 9.04
O4 MAN I . 6.93 7.52 9.73
O5 MAN I . 5.35 5.78 6.80
O6 MAN I . 6.78 4.86 10.08
C1 MAN I . 6.70 9.91 -1.64
C2 MAN I . 5.40 9.53 -2.45
C3 MAN I . 5.64 8.30 -3.35
C4 MAN I . 6.87 8.51 -4.24
C5 MAN I . 8.10 8.81 -3.36
C6 MAN I . 9.35 9.09 -4.19
O2 MAN I . 4.99 10.59 -3.32
O3 MAN I . 4.50 7.98 -4.14
O4 MAN I . 7.12 7.33 -5.02
O5 MAN I . 7.85 9.98 -2.51
O6 MAN I . 9.29 8.30 -5.40
C1 NAG J . 37.58 19.75 -21.11
C2 NAG J . 39.04 20.25 -21.20
C3 NAG J . 39.16 21.70 -20.72
C4 NAG J . 38.10 22.57 -21.38
C5 NAG J . 36.72 21.95 -21.20
C6 NAG J . 35.62 22.74 -21.87
C7 NAG J . 40.43 18.24 -20.92
C8 NAG J . 41.31 17.46 -20.00
N2 NAG J . 39.92 19.38 -20.43
O3 NAG J . 40.45 22.19 -21.05
O4 NAG J . 38.12 23.89 -20.84
O5 NAG J . 36.72 20.66 -21.79
O6 NAG J . 34.35 22.28 -21.43
O7 NAG J . 40.18 17.86 -22.06
C1 NAG J . 38.55 24.82 -21.85
C2 NAG J . 38.83 26.14 -21.15
C3 NAG J . 39.41 27.17 -22.14
C4 NAG J . 40.56 26.57 -22.94
C5 NAG J . 40.14 25.25 -23.56
C6 NAG J . 41.25 24.55 -24.32
C7 NAG J . 37.36 26.56 -19.23
C8 NAG J . 38.39 25.87 -18.39
N2 NAG J . 37.62 26.66 -20.53
O3 NAG J . 39.85 28.30 -21.41
O4 NAG J . 40.98 27.48 -23.94
O5 NAG J . 39.71 24.36 -22.53
O6 NAG J . 41.76 25.37 -25.37
O7 NAG J . 36.32 27.00 -18.74
C1 NAG K . -17.56 9.36 5.31
C2 NAG K . -16.74 10.40 4.56
C3 NAG K . -16.06 11.35 5.54
C4 NAG K . -17.08 11.96 6.50
C5 NAG K . -17.88 10.84 7.18
C6 NAG K . -18.98 11.36 8.07
C7 NAG K . -15.04 10.36 2.76
C8 NAG K . -14.08 9.50 2.00
N2 NAG K . -15.74 9.75 3.72
O3 NAG K . -15.41 12.40 4.82
O4 NAG K . -16.40 12.74 7.47
O5 NAG K . -18.49 10.02 6.18
O6 NAG K . -19.88 12.21 7.37
O7 NAG K . -15.18 11.56 2.52
C1 NAG K . -16.93 14.09 7.46
C2 NAG K . -16.81 14.65 8.87
C3 NAG K . -17.35 16.07 8.91
C4 NAG K . -16.68 16.95 7.84
C5 NAG K . -16.78 16.26 6.47
C6 NAG K . -16.02 17.00 5.39
C7 NAG K . -16.89 12.95 10.63
C8 NAG K . -17.77 12.16 11.56
N2 NAG K . -17.51 13.81 9.84
O3 NAG K . -17.10 16.63 10.21
O4 NAG K . -17.36 18.20 7.77
O5 NAG K . -16.23 14.94 6.54
O6 NAG K . -14.60 16.92 5.58
O7 NAG K . -15.67 12.80 10.62
C1 BMA K . -16.60 19.22 8.44
C2 BMA K . -16.98 20.55 7.78
C3 BMA K . -16.28 21.71 8.49
C4 BMA K . -16.55 21.65 10.00
C5 BMA K . -16.14 20.26 10.57
C6 BMA K . -16.47 20.11 12.05
O2 BMA K . -18.38 20.79 7.89
O3 BMA K . -16.69 22.97 7.96
O4 BMA K . -15.80 22.67 10.66
O5 BMA K . -16.86 19.25 9.85
O6 BMA K . -15.90 18.89 12.52
C1 MAN K . -15.62 23.55 7.18
C2 MAN K . -16.01 25.01 6.86
C3 MAN K . -17.20 25.04 5.90
C4 MAN K . -16.96 24.13 4.66
C5 MAN K . -16.52 22.73 5.09
C6 MAN K . -16.11 21.83 3.93
O2 MAN K . -14.95 25.69 6.18
O3 MAN K . -17.52 26.37 5.48
O4 MAN K . -18.16 24.03 3.90
O5 MAN K . -15.39 22.81 6.00
O6 MAN K . -15.56 20.63 4.46
C1 NAG L . -42.79 -4.00 26.85
C2 NAG L . -44.08 -4.77 27.15
C3 NAG L . -45.14 -3.83 27.68
C4 NAG L . -44.61 -3.07 28.89
C5 NAG L . -43.32 -2.34 28.54
C6 NAG L . -42.68 -1.68 29.73
C7 NAG L . -44.33 -6.75 25.75
C8 NAG L . -44.90 -7.32 24.48
N2 NAG L . -44.56 -5.46 25.97
O3 NAG L . -46.28 -4.60 28.02
O4 NAG L . -45.59 -2.14 29.34
O5 NAG L . -42.36 -3.29 28.02
O6 NAG L . -41.81 -2.55 30.43
O7 NAG L . -43.72 -7.45 26.55
C1 NAG L . -46.27 -2.70 30.50
C2 NAG L . -46.81 -1.54 31.33
C3 NAG L . -47.56 -2.10 32.55
C4 NAG L . -48.65 -3.07 32.11
C5 NAG L . -48.06 -4.15 31.21
C6 NAG L . -49.11 -5.06 30.62
C7 NAG L . -45.52 0.53 31.18
C8 NAG L . -46.47 0.92 30.08
N2 NAG L . -45.74 -0.66 31.75
O3 NAG L . -48.14 -1.03 33.29
O4 NAG L . -49.23 -3.68 33.25
O5 NAG L . -47.36 -3.56 30.11
O6 NAG L . -49.69 -4.54 29.43
O7 NAG L . -44.60 1.26 31.53
S SO4 M . 33.35 17.61 20.35
O1 SO4 M . 33.89 18.61 21.27
O2 SO4 M . 33.99 16.33 20.67
O3 SO4 M . 33.63 17.97 18.97
O4 SO4 M . 31.90 17.50 20.51
CA CA N . 6.53 4.49 31.93
CA CA O . 17.91 12.84 28.06
CA CA P . 30.16 12.50 32.23
CA CA Q . 35.65 2.29 40.63
S SO4 R . 1.25 -3.38 12.99
O1 SO4 R . 1.88 -2.49 12.01
O2 SO4 R . 2.29 -3.94 13.87
O3 SO4 R . 0.29 -2.64 13.80
O4 SO4 R . 0.56 -4.46 12.30
MN MN S . 13.83 -22.07 -0.62
MN MN T . 16.67 -21.09 4.77
C1 NAG U . 45.94 18.51 -25.68
C2 NAG U . 45.78 17.66 -26.94
C3 NAG U . 45.67 18.57 -28.15
C4 NAG U . 44.53 19.57 -27.98
C5 NAG U . 44.69 20.37 -26.70
C6 NAG U . 43.46 21.20 -26.38
C7 NAG U . 47.29 15.84 -26.23
C8 NAG U . 48.45 15.00 -26.63
N2 NAG U . 46.91 16.75 -27.12
O3 NAG U . 45.49 17.79 -29.34
O4 NAG U . 44.48 20.47 -29.08
O5 NAG U . 44.86 19.49 -25.60
O6 NAG U . 42.39 20.40 -25.91
O7 NAG U . 46.70 15.67 -25.18
C4 NJ9 V . 6.53 -20.15 5.34
C5 NJ9 V . 8.83 -22.01 2.41
C6 NJ9 V . 9.76 -23.60 4.06
C7 NJ9 V . 5.51 -19.59 6.34
C8 NJ9 V . 10.74 -23.38 1.79
C10 NJ9 V . 5.67 -17.89 8.17
C13 NJ9 V . 4.32 -17.85 10.22
C15 NJ9 V . 4.54 -16.46 10.33
C1 NJ9 V . 7.03 -21.57 5.66
C2 NJ9 V . 8.51 -23.34 4.92
C3 NJ9 V . 7.60 -21.87 3.31
C12 NJ9 V . 5.88 -16.49 8.30
C16 NJ9 V . 3.95 -15.71 11.45
C11 NJ9 V . 4.89 -18.56 9.14
C14 NJ9 V . 5.32 -15.79 9.38
C17 NJ9 V . 11.73 -24.46 2.26
C18 NJ9 V . 12.87 -24.53 1.27
C9 NJ9 V . 7.53 -18.43 6.54
N1 NJ9 V . 8.07 -21.97 4.69
N2 NJ9 V . 9.52 -23.31 2.62
N3 NJ9 V . 6.25 -18.58 7.06
N4 NJ9 V . 2.94 -14.86 11.21
N5 NJ9 V . 4.40 -15.84 12.71
O1 NJ9 V . 7.59 -19.21 5.47
O2 NJ9 V . 8.47 -17.73 6.95
O3 NJ9 V . 13.31 -25.65 0.93
O4 NJ9 V . 13.28 -23.43 0.85
S SO4 W . -12.28 3.54 -31.23
O1 SO4 W . -11.35 4.65 -31.48
O2 SO4 W . -11.60 2.27 -31.46
O3 SO4 W . -12.74 3.59 -29.84
O4 SO4 W . -13.43 3.64 -32.11
S SO4 X . -47.20 24.64 -2.76
O1 SO4 X . -46.26 25.64 -2.24
O2 SO4 X . -46.53 23.79 -3.74
O3 SO4 X . -48.32 25.33 -3.42
O4 SO4 X . -47.71 23.82 -1.67
S SO4 Y . -8.70 24.54 -3.43
O1 SO4 Y . -8.60 26.00 -3.32
O2 SO4 Y . -7.37 23.95 -3.39
O3 SO4 Y . -9.50 24.02 -2.32
O4 SO4 Y . -9.33 24.21 -4.70
CL CL Z . -45.53 7.59 -31.72
CA CA AA . -21.01 38.60 -13.99
CA CA BA . -34.02 34.64 -8.50
CA CA CA . -44.84 31.10 -14.69
CA CA DA . -45.58 28.37 -28.49
S SO4 EA . -16.52 24.59 0.99
O1 SO4 EA . -16.20 25.66 1.94
O2 SO4 EA . -15.63 23.45 1.22
O3 SO4 EA . -16.32 25.10 -0.37
O4 SO4 EA . -17.90 24.17 1.16
MN MN FA . -6.15 -1.09 -9.85
MN MN GA . -10.07 1.46 -13.55
C1 NAG HA . -48.28 -11.45 27.65
C2 NAG HA . -47.56 -12.77 27.94
C3 NAG HA . -47.65 -13.13 29.43
C4 NAG HA . -47.20 -11.96 30.29
C5 NAG HA . -47.97 -10.70 29.93
C6 NAG HA . -47.49 -9.47 30.67
C7 NAG HA . -47.52 -14.34 26.04
C8 NAG HA . -48.25 -15.45 25.34
N2 NAG HA . -48.12 -13.85 27.13
O3 NAG HA . -46.86 -14.28 29.69
O4 NAG HA . -47.37 -12.26 31.68
O5 NAG HA . -47.78 -10.42 28.53
O6 NAG HA . -48.16 -8.31 30.23
O7 NAG HA . -46.46 -13.90 25.62
C4 NJ9 IA . -2.25 7.17 -11.36
C5 NJ9 IA . -3.54 3.15 -10.86
C6 NJ9 IA . -3.16 2.72 -13.24
C7 NJ9 IA . -2.04 8.62 -11.83
C8 NJ9 IA . -4.32 1.06 -11.84
C10 NJ9 IA . -3.45 10.68 -11.54
C13 NJ9 IA . -2.86 12.87 -12.48
C15 NJ9 IA . -3.74 13.50 -11.57
C1 NJ9 IA . -1.81 6.10 -12.38
C2 NJ9 IA . -2.17 3.90 -13.25
C3 NJ9 IA . -2.48 4.26 -10.95
C12 NJ9 IA . -4.32 11.32 -10.62
C16 NJ9 IA . -3.89 14.95 -11.60
C11 NJ9 IA . -2.72 11.47 -12.46
C14 NJ9 IA . -4.47 12.72 -10.64
C17 NJ9 IA . -4.16 0.08 -13.02
C18 NJ9 IA . -4.55 -1.33 -12.60
C9 NJ9 IA . -4.29 8.32 -11.24
N1 NJ9 IA . -2.61 4.88 -12.27
N2 NJ9 IA . -3.30 2.12 -11.89
N3 NJ9 IA . -3.30 9.26 -11.52
N4 NJ9 IA . -4.25 15.62 -10.50
N5 NJ9 IA . -3.65 15.64 -12.73
O1 NJ9 IA . -3.66 7.14 -11.19
O2 NJ9 IA . -5.49 8.49 -11.07
O3 NJ9 IA . -4.75 -2.18 -13.50
O4 NJ9 IA . -4.64 -1.53 -11.38
S SO4 JA . 10.38 -43.83 38.77
O1 SO4 JA . 11.31 -43.01 37.99
O2 SO4 JA . 11.14 -44.85 39.50
O3 SO4 JA . 9.68 -42.98 39.73
O4 SO4 JA . 9.43 -44.47 37.87
#